data_6CV0
#
_entry.id   6CV0
#
_cell.length_a   1
_cell.length_b   1
_cell.length_c   1
_cell.angle_alpha   90.00
_cell.angle_beta   90.00
_cell.angle_gamma   90.00
#
_symmetry.space_group_name_H-M   'P 1'
#
loop_
_entity.id
_entity.type
_entity.pdbx_description
1 polymer 'Spike glycoprotein'
2 branched 2-acetamido-2-deoxy-beta-D-glucopyranose-(1-4)-2-acetamido-2-deoxy-beta-D-glucopyranose
3 branched 2-acetamido-2-deoxy-beta-D-glucopyranose-(1-4)-2-acetamido-2-deoxy-beta-D-glucopyranose-(1-4)-2-acetamido-2-deoxy-beta-D-glucopyranose
4 non-polymer 2-acetamido-2-deoxy-beta-D-glucopyranose
#
_entity_poly.entity_id   1
_entity_poly.type   'polypeptide(L)'
_entity_poly.pdbx_seq_one_letter_code
;ALYDSSSYVYYYQSAFRPPNGWHLHGGAYAVVNISSESNNAGSSPGCIVGTIHGGRVVNASSIAMTAPSSGMAWSSSQFC
TAHCNFSDTTVFVTHCYKYDGCPITGMLQKNFLRVSAMKNGQLFYNLTVSVAKYPTFKSFQCVNNLTSVYLNGDLVYTSN
ETTDVTSAGVYFKAGGPITYKVMREVKALAYFVNGTAQDVILCDGSPRGLLACQYNTGNFSDGFYPFINSSLVKQKFIVY
RENSVNTTFTLHNFTFHNETGANPNPSGVQNIQTYQTQTAQSGYYNFNFSFLSSFVYKESNFMYGSYHPSCNFRLETINN
GLWFNSLSVSIAYGPLQGGCKQSVFSGRATCCYAYSYGGPSLCKGVYSGELDLNFECGLLVYVTKSGGSRIQTATEPPVI
TRHNYNNITLNTCVDYNIYGRTGQGFITNVTDSAVSYNYLADAGLAILDTSGSIDIFVVQGEYGLTYYKVNPCEDVNQQF
VVSGGKLVGILTSRNETGSQLLENQFYIKITNGTRRFRRSITENVANCPYVSYGKFCIKPDGSIATIVPKQLEQFVAPLL
NVTENVLIPNSFNLTVTDEYIQTRMDKVQINCLQYVCGNSLDCRDLFQQYGPVCDNILSVVNSIGQKEDMELLNFYSSTK
PAGFNTPFLSNVSTGEFNISLLLTTPSSPRRRSFIEDLLFTSVESVGLPTDDAYKNCTAGPLGFLKDLACAREYNGLLVL
PPIITAEMQTLYTSSLVASMAFGGITAAGAIPFATQLQARINHLGITQSLLLKNQEKIAASFNKAIGRMQEGFRSTSLAL
QQIQHVVNKQNAILTETMASLNKNFGAISSLIQEIYQQLDAIQANAQVDRLITGRLSSLSVLASAKQAEHIRVSQQRELA
TQKINECVKSQSIRYSFCGNGRHVLTIPQNAPNGIVFIHFSYTPDSFVNVTAIVGFCVKPANASQYAIVPANGRGIFIQV
NGSYYITARDMYMPRAITAGDIVTLTSCQANYVSVNKTVITTFVDNDDFDFNDELSKWWNDTKHELPDFDKFNYTVPILD
IDSEIDRIQGVIQGLNDSVDIKQIEDKIEEILSKIYHIENEIARIKKLIGEIGGGGSHHHHHHHH
;
_entity_poly.pdbx_strand_id   A,B,C
#
loop_
_chem_comp.id
_chem_comp.type
_chem_comp.name
_chem_comp.formula
NAG D-saccharide, beta linking 2-acetamido-2-deoxy-beta-D-glucopyranose 'C8 H15 N O6'
#
# COMPACT_ATOMS: atom_id res chain seq x y z
N TYR A 3 -3.43 -0.35 -43.05
CA TYR A 3 -1.99 -0.20 -42.84
C TYR A 3 -1.26 0.01 -44.17
N ASP A 4 -2.01 0.40 -45.20
CA ASP A 4 -1.43 0.57 -46.52
C ASP A 4 -1.64 2.01 -46.95
N SER A 5 -1.37 2.95 -46.06
CA SER A 5 -1.61 4.36 -46.32
C SER A 5 -0.48 4.95 -47.16
N SER A 6 -0.46 6.27 -47.28
CA SER A 6 0.58 6.98 -48.02
C SER A 6 1.65 7.54 -47.11
N SER A 7 1.77 7.04 -45.88
CA SER A 7 2.77 7.54 -44.94
C SER A 7 3.54 6.45 -44.22
N TYR A 8 3.17 5.18 -44.36
CA TYR A 8 3.85 4.06 -43.71
C TYR A 8 3.44 2.77 -44.41
N VAL A 9 4.22 1.73 -44.19
CA VAL A 9 3.91 0.40 -44.72
C VAL A 9 3.94 -0.55 -43.52
N TYR A 10 2.89 -1.37 -43.34
CA TYR A 10 2.91 -2.30 -42.21
C TYR A 10 3.82 -3.51 -42.43
N TYR A 11 4.09 -4.28 -41.38
CA TYR A 11 5.09 -5.31 -41.60
C TYR A 11 4.98 -6.25 -40.41
N TYR A 12 4.26 -7.37 -40.57
CA TYR A 12 3.86 -8.16 -39.41
C TYR A 12 5.05 -8.88 -38.79
N GLN A 13 5.16 -8.76 -37.47
CA GLN A 13 6.31 -9.29 -36.75
C GLN A 13 6.08 -10.76 -36.49
N SER A 14 6.40 -11.56 -37.51
CA SER A 14 6.68 -12.99 -37.41
C SER A 14 5.53 -13.85 -36.90
N ALA A 15 4.38 -13.78 -37.57
CA ALA A 15 3.41 -14.85 -37.64
C ALA A 15 2.66 -15.20 -36.34
N PHE A 16 3.03 -14.63 -35.21
CA PHE A 16 2.18 -14.71 -34.02
C PHE A 16 1.61 -13.33 -33.72
N ARG A 17 0.54 -13.32 -32.95
CA ARG A 17 -0.14 -12.07 -32.66
C ARG A 17 -0.34 -11.94 -31.16
N PRO A 18 0.13 -10.87 -30.54
CA PRO A 18 -0.22 -10.58 -29.15
C PRO A 18 -1.64 -10.05 -29.07
N PRO A 19 -2.30 -10.09 -27.88
CA PRO A 19 -3.76 -9.88 -27.85
C PRO A 19 -4.19 -8.44 -28.04
N ASN A 20 -5.48 -8.18 -27.79
CA ASN A 20 -6.13 -6.90 -28.10
C ASN A 20 -5.51 -5.78 -27.28
N GLY A 21 -4.76 -4.92 -27.93
CA GLY A 21 -4.11 -3.83 -27.23
C GLY A 21 -2.91 -3.33 -28.01
N TRP A 22 -2.37 -2.23 -27.53
CA TRP A 22 -1.22 -1.60 -28.16
C TRP A 22 0.05 -2.38 -27.84
N HIS A 23 0.95 -2.44 -28.82
CA HIS A 23 2.20 -3.15 -28.64
C HIS A 23 3.24 -2.56 -29.57
N LEU A 24 4.49 -2.57 -29.13
CA LEU A 24 5.57 -1.83 -29.77
C LEU A 24 6.49 -2.79 -30.54
N HIS A 25 7.07 -2.28 -31.64
CA HIS A 25 8.05 -3.02 -32.42
C HIS A 25 9.08 -2.03 -32.94
N GLY A 26 10.07 -2.55 -33.67
CA GLY A 26 11.04 -1.71 -34.34
C GLY A 26 11.42 -2.27 -35.70
N GLY A 27 11.23 -1.49 -36.77
CA GLY A 27 11.51 -1.98 -38.10
C GLY A 27 11.34 -0.90 -39.14
N ALA A 28 11.60 -1.27 -40.39
CA ALA A 28 11.55 -0.32 -41.51
C ALA A 28 10.09 0.00 -41.83
N TYR A 29 9.60 1.12 -41.30
CA TYR A 29 8.19 1.47 -41.41
C TYR A 29 7.92 2.82 -42.06
N ALA A 30 8.93 3.65 -42.31
CA ALA A 30 8.70 5.03 -42.73
C ALA A 30 8.38 5.11 -44.22
N VAL A 31 8.40 6.32 -44.79
CA VAL A 31 8.34 6.54 -46.23
C VAL A 31 9.31 7.64 -46.61
N VAL A 32 9.94 7.49 -47.78
CA VAL A 32 10.66 8.54 -48.50
C VAL A 32 10.50 8.26 -49.99
N ASN A 33 10.24 9.33 -50.77
CA ASN A 33 10.13 9.32 -52.23
C ASN A 33 9.06 8.34 -52.73
N ILE A 34 7.80 8.66 -52.41
CA ILE A 34 6.69 7.90 -52.98
C ILE A 34 6.59 8.18 -54.48
N SER A 35 6.42 7.12 -55.26
CA SER A 35 6.36 7.23 -56.71
C SER A 35 5.35 6.25 -57.25
N SER A 36 4.61 6.65 -58.28
CA SER A 36 3.53 5.84 -58.83
C SER A 36 3.90 5.28 -60.21
N GLU A 37 3.16 4.24 -60.60
CA GLU A 37 3.34 3.56 -61.87
C GLU A 37 2.08 2.76 -62.16
N SER A 38 1.72 2.64 -63.44
CA SER A 38 0.48 1.95 -63.79
C SER A 38 0.60 1.30 -65.16
N ASN A 39 -0.06 0.14 -65.30
CA ASN A 39 -0.33 -0.55 -66.56
C ASN A 39 0.95 -0.90 -67.31
N ASN A 40 1.74 -1.78 -66.69
CA ASN A 40 2.98 -2.26 -67.30
C ASN A 40 2.66 -3.53 -68.10
N ALA A 41 2.04 -3.32 -69.25
CA ALA A 41 1.71 -4.41 -70.15
C ALA A 41 1.96 -3.97 -71.59
N GLY A 42 2.14 -4.95 -72.47
CA GLY A 42 2.32 -4.69 -73.88
C GLY A 42 1.01 -4.80 -74.64
N SER A 43 1.12 -5.23 -75.90
CA SER A 43 -0.05 -5.40 -76.76
C SER A 43 -0.82 -6.68 -76.46
N SER A 44 -0.29 -7.56 -75.62
CA SER A 44 -0.95 -8.81 -75.29
C SER A 44 -2.16 -8.55 -74.39
N PRO A 45 -3.19 -9.40 -74.47
CA PRO A 45 -4.35 -9.23 -73.59
C PRO A 45 -4.10 -9.62 -72.15
N GLY A 46 -2.96 -10.23 -71.84
CA GLY A 46 -2.63 -10.58 -70.47
C GLY A 46 -1.16 -10.87 -70.34
N CYS A 47 -0.62 -10.57 -69.17
CA CYS A 47 0.79 -10.81 -68.91
C CYS A 47 1.05 -12.31 -68.82
N ILE A 48 2.03 -12.78 -69.58
CA ILE A 48 2.35 -14.20 -69.59
C ILE A 48 3.15 -14.54 -68.33
N VAL A 49 2.87 -15.73 -67.77
CA VAL A 49 3.46 -16.09 -66.49
C VAL A 49 4.89 -16.57 -66.68
N GLY A 50 5.71 -16.37 -65.64
CA GLY A 50 7.07 -16.88 -65.63
C GLY A 50 8.13 -15.94 -66.17
N THR A 51 7.77 -14.81 -66.76
CA THR A 51 8.75 -13.91 -67.33
C THR A 51 9.25 -12.94 -66.25
N ILE A 52 10.57 -12.82 -66.13
CA ILE A 52 11.16 -12.12 -65.00
C ILE A 52 11.51 -10.67 -65.35
N HIS A 53 11.33 -10.26 -66.61
CA HIS A 53 11.79 -8.95 -67.05
C HIS A 53 10.90 -7.83 -66.51
N GLY A 54 11.35 -6.60 -66.72
CA GLY A 54 10.59 -5.42 -66.30
C GLY A 54 11.10 -4.76 -65.03
N GLY A 55 12.41 -4.59 -64.89
CA GLY A 55 12.99 -4.07 -63.68
C GLY A 55 13.01 -2.55 -63.61
N ARG A 56 13.58 -2.05 -62.51
CA ARG A 56 13.71 -0.61 -62.27
C ARG A 56 14.81 -0.40 -61.25
N VAL A 57 15.90 0.25 -61.64
CA VAL A 57 17.13 0.28 -60.85
C VAL A 57 16.95 1.21 -59.66
N VAL A 58 16.95 0.64 -58.46
CA VAL A 58 16.90 1.39 -57.20
C VAL A 58 17.94 0.79 -56.27
N ASN A 59 18.99 1.55 -55.97
CA ASN A 59 19.96 1.15 -54.95
C ASN A 59 19.59 1.84 -53.64
N ALA A 60 18.74 1.19 -52.85
CA ALA A 60 18.32 1.75 -51.58
C ALA A 60 18.38 0.65 -50.53
N SER A 61 18.06 1.02 -49.29
CA SER A 61 18.14 0.09 -48.17
C SER A 61 16.82 -0.60 -47.88
N SER A 62 15.86 -0.52 -48.80
CA SER A 62 14.54 -1.15 -48.73
C SER A 62 13.84 -0.87 -50.05
N ILE A 63 12.70 -1.52 -50.25
CA ILE A 63 11.76 -1.16 -51.30
C ILE A 63 10.41 -1.75 -50.89
N ALA A 64 9.34 -1.24 -51.47
CA ALA A 64 8.01 -1.75 -51.16
C ALA A 64 7.09 -1.50 -52.35
N MET A 65 6.43 -2.54 -52.82
CA MET A 65 5.46 -2.45 -53.89
C MET A 65 4.08 -2.65 -53.29
N THR A 66 3.28 -1.60 -53.25
CA THR A 66 1.96 -1.67 -52.63
C THR A 66 0.87 -1.44 -53.67
N ALA A 67 -0.25 -2.09 -53.46
CA ALA A 67 -1.43 -2.06 -54.29
C ALA A 67 -2.51 -1.21 -53.63
N PRO A 68 -3.58 -0.87 -54.34
CA PRO A 68 -4.76 -0.33 -53.66
C PRO A 68 -5.43 -1.37 -52.77
N SER A 69 -6.42 -0.91 -52.01
CA SER A 69 -6.91 -1.63 -50.82
C SER A 69 -7.68 -2.89 -51.23
N SER A 70 -6.92 -3.98 -51.33
CA SER A 70 -7.41 -5.35 -51.54
C SER A 70 -8.18 -5.48 -52.85
N GLY A 71 -7.52 -5.13 -53.94
CA GLY A 71 -8.17 -5.16 -55.23
C GLY A 71 -7.60 -6.12 -56.24
N MET A 72 -6.30 -6.34 -56.20
CA MET A 72 -5.64 -7.11 -57.26
C MET A 72 -5.78 -8.60 -56.98
N ALA A 73 -6.65 -9.26 -57.72
CA ALA A 73 -6.82 -10.70 -57.58
C ALA A 73 -5.70 -11.44 -58.31
N TRP A 74 -5.67 -12.76 -58.10
CA TRP A 74 -4.57 -13.58 -58.58
C TRP A 74 -4.85 -14.19 -59.95
N SER A 75 -5.95 -13.84 -60.59
CA SER A 75 -6.39 -14.51 -61.80
C SER A 75 -5.65 -13.99 -63.02
N SER A 76 -6.15 -14.34 -64.20
CA SER A 76 -5.59 -13.87 -65.46
C SER A 76 -5.88 -12.37 -65.64
N SER A 77 -5.00 -11.72 -66.39
CA SER A 77 -5.07 -10.30 -66.77
C SER A 77 -5.11 -9.36 -65.58
N GLN A 78 -4.64 -9.80 -64.42
CA GLN A 78 -4.71 -8.97 -63.24
C GLN A 78 -3.39 -8.86 -62.50
N PHE A 79 -2.61 -9.94 -62.44
CA PHE A 79 -1.39 -9.91 -61.65
C PHE A 79 -0.41 -10.97 -62.15
N CYS A 80 0.87 -10.63 -62.07
CA CYS A 80 1.97 -11.47 -62.52
C CYS A 80 3.11 -11.30 -61.53
N THR A 81 4.33 -11.59 -61.98
CA THR A 81 5.43 -12.08 -61.15
C THR A 81 5.75 -11.21 -59.95
N ALA A 82 6.05 -9.92 -60.17
CA ALA A 82 6.35 -8.93 -59.13
C ALA A 82 7.54 -9.32 -58.26
N HIS A 83 8.71 -9.30 -58.88
CA HIS A 83 9.95 -9.75 -58.26
C HIS A 83 10.85 -8.60 -57.82
N CYS A 84 11.63 -8.85 -56.77
CA CYS A 84 12.84 -8.10 -56.52
C CYS A 84 14.03 -8.78 -57.20
N ASN A 85 15.22 -8.26 -56.92
CA ASN A 85 16.46 -9.01 -57.09
C ASN A 85 17.50 -8.42 -56.13
N PHE A 86 18.37 -9.27 -55.62
CA PHE A 86 19.51 -8.83 -54.84
C PHE A 86 20.70 -8.73 -55.78
N SER A 87 21.93 -8.65 -55.24
CA SER A 87 23.11 -8.53 -56.10
C SER A 87 23.29 -9.75 -56.99
N ASP A 88 22.97 -10.94 -56.48
CA ASP A 88 23.00 -12.16 -57.27
C ASP A 88 21.72 -12.96 -57.23
N THR A 89 21.04 -13.04 -56.10
CA THR A 89 19.88 -13.90 -55.92
C THR A 89 18.60 -13.09 -56.12
N THR A 90 17.56 -13.75 -56.61
CA THR A 90 16.28 -13.12 -56.85
C THR A 90 15.22 -13.77 -55.98
N VAL A 91 14.07 -13.12 -55.88
CA VAL A 91 12.87 -13.67 -55.27
C VAL A 91 11.69 -13.32 -56.17
N PHE A 92 10.98 -14.32 -56.67
CA PHE A 92 9.83 -14.02 -57.50
C PHE A 92 8.65 -14.87 -57.11
N VAL A 93 7.51 -14.21 -56.93
CA VAL A 93 6.23 -14.88 -56.81
C VAL A 93 5.72 -15.21 -58.21
N THR A 94 4.99 -16.31 -58.36
CA THR A 94 4.32 -16.59 -59.64
C THR A 94 3.11 -17.47 -59.39
N HIS A 95 1.92 -16.97 -59.71
CA HIS A 95 0.73 -17.81 -59.79
C HIS A 95 0.72 -18.44 -61.17
N CYS A 96 1.47 -19.52 -61.32
CA CYS A 96 1.66 -20.14 -62.63
C CYS A 96 0.54 -21.14 -62.88
N TYR A 97 -0.65 -20.61 -63.17
CA TYR A 97 -1.74 -21.44 -63.66
C TYR A 97 -1.41 -21.90 -65.07
N LYS A 98 -2.02 -23.02 -65.47
CA LYS A 98 -1.56 -23.73 -66.66
C LYS A 98 -1.99 -23.04 -67.95
N TYR A 99 -1.01 -22.81 -68.83
CA TYR A 99 -1.26 -22.72 -70.27
C TYR A 99 -0.54 -23.83 -71.01
N ASP A 100 0.79 -23.82 -71.01
CA ASP A 100 1.61 -24.98 -71.38
C ASP A 100 2.87 -24.99 -70.51
N GLY A 101 3.15 -23.86 -69.87
CA GLY A 101 4.51 -23.55 -69.45
C GLY A 101 5.08 -24.31 -68.27
N CYS A 102 4.53 -24.10 -67.09
CA CYS A 102 5.18 -24.73 -65.95
C CYS A 102 4.46 -26.02 -65.55
N PRO A 103 5.18 -26.99 -65.01
CA PRO A 103 4.52 -28.21 -64.50
C PRO A 103 3.76 -28.01 -63.20
N ILE A 104 2.55 -27.45 -63.32
CA ILE A 104 1.61 -27.36 -62.22
C ILE A 104 0.26 -28.00 -62.58
N THR A 105 -0.25 -27.71 -63.79
CA THR A 105 -1.46 -28.28 -64.37
C THR A 105 -2.69 -28.00 -63.51
N GLY A 106 -3.04 -26.71 -63.46
CA GLY A 106 -4.26 -26.26 -62.82
C GLY A 106 -4.75 -24.93 -63.38
N MET A 107 -6.03 -24.86 -63.78
CA MET A 107 -6.62 -23.62 -64.30
C MET A 107 -7.94 -23.39 -63.57
N LEU A 108 -7.84 -22.76 -62.38
CA LEU A 108 -8.94 -22.52 -61.46
C LEU A 108 -8.38 -21.65 -60.33
N GLN A 109 -9.20 -21.31 -59.33
CA GLN A 109 -8.69 -20.93 -58.02
C GLN A 109 -8.42 -22.20 -57.22
N LYS A 110 -8.20 -22.04 -55.90
CA LYS A 110 -7.91 -23.10 -54.92
C LYS A 110 -6.58 -23.78 -55.27
N ASN A 111 -5.74 -23.09 -56.03
CA ASN A 111 -4.42 -23.58 -56.37
C ASN A 111 -3.38 -22.88 -55.50
N PHE A 112 -2.11 -23.16 -55.77
CA PHE A 112 -1.03 -22.66 -54.94
C PHE A 112 -0.23 -21.57 -55.65
N LEU A 113 0.85 -21.15 -55.03
CA LEU A 113 1.75 -20.13 -55.54
C LEU A 113 3.18 -20.67 -55.60
N ARG A 114 4.11 -19.85 -56.06
CA ARG A 114 5.54 -20.21 -56.10
C ARG A 114 6.36 -19.03 -55.60
N VAL A 115 6.67 -19.01 -54.31
CA VAL A 115 7.73 -18.15 -53.84
C VAL A 115 9.04 -18.92 -53.95
N SER A 116 9.91 -18.51 -54.86
CA SER A 116 11.11 -19.30 -55.09
C SER A 116 12.29 -18.39 -55.35
N ALA A 117 13.39 -18.66 -54.67
CA ALA A 117 14.63 -17.95 -54.89
C ALA A 117 15.31 -18.54 -56.12
N MET A 118 16.23 -17.78 -56.71
CA MET A 118 16.91 -18.21 -57.93
C MET A 118 18.28 -17.55 -58.01
N LYS A 119 19.32 -18.36 -58.11
CA LYS A 119 20.67 -17.88 -58.36
C LYS A 119 20.91 -17.80 -59.86
N ASN A 120 22.17 -17.69 -60.28
CA ASN A 120 22.50 -17.35 -61.65
C ASN A 120 22.07 -18.42 -62.65
N GLY A 121 22.15 -19.69 -62.26
CA GLY A 121 21.81 -20.75 -63.19
C GLY A 121 20.70 -21.69 -62.75
N GLN A 122 20.51 -21.84 -61.45
CA GLN A 122 19.64 -22.90 -60.93
C GLN A 122 18.58 -22.31 -60.00
N LEU A 123 17.69 -23.19 -59.55
CA LEU A 123 16.58 -22.86 -58.69
C LEU A 123 16.66 -23.69 -57.42
N PHE A 124 16.24 -23.10 -56.31
CA PHE A 124 16.07 -23.84 -55.07
C PHE A 124 15.02 -23.13 -54.22
N TYR A 125 14.61 -23.81 -53.15
CA TYR A 125 13.58 -23.37 -52.20
C TYR A 125 12.25 -23.10 -52.93
N ASN A 126 11.67 -24.19 -53.43
CA ASN A 126 10.28 -24.20 -53.85
C ASN A 126 9.43 -24.43 -52.61
N LEU A 127 8.66 -23.43 -52.19
CA LEU A 127 7.53 -23.70 -51.31
C LEU A 127 6.27 -23.21 -51.99
N THR A 128 5.17 -23.91 -51.74
CA THR A 128 3.94 -23.72 -52.49
C THR A 128 2.81 -23.37 -51.52
N VAL A 129 2.73 -22.10 -51.14
CA VAL A 129 1.63 -21.66 -50.27
C VAL A 129 0.35 -21.59 -51.08
N SER A 130 -0.77 -21.90 -50.43
CA SER A 130 -2.03 -21.93 -51.13
C SER A 130 -2.53 -20.51 -51.41
N VAL A 131 -3.55 -20.42 -52.27
CA VAL A 131 -4.26 -19.16 -52.43
C VAL A 131 -5.15 -18.90 -51.23
N ALA A 132 -5.50 -19.95 -50.48
CA ALA A 132 -5.99 -19.76 -49.12
C ALA A 132 -4.86 -19.23 -48.26
N LYS A 133 -5.25 -18.39 -47.28
CA LYS A 133 -4.46 -17.66 -46.29
C LYS A 133 -3.73 -16.47 -46.93
N TYR A 134 -3.69 -16.40 -48.27
CA TYR A 134 -3.21 -15.23 -49.01
C TYR A 134 -4.27 -14.86 -50.02
N PRO A 135 -5.31 -14.15 -49.59
CA PRO A 135 -6.47 -13.96 -50.49
C PRO A 135 -6.21 -13.00 -51.63
N THR A 136 -5.55 -11.87 -51.37
CA THR A 136 -5.43 -10.80 -52.35
C THR A 136 -4.07 -10.15 -52.16
N PHE A 137 -3.38 -9.89 -53.27
CA PHE A 137 -2.08 -9.23 -53.25
C PHE A 137 -2.23 -7.81 -52.73
N LYS A 138 -1.70 -7.54 -51.54
CA LYS A 138 -1.76 -6.22 -50.95
C LYS A 138 -0.43 -5.49 -51.04
N SER A 139 0.66 -6.10 -50.60
CA SER A 139 1.96 -5.44 -50.58
C SER A 139 3.05 -6.47 -50.80
N PHE A 140 4.27 -5.98 -50.96
CA PHE A 140 5.42 -6.84 -51.24
C PHE A 140 6.68 -6.04 -50.93
N GLN A 141 7.44 -6.44 -49.91
CA GLN A 141 8.64 -5.72 -49.52
C GLN A 141 9.91 -6.51 -49.83
N CYS A 142 11.04 -5.81 -49.71
CA CYS A 142 12.37 -6.41 -49.72
C CYS A 142 13.24 -5.60 -48.79
N VAL A 143 13.66 -6.20 -47.67
CA VAL A 143 14.30 -5.48 -46.57
C VAL A 143 15.79 -5.82 -46.57
N ASN A 144 16.62 -4.82 -46.28
CA ASN A 144 18.08 -4.95 -46.27
C ASN A 144 18.59 -5.93 -45.24
N ASN A 145 18.41 -5.63 -43.96
CA ASN A 145 19.12 -6.39 -42.93
C ASN A 145 18.48 -7.76 -42.72
N LEU A 146 19.28 -8.81 -42.79
CA LEU A 146 18.75 -10.17 -42.69
C LEU A 146 18.23 -10.66 -44.05
N THR A 147 18.38 -9.79 -45.05
CA THR A 147 18.05 -10.02 -46.48
C THR A 147 16.69 -10.63 -46.80
N SER A 148 15.71 -10.42 -45.93
CA SER A 148 14.44 -11.11 -45.99
C SER A 148 13.43 -10.39 -46.87
N VAL A 149 12.55 -11.19 -47.49
CA VAL A 149 11.55 -10.72 -48.44
C VAL A 149 10.16 -11.07 -47.89
N TYR A 150 9.20 -10.19 -48.13
CA TYR A 150 7.91 -10.21 -47.44
C TYR A 150 6.76 -10.05 -48.42
N LEU A 151 6.23 -11.17 -48.92
CA LEU A 151 4.96 -11.06 -49.62
C LEU A 151 4.07 -10.61 -48.43
N ASN A 152 3.09 -9.72 -48.68
CA ASN A 152 2.31 -8.99 -47.63
C ASN A 152 2.15 -9.59 -46.22
N GLY A 153 2.78 -8.90 -45.25
CA GLY A 153 2.78 -9.39 -43.88
C GLY A 153 3.99 -10.20 -43.50
N ASP A 154 3.87 -11.52 -43.53
CA ASP A 154 4.85 -12.39 -42.88
C ASP A 154 6.03 -12.74 -43.80
N LEU A 155 6.91 -13.58 -43.27
CA LEU A 155 8.08 -14.04 -43.98
C LEU A 155 7.70 -14.98 -45.11
N VAL A 156 8.52 -15.00 -46.16
CA VAL A 156 8.54 -16.13 -47.09
C VAL A 156 9.93 -16.68 -47.33
N TYR A 157 11.00 -15.91 -47.14
CA TYR A 157 12.34 -16.35 -47.48
C TYR A 157 13.37 -15.51 -46.76
N THR A 158 14.31 -16.16 -46.09
CA THR A 158 15.50 -15.53 -45.56
C THR A 158 16.71 -16.29 -46.07
N SER A 159 17.88 -15.66 -45.95
CA SER A 159 19.14 -16.36 -46.17
C SER A 159 20.19 -15.71 -45.30
N ASN A 160 21.46 -15.91 -45.66
CA ASN A 160 22.56 -15.59 -44.77
C ASN A 160 22.98 -14.12 -44.87
N GLU A 161 23.00 -13.58 -46.08
CA GLU A 161 23.75 -12.37 -46.38
C GLU A 161 23.07 -11.12 -45.83
N THR A 162 23.76 -9.98 -46.02
CA THR A 162 23.24 -8.64 -45.71
C THR A 162 23.48 -7.82 -46.97
N THR A 163 22.52 -7.85 -47.89
CA THR A 163 22.70 -7.29 -49.22
C THR A 163 21.56 -6.33 -49.52
N ASP A 164 21.89 -5.14 -50.02
CA ASP A 164 20.90 -4.14 -50.34
C ASP A 164 20.20 -4.42 -51.66
N VAL A 165 19.00 -3.88 -51.80
CA VAL A 165 18.17 -4.07 -52.99
C VAL A 165 18.81 -3.33 -54.15
N THR A 166 18.84 -3.97 -55.33
CA THR A 166 19.36 -3.29 -56.51
C THR A 166 18.31 -2.98 -57.57
N SER A 167 17.21 -3.73 -57.65
CA SER A 167 16.14 -3.44 -58.59
C SER A 167 14.87 -4.15 -58.13
N ALA A 168 13.77 -3.80 -58.77
CA ALA A 168 12.48 -4.43 -58.55
C ALA A 168 11.62 -4.18 -59.77
N GLY A 169 10.47 -4.86 -59.82
CA GLY A 169 9.57 -4.70 -60.95
C GLY A 169 8.37 -5.61 -60.94
N VAL A 170 7.24 -5.14 -61.45
CA VAL A 170 5.97 -5.86 -61.38
C VAL A 170 5.38 -5.90 -62.78
N TYR A 171 4.99 -7.10 -63.23
CA TYR A 171 4.09 -7.21 -64.37
C TYR A 171 2.65 -7.36 -63.92
N PHE A 172 1.75 -6.73 -64.66
CA PHE A 172 0.29 -6.88 -64.56
C PHE A 172 -0.33 -6.23 -65.80
N LYS A 173 -1.50 -6.73 -66.19
CA LYS A 173 -2.20 -6.21 -67.35
C LYS A 173 -2.98 -4.93 -67.02
N ALA A 174 -3.86 -5.01 -66.02
CA ALA A 174 -4.65 -3.86 -65.61
C ALA A 174 -4.86 -3.94 -64.11
N GLY A 175 -5.63 -2.98 -63.59
CA GLY A 175 -5.93 -2.94 -62.18
C GLY A 175 -5.57 -1.59 -61.61
N GLY A 176 -5.38 -1.56 -60.30
CA GLY A 176 -5.02 -0.34 -59.62
C GLY A 176 -3.60 0.09 -59.95
N PRO A 177 -3.37 1.41 -59.99
CA PRO A 177 -2.00 1.92 -60.21
C PRO A 177 -1.11 1.61 -59.01
N ILE A 178 -0.05 0.85 -59.26
CA ILE A 178 0.80 0.31 -58.20
C ILE A 178 1.70 1.43 -57.70
N THR A 179 2.33 1.26 -56.54
CA THR A 179 3.08 2.33 -55.91
C THR A 179 4.44 1.82 -55.47
N TYR A 180 5.51 2.50 -55.88
CA TYR A 180 6.85 2.16 -55.42
C TYR A 180 7.28 3.15 -54.36
N LYS A 181 7.92 2.66 -53.31
CA LYS A 181 8.39 3.54 -52.25
C LYS A 181 9.55 2.88 -51.51
N VAL A 182 10.55 3.69 -51.17
CA VAL A 182 11.67 3.23 -50.36
C VAL A 182 11.49 3.84 -48.98
N MET A 183 12.26 3.34 -48.01
CA MET A 183 12.01 3.76 -46.64
C MET A 183 13.24 3.59 -45.77
N ARG A 184 13.17 4.19 -44.59
CA ARG A 184 14.16 4.07 -43.52
C ARG A 184 13.56 3.29 -42.37
N GLU A 185 14.30 3.19 -41.28
CA GLU A 185 13.92 2.37 -40.14
C GLU A 185 13.69 3.26 -38.93
N VAL A 186 12.47 3.21 -38.37
CA VAL A 186 12.10 3.95 -37.18
C VAL A 186 11.46 2.99 -36.19
N LYS A 187 11.01 3.53 -35.06
CA LYS A 187 10.20 2.78 -34.12
C LYS A 187 8.75 3.18 -34.25
N ALA A 188 7.85 2.20 -34.13
CA ALA A 188 6.42 2.48 -34.18
C ALA A 188 5.70 1.41 -33.37
N LEU A 189 4.43 1.68 -33.11
CA LEU A 189 3.59 0.77 -32.34
C LEU A 189 2.21 0.72 -32.98
N ALA A 190 1.58 -0.43 -32.90
CA ALA A 190 0.38 -0.69 -33.69
C ALA A 190 -0.72 -1.21 -32.79
N TYR A 191 -1.87 -0.54 -32.81
CA TYR A 191 -3.07 -1.07 -32.19
C TYR A 191 -3.65 -2.13 -33.10
N PHE A 192 -3.86 -3.33 -32.56
CA PHE A 192 -4.54 -4.35 -33.36
C PHE A 192 -5.41 -5.26 -32.51
N VAL A 193 -6.66 -5.38 -32.94
CA VAL A 193 -7.65 -6.27 -32.35
C VAL A 193 -7.75 -7.50 -33.24
N ASN A 194 -8.03 -8.65 -32.59
CA ASN A 194 -8.19 -9.97 -33.23
C ASN A 194 -6.93 -10.44 -33.95
N GLY A 195 -5.78 -9.81 -33.72
CA GLY A 195 -4.58 -10.22 -34.40
C GLY A 195 -4.44 -9.76 -35.83
N THR A 196 -4.92 -8.55 -36.16
CA THR A 196 -4.68 -7.96 -37.47
C THR A 196 -4.67 -6.45 -37.36
N ALA A 197 -3.71 -5.82 -38.02
CA ALA A 197 -3.38 -4.42 -37.77
C ALA A 197 -4.43 -3.47 -38.33
N GLN A 198 -4.82 -2.48 -37.52
CA GLN A 198 -5.68 -1.40 -38.00
C GLN A 198 -4.86 -0.17 -38.39
N ASP A 199 -4.11 0.38 -37.45
CA ASP A 199 -3.30 1.57 -37.73
C ASP A 199 -2.09 1.57 -36.82
N VAL A 200 -1.09 2.38 -37.19
CA VAL A 200 0.13 2.50 -36.42
C VAL A 200 0.32 3.97 -36.05
N ILE A 201 1.21 4.20 -35.08
CA ILE A 201 1.63 5.54 -34.70
C ILE A 201 3.14 5.58 -34.83
N LEU A 202 3.65 6.51 -35.62
CA LEU A 202 5.09 6.62 -35.82
C LEU A 202 5.71 7.54 -34.79
N CYS A 203 6.99 7.31 -34.53
CA CYS A 203 7.80 8.18 -33.68
C CYS A 203 8.55 9.21 -34.51
N ASP A 204 7.81 10.04 -35.24
CA ASP A 204 8.38 10.96 -36.20
C ASP A 204 8.48 12.40 -35.66
N GLY A 205 8.50 12.56 -34.34
CA GLY A 205 8.58 13.88 -33.76
C GLY A 205 7.33 14.73 -33.88
N SER A 206 6.22 14.15 -34.31
CA SER A 206 4.96 14.87 -34.33
C SER A 206 4.41 15.01 -32.91
N PRO A 207 3.63 16.06 -32.63
CA PRO A 207 3.03 16.17 -31.30
C PRO A 207 2.06 15.06 -30.95
N ARG A 208 1.39 14.46 -31.94
CA ARG A 208 0.55 13.29 -31.65
C ARG A 208 1.38 12.05 -31.41
N GLY A 209 2.56 11.96 -32.04
CA GLY A 209 3.38 10.78 -31.95
C GLY A 209 4.09 10.57 -30.63
N LEU A 210 4.55 11.67 -30.00
CA LEU A 210 5.42 11.56 -28.83
C LEU A 210 4.69 10.98 -27.63
N LEU A 211 3.39 11.25 -27.51
CA LEU A 211 2.59 10.68 -26.43
C LEU A 211 2.53 9.17 -26.52
N ALA A 212 2.24 8.65 -27.71
CA ALA A 212 2.19 7.20 -27.90
C ALA A 212 3.58 6.58 -27.77
N CYS A 213 4.61 7.26 -28.27
CA CYS A 213 5.95 6.68 -28.22
C CYS A 213 6.56 6.71 -26.84
N GLN A 214 6.10 7.57 -25.94
CA GLN A 214 6.65 7.59 -24.60
C GLN A 214 5.78 6.89 -23.56
N TYR A 215 4.46 6.95 -23.67
CA TYR A 215 3.61 6.34 -22.67
C TYR A 215 2.99 5.03 -23.14
N ASN A 216 3.37 4.55 -24.33
CA ASN A 216 3.14 3.19 -24.80
C ASN A 216 1.64 2.89 -24.92
N THR A 217 0.87 3.89 -25.31
CA THR A 217 -0.57 3.73 -25.36
C THR A 217 -1.19 4.72 -26.34
N GLY A 218 -2.37 4.35 -26.83
CA GLY A 218 -3.28 5.28 -27.47
C GLY A 218 -4.67 5.04 -26.93
N ASN A 219 -5.63 5.79 -27.48
CA ASN A 219 -6.96 5.97 -26.89
C ASN A 219 -6.84 6.36 -25.42
N PHE A 220 -6.11 7.44 -25.21
CA PHE A 220 -5.71 7.95 -23.92
C PHE A 220 -6.87 8.54 -23.15
N SER A 221 -6.70 8.60 -21.83
CA SER A 221 -7.63 9.30 -20.96
C SER A 221 -7.44 10.81 -21.12
N ASP A 222 -8.32 11.56 -20.47
CA ASP A 222 -8.29 13.02 -20.52
C ASP A 222 -7.57 13.59 -19.31
N GLY A 223 -7.00 14.77 -19.49
CA GLY A 223 -6.23 15.41 -18.45
C GLY A 223 -4.90 15.93 -18.94
N PHE A 224 -3.84 15.73 -18.16
CA PHE A 224 -2.52 16.26 -18.48
C PHE A 224 -1.54 15.13 -18.70
N TYR A 225 -0.49 15.41 -19.48
CA TYR A 225 0.57 14.45 -19.76
C TYR A 225 1.90 15.15 -19.98
N PRO A 226 2.92 14.89 -19.17
CA PRO A 226 4.24 15.46 -19.43
C PRO A 226 5.05 14.60 -20.38
N PHE A 227 6.05 15.23 -20.99
CA PHE A 227 6.82 14.61 -22.05
C PHE A 227 8.15 15.33 -22.19
N ILE A 228 8.99 14.82 -23.11
CA ILE A 228 10.28 15.44 -23.43
C ILE A 228 10.54 15.31 -24.93
N ASN A 229 11.40 16.20 -25.43
CA ASN A 229 12.04 16.04 -26.73
C ASN A 229 13.46 16.56 -26.64
N SER A 230 14.42 15.64 -26.51
CA SER A 230 15.82 16.01 -26.29
C SER A 230 16.49 16.32 -27.62
N SER A 231 17.03 17.54 -27.73
CA SER A 231 17.71 17.97 -28.95
C SER A 231 18.63 19.11 -28.57
N LEU A 232 19.94 18.92 -28.77
CA LEU A 232 20.91 19.93 -28.38
C LEU A 232 22.19 19.74 -29.16
N VAL A 233 22.50 20.69 -30.04
CA VAL A 233 23.84 20.87 -30.59
C VAL A 233 24.19 22.35 -30.45
N LYS A 234 24.79 22.72 -29.32
CA LYS A 234 25.13 24.10 -29.01
C LYS A 234 26.50 24.13 -28.36
N GLN A 235 26.82 25.27 -27.76
CA GLN A 235 28.14 25.50 -27.18
C GLN A 235 28.24 24.76 -25.87
N LYS A 236 29.02 23.68 -25.85
CA LYS A 236 29.33 23.02 -24.59
C LYS A 236 30.55 23.67 -23.94
N PHE A 237 30.59 23.62 -22.61
CA PHE A 237 31.72 24.18 -21.89
C PHE A 237 32.10 23.24 -20.76
N ILE A 238 33.39 23.18 -20.49
CA ILE A 238 33.96 22.22 -19.55
C ILE A 238 34.72 23.02 -18.49
N VAL A 239 34.48 22.69 -17.22
CA VAL A 239 35.22 23.28 -16.10
C VAL A 239 36.02 22.18 -15.43
N TYR A 240 37.34 22.23 -15.60
CA TYR A 240 38.21 21.24 -14.98
C TYR A 240 38.58 21.67 -13.57
N ARG A 241 39.20 20.76 -12.83
CA ARG A 241 39.59 21.06 -11.45
C ARG A 241 40.86 21.90 -11.44
N GLU A 242 40.75 23.12 -10.96
CA GLU A 242 41.86 24.05 -10.94
C GLU A 242 42.90 23.64 -9.91
N ASN A 243 44.16 23.75 -10.29
CA ASN A 243 45.29 23.53 -9.37
C ASN A 243 45.60 24.86 -8.67
N SER A 244 46.78 25.00 -8.07
CA SER A 244 47.09 26.18 -7.27
C SER A 244 47.09 27.50 -8.04
N VAL A 245 48.13 27.76 -8.83
CA VAL A 245 48.23 28.89 -9.75
C VAL A 245 49.12 28.46 -10.90
N ASN A 246 48.91 29.07 -12.07
CA ASN A 246 49.86 29.09 -13.19
C ASN A 246 50.14 27.68 -13.72
N THR A 247 49.07 26.97 -14.06
CA THR A 247 49.16 25.59 -14.47
C THR A 247 48.54 25.36 -15.84
N THR A 248 49.19 24.49 -16.61
CA THR A 248 48.60 23.87 -17.79
C THR A 248 48.28 22.42 -17.40
N PHE A 249 47.01 22.05 -17.50
CA PHE A 249 46.52 20.78 -16.96
C PHE A 249 47.05 19.65 -17.81
N THR A 250 48.11 19.00 -17.35
CA THR A 250 48.73 17.89 -18.05
C THR A 250 48.65 16.64 -17.19
N LEU A 251 47.96 15.63 -17.68
CA LEU A 251 47.79 14.39 -16.95
C LEU A 251 49.07 13.56 -17.00
N HIS A 252 49.44 12.99 -15.86
CA HIS A 252 50.63 12.15 -15.77
C HIS A 252 50.35 10.75 -16.29
N ASN A 253 51.38 10.08 -16.77
CA ASN A 253 51.24 8.76 -17.38
C ASN A 253 52.03 7.78 -16.51
N PHE A 254 51.33 6.95 -15.75
CA PHE A 254 51.98 5.91 -15.00
C PHE A 254 51.95 4.59 -15.76
N THR A 255 53.13 4.02 -15.98
CA THR A 255 53.27 2.83 -16.79
C THR A 255 53.62 1.62 -15.90
N PHE A 256 53.37 0.43 -16.43
CA PHE A 256 53.73 -0.80 -15.76
C PHE A 256 54.24 -1.79 -16.78
N HIS A 257 55.07 -2.73 -16.32
CA HIS A 257 55.57 -3.80 -17.17
C HIS A 257 56.02 -4.95 -16.28
N ASN A 258 55.78 -6.17 -16.74
CA ASN A 258 56.30 -7.35 -16.05
C ASN A 258 57.82 -7.37 -16.23
N GLU A 259 58.55 -7.38 -15.12
CA GLU A 259 60.00 -7.41 -15.20
C GLU A 259 60.53 -8.79 -14.89
N THR A 260 61.86 -8.94 -14.99
CA THR A 260 62.55 -10.17 -14.60
C THR A 260 62.55 -10.22 -13.07
N GLY A 261 61.46 -10.74 -12.52
CA GLY A 261 61.21 -10.69 -11.10
C GLY A 261 62.12 -11.60 -10.31
N ALA A 262 62.01 -11.48 -8.99
CA ALA A 262 62.86 -12.20 -8.08
C ALA A 262 62.21 -13.52 -7.70
N ASN A 263 62.75 -14.16 -6.66
CA ASN A 263 62.22 -15.43 -6.19
C ASN A 263 60.85 -15.23 -5.56
N PRO A 264 60.01 -16.26 -5.54
CA PRO A 264 58.76 -16.18 -4.77
C PRO A 264 59.05 -16.16 -3.27
N ASN A 265 58.04 -15.75 -2.52
CA ASN A 265 58.25 -15.36 -1.14
C ASN A 265 58.48 -16.54 -0.21
N PRO A 266 59.23 -16.32 0.87
CA PRO A 266 59.22 -17.28 1.98
C PRO A 266 57.97 -17.17 2.85
N SER A 267 57.98 -17.84 4.01
CA SER A 267 56.82 -18.17 4.81
C SER A 267 56.02 -16.98 5.33
N GLY A 268 56.61 -15.80 5.46
CA GLY A 268 55.94 -14.68 6.10
C GLY A 268 55.08 -13.87 5.13
N VAL A 269 53.95 -13.38 5.63
CA VAL A 269 53.11 -12.51 4.82
C VAL A 269 53.67 -11.10 4.78
N GLN A 270 54.59 -10.76 5.69
CA GLN A 270 55.35 -9.53 5.53
C GLN A 270 56.57 -9.74 4.65
N ASN A 271 56.86 -10.99 4.27
CA ASN A 271 58.03 -11.29 3.46
C ASN A 271 57.74 -11.27 1.97
N ILE A 272 56.59 -10.76 1.56
CA ILE A 272 56.29 -10.50 0.16
C ILE A 272 56.59 -9.03 -0.14
N GLN A 273 57.32 -8.78 -1.21
CA GLN A 273 57.83 -7.45 -1.50
C GLN A 273 57.19 -6.92 -2.77
N THR A 274 56.67 -5.69 -2.70
CA THR A 274 56.05 -5.04 -3.84
C THR A 274 57.12 -4.65 -4.85
N TYR A 275 57.14 -5.31 -6.01
CA TYR A 275 58.21 -5.09 -6.97
C TYR A 275 57.86 -4.00 -7.98
N GLN A 276 57.27 -2.91 -7.49
CA GLN A 276 56.88 -1.64 -8.12
C GLN A 276 56.26 -0.83 -7.00
N THR A 277 56.19 0.49 -7.21
CA THR A 277 55.40 1.37 -6.36
C THR A 277 55.15 2.68 -7.10
N GLN A 278 53.92 3.18 -6.99
CA GLN A 278 53.52 4.45 -7.57
C GLN A 278 52.57 5.11 -6.58
N THR A 279 52.35 6.40 -6.75
CA THR A 279 51.44 7.12 -5.85
C THR A 279 50.81 8.29 -6.57
N ALA A 280 49.64 8.69 -6.09
CA ALA A 280 48.91 9.83 -6.63
C ALA A 280 49.01 11.00 -5.67
N GLN A 281 49.26 12.18 -6.21
CA GLN A 281 49.47 13.36 -5.38
C GLN A 281 48.41 14.41 -5.58
N SER A 282 48.22 14.91 -6.81
CA SER A 282 47.23 15.93 -7.12
C SER A 282 46.96 15.90 -8.61
N GLY A 283 45.85 16.51 -9.01
CA GLY A 283 45.59 16.68 -10.43
C GLY A 283 44.98 15.45 -11.06
N TYR A 284 45.44 15.16 -12.28
CA TYR A 284 44.87 14.09 -13.11
C TYR A 284 45.91 12.99 -13.34
N TYR A 285 45.41 11.79 -13.63
CA TYR A 285 46.25 10.64 -13.91
C TYR A 285 45.54 9.69 -14.86
N ASN A 286 46.32 8.84 -15.52
CA ASN A 286 45.80 7.63 -16.14
C ASN A 286 46.77 6.48 -15.88
N PHE A 287 46.27 5.26 -16.01
CA PHE A 287 47.04 4.06 -15.68
C PHE A 287 47.12 3.16 -16.90
N ASN A 288 48.27 3.16 -17.55
CA ASN A 288 48.49 2.26 -18.69
C ASN A 288 48.72 0.85 -18.15
N PHE A 289 47.66 0.05 -18.13
CA PHE A 289 47.78 -1.37 -17.81
C PHE A 289 47.86 -2.18 -19.09
N SER A 290 49.05 -2.70 -19.38
CA SER A 290 49.27 -3.64 -20.47
C SER A 290 49.31 -5.07 -19.94
N PHE A 291 48.49 -5.35 -18.94
CA PHE A 291 48.42 -6.66 -18.30
C PHE A 291 47.09 -7.34 -18.56
N LEU A 292 46.60 -7.23 -19.80
CA LEU A 292 45.58 -8.10 -20.31
C LEU A 292 46.14 -9.21 -21.18
N SER A 293 47.43 -9.13 -21.50
CA SER A 293 48.08 -10.07 -22.39
C SER A 293 48.24 -11.41 -21.69
N SER A 294 47.35 -12.34 -22.00
CA SER A 294 47.35 -13.74 -21.55
C SER A 294 47.31 -13.89 -20.04
N PHE A 295 46.79 -12.89 -19.32
CA PHE A 295 46.62 -12.99 -17.88
C PHE A 295 45.13 -13.09 -17.59
N VAL A 296 44.70 -14.25 -17.13
CA VAL A 296 43.29 -14.47 -16.83
C VAL A 296 42.94 -13.74 -15.54
N TYR A 297 41.66 -13.40 -15.40
CA TYR A 297 41.17 -12.82 -14.17
C TYR A 297 40.56 -13.93 -13.31
N LYS A 298 40.91 -13.93 -12.03
CA LYS A 298 40.49 -14.99 -11.13
C LYS A 298 39.30 -14.50 -10.32
N GLU A 299 38.16 -15.13 -10.51
CA GLU A 299 36.93 -14.71 -9.85
C GLU A 299 37.01 -15.05 -8.36
N SER A 300 36.52 -14.13 -7.53
CA SER A 300 36.65 -14.28 -6.09
C SER A 300 35.72 -15.35 -5.55
N ASN A 301 36.23 -16.14 -4.60
CA ASN A 301 35.43 -17.10 -3.87
C ASN A 301 36.02 -17.22 -2.47
N PHE A 302 35.76 -18.36 -1.82
CA PHE A 302 35.86 -18.49 -0.37
C PHE A 302 37.26 -18.24 0.18
N MET A 303 38.29 -18.70 -0.53
CA MET A 303 39.66 -18.43 -0.07
C MET A 303 40.49 -17.66 -1.09
N TYR A 304 40.57 -18.12 -2.33
CA TYR A 304 41.53 -17.52 -3.26
C TYR A 304 40.86 -16.45 -4.09
N GLY A 305 41.63 -15.89 -5.02
CA GLY A 305 41.11 -14.88 -5.91
C GLY A 305 41.22 -13.49 -5.32
N SER A 306 40.53 -12.57 -5.95
CA SER A 306 40.59 -11.18 -5.54
C SER A 306 39.76 -10.95 -4.28
N TYR A 307 39.86 -9.73 -3.75
CA TYR A 307 39.04 -9.28 -2.65
C TYR A 307 38.53 -7.88 -2.96
N HIS A 308 37.98 -7.71 -4.16
CA HIS A 308 37.43 -6.44 -4.62
C HIS A 308 36.26 -5.81 -3.84
N PRO A 309 35.50 -6.51 -2.98
CA PRO A 309 34.66 -5.78 -2.02
C PRO A 309 35.42 -4.72 -1.22
N SER A 310 34.75 -3.56 -1.08
CA SER A 310 35.17 -2.20 -0.70
C SER A 310 35.80 -1.44 -1.86
N CYS A 311 35.86 -1.99 -3.08
CA CYS A 311 36.26 -1.22 -4.25
C CYS A 311 35.55 -1.81 -5.48
N ASN A 312 34.39 -1.25 -5.81
CA ASN A 312 33.50 -1.90 -6.77
C ASN A 312 34.01 -1.92 -8.21
N PHE A 313 34.98 -1.07 -8.54
CA PHE A 313 35.50 -1.05 -9.90
C PHE A 313 36.45 -2.21 -10.14
N ARG A 314 36.53 -2.64 -11.39
CA ARG A 314 37.50 -3.63 -11.82
C ARG A 314 38.67 -2.89 -12.45
N LEU A 315 39.83 -3.56 -12.49
CA LEU A 315 41.13 -2.93 -12.71
C LEU A 315 41.25 -2.31 -14.10
N GLU A 316 40.46 -2.77 -15.07
CA GLU A 316 40.51 -2.23 -16.42
C GLU A 316 39.48 -1.11 -16.61
N THR A 317 38.94 -0.57 -15.52
CA THR A 317 37.95 0.50 -15.60
C THR A 317 38.35 1.65 -14.68
N ILE A 318 39.63 1.73 -14.30
CA ILE A 318 40.10 2.88 -13.54
C ILE A 318 40.11 4.12 -14.41
N ASN A 319 40.46 3.98 -15.69
CA ASN A 319 40.70 5.12 -16.58
C ASN A 319 39.45 5.92 -16.92
N ASN A 320 38.25 5.46 -16.57
CA ASN A 320 37.08 6.29 -16.70
C ASN A 320 37.03 7.30 -15.56
N GLY A 321 36.08 8.22 -15.62
CA GLY A 321 36.03 9.30 -14.65
C GLY A 321 35.65 8.85 -13.24
N LEU A 322 36.63 8.79 -12.36
CA LEU A 322 36.42 8.46 -10.96
C LEU A 322 36.84 9.65 -10.09
N TRP A 323 36.67 9.51 -8.79
CA TRP A 323 37.13 10.53 -7.85
C TRP A 323 37.66 9.84 -6.62
N PHE A 324 38.94 10.00 -6.36
CA PHE A 324 39.58 9.41 -5.20
C PHE A 324 40.02 10.51 -4.25
N ASN A 325 40.74 10.12 -3.21
CA ASN A 325 41.27 11.10 -2.27
C ASN A 325 42.75 10.87 -2.08
N SER A 326 43.17 9.62 -2.23
CA SER A 326 44.57 9.23 -2.21
C SER A 326 44.66 7.86 -2.87
N LEU A 327 45.67 7.67 -3.70
CA LEU A 327 45.73 6.48 -4.53
C LEU A 327 47.16 6.02 -4.70
N SER A 328 47.39 4.73 -4.56
CA SER A 328 48.72 4.15 -4.75
C SER A 328 48.55 2.69 -5.12
N VAL A 329 49.07 2.30 -6.27
CA VAL A 329 49.02 0.93 -6.72
C VAL A 329 50.43 0.38 -6.81
N SER A 330 50.53 -0.95 -6.70
CA SER A 330 51.81 -1.64 -6.74
C SER A 330 51.59 -3.12 -7.04
N ILE A 331 52.51 -3.74 -7.78
CA ILE A 331 52.39 -5.14 -8.10
C ILE A 331 53.30 -5.95 -7.19
N ALA A 332 52.93 -7.21 -6.96
CA ALA A 332 53.66 -8.08 -6.04
C ALA A 332 53.37 -9.53 -6.40
N TYR A 333 54.42 -10.35 -6.40
CA TYR A 333 54.33 -11.73 -6.88
C TYR A 333 54.28 -12.66 -5.67
N GLY A 334 53.10 -12.82 -5.11
CA GLY A 334 52.92 -13.68 -3.96
C GLY A 334 52.18 -14.95 -4.31
N PRO A 335 51.68 -15.65 -3.29
CA PRO A 335 50.92 -16.88 -3.52
C PRO A 335 49.51 -16.53 -3.95
N LEU A 336 48.73 -17.56 -4.22
CA LEU A 336 47.43 -17.33 -4.83
C LEU A 336 46.27 -17.67 -3.93
N GLN A 337 46.40 -18.67 -3.04
CA GLN A 337 45.22 -19.08 -2.29
C GLN A 337 44.93 -18.15 -1.12
N GLY A 338 45.91 -17.36 -0.68
CA GLY A 338 45.76 -16.62 0.53
C GLY A 338 46.44 -15.27 0.42
N GLY A 339 46.63 -14.82 -0.80
CA GLY A 339 47.24 -13.54 -1.05
C GLY A 339 46.37 -12.41 -0.54
N CYS A 340 45.16 -12.29 -1.08
CA CYS A 340 44.33 -11.15 -0.75
C CYS A 340 43.60 -11.30 0.57
N LYS A 341 43.11 -12.51 0.88
CA LYS A 341 42.32 -12.69 2.09
C LYS A 341 43.17 -12.55 3.35
N GLN A 342 44.49 -12.69 3.23
CA GLN A 342 45.37 -12.36 4.34
C GLN A 342 45.99 -10.98 4.19
N SER A 343 46.27 -10.54 2.97
CA SER A 343 46.97 -9.29 2.76
C SER A 343 46.07 -8.07 2.74
N VAL A 344 44.76 -8.24 2.96
CA VAL A 344 43.87 -7.12 3.19
C VAL A 344 43.69 -6.86 4.69
N PHE A 345 43.43 -7.91 5.47
CA PHE A 345 43.18 -7.71 6.90
C PHE A 345 44.46 -7.34 7.64
N SER A 346 45.43 -8.25 7.66
CA SER A 346 46.69 -7.99 8.35
C SER A 346 47.70 -7.26 7.48
N GLY A 347 47.28 -6.76 6.32
CA GLY A 347 48.24 -6.27 5.35
C GLY A 347 48.34 -4.76 5.25
N ARG A 348 48.44 -4.29 4.00
CA ARG A 348 48.82 -2.91 3.74
C ARG A 348 48.00 -2.28 2.62
N ALA A 349 46.84 -2.85 2.30
CA ALA A 349 46.03 -2.32 1.22
C ALA A 349 44.57 -2.38 1.60
N THR A 350 43.76 -1.53 0.96
CA THR A 350 42.32 -1.60 1.15
C THR A 350 41.74 -2.80 0.43
N CYS A 351 42.13 -3.00 -0.83
CA CYS A 351 41.68 -4.15 -1.59
C CYS A 351 42.73 -4.50 -2.63
N CYS A 352 42.75 -5.76 -3.03
CA CYS A 352 43.74 -6.24 -3.98
C CYS A 352 43.10 -7.21 -4.95
N TYR A 353 43.71 -7.31 -6.13
CA TYR A 353 43.25 -8.16 -7.22
C TYR A 353 44.24 -9.30 -7.39
N ALA A 354 43.83 -10.32 -8.13
CA ALA A 354 44.67 -11.52 -8.26
C ALA A 354 44.61 -12.01 -9.70
N TYR A 355 45.53 -11.53 -10.52
CA TYR A 355 45.69 -12.11 -11.85
C TYR A 355 46.56 -13.36 -11.76
N SER A 356 46.50 -14.16 -12.81
CA SER A 356 47.25 -15.40 -12.84
C SER A 356 47.80 -15.64 -14.25
N TYR A 357 48.69 -16.61 -14.35
CA TYR A 357 49.31 -17.01 -15.59
C TYR A 357 49.82 -18.44 -15.41
N GLY A 358 50.65 -18.89 -16.34
CA GLY A 358 51.27 -20.19 -16.17
C GLY A 358 52.51 -20.09 -15.33
N GLY A 359 52.39 -20.38 -14.04
CA GLY A 359 53.47 -20.22 -13.12
C GLY A 359 53.93 -21.55 -12.55
N PRO A 360 55.21 -21.62 -12.16
CA PRO A 360 55.71 -22.84 -11.51
C PRO A 360 55.07 -23.01 -10.13
N SER A 361 54.78 -24.26 -9.78
CA SER A 361 54.07 -24.56 -8.54
C SER A 361 55.01 -24.80 -7.37
N LEU A 362 55.94 -23.87 -7.15
CA LEU A 362 56.82 -23.91 -5.98
C LEU A 362 56.73 -22.54 -5.34
N CYS A 363 55.72 -22.37 -4.49
CA CYS A 363 55.40 -21.08 -3.89
C CYS A 363 54.89 -21.32 -2.48
N LYS A 364 55.57 -20.74 -1.50
CA LYS A 364 55.26 -21.01 -0.09
C LYS A 364 54.17 -20.06 0.36
N GLY A 365 52.98 -20.62 0.61
CA GLY A 365 51.81 -19.80 0.89
C GLY A 365 51.81 -19.21 2.29
N VAL A 366 50.97 -18.22 2.48
CA VAL A 366 50.92 -17.47 3.74
C VAL A 366 49.53 -17.61 4.35
N TYR A 367 49.48 -18.18 5.55
CA TYR A 367 48.27 -18.40 6.35
C TYR A 367 48.75 -18.94 7.70
N SER A 368 47.93 -18.72 8.72
CA SER A 368 48.26 -19.20 10.06
C SER A 368 48.06 -20.71 10.15
N GLY A 369 49.17 -21.45 10.19
CA GLY A 369 49.11 -22.90 10.36
C GLY A 369 49.16 -23.71 9.08
N GLU A 370 49.08 -23.07 7.92
CA GLU A 370 49.04 -23.77 6.64
C GLU A 370 50.16 -23.30 5.72
N LEU A 371 51.29 -22.90 6.31
CA LEU A 371 52.40 -22.30 5.57
C LEU A 371 53.48 -23.32 5.20
N ASP A 372 53.12 -24.58 5.01
CA ASP A 372 54.10 -25.62 4.71
C ASP A 372 53.71 -26.41 3.48
N LEU A 373 53.14 -25.73 2.48
CA LEU A 373 52.76 -26.37 1.22
C LEU A 373 53.40 -25.65 0.05
N ASN A 374 53.00 -26.00 -1.17
CA ASN A 374 53.52 -25.35 -2.36
C ASN A 374 52.36 -25.05 -3.29
N PHE A 375 52.27 -23.78 -3.72
CA PHE A 375 51.09 -23.26 -4.40
C PHE A 375 51.45 -22.62 -5.73
N GLU A 376 50.51 -21.89 -6.33
CA GLU A 376 50.77 -21.16 -7.55
C GLU A 376 51.29 -19.76 -7.22
N CYS A 377 51.83 -19.09 -8.25
CA CYS A 377 52.32 -17.71 -8.14
C CYS A 377 51.77 -16.90 -9.30
N GLY A 378 50.59 -16.32 -9.10
CA GLY A 378 50.08 -15.30 -9.99
C GLY A 378 50.36 -13.94 -9.41
N LEU A 379 50.55 -12.96 -10.28
CA LEU A 379 50.83 -11.60 -9.81
C LEU A 379 49.56 -10.99 -9.23
N LEU A 380 49.70 -10.37 -8.08
CA LEU A 380 48.58 -9.72 -7.41
C LEU A 380 48.91 -8.24 -7.25
N VAL A 381 48.06 -7.39 -7.80
CA VAL A 381 48.23 -5.95 -7.71
C VAL A 381 47.53 -5.47 -6.45
N TYR A 382 48.06 -4.40 -5.86
CA TYR A 382 47.42 -3.76 -4.74
C TYR A 382 46.83 -2.43 -5.19
N VAL A 383 45.81 -1.98 -4.46
CA VAL A 383 45.28 -0.64 -4.67
C VAL A 383 44.76 -0.13 -3.34
N THR A 384 45.20 1.06 -2.94
CA THR A 384 44.86 1.62 -1.64
C THR A 384 43.90 2.79 -1.87
N LYS A 385 42.63 2.46 -2.00
CA LYS A 385 41.62 3.47 -2.29
C LYS A 385 41.13 4.13 -1.01
N SER A 386 41.01 5.45 -1.05
CA SER A 386 40.27 6.19 -0.04
C SER A 386 39.28 7.08 -0.76
N GLY A 387 37.99 6.90 -0.48
CA GLY A 387 36.97 7.60 -1.23
C GLY A 387 36.91 9.08 -0.88
N GLY A 388 36.86 9.90 -1.91
CA GLY A 388 36.85 11.34 -1.72
C GLY A 388 36.91 12.06 -3.05
N SER A 389 37.28 13.34 -2.98
CA SER A 389 37.40 14.19 -4.16
C SER A 389 38.67 15.03 -4.06
N ARG A 390 39.78 14.48 -4.47
CA ARG A 390 40.98 15.29 -4.64
C ARG A 390 41.65 15.07 -5.98
N ILE A 391 41.69 13.83 -6.47
CA ILE A 391 42.29 13.52 -7.76
C ILE A 391 41.24 12.84 -8.62
N GLN A 392 41.33 13.08 -9.93
CA GLN A 392 40.37 12.57 -10.89
C GLN A 392 41.12 11.84 -11.98
N THR A 393 40.64 10.66 -12.35
CA THR A 393 41.30 9.82 -13.34
C THR A 393 40.55 9.95 -14.66
N ALA A 394 41.27 10.29 -15.73
CA ALA A 394 40.67 10.44 -17.05
C ALA A 394 41.68 10.02 -18.10
N THR A 395 41.16 9.73 -19.29
CA THR A 395 41.96 9.20 -20.39
C THR A 395 42.47 10.28 -21.33
N GLU A 396 41.57 11.04 -21.94
CA GLU A 396 41.97 12.03 -22.94
C GLU A 396 42.55 13.27 -22.26
N PRO A 397 43.55 13.92 -22.88
CA PRO A 397 44.15 15.11 -22.28
C PRO A 397 43.18 16.27 -22.29
N PRO A 398 43.08 17.03 -21.19
CA PRO A 398 42.13 18.14 -21.13
C PRO A 398 42.50 19.26 -22.08
N VAL A 399 41.50 19.73 -22.84
CA VAL A 399 41.74 20.63 -23.96
C VAL A 399 41.90 22.08 -23.55
N ILE A 400 41.60 22.43 -22.31
CA ILE A 400 41.81 23.79 -21.83
C ILE A 400 43.31 23.97 -21.61
N THR A 401 43.99 24.57 -22.58
CA THR A 401 45.45 24.68 -22.59
C THR A 401 45.81 26.16 -22.49
N ARG A 402 46.24 26.56 -21.29
CA ARG A 402 46.58 27.94 -20.94
C ARG A 402 45.39 28.87 -21.22
N HIS A 403 44.33 28.62 -20.45
CA HIS A 403 43.09 29.38 -20.56
C HIS A 403 42.44 29.41 -19.18
N ASN A 404 42.70 30.48 -18.44
CA ASN A 404 42.01 30.66 -17.18
C ASN A 404 40.57 31.05 -17.44
N TYR A 405 39.67 30.61 -16.55
CA TYR A 405 38.24 30.58 -16.82
C TYR A 405 37.65 31.98 -16.78
N ASN A 406 37.67 32.62 -17.95
CA ASN A 406 37.16 33.97 -18.14
C ASN A 406 35.88 34.02 -18.97
N ASN A 407 35.72 33.11 -19.93
CA ASN A 407 34.64 33.16 -20.90
C ASN A 407 33.86 31.84 -20.89
N ILE A 408 32.81 31.78 -20.08
CA ILE A 408 31.80 30.74 -20.17
C ILE A 408 30.43 31.41 -20.24
N THR A 409 29.51 30.78 -20.97
CA THR A 409 28.26 31.42 -21.31
C THR A 409 27.28 31.38 -20.14
N LEU A 410 26.36 32.34 -20.14
CA LEU A 410 25.32 32.43 -19.13
C LEU A 410 23.97 32.68 -19.79
N ASN A 411 22.92 32.12 -19.18
CA ASN A 411 21.52 32.28 -19.58
C ASN A 411 21.28 31.81 -21.02
N THR A 412 21.73 30.59 -21.31
CA THR A 412 21.48 29.94 -22.59
C THR A 412 21.57 28.44 -22.41
N CYS A 413 20.66 27.71 -23.05
CA CYS A 413 20.49 26.28 -22.81
C CYS A 413 21.65 25.50 -23.41
N VAL A 414 22.65 25.21 -22.59
CA VAL A 414 23.92 24.65 -23.06
C VAL A 414 24.12 23.25 -22.50
N ASP A 415 25.08 22.56 -23.10
CA ASP A 415 25.63 21.34 -22.51
C ASP A 415 26.75 21.74 -21.56
N TYR A 416 26.86 21.00 -20.45
CA TYR A 416 27.94 21.26 -19.51
C TYR A 416 28.52 19.94 -19.05
N ASN A 417 29.84 19.92 -18.90
CA ASN A 417 30.58 18.80 -18.34
C ASN A 417 31.49 19.40 -17.29
N ILE A 418 30.97 19.60 -16.08
CA ILE A 418 31.73 20.22 -15.00
C ILE A 418 32.01 19.15 -13.95
N TYR A 419 33.30 19.03 -13.59
CA TYR A 419 33.79 18.14 -12.53
C TYR A 419 33.46 16.67 -12.80
N GLY A 420 33.42 16.30 -14.08
CA GLY A 420 33.18 14.91 -14.43
C GLY A 420 31.76 14.43 -14.27
N ARG A 421 30.78 15.33 -14.30
CA ARG A 421 29.36 14.94 -14.22
C ARG A 421 28.59 15.66 -15.32
N THR A 422 28.19 14.91 -16.34
CA THR A 422 27.56 15.49 -17.52
C THR A 422 26.10 15.83 -17.26
N GLY A 423 25.70 17.05 -17.61
CA GLY A 423 24.31 17.46 -17.51
C GLY A 423 23.82 18.23 -18.71
N GLN A 424 22.66 18.90 -18.58
CA GLN A 424 22.14 19.75 -19.65
C GLN A 424 21.21 20.79 -19.02
N GLY A 425 21.69 22.02 -18.93
CA GLY A 425 20.89 23.11 -18.39
C GLY A 425 21.55 24.43 -18.69
N PHE A 426 21.14 25.48 -17.97
CA PHE A 426 21.79 26.77 -18.11
C PHE A 426 22.21 27.25 -16.73
N ILE A 427 23.06 28.28 -16.73
CA ILE A 427 23.85 28.66 -15.56
C ILE A 427 23.71 30.15 -15.32
N THR A 428 23.30 30.52 -14.10
CA THR A 428 23.14 31.90 -13.70
C THR A 428 24.34 32.38 -12.87
N ASN A 429 24.23 33.59 -12.32
CA ASN A 429 25.28 34.22 -11.53
C ASN A 429 24.68 34.59 -10.18
N VAL A 430 25.15 33.96 -9.11
CA VAL A 430 24.46 34.03 -7.83
C VAL A 430 25.45 34.45 -6.75
N THR A 431 26.63 34.90 -7.15
CA THR A 431 27.69 35.21 -6.20
C THR A 431 27.46 36.47 -5.39
N ASP A 432 26.49 37.32 -5.77
CA ASP A 432 26.15 38.48 -4.96
C ASP A 432 25.52 38.05 -3.64
N SER A 433 24.69 37.02 -3.68
CA SER A 433 24.11 36.46 -2.46
C SER A 433 25.01 35.45 -1.78
N ALA A 434 26.20 35.20 -2.31
CA ALA A 434 27.04 34.13 -1.79
C ALA A 434 28.43 34.58 -1.36
N VAL A 435 28.84 35.81 -1.68
CA VAL A 435 30.08 36.30 -1.09
C VAL A 435 29.85 36.65 0.38
N SER A 436 28.60 36.94 0.76
CA SER A 436 28.19 36.99 2.15
C SER A 436 27.70 35.61 2.55
N TYR A 437 27.22 35.49 3.79
CA TYR A 437 26.55 34.31 4.35
C TYR A 437 27.42 33.06 4.38
N ASN A 438 28.76 33.25 4.29
CA ASN A 438 29.85 32.29 4.16
C ASN A 438 29.45 31.03 3.38
N TYR A 439 28.91 31.26 2.18
CA TYR A 439 28.05 30.33 1.46
C TYR A 439 28.73 29.02 1.11
N LEU A 440 30.05 28.98 1.07
CA LEU A 440 30.82 27.75 1.14
C LEU A 440 31.96 27.95 2.13
N ALA A 441 32.39 26.85 2.71
CA ALA A 441 33.46 26.89 3.72
C ALA A 441 34.82 27.01 3.07
N ASP A 442 35.87 26.72 3.85
CA ASP A 442 37.23 26.90 3.37
C ASP A 442 37.65 25.84 2.36
N ALA A 443 36.85 24.81 2.15
CA ALA A 443 37.08 23.86 1.06
C ALA A 443 36.12 24.17 -0.07
N GLY A 444 36.62 24.87 -1.08
CA GLY A 444 35.71 25.34 -2.12
C GLY A 444 35.59 24.47 -3.35
N LEU A 445 34.57 23.62 -3.39
CA LEU A 445 34.14 22.95 -4.61
C LEU A 445 32.62 22.90 -4.59
N ALA A 446 32.06 22.06 -5.45
CA ALA A 446 30.63 22.05 -5.73
C ALA A 446 29.83 21.49 -4.55
N ILE A 447 28.53 21.71 -4.61
CA ILE A 447 27.58 21.13 -3.69
C ILE A 447 26.70 20.16 -4.45
N LEU A 448 26.81 18.88 -4.14
CA LEU A 448 25.87 17.91 -4.67
C LEU A 448 24.50 18.15 -4.06
N ASP A 449 23.46 18.06 -4.87
CA ASP A 449 22.13 17.86 -4.30
C ASP A 449 21.86 16.37 -4.25
N THR A 450 20.62 15.98 -4.01
CA THR A 450 20.27 14.58 -4.13
C THR A 450 20.28 14.18 -5.62
N SER A 451 20.38 12.86 -5.85
CA SER A 451 20.47 12.24 -7.18
C SER A 451 21.70 12.70 -7.95
N GLY A 452 22.77 13.06 -7.24
CA GLY A 452 24.10 13.17 -7.82
C GLY A 452 24.33 14.27 -8.82
N SER A 453 23.49 15.30 -8.84
CA SER A 453 23.68 16.43 -9.72
C SER A 453 24.39 17.55 -8.97
N ILE A 454 24.60 18.67 -9.64
CA ILE A 454 25.34 19.80 -9.08
C ILE A 454 24.37 20.97 -8.93
N ASP A 455 24.32 21.56 -7.73
CA ASP A 455 23.47 22.70 -7.46
C ASP A 455 24.23 24.02 -7.50
N ILE A 456 25.34 24.12 -6.78
CA ILE A 456 26.19 25.31 -6.76
C ILE A 456 27.63 24.85 -6.84
N PHE A 457 28.38 25.35 -7.82
CA PHE A 457 29.81 25.11 -7.89
C PHE A 457 30.55 26.44 -7.84
N VAL A 458 31.89 26.37 -7.86
CA VAL A 458 32.74 27.55 -7.79
C VAL A 458 33.64 27.57 -9.01
N VAL A 459 34.36 28.69 -9.16
CA VAL A 459 35.35 28.84 -10.21
C VAL A 459 36.35 29.89 -9.74
N GLN A 460 37.59 29.78 -10.22
CA GLN A 460 38.71 30.56 -9.70
C GLN A 460 39.53 31.09 -10.87
N GLY A 461 39.99 32.33 -10.76
CA GLY A 461 40.91 32.86 -11.75
C GLY A 461 40.71 34.33 -12.07
N GLU A 462 39.59 34.89 -11.61
CA GLU A 462 39.29 36.29 -11.81
C GLU A 462 39.83 37.10 -10.62
N TYR A 463 39.34 38.33 -10.49
CA TYR A 463 39.70 39.17 -9.34
C TYR A 463 39.23 38.56 -8.03
N GLY A 464 38.07 37.91 -8.03
CA GLY A 464 37.59 37.20 -6.87
C GLY A 464 36.76 36.02 -7.29
N LEU A 465 36.74 35.00 -6.44
CA LEU A 465 36.03 33.77 -6.77
C LEU A 465 34.52 33.97 -6.70
N THR A 466 33.82 33.44 -7.69
CA THR A 466 32.39 33.60 -7.83
C THR A 466 31.68 32.30 -7.48
N TYR A 467 30.36 32.29 -7.70
CA TYR A 467 29.53 31.14 -7.35
C TYR A 467 28.44 31.02 -8.40
N TYR A 468 28.36 29.89 -9.07
CA TYR A 468 27.40 29.69 -10.15
C TYR A 468 26.42 28.59 -9.78
N LYS A 469 25.19 28.72 -10.27
CA LYS A 469 24.11 27.79 -9.94
C LYS A 469 23.61 27.14 -11.24
N VAL A 470 23.28 25.86 -11.18
CA VAL A 470 22.88 25.09 -12.34
C VAL A 470 21.40 24.72 -12.19
N ASN A 471 20.56 25.25 -13.07
CA ASN A 471 19.16 24.88 -13.16
C ASN A 471 18.83 24.37 -14.56
N PRO A 472 17.88 23.43 -14.70
CA PRO A 472 17.66 22.79 -16.00
C PRO A 472 16.97 23.72 -16.98
N CYS A 473 16.86 23.23 -18.22
CA CYS A 473 16.51 24.06 -19.37
C CYS A 473 15.02 24.38 -19.37
N GLU A 474 14.54 24.99 -20.45
CA GLU A 474 13.17 25.47 -20.50
C GLU A 474 12.16 24.34 -20.64
N ASP A 475 12.58 23.18 -21.14
CA ASP A 475 11.68 22.06 -21.41
C ASP A 475 11.88 20.92 -20.43
N VAL A 476 12.24 21.22 -19.18
CA VAL A 476 12.40 20.16 -18.20
C VAL A 476 11.04 19.61 -17.77
N ASN A 477 9.99 20.42 -17.85
CA ASN A 477 8.64 19.91 -17.59
C ASN A 477 7.65 20.69 -18.47
N GLN A 478 7.43 20.17 -19.67
CA GLN A 478 6.37 20.62 -20.54
C GLN A 478 5.19 19.68 -20.39
N GLN A 479 3.99 20.22 -20.57
CA GLN A 479 2.78 19.42 -20.54
C GLN A 479 1.99 19.70 -21.80
N PHE A 480 1.18 18.74 -22.23
CA PHE A 480 0.22 19.08 -23.26
C PHE A 480 -1.14 18.51 -22.89
N VAL A 481 -2.16 19.33 -23.07
CA VAL A 481 -3.47 19.09 -22.52
C VAL A 481 -4.26 18.27 -23.52
N VAL A 482 -4.83 17.16 -23.06
CA VAL A 482 -5.82 16.42 -23.83
C VAL A 482 -7.17 16.62 -23.15
N SER A 483 -8.23 16.66 -23.93
CA SER A 483 -9.57 16.92 -23.41
C SER A 483 -10.56 16.03 -24.14
N GLY A 484 -11.10 15.06 -23.43
CA GLY A 484 -12.10 14.17 -24.00
C GLY A 484 -11.50 13.03 -24.80
N GLY A 485 -11.12 13.31 -26.04
CA GLY A 485 -10.63 12.23 -26.88
C GLY A 485 -9.39 12.51 -27.70
N LYS A 486 -8.98 13.76 -27.81
CA LYS A 486 -7.90 14.11 -28.72
C LYS A 486 -7.00 15.17 -28.10
N LEU A 487 -5.88 15.40 -28.78
CA LEU A 487 -4.89 16.36 -28.33
C LEU A 487 -5.37 17.78 -28.62
N VAL A 488 -4.98 18.72 -27.75
CA VAL A 488 -5.42 20.10 -27.90
C VAL A 488 -4.24 21.03 -28.12
N GLY A 489 -3.34 21.10 -27.15
CA GLY A 489 -2.21 22.01 -27.30
C GLY A 489 -1.20 21.79 -26.20
N ILE A 490 0.01 22.27 -26.46
CA ILE A 490 1.13 22.13 -25.54
C ILE A 490 1.10 23.27 -24.53
N LEU A 491 1.06 22.92 -23.25
CA LEU A 491 1.14 23.88 -22.16
C LEU A 491 2.60 23.90 -21.70
N THR A 492 3.38 24.83 -22.23
CA THR A 492 4.82 24.87 -22.02
C THR A 492 5.20 26.00 -21.07
N SER A 493 6.51 26.18 -20.89
CA SER A 493 7.06 27.25 -20.07
C SER A 493 7.72 28.35 -20.87
N ARG A 494 8.04 28.09 -22.13
CA ARG A 494 8.68 29.08 -22.99
C ARG A 494 7.64 29.91 -23.72
N ASN A 495 8.12 30.89 -24.49
CA ASN A 495 7.29 31.85 -25.20
C ASN A 495 7.68 31.86 -26.66
N GLU A 496 7.12 30.92 -27.43
CA GLU A 496 7.35 30.86 -28.88
C GLU A 496 6.23 31.58 -29.62
N THR A 497 6.15 32.89 -29.38
CA THR A 497 5.02 33.76 -29.76
C THR A 497 3.69 33.14 -29.34
N GLY A 498 3.63 32.70 -28.08
CA GLY A 498 2.45 32.09 -27.52
C GLY A 498 1.33 33.08 -27.35
N SER A 499 0.24 32.88 -28.09
CA SER A 499 -0.84 33.86 -28.16
C SER A 499 -1.78 33.82 -26.96
N GLN A 500 -1.44 33.10 -25.90
CA GLN A 500 -2.31 33.02 -24.73
C GLN A 500 -1.47 32.75 -23.49
N LEU A 501 -1.79 33.47 -22.41
CA LEU A 501 -1.15 33.32 -21.12
C LEU A 501 -2.15 32.77 -20.11
N LEU A 502 -1.85 31.61 -19.56
CA LEU A 502 -2.66 31.05 -18.49
C LEU A 502 -2.07 31.48 -17.15
N GLU A 503 -2.51 30.86 -16.06
CA GLU A 503 -2.00 31.15 -14.72
C GLU A 503 -0.63 30.50 -14.57
N ASN A 504 0.42 31.33 -14.59
CA ASN A 504 1.82 30.99 -14.32
C ASN A 504 2.41 30.02 -15.35
N GLN A 505 1.77 29.84 -16.50
CA GLN A 505 2.28 29.01 -17.58
C GLN A 505 1.87 29.64 -18.91
N PHE A 506 2.72 29.49 -19.92
CA PHE A 506 2.38 29.97 -21.25
C PHE A 506 1.71 28.86 -22.04
N TYR A 507 0.88 29.23 -23.00
CA TYR A 507 0.02 28.31 -23.72
C TYR A 507 0.16 28.56 -25.21
N ILE A 508 0.37 27.50 -25.98
CA ILE A 508 0.29 27.57 -27.43
C ILE A 508 -0.80 26.62 -27.89
N LYS A 509 -0.98 26.54 -29.21
CA LYS A 509 -2.05 25.74 -29.79
C LYS A 509 -1.59 25.20 -31.14
N ILE A 510 -1.68 23.88 -31.32
CA ILE A 510 -1.21 23.27 -32.55
C ILE A 510 -2.18 23.54 -33.70
N THR A 511 -1.63 23.69 -34.90
CA THR A 511 -2.43 24.06 -36.06
C THR A 511 -3.13 22.84 -36.65
N ASN A 512 -4.47 22.90 -36.71
CA ASN A 512 -5.29 21.78 -37.16
C ASN A 512 -5.88 22.15 -38.52
N GLY A 513 -5.18 21.80 -39.59
CA GLY A 513 -5.66 22.11 -40.92
C GLY A 513 -5.34 23.54 -41.32
N THR A 514 -6.35 24.40 -41.27
CA THR A 514 -6.16 25.79 -41.65
C THR A 514 -5.34 26.55 -40.60
N ARG A 515 -4.70 27.63 -41.04
CA ARG A 515 -3.78 28.39 -40.21
C ARG A 515 -4.49 29.27 -39.19
N ARG A 516 -5.75 29.61 -39.43
CA ARG A 516 -6.50 30.53 -38.58
C ARG A 516 -6.95 29.82 -37.30
N PHE A 517 -7.83 30.50 -36.53
CA PHE A 517 -8.34 30.06 -35.22
C PHE A 517 -7.19 29.87 -34.23
N ARG A 518 -6.56 30.99 -33.90
CA ARG A 518 -5.39 31.04 -33.02
C ARG A 518 -5.59 31.96 -31.84
N ARG A 519 -6.30 33.08 -32.02
CA ARG A 519 -6.51 34.09 -31.00
C ARG A 519 -7.97 34.54 -31.03
N SER A 520 -8.57 34.65 -29.84
CA SER A 520 -9.97 35.05 -29.74
C SER A 520 -10.21 35.69 -28.38
N ILE A 521 -11.41 36.25 -28.21
CA ILE A 521 -11.83 36.83 -26.94
C ILE A 521 -12.48 35.74 -26.09
N THR A 522 -12.04 35.62 -24.85
CA THR A 522 -12.49 34.55 -23.97
C THR A 522 -13.96 34.73 -23.58
N GLU A 523 -14.65 33.62 -23.43
CA GLU A 523 -16.07 33.59 -23.12
C GLU A 523 -16.28 33.01 -21.73
N ASN A 524 -17.31 33.52 -21.04
CA ASN A 524 -17.57 33.17 -19.65
C ASN A 524 -18.50 31.97 -19.59
N VAL A 525 -18.04 30.90 -18.95
CA VAL A 525 -18.79 29.65 -18.81
C VAL A 525 -19.21 29.51 -17.36
N ALA A 526 -20.46 29.10 -17.13
CA ALA A 526 -20.95 28.82 -15.79
C ALA A 526 -20.23 27.63 -15.17
N ASN A 527 -20.38 26.44 -15.75
CA ASN A 527 -19.75 25.22 -15.26
C ASN A 527 -19.23 24.42 -16.44
N CYS A 528 -18.05 23.83 -16.29
CA CYS A 528 -17.55 22.97 -17.35
C CYS A 528 -16.95 21.70 -16.77
N PRO A 529 -17.32 20.54 -17.31
CA PRO A 529 -16.73 19.27 -16.84
C PRO A 529 -15.58 18.74 -17.68
N TYR A 530 -15.06 19.51 -18.64
CA TYR A 530 -14.18 18.90 -19.65
C TYR A 530 -12.77 18.69 -19.12
N VAL A 531 -12.02 19.78 -18.96
CA VAL A 531 -10.65 19.83 -18.41
C VAL A 531 -10.50 21.19 -17.78
N SER A 532 -10.16 21.24 -16.51
CA SER A 532 -10.09 22.50 -15.80
C SER A 532 -8.69 22.73 -15.23
N TYR A 533 -8.18 23.93 -15.42
CA TYR A 533 -6.82 24.27 -15.01
C TYR A 533 -6.78 25.74 -14.60
N GLY A 534 -6.98 25.98 -13.29
CA GLY A 534 -6.70 27.25 -12.66
C GLY A 534 -7.37 28.48 -13.23
N LYS A 535 -8.69 28.60 -13.03
CA LYS A 535 -9.55 29.66 -13.56
C LYS A 535 -9.58 29.66 -15.09
N PHE A 536 -9.24 28.56 -15.74
CA PHE A 536 -9.29 28.46 -17.19
C PHE A 536 -9.70 27.06 -17.59
N CYS A 537 -10.63 26.98 -18.53
CA CYS A 537 -11.25 25.73 -18.94
C CYS A 537 -11.03 25.50 -20.43
N ILE A 538 -10.70 24.27 -20.80
CA ILE A 538 -10.30 23.93 -22.17
C ILE A 538 -11.32 22.97 -22.76
N LYS A 539 -11.93 23.36 -23.88
CA LYS A 539 -12.90 22.59 -24.62
C LYS A 539 -12.20 21.61 -25.55
N PRO A 540 -12.92 20.60 -26.06
CA PRO A 540 -12.35 19.77 -27.14
C PRO A 540 -12.27 20.48 -28.48
N ASP A 541 -12.88 21.66 -28.63
CA ASP A 541 -12.70 22.46 -29.84
C ASP A 541 -11.25 22.91 -29.97
N GLY A 542 -10.64 23.31 -28.86
CA GLY A 542 -9.25 23.74 -28.84
C GLY A 542 -9.05 25.08 -28.13
N SER A 543 -10.06 25.94 -28.16
CA SER A 543 -9.94 27.26 -27.56
C SER A 543 -10.32 27.21 -26.09
N ILE A 544 -9.69 28.07 -25.29
CA ILE A 544 -9.96 28.13 -23.87
C ILE A 544 -11.19 28.99 -23.62
N ALA A 545 -11.71 28.93 -22.40
CA ALA A 545 -12.81 29.77 -21.97
C ALA A 545 -12.74 29.89 -20.46
N THR A 546 -12.67 31.11 -19.94
CA THR A 546 -12.47 31.30 -18.51
C THR A 546 -13.71 30.91 -17.73
N ILE A 547 -13.48 30.39 -16.52
CA ILE A 547 -14.54 29.88 -15.68
C ILE A 547 -14.83 30.89 -14.57
N VAL A 548 -16.11 31.06 -14.26
CA VAL A 548 -16.55 31.93 -13.17
C VAL A 548 -17.84 31.36 -12.59
N PRO A 549 -17.83 30.92 -11.34
CA PRO A 549 -18.98 30.18 -10.81
C PRO A 549 -20.13 31.11 -10.47
N LYS A 550 -21.35 30.67 -10.78
CA LYS A 550 -22.53 31.44 -10.42
C LYS A 550 -23.07 30.98 -9.07
N GLN A 551 -23.87 31.84 -8.46
CA GLN A 551 -24.55 31.52 -7.21
C GLN A 551 -25.92 32.18 -7.24
N LEU A 552 -26.86 31.59 -6.53
CA LEU A 552 -28.23 32.07 -6.53
C LEU A 552 -28.53 32.81 -5.23
N GLU A 553 -29.54 33.67 -5.30
CA GLU A 553 -29.90 34.51 -4.17
C GLU A 553 -30.66 33.72 -3.12
N GLN A 554 -30.65 34.24 -1.90
CA GLN A 554 -31.39 33.66 -0.80
C GLN A 554 -31.84 34.80 0.11
N PHE A 555 -32.73 34.49 1.04
CA PHE A 555 -33.33 35.54 1.84
C PHE A 555 -33.79 34.98 3.18
N VAL A 556 -33.61 35.78 4.22
CA VAL A 556 -34.03 35.46 5.57
C VAL A 556 -34.71 36.72 6.09
N ALA A 557 -35.09 37.58 5.13
CA ALA A 557 -35.28 39.03 5.27
C ALA A 557 -36.03 39.57 6.49
N PRO A 558 -37.15 38.98 6.98
CA PRO A 558 -37.79 39.62 8.14
C PRO A 558 -37.03 39.46 9.46
N LEU A 559 -36.34 40.53 9.85
CA LEU A 559 -35.77 40.70 11.18
C LEU A 559 -35.97 42.17 11.52
N LEU A 560 -36.97 42.45 12.36
CA LEU A 560 -37.63 43.75 12.34
C LEU A 560 -37.41 44.49 13.65
N ASN A 561 -36.67 45.59 13.59
CA ASN A 561 -36.66 46.63 14.62
C ASN A 561 -37.69 47.66 14.18
N VAL A 562 -37.51 48.93 14.55
CA VAL A 562 -38.41 50.07 14.32
C VAL A 562 -39.01 50.10 12.91
N THR A 563 -40.24 50.60 12.81
CA THR A 563 -41.14 50.27 11.70
C THR A 563 -40.63 50.76 10.34
N GLU A 564 -40.60 49.83 9.39
CA GLU A 564 -40.10 50.06 8.04
C GLU A 564 -40.57 48.89 7.20
N ASN A 565 -40.91 49.17 5.94
CA ASN A 565 -41.46 48.16 5.05
C ASN A 565 -40.41 47.10 4.68
N VAL A 566 -40.91 45.90 4.40
CA VAL A 566 -40.08 44.71 4.26
C VAL A 566 -40.51 43.98 2.98
N LEU A 567 -39.62 43.11 2.49
CA LEU A 567 -39.86 42.35 1.26
C LEU A 567 -40.10 40.89 1.61
N ILE A 568 -41.32 40.42 1.37
CA ILE A 568 -41.63 38.99 1.50
C ILE A 568 -42.22 38.51 0.18
N PRO A 569 -42.01 37.25 -0.22
CA PRO A 569 -42.45 36.82 -1.55
C PRO A 569 -43.93 36.52 -1.62
N ASN A 570 -44.52 36.82 -2.77
CA ASN A 570 -45.89 36.41 -3.08
C ASN A 570 -45.95 35.21 -4.02
N SER A 571 -45.10 35.19 -5.03
CA SER A 571 -45.01 34.10 -6.00
C SER A 571 -43.72 33.35 -5.74
N PHE A 572 -43.59 32.20 -6.39
CA PHE A 572 -42.47 31.33 -6.08
C PHE A 572 -42.18 30.40 -7.24
N ASN A 573 -40.92 30.00 -7.33
CA ASN A 573 -40.41 29.12 -8.38
C ASN A 573 -39.66 27.96 -7.74
N LEU A 574 -39.31 26.98 -8.57
CA LEU A 574 -38.63 25.79 -8.12
C LEU A 574 -37.37 25.61 -8.96
N THR A 575 -36.23 25.44 -8.30
CA THR A 575 -34.95 25.29 -8.96
C THR A 575 -34.39 23.91 -8.67
N VAL A 576 -34.29 23.08 -9.71
CA VAL A 576 -33.86 21.70 -9.52
C VAL A 576 -32.37 21.64 -9.27
N THR A 577 -31.92 20.52 -8.70
CA THR A 577 -30.51 20.28 -8.40
C THR A 577 -30.33 18.77 -8.24
N ASP A 578 -29.34 18.22 -8.90
CA ASP A 578 -29.09 16.78 -8.87
C ASP A 578 -27.81 16.48 -8.10
N GLU A 579 -27.66 15.20 -7.75
CA GLU A 579 -26.45 14.67 -7.15
C GLU A 579 -26.47 13.16 -7.29
N TYR A 580 -25.30 12.54 -7.15
CA TYR A 580 -25.16 11.11 -7.27
C TYR A 580 -24.37 10.56 -6.09
N ILE A 581 -24.85 9.46 -5.53
CA ILE A 581 -24.22 8.80 -4.40
C ILE A 581 -24.08 7.32 -4.70
N GLN A 582 -22.86 6.81 -4.60
CA GLN A 582 -22.60 5.40 -4.88
C GLN A 582 -23.13 4.57 -3.72
N THR A 583 -23.67 3.38 -4.01
CA THR A 583 -24.19 2.57 -2.92
C THR A 583 -23.91 1.08 -3.05
N ARG A 584 -23.25 0.61 -4.10
CA ARG A 584 -23.04 -0.81 -4.30
C ARG A 584 -21.60 -1.07 -4.75
N MET A 585 -21.26 -2.36 -4.82
CA MET A 585 -19.90 -2.77 -5.11
C MET A 585 -19.94 -4.16 -5.72
N ASP A 586 -19.09 -4.41 -6.71
CA ASP A 586 -18.94 -5.74 -7.27
C ASP A 586 -17.96 -6.55 -6.43
N LYS A 587 -18.43 -7.65 -5.87
CA LYS A 587 -17.56 -8.50 -5.07
C LYS A 587 -16.67 -9.34 -5.97
N VAL A 588 -15.43 -9.54 -5.54
CA VAL A 588 -14.45 -10.29 -6.32
C VAL A 588 -14.07 -11.56 -5.56
N GLN A 589 -13.35 -12.44 -6.24
CA GLN A 589 -12.94 -13.71 -5.66
C GLN A 589 -11.66 -14.13 -6.38
N ILE A 590 -10.51 -13.85 -5.77
CA ILE A 590 -9.21 -14.07 -6.39
C ILE A 590 -8.85 -15.54 -6.25
N ASN A 591 -8.65 -16.21 -7.38
CA ASN A 591 -8.18 -17.60 -7.42
C ASN A 591 -6.69 -17.56 -7.68
N CYS A 592 -5.89 -17.59 -6.61
CA CYS A 592 -4.46 -17.28 -6.72
C CYS A 592 -3.69 -18.38 -7.45
N LEU A 593 -4.09 -19.64 -7.27
CA LEU A 593 -3.33 -20.74 -7.87
C LEU A 593 -3.46 -20.76 -9.39
N GLN A 594 -4.63 -20.40 -9.90
CA GLN A 594 -4.81 -20.40 -11.35
C GLN A 594 -4.37 -19.07 -11.96
N TYR A 595 -4.27 -18.01 -11.16
CA TYR A 595 -3.78 -16.73 -11.66
C TYR A 595 -2.27 -16.69 -11.76
N VAL A 596 -1.56 -17.28 -10.79
CA VAL A 596 -0.10 -17.18 -10.80
C VAL A 596 0.49 -18.06 -11.90
N CYS A 597 0.25 -19.36 -11.83
CA CYS A 597 0.75 -20.26 -12.85
C CYS A 597 -0.29 -20.43 -13.95
N GLY A 598 0.18 -20.78 -15.14
CA GLY A 598 -0.69 -21.04 -16.26
C GLY A 598 -1.20 -22.47 -16.25
N ASN A 599 -1.79 -22.87 -17.37
CA ASN A 599 -2.25 -24.25 -17.56
C ASN A 599 -1.03 -25.11 -17.87
N SER A 600 -0.32 -25.50 -16.81
CA SER A 600 0.88 -26.29 -16.94
C SER A 600 0.84 -27.46 -15.96
N LEU A 601 1.63 -28.49 -16.24
CA LEU A 601 1.77 -29.57 -15.28
C LEU A 601 2.70 -29.17 -14.15
N ASP A 602 3.74 -28.38 -14.44
CA ASP A 602 4.64 -27.89 -13.42
C ASP A 602 4.15 -26.51 -12.96
N CYS A 603 5.02 -25.79 -12.23
CA CYS A 603 4.86 -24.49 -11.54
C CYS A 603 4.05 -24.63 -10.25
N ARG A 604 3.41 -25.79 -10.05
CA ARG A 604 2.55 -25.98 -8.90
C ARG A 604 3.29 -26.60 -7.72
N ASP A 605 4.17 -27.56 -8.00
CA ASP A 605 5.01 -28.13 -6.96
C ASP A 605 6.01 -27.11 -6.43
N LEU A 606 6.43 -26.17 -7.27
CA LEU A 606 7.23 -25.06 -6.78
C LEU A 606 6.37 -24.08 -5.99
N PHE A 607 5.06 -24.02 -6.28
CA PHE A 607 4.20 -23.06 -5.61
C PHE A 607 3.75 -23.54 -4.25
N GLN A 608 3.69 -24.87 -4.01
CA GLN A 608 3.10 -25.37 -2.76
C GLN A 608 3.94 -25.09 -1.50
N GLN A 609 5.04 -24.33 -1.54
CA GLN A 609 5.66 -23.80 -0.33
C GLN A 609 5.37 -22.30 -0.18
N TYR A 610 4.41 -21.78 -0.93
CA TYR A 610 3.92 -20.42 -0.77
C TYR A 610 2.54 -20.45 -0.13
N GLY A 611 2.39 -21.31 0.88
CA GLY A 611 1.13 -21.56 1.54
C GLY A 611 0.40 -20.37 2.11
N PRO A 612 0.92 -19.74 3.17
CA PRO A 612 0.11 -18.74 3.90
C PRO A 612 -0.08 -17.42 3.19
N VAL A 613 0.64 -17.14 2.10
CA VAL A 613 0.44 -15.86 1.43
C VAL A 613 -0.85 -15.88 0.60
N CYS A 614 -1.26 -17.04 0.09
CA CYS A 614 -2.60 -17.11 -0.51
C CYS A 614 -3.69 -17.05 0.55
N ASP A 615 -3.44 -17.54 1.76
CA ASP A 615 -4.42 -17.39 2.82
C ASP A 615 -4.57 -15.92 3.21
N ASN A 616 -3.45 -15.18 3.25
CA ASN A 616 -3.50 -13.76 3.55
C ASN A 616 -4.17 -12.98 2.43
N ILE A 617 -3.97 -13.37 1.17
CA ILE A 617 -4.63 -12.65 0.08
C ILE A 617 -6.09 -13.07 -0.07
N LEU A 618 -6.49 -14.18 0.54
CA LEU A 618 -7.87 -14.63 0.43
C LEU A 618 -8.73 -14.10 1.57
N SER A 619 -8.15 -13.95 2.77
CA SER A 619 -8.95 -13.64 3.96
C SER A 619 -9.52 -12.23 3.92
N VAL A 620 -8.76 -11.26 3.39
CA VAL A 620 -9.26 -9.89 3.37
C VAL A 620 -10.36 -9.73 2.32
N VAL A 621 -10.29 -10.47 1.22
CA VAL A 621 -11.35 -10.42 0.22
C VAL A 621 -12.61 -11.10 0.73
N ASN A 622 -12.45 -12.22 1.45
CA ASN A 622 -13.59 -12.89 2.06
C ASN A 622 -14.25 -12.02 3.12
N SER A 623 -13.43 -11.30 3.91
CA SER A 623 -13.98 -10.42 4.94
C SER A 623 -14.74 -9.25 4.36
N ILE A 624 -14.20 -8.61 3.31
CA ILE A 624 -14.93 -7.46 2.75
C ILE A 624 -16.17 -7.93 2.01
N GLY A 625 -16.14 -9.14 1.44
CA GLY A 625 -17.33 -9.68 0.81
C GLY A 625 -18.46 -9.91 1.81
N GLN A 626 -18.14 -10.52 2.96
CA GLN A 626 -19.17 -10.77 3.96
C GLN A 626 -19.67 -9.48 4.59
N LYS A 627 -18.75 -8.56 4.89
CA LYS A 627 -19.14 -7.31 5.55
C LYS A 627 -19.95 -6.42 4.62
N GLU A 628 -19.73 -6.50 3.31
CA GLU A 628 -20.61 -5.78 2.41
C GLU A 628 -21.95 -6.49 2.29
N ASP A 629 -21.94 -7.81 2.21
CA ASP A 629 -23.15 -8.55 1.83
C ASP A 629 -24.16 -8.61 2.97
N MET A 630 -23.73 -8.42 4.21
CA MET A 630 -24.70 -8.39 5.31
C MET A 630 -25.44 -7.05 5.37
N GLU A 631 -24.70 -5.96 5.51
CA GLU A 631 -25.39 -4.69 5.66
C GLU A 631 -25.91 -4.11 4.35
N LEU A 632 -25.62 -4.73 3.20
CA LEU A 632 -26.40 -4.42 2.01
C LEU A 632 -27.84 -4.90 2.16
N LEU A 633 -28.03 -6.09 2.72
CA LEU A 633 -29.39 -6.55 3.00
C LEU A 633 -30.01 -5.75 4.13
N ASN A 634 -29.21 -5.26 5.07
CA ASN A 634 -29.75 -4.33 6.07
C ASN A 634 -30.25 -3.04 5.42
N PHE A 635 -29.48 -2.49 4.48
CA PHE A 635 -29.90 -1.29 3.76
C PHE A 635 -31.14 -1.54 2.91
N TYR A 636 -31.26 -2.74 2.34
CA TYR A 636 -32.46 -3.04 1.57
C TYR A 636 -33.68 -3.23 2.46
N SER A 637 -33.50 -3.80 3.66
CA SER A 637 -34.65 -4.05 4.52
C SER A 637 -35.01 -2.85 5.39
N SER A 638 -34.18 -1.81 5.42
CA SER A 638 -34.55 -0.63 6.20
C SER A 638 -35.37 0.37 5.40
N THR A 639 -35.29 0.35 4.06
CA THR A 639 -35.90 1.40 3.25
C THR A 639 -36.96 0.93 2.27
N LYS A 640 -37.02 -0.35 1.93
CA LYS A 640 -38.07 -0.87 1.06
C LYS A 640 -39.40 -0.77 1.80
N PRO A 641 -40.31 0.11 1.38
CA PRO A 641 -41.35 0.62 2.29
C PRO A 641 -42.39 -0.37 2.81
N ALA A 642 -43.18 -0.94 1.91
CA ALA A 642 -44.26 -1.81 2.36
C ALA A 642 -44.54 -2.98 1.41
N GLY A 643 -43.77 -3.15 0.35
CA GLY A 643 -44.25 -3.91 -0.77
C GLY A 643 -44.58 -2.96 -1.91
N PHE A 644 -45.87 -2.67 -2.10
CA PHE A 644 -46.37 -1.80 -3.16
C PHE A 644 -45.91 -2.26 -4.54
N ASN A 645 -46.10 -3.55 -4.82
CA ASN A 645 -45.64 -4.16 -6.07
C ASN A 645 -46.64 -3.82 -7.17
N THR A 646 -46.65 -2.54 -7.54
CA THR A 646 -47.54 -1.94 -8.51
C THR A 646 -46.61 -1.23 -9.49
N PRO A 647 -46.83 -1.38 -10.80
CA PRO A 647 -45.90 -0.75 -11.75
C PRO A 647 -45.91 0.78 -11.72
N PHE A 648 -47.10 1.39 -11.79
CA PHE A 648 -47.29 2.85 -11.84
C PHE A 648 -46.52 3.46 -13.01
N LEU A 649 -46.94 3.05 -14.20
CA LEU A 649 -46.14 3.18 -15.42
C LEU A 649 -46.49 4.43 -16.23
N SER A 650 -46.88 5.51 -15.55
CA SER A 650 -46.86 6.89 -16.07
C SER A 650 -47.80 7.10 -17.25
N ASN A 651 -48.89 6.35 -17.33
CA ASN A 651 -50.07 6.81 -18.05
C ASN A 651 -51.21 7.12 -17.09
N VAL A 652 -50.89 7.17 -15.79
CA VAL A 652 -51.87 7.50 -14.77
C VAL A 652 -52.19 8.99 -14.86
N SER A 653 -53.48 9.30 -14.98
CA SER A 653 -53.93 10.67 -15.23
C SER A 653 -53.71 11.52 -13.99
N THR A 654 -52.71 12.39 -14.04
CA THR A 654 -52.50 13.40 -13.03
C THR A 654 -53.23 14.68 -13.45
N GLY A 655 -53.23 15.67 -12.57
CA GLY A 655 -53.98 16.88 -12.86
C GLY A 655 -53.38 17.76 -13.94
N GLU A 656 -52.26 18.42 -13.64
CA GLU A 656 -51.56 19.23 -14.64
C GLU A 656 -50.05 19.08 -14.53
N PHE A 657 -49.57 18.01 -13.91
CA PHE A 657 -48.14 17.79 -13.69
C PHE A 657 -47.67 16.77 -14.72
N ASN A 658 -46.90 17.21 -15.71
CA ASN A 658 -46.33 16.25 -16.66
C ASN A 658 -45.10 15.60 -16.03
N ILE A 659 -45.38 14.53 -15.27
CA ILE A 659 -44.31 13.74 -14.68
C ILE A 659 -44.06 12.43 -15.41
N SER A 660 -44.76 12.18 -16.53
CA SER A 660 -44.54 10.97 -17.30
C SER A 660 -43.20 10.97 -18.02
N LEU A 661 -42.56 12.14 -18.14
CA LEU A 661 -41.17 12.21 -18.58
C LEU A 661 -40.25 11.50 -17.59
N LEU A 662 -40.61 11.50 -16.32
CA LEU A 662 -39.70 11.13 -15.26
C LEU A 662 -39.90 9.70 -14.76
N LEU A 663 -41.01 9.06 -15.09
CA LEU A 663 -41.31 7.71 -14.66
C LEU A 663 -41.33 6.75 -15.84
N THR A 664 -41.53 5.47 -15.55
CA THR A 664 -41.31 4.42 -16.54
C THR A 664 -42.43 4.38 -17.58
N THR A 665 -42.09 3.86 -18.74
CA THR A 665 -42.84 3.73 -19.97
C THR A 665 -43.43 2.33 -20.10
N PRO A 666 -44.55 2.18 -20.80
CA PRO A 666 -45.10 0.83 -20.99
C PRO A 666 -44.29 -0.01 -21.96
N SER A 667 -43.79 0.59 -23.03
CA SER A 667 -43.14 -0.16 -24.11
C SER A 667 -41.63 -0.08 -23.93
N SER A 668 -41.05 -1.07 -23.24
CA SER A 668 -39.62 -1.17 -23.04
C SER A 668 -39.30 -2.60 -22.65
N PRO A 669 -38.19 -3.17 -23.15
CA PRO A 669 -37.81 -4.53 -22.72
C PRO A 669 -37.33 -4.60 -21.28
N ARG A 670 -36.78 -3.50 -20.75
CA ARG A 670 -36.36 -3.43 -19.36
C ARG A 670 -37.20 -2.38 -18.64
N ARG A 671 -37.41 -2.59 -17.35
CA ARG A 671 -38.19 -1.66 -16.55
C ARG A 671 -37.39 -0.40 -16.29
N ARG A 672 -37.46 0.56 -17.21
CA ARG A 672 -36.55 1.68 -17.20
C ARG A 672 -37.27 2.94 -17.66
N SER A 673 -37.06 4.03 -16.94
CA SER A 673 -37.67 5.31 -17.28
C SER A 673 -36.81 6.02 -18.32
N PHE A 674 -37.08 7.30 -18.55
CA PHE A 674 -36.38 8.03 -19.59
C PHE A 674 -35.05 8.59 -19.09
N ILE A 675 -35.04 9.13 -17.87
CA ILE A 675 -33.87 9.87 -17.40
C ILE A 675 -32.73 8.93 -17.04
N GLU A 676 -33.02 7.80 -16.41
CA GLU A 676 -31.93 6.86 -16.18
C GLU A 676 -31.55 6.10 -17.44
N ASP A 677 -32.39 6.10 -18.47
CA ASP A 677 -31.93 5.62 -19.77
C ASP A 677 -30.92 6.58 -20.37
N LEU A 678 -31.15 7.89 -20.21
CA LEU A 678 -30.15 8.88 -20.61
C LEU A 678 -28.89 8.76 -19.76
N LEU A 679 -29.02 8.34 -18.51
CA LEU A 679 -27.85 8.07 -17.67
C LEU A 679 -27.11 6.83 -18.15
N PHE A 680 -27.83 5.77 -18.53
CA PHE A 680 -27.22 4.52 -18.96
C PHE A 680 -26.53 4.63 -20.32
N THR A 681 -27.04 5.43 -21.24
CA THR A 681 -26.40 5.50 -22.56
C THR A 681 -25.10 6.27 -22.56
N SER A 682 -24.74 6.93 -21.46
CA SER A 682 -23.41 7.51 -21.34
C SER A 682 -22.37 6.50 -20.89
N VAL A 683 -22.81 5.34 -20.41
CA VAL A 683 -21.90 4.28 -19.99
C VAL A 683 -22.13 3.02 -20.81
N ALA A 693 -26.06 -11.47 -14.74
CA ALA A 693 -24.93 -12.31 -14.40
C ALA A 693 -25.19 -13.77 -14.80
N TYR A 694 -25.91 -13.95 -15.90
CA TYR A 694 -26.25 -15.28 -16.42
C TYR A 694 -25.60 -15.40 -17.80
N LYS A 695 -24.52 -16.17 -17.88
CA LYS A 695 -23.83 -16.40 -19.13
C LYS A 695 -23.56 -17.88 -19.32
N ASN A 696 -23.06 -18.20 -20.51
CA ASN A 696 -22.46 -19.51 -20.79
C ASN A 696 -21.12 -19.19 -21.46
N CYS A 697 -20.05 -19.21 -20.66
CA CYS A 697 -18.76 -18.70 -21.11
C CYS A 697 -18.08 -19.63 -22.11
N THR A 698 -18.57 -20.86 -22.25
CA THR A 698 -17.97 -21.80 -23.19
C THR A 698 -18.23 -21.41 -24.64
N ALA A 699 -19.42 -20.87 -24.94
CA ALA A 699 -19.75 -20.48 -26.31
C ALA A 699 -20.81 -19.40 -26.27
N GLY A 700 -20.67 -18.40 -27.14
CA GLY A 700 -21.65 -17.35 -27.27
C GLY A 700 -21.22 -16.04 -26.66
N PRO A 701 -20.85 -15.07 -27.50
CA PRO A 701 -20.55 -13.73 -27.00
C PRO A 701 -21.81 -12.89 -26.85
N LEU A 702 -21.66 -11.79 -26.10
CA LEU A 702 -22.76 -10.84 -25.88
C LEU A 702 -22.43 -9.46 -26.42
N GLY A 703 -21.31 -8.87 -26.02
CA GLY A 703 -21.04 -7.48 -26.36
C GLY A 703 -19.55 -7.18 -26.40
N PHE A 704 -19.25 -5.89 -26.57
CA PHE A 704 -17.87 -5.45 -26.67
C PHE A 704 -17.21 -5.34 -25.31
N LEU A 705 -17.98 -4.97 -24.29
CA LEU A 705 -17.45 -4.71 -22.96
C LEU A 705 -17.86 -5.73 -21.91
N LYS A 706 -19.09 -6.27 -22.00
CA LYS A 706 -19.53 -7.28 -21.05
C LYS A 706 -18.80 -8.61 -21.24
N ASP A 707 -18.25 -8.87 -22.42
CA ASP A 707 -17.55 -10.11 -22.69
C ASP A 707 -16.08 -10.07 -22.30
N LEU A 708 -15.69 -9.19 -21.38
CA LEU A 708 -14.43 -9.34 -20.69
C LEU A 708 -14.54 -10.27 -19.49
N ALA A 709 -15.75 -10.72 -19.15
CA ALA A 709 -15.92 -11.64 -18.04
C ALA A 709 -15.33 -13.00 -18.36
N CYS A 710 -15.32 -13.41 -19.63
CA CYS A 710 -14.65 -14.66 -19.98
C CYS A 710 -13.14 -14.51 -19.99
N ALA A 711 -12.62 -13.33 -20.25
CA ALA A 711 -11.18 -13.12 -20.08
C ALA A 711 -10.80 -13.02 -18.61
N ARG A 712 -11.71 -12.58 -17.76
CA ARG A 712 -11.42 -12.55 -16.33
C ARG A 712 -11.51 -13.93 -15.71
N GLU A 713 -12.55 -14.71 -16.04
CA GLU A 713 -12.74 -16.01 -15.41
C GLU A 713 -11.71 -17.04 -15.85
N TYR A 714 -11.03 -16.83 -16.97
CA TYR A 714 -9.98 -17.75 -17.40
C TYR A 714 -8.64 -17.36 -16.83
N ASN A 715 -8.58 -16.30 -16.03
CA ASN A 715 -7.39 -15.94 -15.28
C ASN A 715 -7.62 -15.92 -13.78
N GLY A 716 -8.80 -16.26 -13.32
CA GLY A 716 -9.05 -16.38 -11.90
C GLY A 716 -9.40 -15.10 -11.18
N LEU A 717 -10.17 -14.21 -11.80
CA LEU A 717 -10.72 -13.04 -11.12
C LEU A 717 -12.21 -13.03 -11.43
N LEU A 718 -12.99 -13.77 -10.65
CA LEU A 718 -14.40 -13.94 -10.90
C LEU A 718 -15.22 -13.14 -9.90
N VAL A 719 -16.50 -12.95 -10.21
CA VAL A 719 -17.39 -12.16 -9.39
C VAL A 719 -18.41 -13.07 -8.72
N LEU A 720 -19.13 -12.50 -7.75
CA LEU A 720 -20.17 -13.19 -7.02
C LEU A 720 -21.43 -12.34 -7.03
N PRO A 721 -22.61 -12.94 -7.12
CA PRO A 721 -23.84 -12.15 -7.16
C PRO A 721 -24.18 -11.57 -5.81
N PRO A 722 -24.85 -10.42 -5.76
CA PRO A 722 -25.19 -9.82 -4.47
C PRO A 722 -26.32 -10.58 -3.78
N ILE A 723 -26.57 -10.19 -2.53
CA ILE A 723 -27.62 -10.89 -1.78
C ILE A 723 -29.00 -10.39 -2.21
N ILE A 724 -29.10 -9.17 -2.70
CA ILE A 724 -30.28 -8.79 -3.47
C ILE A 724 -30.04 -9.21 -4.91
N THR A 725 -30.97 -9.99 -5.45
CA THR A 725 -30.71 -10.59 -6.74
C THR A 725 -31.01 -9.59 -7.86
N ALA A 726 -30.68 -9.98 -9.08
CA ALA A 726 -31.07 -9.19 -10.24
C ALA A 726 -32.58 -9.25 -10.43
N GLU A 727 -33.13 -8.15 -10.96
CA GLU A 727 -34.59 -7.90 -11.01
C GLU A 727 -35.18 -8.01 -9.61
N MET A 728 -34.53 -7.38 -8.65
CA MET A 728 -35.09 -7.16 -7.32
C MET A 728 -34.77 -5.73 -6.94
N GLN A 729 -33.80 -5.15 -7.65
CA GLN A 729 -33.46 -3.75 -7.46
C GLN A 729 -34.16 -2.84 -8.47
N THR A 730 -34.67 -3.38 -9.57
CA THR A 730 -35.42 -2.57 -10.51
C THR A 730 -36.84 -2.31 -10.07
N LEU A 731 -37.34 -3.07 -9.09
CA LEU A 731 -38.61 -2.76 -8.44
C LEU A 731 -38.43 -1.84 -7.24
N TYR A 732 -37.20 -1.65 -6.77
CA TYR A 732 -36.93 -0.87 -5.58
C TYR A 732 -37.26 0.61 -5.78
N THR A 733 -36.79 1.18 -6.89
CA THR A 733 -37.04 2.58 -7.18
C THR A 733 -38.53 2.84 -7.45
N SER A 734 -39.17 1.92 -8.17
CA SER A 734 -40.60 2.07 -8.45
C SER A 734 -41.43 1.94 -7.19
N SER A 735 -41.07 1.03 -6.28
CA SER A 735 -41.80 0.92 -5.03
C SER A 735 -41.56 2.14 -4.13
N LEU A 736 -40.37 2.73 -4.23
CA LEU A 736 -40.09 3.89 -3.39
C LEU A 736 -40.85 5.12 -3.86
N VAL A 737 -40.94 5.34 -5.18
CA VAL A 737 -41.75 6.46 -5.65
C VAL A 737 -43.23 6.14 -5.53
N ALA A 738 -43.60 4.85 -5.50
CA ALA A 738 -44.99 4.49 -5.27
C ALA A 738 -45.40 4.77 -3.83
N SER A 739 -44.49 4.55 -2.88
CA SER A 739 -44.79 4.93 -1.50
C SER A 739 -44.73 6.43 -1.29
N MET A 740 -43.91 7.15 -2.07
CA MET A 740 -43.92 8.60 -1.97
C MET A 740 -45.21 9.19 -2.54
N ALA A 741 -45.79 8.58 -3.57
CA ALA A 741 -46.99 9.13 -4.17
C ALA A 741 -48.25 8.64 -3.46
N PHE A 742 -48.47 7.33 -3.41
CA PHE A 742 -49.72 6.77 -2.90
C PHE A 742 -49.84 6.87 -1.39
N GLY A 743 -48.74 7.10 -0.67
CA GLY A 743 -48.75 7.18 0.78
C GLY A 743 -49.57 8.35 1.29
N GLY A 744 -50.61 8.08 2.06
CA GLY A 744 -51.60 9.10 2.25
C GLY A 744 -52.98 8.65 1.85
N ILE A 745 -53.43 9.16 0.69
CA ILE A 745 -54.80 9.03 0.21
C ILE A 745 -55.26 7.58 0.05
N THR A 746 -56.59 7.42 0.00
CA THR A 746 -57.23 6.12 -0.13
C THR A 746 -57.67 5.82 -1.56
N ALA A 747 -57.06 6.50 -2.55
CA ALA A 747 -57.24 6.28 -3.99
C ALA A 747 -58.69 6.47 -4.43
N ALA A 748 -59.16 7.71 -4.30
CA ALA A 748 -60.48 8.11 -4.78
C ALA A 748 -60.48 9.62 -4.99
N GLY A 749 -60.47 10.05 -6.25
CA GLY A 749 -60.59 11.46 -6.55
C GLY A 749 -59.45 12.13 -7.29
N ALA A 750 -58.79 11.38 -8.19
CA ALA A 750 -57.79 11.89 -9.15
C ALA A 750 -56.59 12.53 -8.45
N ILE A 751 -56.10 11.91 -7.39
CA ILE A 751 -54.98 12.47 -6.65
C ILE A 751 -53.68 11.67 -6.55
N PRO A 752 -53.25 11.01 -7.62
CA PRO A 752 -52.04 10.18 -7.49
C PRO A 752 -50.74 10.89 -7.09
N PHE A 753 -50.52 12.11 -7.60
CA PHE A 753 -49.27 12.84 -7.37
C PHE A 753 -49.47 14.30 -6.97
N ALA A 754 -50.63 14.89 -7.28
CA ALA A 754 -50.80 16.33 -7.07
C ALA A 754 -50.96 16.69 -5.60
N THR A 755 -51.86 15.97 -4.91
CA THR A 755 -52.25 16.35 -3.55
C THR A 755 -51.10 16.21 -2.57
N GLN A 756 -50.22 15.23 -2.81
CA GLN A 756 -48.98 15.12 -2.04
C GLN A 756 -48.13 16.37 -2.19
N LEU A 757 -48.05 16.93 -3.39
CA LEU A 757 -47.21 18.10 -3.60
C LEU A 757 -47.84 19.36 -3.00
N GLN A 758 -49.16 19.56 -3.17
CA GLN A 758 -49.75 20.75 -2.58
C GLN A 758 -49.83 20.67 -1.06
N ALA A 759 -50.00 19.48 -0.50
CA ALA A 759 -49.97 19.37 0.96
C ALA A 759 -48.56 19.32 1.51
N ARG A 760 -47.56 19.20 0.65
CA ARG A 760 -46.18 19.31 1.09
C ARG A 760 -45.61 20.71 0.87
N ILE A 761 -46.25 21.53 0.02
CA ILE A 761 -45.73 22.88 -0.24
C ILE A 761 -46.26 23.91 0.76
N ASN A 762 -47.41 23.65 1.38
CA ASN A 762 -47.94 24.61 2.34
C ASN A 762 -47.43 24.37 3.76
N HIS A 763 -46.41 23.53 3.92
CA HIS A 763 -45.77 23.39 5.22
C HIS A 763 -44.72 24.48 5.45
N LEU A 764 -44.31 25.17 4.40
CA LEU A 764 -43.38 26.30 4.56
C LEU A 764 -44.08 27.47 5.23
N GLY A 765 -45.30 27.80 4.80
CA GLY A 765 -46.20 28.61 5.59
C GLY A 765 -46.89 27.75 6.62
N ILE A 766 -48.02 28.23 7.14
CA ILE A 766 -48.71 27.41 8.12
C ILE A 766 -50.19 27.20 7.79
N THR A 767 -50.46 26.20 6.94
CA THR A 767 -51.76 25.67 6.55
C THR A 767 -51.53 24.25 6.05
N GLN A 768 -52.62 23.59 5.65
CA GLN A 768 -52.56 22.25 5.05
C GLN A 768 -53.63 22.11 3.97
N SER A 769 -53.19 21.82 2.75
CA SER A 769 -54.01 21.35 1.62
C SER A 769 -55.11 22.35 1.24
N LEU A 770 -54.67 23.51 0.77
CA LEU A 770 -55.58 24.56 0.34
C LEU A 770 -55.94 24.39 -1.12
N LEU A 771 -57.19 24.70 -1.45
CA LEU A 771 -57.73 24.49 -2.79
C LEU A 771 -58.18 25.82 -3.39
N LEU A 772 -58.10 25.89 -4.73
CA LEU A 772 -58.66 26.90 -5.62
C LEU A 772 -57.91 28.24 -5.53
N LYS A 773 -57.02 28.37 -4.56
CA LYS A 773 -55.94 29.34 -4.60
C LYS A 773 -54.67 28.53 -4.44
N ASN A 774 -53.62 28.97 -5.16
CA ASN A 774 -52.34 28.26 -5.28
C ASN A 774 -52.56 26.84 -5.80
N GLN A 775 -53.09 26.75 -7.01
CA GLN A 775 -53.23 25.44 -7.63
C GLN A 775 -52.69 25.39 -9.04
N GLU A 776 -52.87 26.44 -9.83
CA GLU A 776 -52.28 26.49 -11.16
C GLU A 776 -50.96 27.23 -11.18
N LYS A 777 -50.70 28.04 -10.16
CA LYS A 777 -49.40 28.68 -10.01
C LYS A 777 -48.32 27.63 -9.75
N ILE A 778 -48.62 26.65 -8.89
CA ILE A 778 -47.75 25.50 -8.67
C ILE A 778 -47.59 24.70 -9.96
N ALA A 779 -48.66 24.57 -10.75
CA ALA A 779 -48.60 23.80 -11.99
C ALA A 779 -47.67 24.45 -13.01
N ALA A 780 -47.79 25.77 -13.19
CA ALA A 780 -46.92 26.47 -14.13
C ALA A 780 -45.47 26.50 -13.65
N SER A 781 -45.26 26.68 -12.34
CA SER A 781 -43.91 26.70 -11.80
C SER A 781 -43.24 25.34 -11.91
N PHE A 782 -43.97 24.26 -11.63
CA PHE A 782 -43.40 22.93 -11.70
C PHE A 782 -43.20 22.49 -13.14
N ASN A 783 -44.03 22.98 -14.06
CA ASN A 783 -43.83 22.68 -15.47
C ASN A 783 -42.59 23.38 -16.02
N LYS A 784 -42.37 24.64 -15.62
CA LYS A 784 -41.13 25.32 -15.98
C LYS A 784 -39.91 24.65 -15.34
N ALA A 785 -40.06 24.12 -14.13
CA ALA A 785 -38.96 23.44 -13.45
C ALA A 785 -38.59 22.14 -14.17
N ILE A 786 -39.57 21.35 -14.60
CA ILE A 786 -39.23 20.13 -15.33
C ILE A 786 -38.76 20.45 -16.74
N GLY A 787 -39.13 21.61 -17.30
CA GLY A 787 -38.54 22.02 -18.57
C GLY A 787 -37.06 22.34 -18.46
N ARG A 788 -36.68 23.09 -17.41
CA ARG A 788 -35.26 23.31 -17.14
C ARG A 788 -34.55 22.01 -16.79
N MET A 789 -35.27 21.06 -16.18
CA MET A 789 -34.70 19.76 -15.86
C MET A 789 -34.40 18.94 -17.10
N GLN A 790 -35.34 18.89 -18.05
CA GLN A 790 -35.10 18.12 -19.27
C GLN A 790 -34.12 18.83 -20.19
N GLU A 791 -33.93 20.14 -20.04
CA GLU A 791 -32.83 20.78 -20.74
C GLU A 791 -31.49 20.46 -20.09
N GLY A 792 -31.46 20.30 -18.77
CA GLY A 792 -30.19 20.37 -18.04
C GLY A 792 -29.29 19.16 -18.14
N PHE A 793 -29.82 17.98 -18.43
CA PHE A 793 -29.02 16.76 -18.32
C PHE A 793 -28.00 16.62 -19.45
N ARG A 794 -28.35 17.07 -20.65
CA ARG A 794 -27.51 16.71 -21.81
C ARG A 794 -26.24 17.52 -21.89
N SER A 795 -26.23 18.76 -21.41
CA SER A 795 -25.05 19.62 -21.58
C SER A 795 -24.37 19.95 -20.25
N THR A 796 -25.06 20.57 -19.31
CA THR A 796 -24.44 21.05 -18.07
C THR A 796 -25.25 20.53 -16.89
N SER A 797 -24.78 19.45 -16.28
CA SER A 797 -25.40 18.93 -15.06
C SER A 797 -24.29 18.58 -14.08
N LEU A 798 -24.67 18.02 -12.95
CA LEU A 798 -23.75 17.63 -11.90
C LEU A 798 -23.63 16.13 -11.72
N ALA A 799 -24.67 15.36 -12.03
CA ALA A 799 -24.63 13.92 -11.81
C ALA A 799 -23.79 13.21 -12.86
N LEU A 800 -23.79 13.71 -14.10
CA LEU A 800 -23.26 12.96 -15.24
C LEU A 800 -21.75 12.78 -15.15
N GLN A 801 -21.03 13.83 -14.77
CA GLN A 801 -19.58 13.67 -14.67
C GLN A 801 -19.19 12.83 -13.46
N GLN A 802 -20.01 12.83 -12.40
CA GLN A 802 -19.74 11.92 -11.29
C GLN A 802 -19.93 10.47 -11.70
N ILE A 803 -20.97 10.20 -12.50
CA ILE A 803 -21.18 8.88 -13.10
C ILE A 803 -19.96 8.48 -13.91
N GLN A 804 -19.44 9.43 -14.70
CA GLN A 804 -18.29 9.14 -15.57
C GLN A 804 -17.04 8.78 -14.76
N HIS A 805 -16.75 9.57 -13.72
CA HIS A 805 -15.54 9.32 -12.92
C HIS A 805 -15.64 8.03 -12.13
N VAL A 806 -16.83 7.72 -11.59
CA VAL A 806 -17.01 6.50 -10.80
C VAL A 806 -16.91 5.25 -11.68
N VAL A 807 -17.54 5.27 -12.86
CA VAL A 807 -17.46 4.13 -13.77
C VAL A 807 -16.04 3.92 -14.28
N ASN A 808 -15.32 5.01 -14.60
CA ASN A 808 -13.97 4.86 -15.09
C ASN A 808 -13.00 4.36 -14.00
N LYS A 809 -13.19 4.78 -12.75
CA LYS A 809 -12.33 4.25 -11.69
C LYS A 809 -12.63 2.78 -11.39
N GLN A 810 -13.92 2.41 -11.35
CA GLN A 810 -14.29 1.02 -11.13
C GLN A 810 -13.85 0.10 -12.25
N ASN A 811 -13.71 0.62 -13.46
CA ASN A 811 -13.15 -0.22 -14.52
C ASN A 811 -11.62 -0.25 -14.42
N ALA A 812 -11.00 0.88 -14.07
CA ALA A 812 -9.54 0.96 -14.08
C ALA A 812 -8.87 0.28 -12.90
N ILE A 813 -9.62 -0.12 -11.87
CA ILE A 813 -9.00 -0.93 -10.82
C ILE A 813 -8.64 -2.32 -11.33
N LEU A 814 -9.56 -2.99 -12.03
CA LEU A 814 -9.33 -4.38 -12.44
C LEU A 814 -8.59 -4.52 -13.75
N THR A 815 -8.61 -3.51 -14.62
CA THR A 815 -7.97 -3.69 -15.93
C THR A 815 -6.48 -3.39 -15.92
N GLU A 816 -5.89 -3.09 -14.77
CA GLU A 816 -4.45 -3.03 -14.66
C GLU A 816 -3.86 -4.28 -14.01
N THR A 817 -4.64 -5.01 -13.22
CA THR A 817 -4.19 -6.30 -12.69
C THR A 817 -4.52 -7.46 -13.61
N MET A 818 -4.98 -7.19 -14.82
CA MET A 818 -4.95 -8.15 -15.92
C MET A 818 -3.79 -7.90 -16.86
N ALA A 819 -3.50 -6.65 -17.17
CA ALA A 819 -2.34 -6.29 -17.98
C ALA A 819 -1.04 -6.28 -17.19
N SER A 820 -1.05 -6.74 -15.94
CA SER A 820 0.16 -6.95 -15.18
C SER A 820 0.73 -8.35 -15.35
N LEU A 821 0.27 -9.10 -16.37
CA LEU A 821 0.80 -10.43 -16.58
C LEU A 821 1.99 -10.42 -17.52
N ASN A 822 1.88 -9.71 -18.66
CA ASN A 822 3.00 -9.64 -19.60
C ASN A 822 4.14 -8.80 -19.06
N LYS A 823 3.89 -7.95 -18.07
CA LYS A 823 4.93 -7.15 -17.44
C LYS A 823 5.79 -8.09 -16.61
N ASN A 824 6.95 -8.45 -17.16
CA ASN A 824 7.87 -9.28 -16.42
C ASN A 824 8.53 -8.49 -15.30
N PHE A 825 8.90 -9.20 -14.24
CA PHE A 825 9.65 -8.61 -13.14
C PHE A 825 11.13 -8.82 -13.46
N GLY A 826 11.99 -8.67 -12.46
CA GLY A 826 13.39 -8.99 -12.67
C GLY A 826 13.52 -10.47 -13.01
N ALA A 827 13.71 -10.73 -14.29
CA ALA A 827 13.52 -12.05 -14.87
C ALA A 827 14.12 -12.02 -16.27
N ILE A 828 13.84 -13.06 -17.04
CA ILE A 828 14.29 -13.11 -18.43
C ILE A 828 13.13 -13.10 -19.42
N SER A 829 11.93 -13.44 -18.99
CA SER A 829 10.76 -13.45 -19.87
C SER A 829 9.51 -13.31 -19.00
N SER A 830 8.36 -13.32 -19.66
CA SER A 830 7.08 -13.14 -18.98
C SER A 830 6.34 -14.43 -18.75
N LEU A 831 6.18 -15.25 -19.79
CA LEU A 831 5.51 -16.54 -19.63
C LEU A 831 6.45 -17.53 -18.97
N ILE A 832 5.86 -18.52 -18.30
CA ILE A 832 6.62 -19.46 -17.47
C ILE A 832 6.77 -20.82 -18.14
N GLN A 833 6.07 -21.06 -19.25
CA GLN A 833 6.22 -22.32 -19.98
C GLN A 833 7.60 -22.45 -20.61
N GLU A 834 8.17 -21.34 -21.06
CA GLU A 834 9.46 -21.40 -21.74
C GLU A 834 10.53 -20.66 -20.94
N ILE A 835 10.53 -20.84 -19.63
CA ILE A 835 11.71 -20.57 -18.81
C ILE A 835 12.50 -21.84 -18.57
N TYR A 836 11.82 -22.95 -18.34
CA TYR A 836 12.49 -24.23 -18.10
C TYR A 836 13.07 -24.82 -19.37
N GLN A 837 12.65 -24.35 -20.54
CA GLN A 837 13.12 -24.90 -21.79
C GLN A 837 14.36 -24.20 -22.33
N GLN A 838 14.65 -23.00 -21.84
CA GLN A 838 15.78 -22.24 -22.37
C GLN A 838 17.06 -22.44 -21.55
N LEU A 839 16.94 -22.57 -20.24
CA LEU A 839 18.14 -22.61 -19.41
C LEU A 839 18.12 -23.73 -18.37
N ASP A 840 19.07 -23.69 -17.45
CA ASP A 840 19.35 -24.79 -16.53
C ASP A 840 18.20 -24.95 -15.53
N ALA A 841 18.18 -26.13 -14.88
CA ALA A 841 17.13 -26.45 -13.91
C ALA A 841 17.33 -25.67 -12.62
N ILE A 842 18.47 -25.88 -11.94
CA ILE A 842 18.67 -25.30 -10.61
C ILE A 842 19.05 -23.83 -10.65
N GLN A 843 19.11 -23.22 -11.83
CA GLN A 843 19.27 -21.79 -11.96
C GLN A 843 17.96 -21.10 -12.31
N ALA A 844 16.98 -21.83 -12.81
CA ALA A 844 15.67 -21.28 -13.14
C ALA A 844 14.82 -20.97 -11.93
N ASN A 845 15.10 -21.60 -10.78
CA ASN A 845 14.22 -21.47 -9.63
C ASN A 845 14.29 -20.08 -9.02
N ALA A 846 15.43 -19.39 -9.13
CA ALA A 846 15.50 -18.01 -8.67
C ALA A 846 14.63 -17.10 -9.54
N GLN A 847 14.65 -17.32 -10.86
CA GLN A 847 13.82 -16.56 -11.79
C GLN A 847 12.34 -16.78 -11.51
N VAL A 848 11.96 -18.04 -11.31
CA VAL A 848 10.56 -18.38 -11.05
C VAL A 848 10.10 -17.83 -9.70
N ASP A 849 10.98 -17.84 -8.70
CA ASP A 849 10.62 -17.26 -7.40
C ASP A 849 10.43 -15.75 -7.49
N ARG A 850 11.28 -15.06 -8.26
CA ARG A 850 11.10 -13.62 -8.44
C ARG A 850 9.79 -13.31 -9.14
N LEU A 851 9.44 -14.09 -10.16
CA LEU A 851 8.22 -13.82 -10.92
C LEU A 851 6.97 -14.10 -10.09
N ILE A 852 6.97 -15.18 -9.30
CA ILE A 852 5.81 -15.50 -8.49
C ILE A 852 5.64 -14.50 -7.34
N THR A 853 6.75 -14.05 -6.76
CA THR A 853 6.68 -13.03 -5.71
C THR A 853 6.13 -11.71 -6.26
N GLY A 854 6.52 -11.35 -7.49
CA GLY A 854 5.95 -10.16 -8.11
C GLY A 854 4.46 -10.26 -8.38
N ARG A 855 3.99 -11.41 -8.88
CA ARG A 855 2.57 -11.54 -9.15
C ARG A 855 1.73 -11.56 -7.87
N LEU A 856 2.25 -12.14 -6.79
CA LEU A 856 1.51 -12.07 -5.55
C LEU A 856 1.53 -10.66 -4.94
N SER A 857 2.58 -9.88 -5.23
CA SER A 857 2.55 -8.47 -4.85
C SER A 857 1.48 -7.71 -5.60
N SER A 858 1.26 -8.05 -6.88
CA SER A 858 0.20 -7.41 -7.65
C SER A 858 -1.19 -7.75 -7.09
N LEU A 859 -1.37 -9.01 -6.66
CA LEU A 859 -2.64 -9.35 -6.00
C LEU A 859 -2.82 -8.64 -4.67
N SER A 860 -1.71 -8.37 -3.95
CA SER A 860 -1.82 -7.59 -2.72
C SER A 860 -2.28 -6.16 -2.98
N VAL A 861 -1.77 -5.56 -4.06
CA VAL A 861 -2.23 -4.22 -4.46
C VAL A 861 -3.71 -4.23 -4.81
N LEU A 862 -4.17 -5.29 -5.50
CA LEU A 862 -5.59 -5.42 -5.83
C LEU A 862 -6.48 -5.51 -4.59
N ALA A 863 -6.08 -6.34 -3.61
CA ALA A 863 -6.90 -6.51 -2.42
C ALA A 863 -6.94 -5.24 -1.57
N SER A 864 -5.82 -4.51 -1.49
CA SER A 864 -5.82 -3.26 -0.73
C SER A 864 -6.68 -2.20 -1.39
N ALA A 865 -6.63 -2.09 -2.72
CA ALA A 865 -7.48 -1.13 -3.43
C ALA A 865 -8.95 -1.48 -3.28
N LYS A 866 -9.28 -2.78 -3.25
CA LYS A 866 -10.67 -3.19 -3.07
C LYS A 866 -11.17 -2.85 -1.67
N GLN A 867 -10.32 -2.98 -0.65
CA GLN A 867 -10.74 -2.63 0.70
C GLN A 867 -10.94 -1.12 0.86
N ALA A 868 -10.08 -0.32 0.24
CA ALA A 868 -10.26 1.14 0.29
C ALA A 868 -11.55 1.57 -0.41
N GLU A 869 -11.85 0.93 -1.54
CA GLU A 869 -13.09 1.25 -2.24
C GLU A 869 -14.32 0.78 -1.45
N HIS A 870 -14.18 -0.29 -0.66
CA HIS A 870 -15.29 -0.70 0.20
C HIS A 870 -15.54 0.31 1.32
N ILE A 871 -14.47 0.90 1.87
CA ILE A 871 -14.66 1.95 2.88
C ILE A 871 -15.38 3.17 2.27
N ARG A 872 -14.99 3.54 1.05
CA ARG A 872 -15.68 4.62 0.32
C ARG A 872 -17.16 4.33 0.12
N VAL A 873 -17.49 3.12 -0.31
CA VAL A 873 -18.88 2.85 -0.63
C VAL A 873 -19.72 2.64 0.63
N SER A 874 -19.10 2.19 1.74
CA SER A 874 -19.86 2.11 3.00
C SER A 874 -20.15 3.49 3.56
N GLN A 875 -19.23 4.43 3.38
CA GLN A 875 -19.48 5.83 3.74
C GLN A 875 -20.66 6.40 2.97
N GLN A 876 -20.62 6.28 1.63
CA GLN A 876 -21.72 6.83 0.85
C GLN A 876 -23.01 6.05 1.03
N ARG A 877 -22.96 4.78 1.44
CA ARG A 877 -24.18 4.03 1.68
C ARG A 877 -24.87 4.46 2.96
N GLU A 878 -24.10 4.78 4.01
CA GLU A 878 -24.79 5.26 5.21
C GLU A 878 -25.30 6.69 5.02
N LEU A 879 -24.60 7.50 4.22
CA LEU A 879 -25.19 8.78 3.83
C LEU A 879 -26.44 8.58 2.96
N ALA A 880 -26.45 7.51 2.16
CA ALA A 880 -27.59 7.21 1.30
C ALA A 880 -28.82 6.82 2.11
N THR A 881 -28.64 5.97 3.13
CA THR A 881 -29.81 5.60 3.93
C THR A 881 -30.28 6.77 4.78
N GLN A 882 -29.37 7.68 5.18
CA GLN A 882 -29.81 8.87 5.88
C GLN A 882 -30.63 9.80 4.97
N LYS A 883 -30.19 9.96 3.72
CA LYS A 883 -30.92 10.85 2.82
C LYS A 883 -32.21 10.24 2.30
N ILE A 884 -32.27 8.90 2.18
CA ILE A 884 -33.53 8.25 1.85
C ILE A 884 -34.51 8.38 3.01
N ASN A 885 -34.02 8.23 4.25
CA ASN A 885 -34.90 8.36 5.39
C ASN A 885 -35.35 9.79 5.65
N GLU A 886 -34.61 10.80 5.19
CA GLU A 886 -35.02 12.17 5.47
C GLU A 886 -35.57 12.92 4.26
N CYS A 887 -34.83 12.99 3.14
CA CYS A 887 -35.24 13.85 2.03
C CYS A 887 -36.40 13.30 1.22
N VAL A 888 -36.75 12.02 1.34
CA VAL A 888 -37.75 11.41 0.48
C VAL A 888 -39.12 11.36 1.14
N LYS A 889 -39.20 10.84 2.36
CA LYS A 889 -40.48 10.54 3.00
C LYS A 889 -40.79 11.46 4.16
N SER A 890 -40.00 12.49 4.40
CA SER A 890 -40.21 13.22 5.64
C SER A 890 -40.47 14.72 5.45
N GLN A 891 -39.70 15.37 4.57
CA GLN A 891 -39.69 16.84 4.38
C GLN A 891 -39.43 17.55 5.72
N SER A 892 -38.22 17.36 6.22
CA SER A 892 -37.87 18.06 7.44
C SER A 892 -37.43 19.49 7.12
N ILE A 893 -37.30 20.30 8.16
CA ILE A 893 -37.12 21.73 8.03
C ILE A 893 -35.64 22.12 8.11
N ARG A 894 -34.73 21.17 7.91
CA ARG A 894 -33.31 21.48 7.92
C ARG A 894 -32.97 22.29 6.68
N TYR A 895 -32.48 23.50 6.88
CA TYR A 895 -32.26 24.43 5.77
C TYR A 895 -31.10 23.98 4.92
N SER A 896 -31.38 23.70 3.65
CA SER A 896 -30.41 23.39 2.60
C SER A 896 -29.52 22.19 2.97
N PHE A 897 -30.14 21.17 3.58
CA PHE A 897 -29.49 19.88 3.66
C PHE A 897 -29.33 19.29 2.27
N CYS A 898 -30.44 19.11 1.56
CA CYS A 898 -30.43 18.54 0.22
C CYS A 898 -31.10 19.51 -0.76
N GLY A 899 -30.30 20.07 -1.66
CA GLY A 899 -30.80 20.93 -2.72
C GLY A 899 -30.92 22.40 -2.39
N ASN A 900 -29.80 23.04 -1.99
CA ASN A 900 -29.52 24.47 -1.88
C ASN A 900 -30.67 25.38 -1.46
N GLY A 901 -31.46 24.94 -0.50
CA GLY A 901 -32.60 25.70 -0.04
C GLY A 901 -33.49 24.79 0.78
N ARG A 902 -34.54 25.40 1.34
CA ARG A 902 -35.53 24.64 2.08
C ARG A 902 -36.30 23.74 1.11
N HIS A 903 -36.05 22.44 1.21
CA HIS A 903 -36.46 21.57 0.11
C HIS A 903 -37.91 21.15 0.25
N VAL A 904 -38.50 20.81 -0.88
CA VAL A 904 -39.90 20.44 -0.93
C VAL A 904 -40.02 18.94 -1.06
N LEU A 905 -39.59 18.39 -2.19
CA LEU A 905 -39.71 16.95 -2.38
C LEU A 905 -38.55 16.47 -3.23
N THR A 906 -38.26 15.18 -3.11
CA THR A 906 -37.23 14.53 -3.89
C THR A 906 -37.82 13.31 -4.58
N ILE A 907 -37.20 12.90 -5.69
CA ILE A 907 -37.56 11.69 -6.39
C ILE A 907 -36.28 10.93 -6.75
N PRO A 908 -36.09 9.71 -6.26
CA PRO A 908 -34.89 8.95 -6.63
C PRO A 908 -35.10 8.16 -7.91
N GLN A 909 -33.98 7.87 -8.58
CA GLN A 909 -33.99 7.08 -9.81
C GLN A 909 -32.77 6.17 -9.83
N ASN A 910 -32.80 5.20 -10.75
CA ASN A 910 -31.72 4.23 -10.85
C ASN A 910 -30.50 4.86 -11.54
N ALA A 911 -29.40 4.12 -11.51
CA ALA A 911 -28.11 4.62 -11.95
C ALA A 911 -27.21 3.41 -12.19
N PRO A 912 -26.04 3.61 -12.81
CA PRO A 912 -25.00 2.58 -12.69
C PRO A 912 -24.55 2.47 -11.25
N ASN A 913 -24.84 1.31 -10.65
CA ASN A 913 -24.62 0.86 -9.26
C ASN A 913 -24.71 1.97 -8.21
N GLY A 914 -25.77 2.76 -8.30
CA GLY A 914 -26.04 3.81 -7.35
C GLY A 914 -27.47 4.27 -7.52
N ILE A 915 -27.80 5.38 -6.86
CA ILE A 915 -29.08 6.03 -7.06
C ILE A 915 -28.82 7.50 -7.34
N VAL A 916 -29.69 8.09 -8.17
CA VAL A 916 -29.58 9.49 -8.56
C VAL A 916 -30.77 10.23 -8.01
N PHE A 917 -30.52 11.25 -7.20
CA PHE A 917 -31.56 12.09 -6.65
C PHE A 917 -31.89 13.23 -7.60
N ILE A 918 -33.12 13.71 -7.49
CA ILE A 918 -33.55 14.95 -8.12
C ILE A 918 -34.18 15.79 -7.02
N HIS A 919 -33.46 16.80 -6.55
CA HIS A 919 -33.96 17.65 -5.48
C HIS A 919 -34.75 18.80 -6.07
N PHE A 920 -35.75 19.25 -5.32
CA PHE A 920 -36.56 20.40 -5.71
C PHE A 920 -36.47 21.44 -4.60
N SER A 921 -35.78 22.54 -4.88
CA SER A 921 -35.56 23.58 -3.90
C SER A 921 -36.77 24.50 -3.77
N TYR A 922 -36.58 25.66 -3.15
CA TYR A 922 -37.64 26.65 -3.05
C TYR A 922 -36.97 28.02 -2.98
N THR A 923 -36.85 28.66 -4.14
CA THR A 923 -36.16 29.96 -4.25
C THR A 923 -37.01 30.91 -5.07
N PRO A 924 -37.80 31.77 -4.43
CA PRO A 924 -38.57 32.77 -5.15
C PRO A 924 -37.76 34.03 -5.41
N ASP A 925 -38.27 34.82 -6.34
CA ASP A 925 -37.61 36.09 -6.65
C ASP A 925 -38.54 37.29 -6.64
N SER A 926 -39.78 37.14 -7.12
CA SER A 926 -40.69 38.28 -7.21
C SER A 926 -41.23 38.63 -5.83
N PHE A 927 -41.03 39.88 -5.42
CA PHE A 927 -41.30 40.30 -4.06
C PHE A 927 -42.39 41.37 -4.05
N VAL A 928 -42.94 41.62 -2.87
CA VAL A 928 -43.91 42.70 -2.69
C VAL A 928 -43.36 43.71 -1.69
N ASN A 929 -43.92 44.91 -1.73
CA ASN A 929 -43.48 46.04 -0.92
C ASN A 929 -44.61 46.38 0.04
N VAL A 930 -44.55 45.85 1.25
CA VAL A 930 -45.62 46.01 2.24
C VAL A 930 -45.02 46.49 3.55
N THR A 931 -45.74 47.38 4.22
CA THR A 931 -45.28 47.99 5.46
C THR A 931 -45.44 47.03 6.63
N ALA A 932 -44.52 47.10 7.58
CA ALA A 932 -44.45 46.15 8.67
C ALA A 932 -44.27 46.87 10.00
N ILE A 933 -44.73 46.22 11.07
CA ILE A 933 -44.66 46.72 12.44
C ILE A 933 -44.27 45.57 13.34
N VAL A 934 -43.73 45.89 14.52
CA VAL A 934 -43.13 44.85 15.35
C VAL A 934 -43.99 44.46 16.56
N GLY A 935 -44.86 45.34 17.04
CA GLY A 935 -45.65 44.97 18.20
C GLY A 935 -46.74 45.99 18.48
N PHE A 936 -47.55 45.66 19.49
CA PHE A 936 -48.66 46.47 19.95
C PHE A 936 -48.57 46.66 21.46
N CYS A 937 -49.16 47.74 21.97
CA CYS A 937 -49.48 47.83 23.41
C CYS A 937 -50.79 48.60 23.56
N VAL A 938 -51.88 47.86 23.63
CA VAL A 938 -53.21 48.44 23.75
C VAL A 938 -53.47 48.82 25.20
N LYS A 939 -54.04 50.01 25.41
CA LYS A 939 -54.48 50.19 26.79
C LYS A 939 -56.00 50.01 26.88
N PRO A 940 -56.46 49.19 27.84
CA PRO A 940 -57.91 49.02 28.03
C PRO A 940 -58.55 50.12 28.84
N ALA A 941 -59.81 49.91 29.23
CA ALA A 941 -60.65 51.01 29.72
C ALA A 941 -60.30 51.42 31.15
N ASN A 942 -60.49 50.52 32.12
CA ASN A 942 -60.48 50.98 33.51
C ASN A 942 -59.06 51.10 34.08
N ALA A 943 -58.38 49.97 34.31
CA ALA A 943 -57.02 50.00 34.86
C ALA A 943 -56.32 48.67 34.54
N SER A 944 -55.52 48.67 33.47
CA SER A 944 -54.63 47.57 33.08
C SER A 944 -53.75 48.01 31.91
N GLN A 945 -52.74 47.22 31.60
CA GLN A 945 -51.80 47.55 30.52
C GLN A 945 -51.07 46.28 30.11
N TYR A 946 -51.01 46.02 28.81
CA TYR A 946 -50.27 44.86 28.31
C TYR A 946 -49.83 45.13 26.88
N ALA A 947 -49.04 44.20 26.35
CA ALA A 947 -48.46 44.28 25.02
C ALA A 947 -48.77 42.99 24.26
N ILE A 948 -48.54 43.03 22.95
CA ILE A 948 -48.73 41.85 22.08
C ILE A 948 -47.52 41.73 21.17
N VAL A 949 -46.84 40.60 21.25
CA VAL A 949 -45.65 40.28 20.47
C VAL A 949 -45.99 39.03 19.66
N PRO A 950 -45.66 38.97 18.36
CA PRO A 950 -46.04 37.79 17.58
C PRO A 950 -45.21 36.57 17.96
N ALA A 951 -45.89 35.44 18.08
CA ALA A 951 -45.28 34.23 18.64
C ALA A 951 -44.34 33.59 17.62
N ASN A 952 -43.65 32.55 18.08
CA ASN A 952 -42.74 31.82 17.22
C ASN A 952 -43.52 30.94 16.25
N GLY A 953 -42.96 30.77 15.05
CA GLY A 953 -43.56 29.91 14.05
C GLY A 953 -44.80 30.47 13.37
N ARG A 954 -45.18 31.71 13.67
CA ARG A 954 -46.34 32.32 13.04
C ARG A 954 -46.03 33.62 12.33
N GLY A 955 -44.77 34.05 12.32
CA GLY A 955 -44.33 35.13 11.48
C GLY A 955 -44.68 36.51 12.02
N ILE A 956 -43.94 37.50 11.53
CA ILE A 956 -44.12 38.90 11.92
C ILE A 956 -45.42 39.40 11.31
N PHE A 957 -46.01 40.44 11.90
CA PHE A 957 -47.29 40.93 11.40
C PHE A 957 -47.17 42.31 10.78
N ILE A 958 -48.06 42.55 9.81
CA ILE A 958 -48.02 43.72 8.95
C ILE A 958 -49.37 44.41 9.00
N GLN A 959 -49.49 45.51 8.25
CA GLN A 959 -50.75 46.20 8.09
C GLN A 959 -51.02 46.43 6.61
N VAL A 960 -52.31 46.44 6.26
CA VAL A 960 -52.77 46.79 4.92
C VAL A 960 -53.95 47.74 5.09
N ASN A 961 -53.82 48.95 4.52
CA ASN A 961 -54.83 50.02 4.35
C ASN A 961 -55.83 50.15 5.50
N GLY A 962 -55.31 50.15 6.72
CA GLY A 962 -56.13 50.40 7.89
C GLY A 962 -56.23 49.24 8.87
N SER A 963 -56.34 48.03 8.36
CA SER A 963 -56.50 46.85 9.21
C SER A 963 -55.13 46.34 9.64
N TYR A 964 -55.09 45.16 10.24
CA TYR A 964 -53.84 44.54 10.69
C TYR A 964 -53.91 43.05 10.44
N TYR A 965 -52.79 42.46 10.01
CA TYR A 965 -52.78 41.05 9.63
C TYR A 965 -51.42 40.44 9.96
N ILE A 966 -51.42 39.19 10.41
CA ILE A 966 -50.20 38.44 10.56
C ILE A 966 -49.93 37.72 9.25
N THR A 967 -48.70 37.29 9.05
CA THR A 967 -48.35 36.57 7.83
C THR A 967 -47.16 35.67 8.11
N ALA A 968 -46.98 34.68 7.24
CA ALA A 968 -45.84 33.79 7.38
C ALA A 968 -44.59 34.46 6.83
N ARG A 969 -43.45 33.87 7.15
CA ARG A 969 -42.17 34.46 6.78
C ARG A 969 -41.75 34.15 5.35
N ASP A 970 -42.52 33.37 4.60
CA ASP A 970 -42.13 32.97 3.26
C ASP A 970 -43.21 33.21 2.22
N MET A 971 -44.47 33.03 2.57
CA MET A 971 -45.57 33.20 1.62
C MET A 971 -46.40 34.42 2.02
N TYR A 972 -46.59 35.34 1.08
CA TYR A 972 -47.46 36.49 1.34
C TYR A 972 -48.90 36.04 1.40
N MET A 973 -49.40 35.82 2.62
CA MET A 973 -50.73 35.25 2.83
C MET A 973 -51.36 35.99 4.00
N PRO A 974 -52.09 37.07 3.72
CA PRO A 974 -52.69 37.84 4.81
C PRO A 974 -53.85 37.10 5.44
N ARG A 975 -54.00 37.31 6.75
CA ARG A 975 -54.95 36.57 7.56
C ARG A 975 -55.15 37.34 8.86
N ALA A 976 -56.36 37.23 9.39
CA ALA A 976 -56.70 37.96 10.61
C ALA A 976 -56.01 37.34 11.81
N ILE A 977 -55.61 38.19 12.73
CA ILE A 977 -54.87 37.74 13.91
C ILE A 977 -55.83 37.07 14.88
N THR A 978 -55.43 35.92 15.39
CA THR A 978 -56.24 35.12 16.28
C THR A 978 -55.70 35.21 17.70
N ALA A 979 -56.36 34.52 18.62
CA ALA A 979 -56.02 34.63 20.04
C ALA A 979 -54.81 33.79 20.42
N GLY A 980 -54.40 32.85 19.59
CA GLY A 980 -53.32 31.95 19.96
C GLY A 980 -51.98 32.29 19.37
N ASP A 981 -51.83 33.52 18.89
CA ASP A 981 -50.59 33.97 18.26
C ASP A 981 -50.09 35.23 18.94
N ILE A 982 -50.32 35.35 20.26
CA ILE A 982 -50.00 36.56 20.98
C ILE A 982 -49.08 36.23 22.15
N VAL A 983 -48.40 37.26 22.64
CA VAL A 983 -47.53 37.19 23.81
C VAL A 983 -47.84 38.40 24.67
N THR A 984 -48.35 38.17 25.88
CA THR A 984 -48.72 39.28 26.73
C THR A 984 -47.55 39.68 27.63
N LEU A 985 -47.15 40.94 27.55
CA LEU A 985 -46.02 41.46 28.31
C LEU A 985 -46.40 42.79 28.95
N THR A 986 -45.93 43.02 30.16
CA THR A 986 -46.26 44.23 30.91
C THR A 986 -45.20 45.32 30.71
N SER A 987 -44.97 45.64 29.43
CA SER A 987 -43.98 46.62 29.04
C SER A 987 -44.21 47.02 27.60
N CYS A 988 -44.15 48.33 27.32
CA CYS A 988 -43.94 48.78 25.95
C CYS A 988 -43.17 50.09 25.98
N GLN A 989 -42.26 50.25 25.03
CA GLN A 989 -41.22 51.28 25.08
C GLN A 989 -41.19 52.08 23.79
N ALA A 990 -42.37 52.52 23.33
CA ALA A 990 -42.57 53.48 22.24
C ALA A 990 -42.00 53.02 20.91
N ASN A 991 -41.81 51.72 20.73
CA ASN A 991 -41.42 51.11 19.47
C ASN A 991 -42.57 50.25 18.97
N TYR A 992 -43.77 50.79 19.08
CA TYR A 992 -44.99 50.01 18.91
C TYR A 992 -45.96 50.87 18.11
N VAL A 993 -47.23 50.49 18.12
CA VAL A 993 -48.29 51.25 17.46
C VAL A 993 -49.26 51.86 18.47
N SER A 994 -49.63 51.08 19.49
CA SER A 994 -50.48 51.47 20.61
C SER A 994 -51.87 51.92 20.13
N VAL A 995 -52.59 50.95 19.57
CA VAL A 995 -54.00 51.16 19.24
C VAL A 995 -54.81 51.24 20.53
N ASN A 996 -55.74 52.19 20.59
CA ASN A 996 -56.57 52.35 21.78
C ASN A 996 -57.59 51.24 21.96
N LYS A 997 -57.95 50.52 20.89
CA LYS A 997 -58.92 49.44 20.96
C LYS A 997 -58.21 48.10 20.80
N THR A 998 -58.89 47.05 21.22
CA THR A 998 -58.32 45.70 21.21
C THR A 998 -58.29 45.15 19.80
N VAL A 999 -57.21 44.46 19.46
CA VAL A 999 -57.01 43.90 18.13
C VAL A 999 -56.82 42.39 18.21
N ILE A 1000 -57.47 41.75 19.18
CA ILE A 1000 -57.33 40.31 19.31
C ILE A 1000 -58.22 39.58 18.30
N THR A 1001 -59.41 40.13 18.03
CA THR A 1001 -60.47 39.57 17.18
C THR A 1001 -60.84 38.15 17.64
N THR A 1002 -61.41 38.11 18.85
CA THR A 1002 -61.95 36.88 19.40
C THR A 1002 -63.37 36.68 18.86
N PHE A 1003 -64.08 35.70 19.41
CA PHE A 1003 -65.35 35.27 18.84
C PHE A 1003 -66.43 35.29 19.90
N VAL A 1004 -67.67 35.24 19.45
CA VAL A 1004 -68.83 35.29 20.34
C VAL A 1004 -69.16 33.89 20.87
N TYR B 3 32.19 24.63 14.85
CA TYR B 3 32.75 23.30 14.93
C TYR B 3 34.11 23.30 15.60
N ASP B 4 34.41 24.38 16.31
CA ASP B 4 35.71 24.53 16.95
C ASP B 4 35.50 24.66 18.45
N SER B 5 34.65 23.81 19.01
CA SER B 5 34.31 23.90 20.43
C SER B 5 35.39 23.25 21.28
N SER B 6 35.11 23.07 22.57
CA SER B 6 36.03 22.43 23.49
C SER B 6 35.72 20.96 23.72
N SER B 7 34.96 20.34 22.81
CA SER B 7 34.61 18.93 22.96
C SER B 7 34.78 18.12 21.69
N TYR B 8 35.08 18.73 20.54
CA TYR B 8 35.27 18.03 19.28
C TYR B 8 36.00 18.95 18.32
N VAL B 9 36.56 18.38 17.26
CA VAL B 9 37.20 19.14 16.21
C VAL B 9 36.56 18.70 14.89
N TYR B 10 36.11 19.63 14.06
CA TYR B 10 35.50 19.21 12.78
C TYR B 10 36.53 18.78 11.74
N TYR B 11 36.09 18.16 10.65
CA TYR B 11 37.11 17.61 9.79
C TYR B 11 36.41 17.27 8.47
N TYR B 12 36.48 18.16 7.48
CA TYR B 12 35.59 18.06 6.32
C TYR B 12 35.96 16.88 5.45
N GLN B 13 34.95 16.09 5.10
CA GLN B 13 35.15 14.85 4.36
C GLN B 13 35.27 15.19 2.88
N SER B 14 36.50 15.57 2.50
CA SER B 14 37.01 15.55 1.13
C SER B 14 36.24 16.41 0.14
N ALA B 15 36.13 17.71 0.43
CA ALA B 15 35.98 18.77 -0.57
C ALA B 15 34.67 18.80 -1.35
N PHE B 16 33.79 17.81 -1.21
CA PHE B 16 32.44 17.94 -1.71
C PHE B 16 31.48 18.03 -0.54
N ARG B 17 30.28 18.54 -0.81
CA ARG B 17 29.32 18.74 0.25
C ARG B 17 27.99 18.13 -0.16
N PRO B 18 27.44 17.22 0.62
CA PRO B 18 26.06 16.77 0.40
C PRO B 18 25.07 17.83 0.85
N PRO B 19 23.80 17.80 0.39
CA PRO B 19 22.92 18.98 0.56
C PRO B 19 22.41 19.17 1.97
N ASN B 20 21.44 20.10 2.11
CA ASN B 20 20.95 20.56 3.40
C ASN B 20 20.29 19.42 4.16
N GLY B 21 20.95 18.95 5.21
CA GLY B 21 20.41 17.86 6.00
C GLY B 21 21.52 17.15 6.75
N TRP B 22 21.09 16.25 7.62
CA TRP B 22 22.02 15.48 8.44
C TRP B 22 22.68 14.40 7.61
N HIS B 23 23.95 14.13 7.91
CA HIS B 23 24.71 13.13 7.19
C HIS B 23 25.80 12.61 8.09
N LEU B 24 26.14 11.32 7.93
CA LEU B 24 27.00 10.62 8.86
C LEU B 24 28.39 10.40 8.25
N HIS B 25 29.40 10.37 9.12
CA HIS B 25 30.77 10.06 8.72
C HIS B 25 31.44 9.27 9.83
N GLY B 26 32.69 8.90 9.62
CA GLY B 26 33.50 8.28 10.65
C GLY B 26 34.94 8.74 10.61
N GLY B 27 35.44 9.30 11.70
CA GLY B 27 36.79 9.82 11.72
C GLY B 27 37.18 10.30 13.11
N ALA B 28 38.42 10.77 13.21
CA ALA B 28 38.99 11.21 14.48
C ALA B 28 38.36 12.53 14.88
N TYR B 29 37.35 12.48 15.74
CA TYR B 29 36.57 13.67 16.09
C TYR B 29 36.52 13.98 17.58
N ALA B 30 37.01 13.10 18.46
CA ALA B 30 36.80 13.25 19.90
C ALA B 30 37.78 14.26 20.49
N VAL B 31 37.87 14.32 21.82
CA VAL B 31 38.91 15.06 22.53
C VAL B 31 39.40 14.23 23.71
N VAL B 32 40.70 14.31 23.98
CA VAL B 32 41.33 13.88 25.23
C VAL B 32 42.51 14.81 25.51
N ASN B 33 42.65 15.23 26.77
CA ASN B 33 43.75 16.07 27.28
C ASN B 33 43.87 17.40 26.53
N ILE B 34 42.85 18.24 26.69
CA ILE B 34 42.93 19.60 26.18
C ILE B 34 43.97 20.40 26.96
N SER B 35 44.81 21.13 26.26
CA SER B 35 45.90 21.88 26.87
C SER B 35 46.08 23.20 26.12
N SER B 36 46.37 24.27 26.86
CA SER B 36 46.47 25.59 26.29
C SER B 36 47.92 26.07 26.24
N GLU B 37 48.15 27.10 25.41
CA GLU B 37 49.46 27.71 25.22
C GLU B 37 49.24 29.07 24.56
N SER B 38 50.10 30.03 24.90
CA SER B 38 49.93 31.37 24.36
C SER B 38 51.26 32.09 24.24
N ASN B 39 51.37 32.92 23.19
CA ASN B 39 52.43 33.92 23.00
C ASN B 39 53.82 33.28 22.94
N ASN B 40 54.02 32.45 21.92
CA ASN B 40 55.31 31.81 21.69
C ASN B 40 56.15 32.70 20.78
N ALA B 41 56.67 33.76 21.37
CA ALA B 41 57.52 34.71 20.68
C ALA B 41 58.66 35.13 21.60
N GLY B 42 59.74 35.61 20.99
CA GLY B 42 60.87 36.12 21.74
C GLY B 42 60.80 37.63 21.88
N SER B 43 61.98 38.24 21.94
CA SER B 43 62.09 39.70 22.07
C SER B 43 61.82 40.43 20.76
N SER B 44 61.73 39.72 19.63
CA SER B 44 61.49 40.34 18.35
C SER B 44 60.05 40.86 18.26
N PRO B 45 59.82 41.92 17.48
CA PRO B 45 58.45 42.43 17.32
C PRO B 45 57.56 41.55 16.45
N GLY B 46 58.12 40.56 15.77
CA GLY B 46 57.32 39.64 14.97
C GLY B 46 58.11 38.39 14.68
N CYS B 47 57.37 37.29 14.54
CA CYS B 47 57.99 36.01 14.24
C CYS B 47 58.52 36.02 12.80
N ILE B 48 59.78 35.66 12.64
CA ILE B 48 60.39 35.65 11.31
C ILE B 48 59.93 34.40 10.56
N VAL B 49 59.71 34.57 9.26
CA VAL B 49 59.12 33.49 8.47
C VAL B 49 60.18 32.46 8.11
N GLY B 50 59.75 31.22 7.94
CA GLY B 50 60.62 30.16 7.47
C GLY B 50 61.33 29.36 8.54
N THR B 51 61.25 29.76 9.80
CA THR B 51 61.96 29.05 10.87
C THR B 51 61.08 27.92 11.40
N ILE B 52 61.65 26.72 11.48
CA ILE B 52 60.87 25.52 11.75
C ILE B 52 60.90 25.14 13.23
N HIS B 53 61.67 25.84 14.05
CA HIS B 53 61.87 25.45 15.44
C HIS B 53 60.61 25.72 16.28
N GLY B 54 60.65 25.23 17.53
CA GLY B 54 59.56 25.43 18.46
C GLY B 54 58.62 24.25 18.63
N GLY B 55 59.17 23.05 18.75
CA GLY B 55 58.37 21.84 18.82
C GLY B 55 57.87 21.53 20.22
N ARG B 56 57.14 20.41 20.31
CA ARG B 56 56.60 19.91 21.57
C ARG B 56 56.31 18.42 21.41
N VAL B 57 57.01 17.59 22.18
CA VAL B 57 57.04 16.15 21.93
C VAL B 57 55.72 15.53 22.38
N VAL B 58 54.94 15.02 21.42
CA VAL B 58 53.70 14.30 21.68
C VAL B 58 53.71 13.05 20.80
N ASN B 59 53.79 11.88 21.41
CA ASN B 59 53.64 10.62 20.69
C ASN B 59 52.21 10.15 20.87
N ALA B 60 51.32 10.58 19.98
CA ALA B 60 49.93 10.20 20.05
C ALA B 60 49.46 9.80 18.65
N SER B 61 48.20 9.39 18.55
CA SER B 61 47.63 8.93 17.29
C SER B 61 46.92 10.02 16.53
N SER B 62 47.11 11.29 16.92
CA SER B 62 46.54 12.48 16.29
C SER B 62 47.11 13.68 17.01
N ILE B 63 46.86 14.86 16.46
CA ILE B 63 47.07 16.12 17.16
C ILE B 63 46.21 17.16 16.45
N ALA B 64 45.92 18.26 17.13
CA ALA B 64 45.14 19.32 16.51
C ALA B 64 45.50 20.65 17.17
N MET B 65 45.84 21.63 16.35
CA MET B 65 46.13 22.98 16.81
C MET B 65 44.98 23.87 16.38
N THR B 66 44.19 24.34 17.35
CA THR B 66 43.03 25.15 17.05
C THR B 66 43.19 26.56 17.62
N ALA B 67 42.62 27.51 16.92
CA ALA B 67 42.64 28.93 17.24
C ALA B 67 41.27 29.35 17.78
N PRO B 68 41.16 30.55 18.34
CA PRO B 68 39.82 31.11 18.60
C PRO B 68 39.08 31.42 17.30
N SER B 69 37.81 31.78 17.45
CA SER B 69 36.83 31.72 16.36
C SER B 69 37.12 32.80 15.32
N SER B 70 37.95 32.42 14.33
CA SER B 70 38.25 33.19 13.12
C SER B 70 38.92 34.52 13.46
N GLY B 71 40.02 34.44 14.18
CA GLY B 71 40.70 35.65 14.60
C GLY B 71 42.10 35.86 14.06
N MET B 72 42.84 34.78 13.85
CA MET B 72 44.25 34.89 13.52
C MET B 72 44.41 35.13 12.02
N ALA B 73 44.73 36.37 11.66
CA ALA B 73 44.96 36.70 10.26
C ALA B 73 46.36 36.26 9.83
N TRP B 74 46.61 36.36 8.53
CA TRP B 74 47.83 35.84 7.94
C TRP B 74 48.94 36.87 7.84
N SER B 75 48.74 38.06 8.40
CA SER B 75 49.67 39.16 8.18
C SER B 75 50.88 39.06 9.12
N SER B 76 51.64 40.14 9.20
CA SER B 76 52.79 40.21 10.09
C SER B 76 52.32 40.28 11.55
N SER B 77 53.19 39.79 12.43
CA SER B 77 53.02 39.80 13.90
C SER B 77 51.77 39.05 14.36
N GLN B 78 51.24 38.15 13.54
CA GLN B 78 50.02 37.46 13.91
C GLN B 78 50.12 35.95 13.76
N PHE B 79 50.82 35.46 12.73
CA PHE B 79 50.84 34.03 12.49
C PHE B 79 52.07 33.65 11.68
N CYS B 80 52.60 32.47 11.99
CA CYS B 80 53.79 31.92 11.37
C CYS B 80 53.56 30.41 11.19
N THR B 81 54.67 29.67 11.10
CA THR B 81 54.76 28.41 10.35
C THR B 81 53.71 27.36 10.75
N ALA B 82 53.67 26.99 12.03
CA ALA B 82 52.70 26.04 12.61
C ALA B 82 52.77 24.66 11.94
N HIS B 83 53.89 23.98 12.19
CA HIS B 83 54.20 22.71 11.56
C HIS B 83 53.98 21.53 12.49
N CYS B 84 53.65 20.39 11.90
CA CYS B 84 53.87 19.10 12.53
C CYS B 84 55.25 18.56 12.15
N ASN B 85 55.51 17.32 12.54
CA ASN B 85 56.52 16.49 11.91
C ASN B 85 56.16 15.03 12.14
N PHE B 86 56.47 14.19 11.17
CA PHE B 86 56.33 12.75 11.31
C PHE B 86 57.69 12.20 11.76
N SER B 87 57.90 10.88 11.65
CA SER B 87 59.16 10.29 12.07
C SER B 87 60.34 10.80 11.24
N ASP B 88 60.13 11.03 9.95
CA ASP B 88 61.14 11.63 9.10
C ASP B 88 60.66 12.85 8.32
N THR B 89 59.42 12.86 7.84
CA THR B 89 58.93 13.90 6.97
C THR B 89 58.15 14.94 7.77
N THR B 90 58.19 16.18 7.32
CA THR B 90 57.49 17.28 7.98
C THR B 90 56.44 17.84 7.05
N VAL B 91 55.54 18.65 7.62
CA VAL B 91 54.59 19.45 6.86
C VAL B 91 54.57 20.83 7.50
N PHE B 92 54.89 21.87 6.74
CA PHE B 92 54.82 23.20 7.30
C PHE B 92 54.14 24.16 6.35
N VAL B 93 53.19 24.91 6.90
CA VAL B 93 52.62 26.06 6.21
C VAL B 93 53.55 27.25 6.40
N THR B 94 53.60 28.14 5.40
CA THR B 94 54.34 29.40 5.59
C THR B 94 53.77 30.46 4.67
N HIS B 95 53.22 31.53 5.24
CA HIS B 95 52.90 32.72 4.46
C HIS B 95 54.18 33.56 4.37
N CYS B 96 55.02 33.18 3.41
CA CYS B 96 56.34 33.80 3.30
C CYS B 96 56.24 35.05 2.43
N TYR B 97 55.68 36.10 3.03
CA TYR B 97 55.73 37.41 2.42
C TYR B 97 57.16 37.95 2.48
N LYS B 98 57.48 38.85 1.57
CA LYS B 98 58.88 39.19 1.33
C LYS B 98 59.46 40.07 2.43
N TYR B 99 60.61 39.66 2.97
CA TYR B 99 61.58 40.59 3.56
C TYR B 99 62.88 40.56 2.79
N ASP B 100 63.60 39.43 2.80
CA ASP B 100 64.67 39.13 1.87
C ASP B 100 64.67 37.64 1.56
N GLY B 101 63.98 36.86 2.39
CA GLY B 101 64.28 35.45 2.55
C GLY B 101 63.89 34.51 1.42
N CYS B 102 62.61 34.35 1.20
CA CYS B 102 62.24 33.33 0.22
C CYS B 102 61.94 33.97 -1.13
N PRO B 103 62.19 33.27 -2.23
CA PRO B 103 61.80 33.79 -3.56
C PRO B 103 60.31 33.73 -3.84
N ILE B 104 59.59 34.72 -3.29
CA ILE B 104 58.18 34.95 -3.60
C ILE B 104 57.95 36.37 -4.08
N THR B 105 58.53 37.36 -3.40
CA THR B 105 58.52 38.80 -3.73
C THR B 105 57.08 39.34 -3.78
N GLY B 106 56.47 39.37 -2.60
CA GLY B 106 55.19 40.01 -2.41
C GLY B 106 54.96 40.46 -0.99
N MET B 107 54.57 41.72 -0.78
CA MET B 107 54.29 42.27 0.55
C MET B 107 52.93 42.96 0.49
N LEU B 108 51.86 42.17 0.67
CA LEU B 108 50.46 42.59 0.55
C LEU B 108 49.61 41.39 0.97
N GLN B 109 48.29 41.52 0.93
CA GLN B 109 47.41 40.36 0.83
C GLN B 109 47.30 39.96 -0.64
N LYS B 110 46.34 39.08 -0.95
CA LYS B 110 46.04 38.53 -2.29
C LYS B 110 47.24 37.71 -2.79
N ASN B 111 48.08 37.25 -1.87
CA ASN B 111 49.21 36.39 -2.20
C ASN B 111 48.86 34.95 -1.84
N PHE B 112 49.84 34.07 -1.99
CA PHE B 112 49.61 32.65 -1.80
C PHE B 112 50.27 32.14 -0.52
N LEU B 113 50.24 30.83 -0.33
CA LEU B 113 50.80 30.14 0.82
C LEU B 113 51.79 29.07 0.33
N ARG B 114 52.39 28.36 1.28
CA ARG B 114 53.30 27.24 0.97
C ARG B 114 52.99 26.09 1.91
N VAL B 115 52.13 25.17 1.47
CA VAL B 115 52.08 23.87 2.11
C VAL B 115 53.09 22.96 1.45
N SER B 116 54.15 22.62 2.17
CA SER B 116 55.21 21.86 1.52
C SER B 116 55.77 20.84 2.48
N ALA B 117 55.92 19.61 2.00
CA ALA B 117 56.55 18.54 2.76
C ALA B 117 58.05 18.70 2.64
N MET B 118 58.78 18.08 3.58
CA MET B 118 60.23 18.20 3.61
C MET B 118 60.83 16.97 4.27
N LYS B 119 61.71 16.29 3.55
CA LYS B 119 62.47 15.19 4.10
C LYS B 119 63.77 15.74 4.71
N ASN B 120 64.73 14.85 4.97
CA ASN B 120 65.90 15.20 5.78
C ASN B 120 66.78 16.26 5.12
N GLY B 121 66.89 16.24 3.81
CA GLY B 121 67.77 17.18 3.15
C GLY B 121 67.12 18.06 2.09
N GLN B 122 66.03 17.60 1.48
CA GLN B 122 65.48 18.26 0.32
C GLN B 122 64.00 18.57 0.52
N LEU B 123 63.44 19.26 -0.47
CA LEU B 123 62.06 19.71 -0.48
C LEU B 123 61.35 19.15 -1.71
N PHE B 124 60.07 18.82 -1.55
CA PHE B 124 59.23 18.49 -2.68
C PHE B 124 57.79 18.82 -2.33
N TYR B 125 56.93 18.75 -3.35
CA TYR B 125 55.50 19.07 -3.28
C TYR B 125 55.27 20.50 -2.78
N ASN B 126 55.69 21.43 -3.63
CA ASN B 126 55.28 22.83 -3.52
C ASN B 126 53.92 22.96 -4.18
N LEU B 127 52.87 23.22 -3.40
CA LEU B 127 51.65 23.77 -3.97
C LEU B 127 51.36 25.09 -3.28
N THR B 128 50.80 26.03 -4.03
CA THR B 128 50.66 27.41 -3.61
C THR B 128 49.19 27.81 -3.63
N VAL B 129 48.45 27.46 -2.59
CA VAL B 129 47.06 27.86 -2.49
C VAL B 129 46.99 29.34 -2.15
N SER B 130 45.97 30.01 -2.68
CA SER B 130 45.84 31.45 -2.47
C SER B 130 45.37 31.75 -1.06
N VAL B 131 45.48 33.03 -0.67
CA VAL B 131 44.84 33.47 0.56
C VAL B 131 43.34 33.56 0.36
N ALA B 132 42.87 33.68 -0.89
CA ALA B 132 41.49 33.38 -1.20
C ALA B 132 41.25 31.89 -0.99
N LYS B 133 40.02 31.57 -0.57
CA LYS B 133 39.45 30.28 -0.21
C LYS B 133 39.98 29.76 1.13
N TYR B 134 41.02 30.40 1.68
CA TYR B 134 41.52 30.15 3.03
C TYR B 134 41.63 31.48 3.73
N PRO B 135 40.52 32.02 4.23
CA PRO B 135 40.55 33.42 4.71
C PRO B 135 41.30 33.61 6.01
N THR B 136 41.10 32.71 6.98
CA THR B 136 41.61 32.90 8.33
C THR B 136 41.99 31.55 8.89
N PHE B 137 43.16 31.48 9.53
CA PHE B 137 43.63 30.25 10.14
C PHE B 137 42.73 29.86 11.30
N LYS B 138 41.99 28.76 11.14
CA LYS B 138 41.08 28.27 12.16
C LYS B 138 41.65 27.06 12.90
N SER B 139 42.07 26.03 12.17
CA SER B 139 42.55 24.81 12.80
C SER B 139 43.62 24.19 11.92
N PHE B 140 44.26 23.15 12.46
CA PHE B 140 45.35 22.46 11.76
C PHE B 140 45.55 21.11 12.41
N GLN B 141 45.28 20.02 11.68
CA GLN B 141 45.38 18.68 12.24
C GLN B 141 46.54 17.92 11.62
N CYS B 142 46.85 16.77 12.24
CA CYS B 142 47.75 15.76 11.69
C CYS B 142 47.24 14.40 12.14
N VAL B 143 46.75 13.60 11.18
CA VAL B 143 46.02 12.38 11.47
C VAL B 143 46.92 11.18 11.17
N ASN B 144 46.83 10.14 12.01
CA ASN B 144 47.64 8.94 11.91
C ASN B 144 47.40 8.16 10.63
N ASN B 145 46.21 7.60 10.45
CA ASN B 145 46.01 6.62 9.39
C ASN B 145 45.92 7.31 8.02
N LEU B 146 46.72 6.86 7.07
CA LEU B 146 46.76 7.51 5.76
C LEU B 146 47.71 8.72 5.79
N THR B 147 48.32 8.94 6.95
CA THR B 147 49.33 9.97 7.23
C THR B 147 49.04 11.41 6.76
N SER B 148 47.77 11.75 6.63
CA SER B 148 47.35 12.98 6.00
C SER B 148 47.27 14.15 6.98
N VAL B 149 47.53 15.34 6.44
CA VAL B 149 47.60 16.58 7.20
C VAL B 149 46.53 17.53 6.68
N TYR B 150 45.94 18.32 7.56
CA TYR B 150 44.71 19.06 7.30
C TYR B 150 44.82 20.50 7.77
N LEU B 151 45.27 21.40 6.90
CA LEU B 151 45.11 22.81 7.24
C LEU B 151 43.55 22.87 7.24
N ASN B 152 42.96 23.67 8.14
CA ASN B 152 41.50 23.67 8.44
C ASN B 152 40.48 23.19 7.39
N GLY B 153 39.84 22.05 7.68
CA GLY B 153 38.92 21.46 6.75
C GLY B 153 39.51 20.38 5.86
N ASP B 154 39.87 20.73 4.63
CA ASP B 154 40.15 19.74 3.60
C ASP B 154 41.60 19.27 3.61
N LEU B 155 41.91 18.42 2.64
CA LEU B 155 43.24 17.87 2.48
C LEU B 155 44.21 18.93 1.99
N VAL B 156 45.49 18.77 2.36
CA VAL B 156 46.57 19.43 1.64
C VAL B 156 47.67 18.47 1.22
N TYR B 157 47.86 17.34 1.89
CA TYR B 157 48.99 16.45 1.61
C TYR B 157 48.72 15.07 2.15
N THR B 158 48.89 14.06 1.31
CA THR B 158 48.91 12.66 1.72
C THR B 158 50.19 12.04 1.21
N SER B 159 50.53 10.88 1.77
CA SER B 159 51.60 10.06 1.21
C SER B 159 51.28 8.61 1.52
N ASN B 160 52.30 7.76 1.47
CA ASN B 160 52.09 6.32 1.47
C ASN B 160 51.95 5.75 2.87
N GLU B 161 52.75 6.24 3.82
CA GLU B 161 53.03 5.54 5.05
C GLU B 161 51.85 5.61 6.03
N THR B 162 52.02 4.92 7.16
CA THR B 162 51.09 4.96 8.30
C THR B 162 51.96 5.25 9.53
N THR B 163 52.18 6.53 9.81
CA THR B 163 53.15 6.94 10.81
C THR B 163 52.49 7.88 11.80
N ASP B 164 52.70 7.64 13.09
CA ASP B 164 52.11 8.46 14.13
C ASP B 164 52.87 9.77 14.32
N VAL B 165 52.16 10.75 14.86
CA VAL B 165 52.71 12.09 15.10
C VAL B 165 53.76 12.00 16.21
N THR B 166 54.89 12.67 16.03
CA THR B 166 55.90 12.72 17.07
C THR B 166 56.07 14.08 17.73
N SER B 167 55.77 15.18 17.04
CA SER B 167 55.86 16.51 17.64
C SER B 167 55.03 17.48 16.80
N ALA B 168 54.83 18.67 17.36
CA ALA B 168 54.15 19.76 16.67
C ALA B 168 54.58 21.06 17.32
N GLY B 169 54.22 22.17 16.69
CA GLY B 169 54.58 23.48 17.24
C GLY B 169 54.20 24.65 16.36
N VAL B 170 53.85 25.78 16.98
CA VAL B 170 53.34 26.94 16.27
C VAL B 170 54.14 28.16 16.71
N TYR B 171 54.65 28.93 15.75
CA TYR B 171 55.10 30.27 16.04
C TYR B 171 54.01 31.30 15.72
N PHE B 172 53.93 32.33 16.57
CA PHE B 172 53.12 33.52 16.38
C PHE B 172 53.55 34.56 17.41
N LYS B 173 53.39 35.83 17.08
CA LYS B 173 53.77 36.92 17.97
C LYS B 173 52.70 37.17 19.02
N ALA B 174 51.46 37.43 18.60
CA ALA B 174 50.37 37.68 19.52
C ALA B 174 49.10 37.12 18.91
N GLY B 175 47.99 37.33 19.62
CA GLY B 175 46.70 36.86 19.16
C GLY B 175 46.05 36.03 20.21
N GLY B 176 45.09 35.20 19.79
CA GLY B 176 44.39 34.33 20.70
C GLY B 176 45.28 33.23 21.24
N PRO B 177 45.04 32.81 22.47
CA PRO B 177 45.78 31.67 23.04
C PRO B 177 45.40 30.37 22.33
N ILE B 178 46.40 29.74 21.73
CA ILE B 178 46.18 28.59 20.86
C ILE B 178 45.95 27.37 21.75
N THR B 179 45.42 26.28 21.17
CA THR B 179 45.00 25.14 21.97
C THR B 179 45.53 23.86 21.34
N TYR B 180 46.21 23.04 22.14
CA TYR B 180 46.68 21.74 21.67
C TYR B 180 45.77 20.67 22.23
N LYS B 181 45.44 19.68 21.40
CA LYS B 181 44.59 18.60 21.86
C LYS B 181 44.82 17.36 20.99
N VAL B 182 44.85 16.20 21.64
CA VAL B 182 44.94 14.93 20.93
C VAL B 182 43.58 14.27 21.01
N MET B 183 43.38 13.22 20.20
CA MET B 183 42.04 12.66 20.11
C MET B 183 42.07 11.22 19.66
N ARG B 184 40.92 10.57 19.80
CA ARG B 184 40.65 9.23 19.33
C ARG B 184 39.65 9.29 18.18
N GLU B 185 39.20 8.13 17.72
CA GLU B 185 38.36 8.02 16.54
C GLU B 185 37.00 7.45 16.94
N VAL B 186 35.94 8.20 16.68
CA VAL B 186 34.57 7.78 16.96
C VAL B 186 33.75 8.00 15.70
N LYS B 187 32.45 7.72 15.80
CA LYS B 187 31.50 8.05 14.75
C LYS B 187 30.70 9.28 15.17
N ALA B 188 30.43 10.15 14.20
CA ALA B 188 29.62 11.32 14.46
C ALA B 188 28.91 11.73 13.17
N LEU B 189 27.95 12.63 13.31
CA LEU B 189 27.18 13.11 12.18
C LEU B 189 26.95 14.60 12.35
N ALA B 190 26.89 15.31 11.23
CA ALA B 190 26.96 16.76 11.25
C ALA B 190 25.81 17.33 10.45
N TYR B 191 25.01 18.19 11.07
CA TYR B 191 24.04 18.98 10.35
C TYR B 191 24.77 20.12 9.66
N PHE B 192 24.61 20.25 8.34
CA PHE B 192 25.16 21.41 7.67
C PHE B 192 24.32 21.88 6.51
N VAL B 193 24.02 23.18 6.53
CA VAL B 193 23.29 23.88 5.48
C VAL B 193 24.31 24.64 4.64
N ASN B 194 24.00 24.75 3.34
CA ASN B 194 24.81 25.44 2.32
C ASN B 194 26.20 24.83 2.16
N GLY B 195 26.44 23.63 2.67
CA GLY B 195 27.74 23.03 2.54
C GLY B 195 28.81 23.56 3.48
N THR B 196 28.44 23.90 4.72
CA THR B 196 29.43 24.25 5.73
C THR B 196 28.89 23.92 7.11
N ALA B 197 29.74 23.33 7.95
CA ALA B 197 29.29 22.67 9.17
C ALA B 197 28.88 23.66 10.25
N GLN B 198 27.73 23.41 10.88
CA GLN B 198 27.33 24.18 12.06
C GLN B 198 27.70 23.46 13.35
N ASP B 199 27.19 22.25 13.55
CA ASP B 199 27.48 21.50 14.76
C ASP B 199 27.41 20.01 14.46
N VAL B 200 28.00 19.21 15.35
CA VAL B 200 27.99 17.77 15.21
C VAL B 200 27.38 17.15 16.45
N ILE B 201 27.01 15.88 16.33
CA ILE B 201 26.53 15.08 17.45
C ILE B 201 27.43 13.86 17.56
N LEU B 202 28.04 13.67 18.72
CA LEU B 202 28.94 12.54 18.90
C LEU B 202 28.17 11.32 19.40
N CYS B 203 28.74 10.15 19.11
CA CYS B 203 28.23 8.88 19.63
C CYS B 203 28.97 8.48 20.89
N ASP B 204 28.90 9.33 21.93
CA ASP B 204 29.69 9.16 23.14
C ASP B 204 28.88 8.55 24.28
N GLY B 205 27.79 7.84 23.98
CA GLY B 205 26.99 7.23 25.01
C GLY B 205 26.15 8.19 25.82
N SER B 206 26.07 9.46 25.42
CA SER B 206 25.19 10.40 26.10
C SER B 206 23.74 10.12 25.72
N PRO B 207 22.78 10.45 26.58
CA PRO B 207 21.36 10.27 26.22
C PRO B 207 20.92 11.11 25.04
N ARG B 208 21.52 12.28 24.82
CA ARG B 208 21.19 13.05 23.62
C ARG B 208 21.84 12.46 22.38
N GLY B 209 22.98 11.80 22.54
CA GLY B 209 23.71 11.27 21.40
C GLY B 209 23.11 10.04 20.76
N LEU B 210 22.54 9.14 21.57
CA LEU B 210 22.11 7.83 21.06
C LEU B 210 20.95 7.95 20.08
N LEU B 211 20.08 8.94 20.28
CA LEU B 211 18.96 9.18 19.36
C LEU B 211 19.47 9.54 17.97
N ALA B 212 20.41 10.49 17.90
CA ALA B 212 20.97 10.88 16.62
C ALA B 212 21.80 9.75 16.02
N CYS B 213 22.53 9.01 16.83
CA CYS B 213 23.40 7.97 16.29
C CYS B 213 22.63 6.74 15.82
N GLN B 214 21.40 6.52 16.31
CA GLN B 214 20.63 5.38 15.86
C GLN B 214 19.57 5.71 14.83
N TYR B 215 18.92 6.88 14.92
CA TYR B 215 17.87 7.21 13.97
C TYR B 215 18.31 8.19 12.91
N ASN B 216 19.59 8.56 12.88
CA ASN B 216 20.26 9.25 11.78
C ASN B 216 19.64 10.62 11.52
N THR B 217 19.22 11.29 12.59
CA THR B 217 18.54 12.56 12.44
C THR B 217 18.69 13.40 13.71
N GLY B 218 18.54 14.71 13.52
CA GLY B 218 18.28 15.64 14.61
C GLY B 218 17.18 16.58 14.19
N ASN B 219 16.88 17.53 15.06
CA ASN B 219 15.64 18.32 15.02
C ASN B 219 14.44 17.41 14.85
N PHE B 220 14.33 16.49 15.80
CA PHE B 220 13.37 15.41 15.82
C PHE B 220 11.96 15.90 16.10
N SER B 221 11.00 15.08 15.68
CA SER B 221 9.61 15.29 16.03
C SER B 221 9.37 14.95 17.49
N ASP B 222 8.16 15.22 17.97
CA ASP B 222 7.78 14.95 19.34
C ASP B 222 7.03 13.63 19.46
N GLY B 223 7.12 13.03 20.63
CA GLY B 223 6.52 11.74 20.87
C GLY B 223 7.46 10.76 21.55
N PHE B 224 7.48 9.51 21.09
CA PHE B 224 8.27 8.47 21.71
C PHE B 224 9.32 7.95 20.74
N TYR B 225 10.41 7.41 21.29
CA TYR B 225 11.49 6.84 20.50
C TYR B 225 12.16 5.70 21.25
N PRO B 226 12.15 4.48 20.73
CA PRO B 226 12.88 3.38 21.37
C PRO B 226 14.33 3.33 20.91
N PHE B 227 15.15 2.68 21.73
CA PHE B 227 16.60 2.68 21.53
C PHE B 227 17.20 1.50 22.27
N ILE B 228 18.52 1.34 22.13
CA ILE B 228 19.28 0.31 22.82
C ILE B 228 20.64 0.86 23.24
N ASN B 229 21.22 0.24 24.26
CA ASN B 229 22.64 0.38 24.58
C ASN B 229 23.17 -0.97 25.04
N SER B 230 23.86 -1.68 24.15
CA SER B 230 24.33 -3.03 24.43
C SER B 230 25.64 -2.98 25.20
N SER B 231 25.65 -3.59 26.38
CA SER B 231 26.84 -3.64 27.22
C SER B 231 26.70 -4.82 28.16
N LEU B 232 27.60 -5.79 28.06
CA LEU B 232 27.51 -6.99 28.89
C LEU B 232 28.88 -7.64 29.00
N VAL B 233 29.45 -7.62 30.21
CA VAL B 233 30.54 -8.53 30.57
C VAL B 233 30.16 -9.15 31.92
N LYS B 234 29.49 -10.30 31.86
CA LYS B 234 29.02 -10.98 33.05
C LYS B 234 29.21 -12.47 32.86
N GLN B 235 28.57 -13.26 33.73
CA GLN B 235 28.75 -14.70 33.75
C GLN B 235 28.00 -15.32 32.59
N LYS B 236 28.73 -15.79 31.58
CA LYS B 236 28.11 -16.57 30.52
C LYS B 236 28.05 -18.04 30.91
N PHE B 237 27.03 -18.73 30.40
CA PHE B 237 26.90 -20.15 30.68
C PHE B 237 26.51 -20.87 29.41
N ILE B 238 27.01 -22.09 29.27
CA ILE B 238 26.86 -22.88 28.05
C ILE B 238 26.18 -24.19 28.43
N VAL B 239 25.16 -24.58 27.66
CA VAL B 239 24.50 -25.86 27.84
C VAL B 239 24.74 -26.69 26.58
N TYR B 240 25.55 -27.72 26.69
CA TYR B 240 25.83 -28.59 25.57
C TYR B 240 24.77 -29.69 25.47
N ARG B 241 24.81 -30.43 24.36
CA ARG B 241 23.84 -31.50 24.16
C ARG B 241 24.26 -32.73 24.94
N GLU B 242 23.44 -33.10 25.93
CA GLU B 242 23.74 -34.21 26.81
C GLU B 242 23.61 -35.54 26.06
N ASN B 243 24.56 -36.44 26.30
CA ASN B 243 24.51 -37.80 25.79
C ASN B 243 23.72 -38.67 26.79
N SER B 244 23.84 -39.99 26.73
CA SER B 244 23.01 -40.87 27.55
C SER B 244 23.21 -40.72 29.05
N VAL B 245 24.32 -41.24 29.58
CA VAL B 245 24.76 -41.06 30.97
C VAL B 245 26.27 -41.16 30.98
N ASN B 246 26.89 -40.52 31.97
CA ASN B 246 28.29 -40.75 32.38
C ASN B 246 29.28 -40.46 31.26
N THR B 247 29.18 -39.26 30.71
CA THR B 247 29.97 -38.87 29.56
C THR B 247 30.80 -37.62 29.82
N THR B 248 32.01 -37.62 29.29
CA THR B 248 32.81 -36.42 29.11
C THR B 248 32.77 -36.08 27.63
N PHE B 249 32.27 -34.90 27.30
CA PHE B 249 31.98 -34.53 25.91
C PHE B 249 33.28 -34.34 25.16
N THR B 250 33.67 -35.35 24.40
CA THR B 250 34.90 -35.32 23.62
C THR B 250 34.55 -35.46 22.15
N LEU B 251 34.88 -34.43 21.36
CA LEU B 251 34.59 -34.45 19.94
C LEU B 251 35.56 -35.36 19.21
N HIS B 252 35.05 -36.12 18.26
CA HIS B 252 35.86 -37.03 17.48
C HIS B 252 36.54 -36.27 16.34
N ASN B 253 37.69 -36.79 15.89
CA ASN B 253 38.49 -36.12 14.87
C ASN B 253 38.52 -37.04 13.65
N PHE B 254 37.80 -36.68 12.60
CA PHE B 254 37.88 -37.43 11.35
C PHE B 254 38.85 -36.78 10.40
N THR B 255 39.83 -37.56 9.96
CA THR B 255 40.91 -37.06 9.12
C THR B 255 40.76 -37.58 7.69
N PHE B 256 41.41 -36.89 6.76
CA PHE B 256 41.45 -37.32 5.38
C PHE B 256 42.83 -37.05 4.81
N HIS B 257 43.19 -37.81 3.78
CA HIS B 257 44.45 -37.61 3.08
C HIS B 257 44.35 -38.22 1.70
N ASN B 258 44.95 -37.57 0.72
CA ASN B 258 45.04 -38.15 -0.62
C ASN B 258 46.01 -39.33 -0.57
N GLU B 259 45.52 -40.50 -0.95
CA GLU B 259 46.37 -41.69 -0.93
C GLU B 259 46.83 -42.04 -2.34
N THR B 260 47.66 -43.08 -2.43
CA THR B 260 48.09 -43.64 -3.71
C THR B 260 46.91 -44.40 -4.30
N GLY B 261 46.05 -43.66 -4.99
CA GLY B 261 44.78 -44.19 -5.44
C GLY B 261 44.93 -45.18 -6.57
N ALA B 262 43.80 -45.77 -6.92
CA ALA B 262 43.75 -46.83 -7.91
C ALA B 262 43.50 -46.22 -9.29
N ASN B 263 43.17 -47.08 -10.24
CA ASN B 263 42.89 -46.66 -11.60
C ASN B 263 41.60 -45.85 -11.65
N PRO B 264 41.45 -44.95 -12.63
CA PRO B 264 40.15 -44.31 -12.84
C PRO B 264 39.12 -45.31 -13.35
N ASN B 265 37.86 -44.91 -13.25
CA ASN B 265 36.76 -45.86 -13.36
C ASN B 265 36.52 -46.31 -14.79
N PRO B 266 36.00 -47.52 -14.96
CA PRO B 266 35.41 -47.92 -16.24
C PRO B 266 34.02 -47.30 -16.47
N SER B 267 33.33 -47.78 -17.50
CA SER B 267 32.17 -47.14 -18.11
C SER B 267 30.96 -46.94 -17.19
N GLY B 268 30.83 -47.72 -16.13
CA GLY B 268 29.62 -47.68 -15.31
C GLY B 268 29.68 -46.61 -14.22
N VAL B 269 28.53 -46.00 -13.95
CA VAL B 269 28.45 -45.04 -12.86
C VAL B 269 28.36 -45.75 -11.51
N GLN B 270 28.03 -47.04 -11.51
CA GLN B 270 28.19 -47.83 -10.30
C GLN B 270 29.60 -48.37 -10.17
N ASN B 271 30.44 -48.21 -11.19
CA ASN B 271 31.79 -48.73 -11.18
C ASN B 271 32.81 -47.74 -10.63
N ILE B 272 32.36 -46.65 -10.02
CA ILE B 272 33.23 -45.75 -9.29
C ILE B 272 33.16 -46.10 -7.81
N GLN B 273 34.32 -46.24 -7.19
CA GLN B 273 34.42 -46.76 -5.83
C GLN B 273 34.92 -45.67 -4.90
N THR B 274 34.22 -45.49 -3.78
CA THR B 274 34.58 -44.50 -2.77
C THR B 274 35.84 -44.97 -2.04
N TYR B 275 36.96 -44.29 -2.25
CA TYR B 275 38.22 -44.75 -1.69
C TYR B 275 38.50 -44.14 -0.32
N GLN B 276 37.46 -44.08 0.52
CA GLN B 276 37.38 -43.67 1.93
C GLN B 276 35.91 -43.85 2.29
N THR B 277 35.63 -43.93 3.59
CA THR B 277 34.28 -43.85 4.10
C THR B 277 34.33 -43.50 5.59
N GLN B 278 33.43 -42.61 5.99
CA GLN B 278 33.29 -42.22 7.39
C GLN B 278 31.79 -42.03 7.65
N THR B 279 31.42 -41.99 8.93
CA THR B 279 30.01 -41.81 9.26
C THR B 279 29.88 -41.12 10.61
N ALA B 280 28.76 -40.45 10.79
CA ALA B 280 28.45 -39.77 12.04
C ALA B 280 27.38 -40.54 12.80
N GLN B 281 27.59 -40.70 14.10
CA GLN B 281 26.69 -41.51 14.91
C GLN B 281 25.95 -40.70 15.96
N SER B 282 26.67 -40.01 16.85
CA SER B 282 26.07 -39.20 17.91
C SER B 282 27.12 -38.23 18.40
N GLY B 283 26.65 -37.20 19.11
CA GLY B 283 27.57 -36.29 19.76
C GLY B 283 28.13 -35.23 18.83
N TYR B 284 29.42 -34.95 18.99
CA TYR B 284 30.09 -33.87 18.28
C TYR B 284 31.16 -34.42 17.34
N TYR B 285 31.49 -33.63 16.32
CA TYR B 285 32.51 -34.01 15.34
C TYR B 285 33.17 -32.75 14.79
N ASN B 286 34.37 -32.92 14.23
CA ASN B 286 34.94 -31.94 13.31
C ASN B 286 35.61 -32.69 12.16
N PHE B 287 35.82 -31.98 11.06
CA PHE B 287 36.32 -32.58 9.83
C PHE B 287 37.59 -31.87 9.41
N ASN B 288 38.74 -32.51 9.66
CA ASN B 288 40.02 -31.96 9.22
C ASN B 288 40.15 -32.17 7.71
N PHE B 289 39.80 -31.15 6.94
CA PHE B 289 40.04 -31.15 5.51
C PHE B 289 41.35 -30.42 5.21
N SER B 290 42.37 -31.19 4.83
CA SER B 290 43.63 -30.65 4.34
C SER B 290 43.67 -30.70 2.82
N PHE B 291 42.52 -30.45 2.19
CA PHE B 291 42.38 -30.48 0.74
C PHE B 291 42.08 -29.10 0.18
N LEU B 292 42.76 -28.09 0.71
CA LEU B 292 42.88 -26.81 0.07
C LEU B 292 44.20 -26.64 -0.65
N SER B 293 45.12 -27.58 -0.45
CA SER B 293 46.47 -27.50 -1.01
C SER B 293 46.40 -27.76 -2.51
N SER B 294 46.44 -26.68 -3.28
CA SER B 294 46.52 -26.66 -4.74
C SER B 294 45.34 -27.35 -5.42
N PHE B 295 44.21 -27.46 -4.75
CA PHE B 295 43.01 -28.03 -5.35
C PHE B 295 42.01 -26.89 -5.56
N VAL B 296 41.76 -26.57 -6.82
CA VAL B 296 40.85 -25.49 -7.13
C VAL B 296 39.42 -25.96 -6.93
N TYR B 297 38.53 -25.02 -6.66
CA TYR B 297 37.11 -25.33 -6.57
C TYR B 297 36.45 -25.05 -7.91
N LYS B 298 35.63 -25.99 -8.35
CA LYS B 298 35.01 -25.89 -9.67
C LYS B 298 33.59 -25.40 -9.51
N GLU B 299 33.31 -24.21 -10.04
CA GLU B 299 32.01 -23.59 -9.91
C GLU B 299 30.98 -24.33 -10.75
N SER B 300 29.79 -24.52 -10.18
CA SER B 300 28.77 -25.33 -10.83
C SER B 300 28.17 -24.62 -12.03
N ASN B 301 27.93 -25.38 -13.09
CA ASN B 301 27.21 -24.90 -14.27
C ASN B 301 26.46 -26.09 -14.87
N PHE B 302 26.16 -25.99 -16.17
CA PHE B 302 25.10 -26.78 -16.80
C PHE B 302 25.36 -28.28 -16.74
N MET B 303 26.60 -28.72 -16.90
CA MET B 303 26.90 -30.14 -16.81
C MET B 303 27.91 -30.48 -15.72
N TYR B 304 29.08 -29.83 -15.70
CA TYR B 304 30.13 -30.28 -14.81
C TYR B 304 30.11 -29.48 -13.51
N GLY B 305 31.08 -29.76 -12.66
CA GLY B 305 31.20 -29.07 -11.40
C GLY B 305 30.37 -29.71 -10.32
N SER B 306 30.21 -28.98 -9.23
CA SER B 306 29.50 -29.48 -8.07
C SER B 306 28.00 -29.47 -8.31
N TYR B 307 27.27 -30.04 -7.37
CA TYR B 307 25.81 -29.98 -7.34
C TYR B 307 25.37 -29.65 -5.93
N HIS B 308 25.97 -28.61 -5.34
CA HIS B 308 25.65 -28.14 -4.00
C HIS B 308 24.22 -27.67 -3.71
N PRO B 309 23.34 -27.33 -4.67
CA PRO B 309 21.92 -27.25 -4.33
C PRO B 309 21.37 -28.47 -3.62
N SER B 310 20.54 -28.18 -2.59
CA SER B 310 20.06 -28.97 -1.44
C SER B 310 21.08 -29.07 -0.32
N CYS B 311 22.23 -28.40 -0.40
CA CYS B 311 23.15 -28.28 0.73
C CYS B 311 23.92 -26.96 0.61
N ASN B 312 23.38 -25.92 1.23
CA ASN B 312 23.85 -24.56 0.96
C ASN B 312 25.27 -24.27 1.45
N PHE B 313 25.80 -25.07 2.37
CA PHE B 313 27.14 -24.83 2.88
C PHE B 313 28.19 -25.29 1.89
N ARG B 314 29.35 -24.65 1.94
CA ARG B 314 30.51 -25.07 1.17
C ARG B 314 31.41 -25.88 2.10
N LEU B 315 32.25 -26.72 1.50
CA LEU B 315 32.94 -27.82 2.18
C LEU B 315 33.91 -27.33 3.25
N GLU B 316 34.39 -26.10 3.15
CA GLU B 316 35.32 -25.55 4.14
C GLU B 316 34.58 -24.79 5.24
N THR B 317 33.26 -24.98 5.34
CA THR B 317 32.47 -24.30 6.37
C THR B 317 31.60 -25.31 7.13
N ILE B 318 31.97 -26.59 7.08
CA ILE B 318 31.28 -27.59 7.89
C ILE B 318 31.60 -27.38 9.37
N ASN B 319 32.83 -27.00 9.69
CA ASN B 319 33.31 -26.96 11.07
C ASN B 319 32.67 -25.88 11.93
N ASN B 320 31.90 -24.96 11.34
CA ASN B 320 31.11 -24.05 12.17
C ASN B 320 29.89 -24.78 12.70
N GLY B 321 29.14 -24.11 13.58
CA GLY B 321 28.02 -24.75 14.24
C GLY B 321 26.85 -25.06 13.33
N LEU B 322 26.69 -26.33 12.98
CA LEU B 322 25.57 -26.78 12.16
C LEU B 322 24.76 -27.79 12.97
N TRP B 323 23.69 -28.29 12.38
CA TRP B 323 22.88 -29.33 13.02
C TRP B 323 22.40 -30.27 11.94
N PHE B 324 22.84 -31.52 12.01
CA PHE B 324 22.45 -32.53 11.05
C PHE B 324 21.61 -33.59 11.75
N ASN B 325 21.28 -34.65 11.03
CA ASN B 325 20.52 -35.74 11.62
C ASN B 325 21.25 -37.05 11.34
N SER B 326 21.96 -37.10 10.23
CA SER B 326 22.82 -38.22 9.88
C SER B 326 23.80 -37.71 8.84
N LEU B 327 25.06 -38.12 8.96
CA LEU B 327 26.10 -37.54 8.13
C LEU B 327 27.14 -38.58 7.78
N SER B 328 27.55 -38.60 6.52
CA SER B 328 28.58 -39.52 6.06
C SER B 328 29.23 -38.93 4.83
N VAL B 329 30.54 -38.73 4.88
CA VAL B 329 31.27 -38.20 3.75
C VAL B 329 32.27 -39.25 3.28
N SER B 330 32.64 -39.15 2.00
CA SER B 330 33.57 -40.08 1.38
C SER B 330 34.14 -39.48 0.10
N ILE B 331 35.39 -39.77 -0.20
CA ILE B 331 36.01 -39.25 -1.40
C ILE B 331 36.03 -40.32 -2.48
N ALA B 332 36.02 -39.91 -3.74
CA ALA B 332 35.96 -40.83 -4.86
C ALA B 332 36.52 -40.14 -6.10
N TYR B 333 37.34 -40.87 -6.86
CA TYR B 333 38.09 -40.32 -7.98
C TYR B 333 37.40 -40.71 -9.29
N GLY B 334 36.36 -39.96 -9.64
CA GLY B 334 35.63 -40.23 -10.85
C GLY B 334 35.88 -39.21 -11.93
N PRO B 335 35.02 -39.17 -12.94
CA PRO B 335 35.18 -38.20 -14.02
C PRO B 335 34.66 -36.85 -13.56
N LEU B 336 34.77 -35.87 -14.43
CA LEU B 336 34.47 -34.51 -14.01
C LEU B 336 33.24 -33.93 -14.67
N GLN B 337 32.92 -34.29 -15.90
CA GLN B 337 31.82 -33.61 -16.57
C GLN B 337 30.46 -34.11 -16.11
N GLY B 338 30.40 -35.31 -15.53
CA GLY B 338 29.13 -35.94 -15.26
C GLY B 338 29.18 -36.69 -13.96
N GLY B 339 30.12 -36.32 -13.10
CA GLY B 339 30.25 -36.94 -11.81
C GLY B 339 29.04 -36.67 -10.93
N CYS B 340 28.79 -35.39 -10.65
CA CYS B 340 27.73 -35.07 -9.70
C CYS B 340 26.35 -35.09 -10.32
N LYS B 341 26.19 -34.61 -11.56
CA LYS B 341 24.87 -34.52 -12.17
C LYS B 341 24.30 -35.91 -12.47
N GLN B 342 25.15 -36.93 -12.55
CA GLN B 342 24.64 -38.30 -12.63
C GLN B 342 24.67 -39.00 -11.28
N SER B 343 25.64 -38.68 -10.43
CA SER B 343 25.81 -39.41 -9.17
C SER B 343 24.97 -38.85 -8.04
N VAL B 344 24.15 -37.83 -8.30
CA VAL B 344 23.15 -37.40 -7.33
C VAL B 344 21.79 -38.05 -7.62
N PHE B 345 21.35 -38.03 -8.88
CA PHE B 345 20.04 -38.57 -9.20
C PHE B 345 20.03 -40.09 -9.11
N SER B 346 20.81 -40.76 -9.95
CA SER B 346 20.86 -42.21 -9.94
C SER B 346 21.87 -42.76 -8.94
N GLY B 347 22.40 -41.92 -8.07
CA GLY B 347 23.53 -42.33 -7.25
C GLY B 347 23.20 -42.63 -5.81
N ARG B 348 24.10 -42.18 -4.93
CA ARG B 348 24.09 -42.61 -3.53
C ARG B 348 24.34 -41.47 -2.57
N ALA B 349 24.15 -40.22 -2.99
CA ALA B 349 24.41 -39.09 -2.12
C ALA B 349 23.33 -38.04 -2.33
N THR B 350 23.17 -37.19 -1.32
CA THR B 350 22.25 -36.06 -1.47
C THR B 350 22.87 -34.99 -2.34
N CYS B 351 24.13 -34.65 -2.08
CA CYS B 351 24.84 -33.67 -2.88
C CYS B 351 26.33 -33.98 -2.84
N CYS B 352 27.03 -33.56 -3.88
CA CYS B 352 28.46 -33.83 -3.98
C CYS B 352 29.18 -32.62 -4.55
N TYR B 353 30.46 -32.52 -4.22
CA TYR B 353 31.33 -31.44 -4.64
C TYR B 353 32.35 -31.98 -5.63
N ALA B 354 33.02 -31.08 -6.33
CA ALA B 354 33.94 -31.49 -7.39
C ALA B 354 35.19 -30.63 -7.35
N TYR B 355 36.19 -31.08 -6.60
CA TYR B 355 37.48 -30.43 -6.67
C TYR B 355 38.26 -31.00 -7.86
N SER B 356 39.30 -30.27 -8.25
CA SER B 356 40.11 -30.66 -9.39
C SER B 356 41.58 -30.36 -9.10
N TYR B 357 42.42 -30.90 -9.97
CA TYR B 357 43.87 -30.72 -9.90
C TYR B 357 44.43 -30.99 -11.28
N GLY B 358 45.75 -31.14 -11.37
CA GLY B 358 46.33 -31.50 -12.65
C GLY B 358 46.30 -33.00 -12.84
N GLY B 359 45.31 -33.50 -13.57
CA GLY B 359 45.12 -34.91 -13.73
C GLY B 359 45.33 -35.34 -15.16
N PRO B 360 45.73 -36.60 -15.36
CA PRO B 360 45.84 -37.12 -16.72
C PRO B 360 44.47 -37.25 -17.37
N SER B 361 44.42 -36.96 -18.67
CA SER B 361 43.15 -36.92 -19.40
C SER B 361 42.82 -38.27 -20.03
N LEU B 362 42.85 -39.34 -19.23
CA LEU B 362 42.42 -40.66 -19.67
C LEU B 362 41.43 -41.15 -18.61
N CYS B 363 40.17 -40.77 -18.77
CA CYS B 363 39.14 -41.02 -17.77
C CYS B 363 37.83 -41.27 -18.50
N LYS B 364 37.24 -42.45 -18.29
CA LYS B 364 36.06 -42.84 -19.04
C LYS B 364 34.82 -42.31 -18.33
N GLY B 365 34.15 -41.33 -18.95
CA GLY B 365 33.06 -40.63 -18.30
C GLY B 365 31.79 -41.45 -18.25
N VAL B 366 30.88 -41.03 -17.39
CA VAL B 366 29.64 -41.75 -17.13
C VAL B 366 28.46 -40.85 -17.49
N TYR B 367 27.65 -41.31 -18.45
CA TYR B 367 26.44 -40.67 -18.96
C TYR B 367 25.79 -41.63 -19.93
N SER B 368 24.49 -41.51 -20.10
CA SER B 368 23.76 -42.38 -21.02
C SER B 368 24.04 -41.99 -22.46
N GLY B 369 24.82 -42.80 -23.16
CA GLY B 369 25.11 -42.58 -24.57
C GLY B 369 26.38 -41.83 -24.88
N GLU B 370 27.05 -41.28 -23.87
CA GLU B 370 28.26 -40.48 -24.07
C GLU B 370 29.44 -41.06 -23.30
N LEU B 371 29.45 -42.37 -23.11
CA LEU B 371 30.45 -43.05 -22.29
C LEU B 371 31.64 -43.59 -23.10
N ASP B 372 31.97 -42.96 -24.22
CA ASP B 372 33.04 -43.44 -25.07
C ASP B 372 34.06 -42.35 -25.37
N LEU B 373 34.32 -41.49 -24.40
CA LEU B 373 35.31 -40.42 -24.56
C LEU B 373 36.35 -40.50 -23.46
N ASN B 374 37.21 -39.49 -23.36
CA ASN B 374 38.22 -39.45 -22.32
C ASN B 374 38.26 -38.05 -21.72
N PHE B 375 38.16 -37.98 -20.39
CA PHE B 375 37.89 -36.74 -19.67
C PHE B 375 38.94 -36.49 -18.60
N GLU B 376 38.69 -35.53 -17.73
CA GLU B 376 39.57 -35.26 -16.60
C GLU B 376 39.17 -36.12 -15.40
N CYS B 377 40.07 -36.18 -14.41
CA CYS B 377 39.82 -36.89 -13.15
C CYS B 377 40.19 -35.99 -11.98
N GLY B 378 39.23 -35.21 -11.52
CA GLY B 378 39.35 -34.51 -10.26
C GLY B 378 38.62 -35.28 -9.19
N LEU B 379 39.11 -35.19 -7.96
CA LEU B 379 38.48 -35.90 -6.86
C LEU B 379 37.16 -35.23 -6.51
N LEU B 380 36.14 -36.04 -6.32
CA LEU B 380 34.81 -35.56 -5.97
C LEU B 380 34.42 -36.18 -4.64
N VAL B 381 34.13 -35.33 -3.66
CA VAL B 381 33.72 -35.80 -2.34
C VAL B 381 32.21 -35.94 -2.35
N TYR B 382 31.70 -36.85 -1.55
CA TYR B 382 30.28 -37.00 -1.35
C TYR B 382 29.91 -36.52 0.04
N VAL B 383 28.67 -36.11 0.20
CA VAL B 383 28.13 -35.80 1.51
C VAL B 383 26.65 -36.11 1.52
N THR B 384 26.21 -36.91 2.49
CA THR B 384 24.83 -37.38 2.57
C THR B 384 24.16 -36.67 3.73
N LYS B 385 23.66 -35.46 3.45
CA LYS B 385 23.06 -34.65 4.48
C LYS B 385 21.59 -35.01 4.65
N SER B 386 21.15 -35.11 5.90
CA SER B 386 19.73 -35.13 6.22
C SER B 386 19.50 -34.10 7.31
N GLY B 387 18.63 -33.13 7.02
CA GLY B 387 18.46 -32.01 7.93
C GLY B 387 17.72 -32.40 9.18
N GLY B 388 18.25 -31.98 10.32
CA GLY B 388 17.67 -32.33 11.60
C GLY B 388 18.52 -31.84 12.74
N SER B 389 18.27 -32.42 13.92
CA SER B 389 19.02 -32.09 15.13
C SER B 389 19.34 -33.36 15.90
N ARG B 390 20.43 -33.98 15.54
CA ARG B 390 20.96 -35.06 16.37
C ARG B 390 22.45 -34.91 16.65
N ILE B 391 23.24 -34.48 15.66
CA ILE B 391 24.67 -34.28 15.83
C ILE B 391 25.00 -32.83 15.49
N GLN B 392 26.00 -32.29 16.17
CA GLN B 392 26.39 -30.90 16.02
C GLN B 392 27.88 -30.85 15.73
N THR B 393 28.27 -30.06 14.76
CA THR B 393 29.65 -29.95 14.33
C THR B 393 30.25 -28.68 14.91
N ALA B 394 31.39 -28.81 15.60
CA ALA B 394 32.05 -27.67 16.21
C ALA B 394 33.55 -27.91 16.21
N THR B 395 34.31 -26.83 16.35
CA THR B 395 35.76 -26.85 16.25
C THR B 395 36.44 -27.00 17.60
N GLU B 396 36.22 -26.07 18.51
CA GLU B 396 36.91 -26.09 19.79
C GLU B 396 36.31 -27.14 20.72
N PRO B 397 37.12 -27.79 21.55
CA PRO B 397 36.61 -28.81 22.46
C PRO B 397 35.76 -28.20 23.54
N PRO B 398 34.61 -28.81 23.86
CA PRO B 398 33.72 -28.23 24.87
C PRO B 398 34.33 -28.27 26.26
N VAL B 399 34.25 -27.13 26.95
CA VAL B 399 34.98 -26.92 28.19
C VAL B 399 34.31 -27.53 29.41
N ILE B 400 33.06 -27.97 29.29
CA ILE B 400 32.38 -28.63 30.40
C ILE B 400 32.95 -30.05 30.50
N THR B 401 33.90 -30.24 31.41
CA THR B 401 34.65 -31.48 31.53
C THR B 401 34.33 -32.11 32.88
N ARG B 402 33.48 -33.15 32.85
CA ARG B 402 32.97 -33.87 34.02
C ARG B 402 32.28 -32.88 34.97
N HIS B 403 31.18 -32.33 34.46
CA HIS B 403 30.37 -31.36 35.19
C HIS B 403 28.93 -31.53 34.73
N ASN B 404 28.16 -32.30 35.46
CA ASN B 404 26.73 -32.40 35.18
C ASN B 404 26.05 -31.12 35.63
N TYR B 405 25.00 -30.73 34.90
CA TYR B 405 24.46 -29.37 34.94
C TYR B 405 23.69 -29.15 36.24
N ASN B 406 24.42 -28.70 37.25
CA ASN B 406 23.89 -28.41 38.57
C ASN B 406 23.85 -26.92 38.90
N ASN B 407 24.79 -26.14 38.39
CA ASN B 407 24.96 -24.74 38.77
C ASN B 407 24.94 -23.85 37.52
N ILE B 408 23.76 -23.36 37.17
CA ILE B 408 23.60 -22.28 36.21
C ILE B 408 22.72 -21.21 36.85
N THR B 409 22.99 -19.95 36.51
CA THR B 409 22.40 -18.84 37.21
C THR B 409 20.96 -18.59 36.75
N LEU B 410 20.17 -17.99 37.64
CA LEU B 410 18.78 -17.64 37.36
C LEU B 410 18.52 -16.20 37.81
N ASN B 411 17.64 -15.53 37.05
CA ASN B 411 17.16 -14.17 37.34
C ASN B 411 18.31 -13.16 37.40
N THR B 412 19.16 -13.17 36.38
CA THR B 412 20.22 -12.19 36.22
C THR B 412 20.58 -12.10 34.74
N CYS B 413 20.81 -10.87 34.28
CA CYS B 413 20.97 -10.58 32.86
C CYS B 413 22.30 -11.12 32.34
N VAL B 414 22.28 -12.33 31.79
CA VAL B 414 23.50 -13.06 31.45
C VAL B 414 23.59 -13.26 29.95
N ASP B 415 24.79 -13.65 29.52
CA ASP B 415 24.98 -14.18 28.19
C ASP B 415 24.71 -15.69 28.22
N TYR B 416 24.13 -16.20 27.15
CA TYR B 416 23.90 -17.63 27.08
C TYR B 416 24.23 -18.11 25.68
N ASN B 417 24.84 -19.30 25.62
CA ASN B 417 25.13 -20.01 24.38
C ASN B 417 24.60 -21.42 24.59
N ILE B 418 23.31 -21.62 24.34
CA ILE B 418 22.69 -22.92 24.54
C ILE B 418 22.34 -23.49 23.17
N TYR B 419 22.76 -24.74 22.95
CA TYR B 419 22.48 -25.53 21.74
C TYR B 419 22.96 -24.84 20.47
N GLY B 420 24.05 -24.10 20.56
CA GLY B 420 24.62 -23.46 19.40
C GLY B 420 23.87 -22.27 18.86
N ARG B 421 23.10 -21.57 19.71
CA ARG B 421 22.40 -20.35 19.31
C ARG B 421 22.63 -19.28 20.36
N THR B 422 23.45 -18.29 20.01
CA THR B 422 23.87 -17.27 20.97
C THR B 422 22.77 -16.23 21.17
N GLY B 423 22.48 -15.94 22.44
CA GLY B 423 21.53 -14.90 22.77
C GLY B 423 21.97 -14.01 23.92
N GLN B 424 21.05 -13.22 24.47
CA GLN B 424 21.35 -12.39 25.65
C GLN B 424 20.04 -12.13 26.39
N GLY B 425 19.84 -12.79 27.51
CA GLY B 425 18.66 -12.59 28.33
C GLY B 425 18.85 -13.23 29.68
N PHE B 426 17.75 -13.43 30.41
CA PHE B 426 17.81 -14.14 31.66
C PHE B 426 16.82 -15.29 31.64
N ILE B 427 16.95 -16.19 32.60
CA ILE B 427 16.34 -17.52 32.55
C ILE B 427 15.61 -17.79 33.86
N THR B 428 14.33 -18.13 33.77
CA THR B 428 13.51 -18.44 34.92
C THR B 428 13.35 -19.95 35.09
N ASN B 429 12.50 -20.36 36.02
CA ASN B 429 12.25 -21.77 36.35
C ASN B 429 10.74 -22.00 36.22
N VAL B 430 10.35 -22.82 35.25
CA VAL B 430 8.95 -22.91 34.86
C VAL B 430 8.50 -24.37 34.88
N THR B 431 9.32 -25.24 35.46
CA THR B 431 9.04 -26.67 35.42
C THR B 431 7.89 -27.10 36.31
N ASP B 432 7.42 -26.25 37.23
CA ASP B 432 6.24 -26.58 38.02
C ASP B 432 4.99 -26.64 37.15
N SER B 433 4.89 -25.74 36.18
CA SER B 433 3.79 -25.75 35.23
C SER B 433 4.04 -26.67 34.05
N ALA B 434 5.17 -27.37 34.02
CA ALA B 434 5.54 -28.14 32.84
C ALA B 434 5.80 -29.61 33.13
N VAL B 435 5.90 -30.03 34.39
CA VAL B 435 5.95 -31.46 34.66
C VAL B 435 4.57 -32.06 34.46
N SER B 436 3.52 -31.25 34.59
CA SER B 436 2.19 -31.62 34.14
C SER B 436 2.02 -31.15 32.70
N TYR B 437 0.82 -31.36 32.14
CA TYR B 437 0.39 -30.85 30.83
C TYR B 437 1.21 -31.39 29.66
N ASN B 438 1.93 -32.50 29.89
CA ASN B 438 2.92 -33.19 29.04
C ASN B 438 3.70 -32.24 28.14
N TYR B 439 4.29 -31.21 28.77
CA TYR B 439 4.67 -29.94 28.14
C TYR B 439 5.71 -30.10 27.05
N LEU B 440 6.46 -31.20 27.05
CA LEU B 440 7.18 -31.67 25.88
C LEU B 440 6.95 -33.15 25.73
N ALA B 441 7.07 -33.63 24.49
CA ALA B 441 6.84 -35.02 24.18
C ALA B 441 8.04 -35.88 24.55
N ASP B 442 8.07 -37.09 24.02
CA ASP B 442 9.12 -38.04 24.36
C ASP B 442 10.47 -37.69 23.74
N ALA B 443 10.52 -36.73 22.83
CA ALA B 443 11.79 -36.21 22.33
C ALA B 443 12.07 -34.88 23.01
N GLY B 444 12.93 -34.91 24.03
CA GLY B 444 13.11 -33.71 24.82
C GLY B 444 14.28 -32.82 24.45
N LEU B 445 14.02 -31.79 23.64
CA LEU B 445 14.96 -30.70 23.46
C LEU B 445 14.15 -29.41 23.37
N ALA B 446 14.78 -28.35 22.89
CA ALA B 446 14.24 -27.01 22.97
C ALA B 446 13.05 -26.82 22.02
N ILE B 447 12.32 -25.73 22.24
CA ILE B 447 11.26 -25.29 21.35
C ILE B 447 11.70 -23.99 20.71
N LEU B 448 11.90 -24.00 19.40
CA LEU B 448 12.10 -22.76 18.68
C LEU B 448 10.81 -21.96 18.67
N ASP B 449 10.92 -20.66 18.85
CA ASP B 449 9.83 -19.79 18.47
C ASP B 449 10.10 -19.32 17.04
N THR B 450 9.36 -18.32 16.58
CA THR B 450 9.70 -17.70 15.31
C THR B 450 10.98 -16.89 15.46
N SER B 451 11.62 -16.62 14.31
CA SER B 451 12.91 -15.92 14.21
C SER B 451 14.04 -16.65 14.92
N GLY B 452 13.93 -17.98 15.01
CA GLY B 452 15.07 -18.83 15.33
C GLY B 452 15.65 -18.72 16.72
N SER B 453 14.91 -18.17 17.68
CA SER B 453 15.36 -18.10 19.06
C SER B 453 14.81 -19.29 19.83
N ILE B 454 15.12 -19.33 21.13
CA ILE B 454 14.71 -20.43 22.00
C ILE B 454 13.73 -19.91 23.02
N ASP B 455 12.59 -20.58 23.15
CA ASP B 455 11.57 -20.19 24.11
C ASP B 455 11.61 -21.06 25.36
N ILE B 456 11.61 -22.38 25.22
CA ILE B 456 11.67 -23.31 26.33
C ILE B 456 12.65 -24.43 25.95
N PHE B 457 13.66 -24.64 26.77
CA PHE B 457 14.57 -25.78 26.59
C PHE B 457 14.52 -26.67 27.82
N VAL B 458 15.27 -27.77 27.78
CA VAL B 458 15.32 -28.74 28.86
C VAL B 458 16.76 -28.89 29.33
N VAL B 459 16.92 -29.63 30.42
CA VAL B 459 18.23 -29.96 30.96
C VAL B 459 18.08 -31.23 31.78
N GLN B 460 19.15 -32.01 31.85
CA GLN B 460 19.11 -33.36 32.42
C GLN B 460 20.31 -33.55 33.33
N GLY B 461 20.09 -34.24 34.45
CA GLY B 461 21.20 -34.60 35.31
C GLY B 461 20.89 -34.54 36.80
N GLU B 462 19.78 -33.93 37.15
CA GLU B 462 19.34 -33.83 38.53
C GLU B 462 18.45 -35.02 38.87
N TYR B 463 17.71 -34.90 39.97
CA TYR B 463 16.74 -35.93 40.35
C TYR B 463 15.64 -36.09 39.31
N GLY B 464 15.22 -35.00 38.70
CA GLY B 464 14.25 -35.05 37.62
C GLY B 464 14.52 -33.92 36.65
N LEU B 465 14.14 -34.14 35.40
CA LEU B 465 14.39 -33.16 34.36
C LEU B 465 13.47 -31.96 34.51
N THR B 466 14.03 -30.77 34.35
CA THR B 466 13.32 -29.52 34.54
C THR B 466 13.06 -28.85 33.19
N TYR B 467 12.53 -27.64 33.24
CA TYR B 467 12.16 -26.90 32.03
C TYR B 467 12.44 -25.44 32.28
N TYR B 468 13.27 -24.82 31.45
CA TYR B 468 13.67 -23.43 31.63
C TYR B 468 13.18 -22.58 30.48
N LYS B 469 12.87 -21.32 30.75
CA LYS B 469 12.32 -20.40 29.76
C LYS B 469 13.27 -19.22 29.61
N VAL B 470 13.43 -18.74 28.38
CA VAL B 470 14.36 -17.66 28.07
C VAL B 470 13.56 -16.43 27.65
N ASN B 471 13.66 -15.38 28.45
CA ASN B 471 13.08 -14.09 28.12
C ASN B 471 14.16 -13.00 28.13
N PRO B 472 14.05 -11.96 27.29
CA PRO B 472 15.15 -11.00 27.16
C PRO B 472 15.27 -10.09 28.37
N CYS B 473 16.33 -9.29 28.34
CA CYS B 473 16.81 -8.56 29.51
C CYS B 473 15.91 -7.37 29.81
N GLU B 474 16.33 -6.53 30.76
CA GLU B 474 15.47 -5.42 31.21
C GLU B 474 15.39 -4.30 30.19
N ASP B 475 16.37 -4.20 29.28
CA ASP B 475 16.43 -3.09 28.33
C ASP B 475 16.11 -3.55 26.91
N VAL B 476 15.23 -4.53 26.75
CA VAL B 476 14.87 -4.98 25.42
C VAL B 476 13.97 -3.95 24.73
N ASN B 477 13.21 -3.17 25.51
CA ASN B 477 12.45 -2.06 24.93
C ASN B 477 12.38 -0.93 25.96
N GLN B 478 13.35 -0.04 25.89
CA GLN B 478 13.34 1.21 26.62
C GLN B 478 12.87 2.30 25.67
N GLN B 479 12.20 3.31 26.22
CA GLN B 479 11.77 4.46 25.45
C GLN B 479 12.27 5.72 26.15
N PHE B 480 12.46 6.79 25.40
CA PHE B 480 12.65 8.06 26.06
C PHE B 480 11.81 9.12 25.39
N VAL B 481 11.15 9.91 26.21
CA VAL B 481 10.09 10.80 25.78
C VAL B 481 10.70 12.11 25.35
N VAL B 482 10.38 12.56 24.15
CA VAL B 482 10.67 13.93 23.73
C VAL B 482 9.35 14.68 23.65
N SER B 483 9.39 15.97 23.97
CA SER B 483 8.18 16.78 24.00
C SER B 483 8.49 18.15 23.42
N GLY B 484 7.93 18.43 22.25
CA GLY B 484 8.12 19.71 21.60
C GLY B 484 9.42 19.83 20.84
N GLY B 485 10.53 20.07 21.54
CA GLY B 485 11.77 20.29 20.83
C GLY B 485 13.00 19.60 21.39
N LYS B 486 12.92 19.07 22.61
CA LYS B 486 14.11 18.56 23.26
C LYS B 486 13.79 17.30 24.04
N LEU B 487 14.85 16.65 24.51
CA LEU B 487 14.73 15.41 25.27
C LEU B 487 14.28 15.71 26.68
N VAL B 488 13.52 14.78 27.26
CA VAL B 488 12.97 14.98 28.60
C VAL B 488 13.50 13.92 29.56
N GLY B 489 13.20 12.65 29.29
CA GLY B 489 13.64 11.61 30.21
C GLY B 489 13.38 10.24 29.62
N ILE B 490 14.10 9.26 30.18
CA ILE B 490 14.00 7.88 29.74
C ILE B 490 12.86 7.19 30.45
N LEU B 491 11.93 6.64 29.67
CA LEU B 491 10.82 5.85 30.19
C LEU B 491 11.23 4.39 30.04
N THR B 492 11.78 3.82 31.11
CA THR B 492 12.38 2.50 31.10
C THR B 492 11.50 1.49 31.82
N SER B 493 12.00 0.26 31.94
CA SER B 493 11.32 -0.81 32.65
C SER B 493 11.99 -1.16 33.97
N ARG B 494 13.23 -0.75 34.19
CA ARG B 494 13.93 -1.04 35.41
C ARG B 494 13.70 0.05 36.45
N ASN B 495 14.28 -0.14 37.64
CA ASN B 495 14.09 0.76 38.77
C ASN B 495 15.46 1.16 39.31
N GLU B 496 16.05 2.18 38.69
CA GLU B 496 17.33 2.72 39.15
C GLU B 496 17.09 3.93 40.07
N THR B 497 16.45 3.64 41.21
CA THR B 497 15.90 4.63 42.14
C THR B 497 15.03 5.65 41.40
N GLY B 498 14.14 5.13 40.55
CA GLY B 498 13.25 5.97 39.76
C GLY B 498 12.23 6.65 40.63
N SER B 499 12.28 7.98 40.68
CA SER B 499 11.46 8.74 41.62
C SER B 499 10.03 8.94 41.14
N GLN B 500 9.59 8.24 40.10
CA GLN B 500 8.23 8.40 39.59
C GLN B 500 7.78 7.11 38.93
N LEU B 501 6.53 6.72 39.21
CA LEU B 501 5.91 5.54 38.62
C LEU B 501 4.74 5.99 37.74
N LEU B 502 4.82 5.67 36.46
CA LEU B 502 3.71 5.91 35.55
C LEU B 502 2.84 4.65 35.49
N GLU B 503 1.94 4.60 34.52
CA GLU B 503 1.08 3.43 34.33
C GLU B 503 1.88 2.32 33.68
N ASN B 504 2.21 1.29 34.47
CA ASN B 504 2.85 0.04 34.07
C ASN B 504 4.28 0.22 33.54
N GLN B 505 4.89 1.38 33.76
CA GLN B 505 6.27 1.65 33.38
C GLN B 505 6.91 2.55 34.43
N PHE B 506 8.20 2.37 34.65
CA PHE B 506 8.93 3.24 35.57
C PHE B 506 9.51 4.41 34.80
N TYR B 507 9.72 5.53 35.48
CA TYR B 507 10.11 6.78 34.86
C TYR B 507 11.28 7.38 35.63
N ILE B 508 12.31 7.78 34.91
CA ILE B 508 13.41 8.55 35.48
C ILE B 508 13.47 9.90 34.75
N LYS B 509 14.43 10.72 35.13
CA LYS B 509 14.55 12.06 34.57
C LYS B 509 16.03 12.45 34.56
N ILE B 510 16.52 12.85 33.39
CA ILE B 510 17.93 13.19 33.26
C ILE B 510 18.24 14.54 33.89
N THR B 511 19.43 14.66 34.48
CA THR B 511 19.81 15.85 35.23
C THR B 511 20.26 16.95 34.28
N ASN B 512 19.58 18.10 34.35
CA ASN B 512 19.83 19.23 33.46
C ASN B 512 20.48 20.35 34.26
N GLY B 513 21.80 20.35 34.32
CA GLY B 513 22.49 21.37 35.07
C GLY B 513 22.55 21.05 36.55
N THR B 514 21.71 21.72 37.34
CA THR B 514 21.68 21.50 38.78
C THR B 514 21.07 20.14 39.12
N ARG B 515 21.43 19.64 40.30
CA ARG B 515 21.04 18.29 40.72
C ARG B 515 19.58 18.22 41.18
N ARG B 516 19.00 19.35 41.57
CA ARG B 516 17.64 19.38 42.13
C ARG B 516 16.61 19.24 41.00
N PHE B 517 15.33 19.48 41.36
CA PHE B 517 14.16 19.33 40.48
C PHE B 517 14.05 17.88 39.96
N ARG B 518 13.78 16.98 40.90
CA ARG B 518 13.71 15.55 40.65
C ARG B 518 12.38 14.96 41.09
N ARG B 519 11.82 15.45 42.19
CA ARG B 519 10.59 14.92 42.77
C ARG B 519 9.69 16.08 43.19
N SER B 520 8.41 15.98 42.87
CA SER B 520 7.45 17.03 43.20
C SER B 520 6.05 16.43 43.30
N ILE B 521 5.12 17.25 43.77
CA ILE B 521 3.71 16.87 43.85
C ILE B 521 3.03 17.19 42.53
N THR B 522 2.32 16.21 41.98
CA THR B 522 1.70 16.34 40.67
C THR B 522 0.56 17.35 40.68
N GLU B 523 0.42 18.06 39.57
CA GLU B 523 -0.58 19.11 39.43
C GLU B 523 -1.63 18.69 38.39
N ASN B 524 -2.88 19.11 38.61
CA ASN B 524 -4.00 18.70 37.79
C ASN B 524 -4.18 19.68 36.64
N VAL B 525 -4.11 19.15 35.41
CA VAL B 525 -4.24 19.95 34.19
C VAL B 525 -5.58 19.58 33.54
N ALA B 526 -6.30 20.60 33.06
CA ALA B 526 -7.53 20.40 32.32
C ALA B 526 -7.28 19.69 30.99
N ASN B 527 -6.53 20.33 30.09
CA ASN B 527 -6.21 19.77 28.79
C ASN B 527 -4.76 20.07 28.45
N CYS B 528 -4.08 19.11 27.86
CA CYS B 528 -2.71 19.38 27.44
C CYS B 528 -2.46 18.81 26.04
N PRO B 529 -1.88 19.60 25.15
CA PRO B 529 -1.55 19.10 23.80
C PRO B 529 -0.10 18.64 23.61
N TYR B 530 0.70 18.55 24.68
CA TYR B 530 2.15 18.42 24.48
C TYR B 530 2.56 17.00 24.11
N VAL B 531 2.50 16.09 25.08
CA VAL B 531 2.79 14.66 24.94
C VAL B 531 1.95 13.96 26.00
N SER B 532 1.11 13.02 25.60
CA SER B 532 0.21 12.37 26.53
C SER B 532 0.45 10.87 26.55
N TYR B 533 0.49 10.32 27.76
CA TYR B 533 0.81 8.89 27.93
C TYR B 533 0.05 8.39 29.16
N GLY B 534 -1.14 7.85 28.93
CA GLY B 534 -1.89 7.07 29.89
C GLY B 534 -2.18 7.70 31.24
N LYS B 535 -3.06 8.70 31.27
CA LYS B 535 -3.44 9.49 32.44
C LYS B 535 -2.25 10.29 32.99
N PHE B 536 -1.21 10.52 32.18
CA PHE B 536 -0.07 11.33 32.61
C PHE B 536 0.45 12.13 31.43
N CYS B 537 0.72 13.41 31.68
CA CYS B 537 1.09 14.36 30.64
C CYS B 537 2.44 14.96 30.96
N ILE B 538 3.29 15.09 29.94
CA ILE B 538 4.68 15.51 30.12
C ILE B 538 4.88 16.84 29.42
N LYS B 539 5.33 17.84 30.17
CA LYS B 539 5.63 19.18 29.70
C LYS B 539 7.04 19.24 29.12
N PRO B 540 7.36 20.29 28.34
CA PRO B 540 8.77 20.50 27.96
C PRO B 540 9.66 20.98 29.09
N ASP B 541 9.08 21.36 30.23
CA ASP B 541 9.89 21.67 31.42
C ASP B 541 10.64 20.43 31.90
N GLY B 542 9.96 19.28 31.89
CA GLY B 542 10.55 18.02 32.30
C GLY B 542 9.70 17.25 33.30
N SER B 543 8.93 17.96 34.11
CA SER B 543 8.11 17.32 35.14
C SER B 543 6.77 16.91 34.56
N ILE B 544 6.21 15.82 35.09
CA ILE B 544 4.92 15.32 34.63
C ILE B 544 3.82 16.07 35.35
N ALA B 545 2.60 15.92 34.86
CA ALA B 545 1.41 16.47 35.49
C ALA B 545 0.23 15.62 35.05
N THR B 546 -0.52 15.08 36.02
CA THR B 546 -1.59 14.16 35.69
C THR B 546 -2.76 14.88 35.04
N ILE B 547 -3.43 14.18 34.13
CA ILE B 547 -4.51 14.74 33.34
C ILE B 547 -5.84 14.24 33.90
N VAL B 548 -6.82 15.14 33.94
CA VAL B 548 -8.18 14.79 34.36
C VAL B 548 -9.15 15.70 33.61
N PRO B 549 -10.00 15.14 32.75
CA PRO B 549 -10.81 15.98 31.85
C PRO B 549 -11.99 16.61 32.60
N LYS B 550 -12.26 17.87 32.28
CA LYS B 550 -13.40 18.55 32.85
C LYS B 550 -14.62 18.40 31.95
N GLN B 551 -15.79 18.61 32.53
CA GLN B 551 -17.04 18.62 31.78
C GLN B 551 -17.95 19.66 32.40
N LEU B 552 -18.84 20.21 31.58
CA LEU B 552 -19.71 21.28 32.02
C LEU B 552 -21.12 20.75 32.25
N GLU B 553 -21.87 21.47 33.07
CA GLU B 553 -23.21 21.07 33.46
C GLU B 553 -24.21 21.31 32.34
N GLN B 554 -25.32 20.60 32.39
CA GLN B 554 -26.40 20.77 31.45
C GLN B 554 -27.71 20.48 32.18
N PHE B 555 -28.82 20.83 31.55
CA PHE B 555 -30.09 20.74 32.26
C PHE B 555 -31.22 20.56 31.26
N VAL B 556 -32.19 19.73 31.63
CA VAL B 556 -33.38 19.47 30.85
C VAL B 556 -34.54 19.55 31.85
N ALA B 557 -34.25 20.20 32.98
CA ALA B 557 -34.89 20.02 34.29
C ALA B 557 -36.43 19.94 34.35
N PRO B 558 -37.24 20.75 33.61
CA PRO B 558 -38.69 20.58 33.79
C PRO B 558 -39.27 19.31 33.19
N LEU B 559 -39.54 18.34 34.05
CA LEU B 559 -40.33 17.15 33.76
C LEU B 559 -41.15 16.89 35.01
N LEU B 560 -42.42 17.25 34.96
CA LEU B 560 -43.15 17.58 36.18
C LEU B 560 -44.30 16.62 36.41
N ASN B 561 -44.20 15.81 37.46
CA ASN B 561 -45.31 15.10 38.08
C ASN B 561 -45.84 16.00 39.19
N VAL B 562 -46.40 15.43 40.25
CA VAL B 562 -47.05 16.10 41.38
C VAL B 562 -46.27 17.31 41.91
N THR B 563 -47.01 18.32 42.40
CA THR B 563 -46.52 19.69 42.47
C THR B 563 -45.33 19.85 43.41
N GLU B 564 -44.28 20.48 42.89
CA GLU B 564 -43.01 20.70 43.57
C GLU B 564 -42.25 21.74 42.77
N ASN B 565 -41.53 22.60 43.48
CA ASN B 565 -40.81 23.70 42.84
C ASN B 565 -39.63 23.20 41.99
N VAL B 566 -39.32 23.98 40.96
CA VAL B 566 -38.40 23.56 39.91
C VAL B 566 -37.40 24.69 39.67
N LEU B 567 -36.27 24.36 39.04
CA LEU B 567 -35.20 25.31 38.76
C LEU B 567 -35.17 25.60 37.27
N ILE B 568 -35.49 26.84 36.90
CA ILE B 568 -35.33 27.30 35.52
C ILE B 568 -34.45 28.55 35.53
N PRO B 569 -33.64 28.80 34.50
CA PRO B 569 -32.70 29.91 34.55
C PRO B 569 -33.35 31.25 34.27
N ASN B 570 -32.85 32.28 34.97
CA ASN B 570 -33.21 33.66 34.67
C ASN B 570 -32.14 34.41 33.88
N SER B 571 -30.88 34.21 34.24
CA SER B 571 -29.75 34.82 33.56
C SER B 571 -29.02 33.74 32.77
N PHE B 572 -28.09 34.16 31.92
CA PHE B 572 -27.48 33.21 31.02
C PHE B 572 -26.12 33.72 30.56
N ASN B 573 -25.25 32.78 30.23
CA ASN B 573 -23.89 33.03 29.78
C ASN B 573 -23.64 32.29 28.48
N LEU B 574 -22.51 32.59 27.87
CA LEU B 574 -22.12 32.00 26.59
C LEU B 574 -20.73 31.40 26.73
N THR B 575 -20.59 30.13 26.34
CA THR B 575 -19.34 29.41 26.46
C THR B 575 -18.85 29.05 25.06
N VAL B 576 -17.73 29.63 24.66
CA VAL B 576 -17.23 29.43 23.31
C VAL B 576 -16.61 28.04 23.19
N THR B 577 -16.49 27.58 21.95
CA THR B 577 -15.89 26.29 21.63
C THR B 577 -15.47 26.32 20.16
N ASP B 578 -14.23 25.92 19.88
CA ASP B 578 -13.70 25.96 18.53
C ASP B 578 -13.53 24.54 17.98
N GLU B 579 -13.33 24.47 16.68
CA GLU B 579 -12.98 23.24 15.98
C GLU B 579 -12.44 23.61 14.61
N TYR B 580 -11.73 22.66 14.01
CA TYR B 580 -11.13 22.87 12.69
C TYR B 580 -11.47 21.70 11.78
N ILE B 581 -11.83 22.03 10.55
CA ILE B 581 -12.19 21.03 9.54
C ILE B 581 -11.41 21.34 8.26
N GLN B 582 -10.68 20.35 7.75
CA GLN B 582 -9.91 20.53 6.54
C GLN B 582 -10.85 20.53 5.34
N THR B 583 -10.56 21.35 4.34
CA THR B 583 -11.44 21.40 3.19
C THR B 583 -10.75 21.50 1.84
N ARG B 584 -9.42 21.56 1.78
CA ARG B 584 -8.71 21.73 0.52
C ARG B 584 -7.51 20.79 0.44
N MET B 585 -6.89 20.77 -0.73
CA MET B 585 -5.80 19.84 -0.99
C MET B 585 -4.92 20.43 -2.08
N ASP B 586 -3.60 20.26 -1.95
CA ASP B 586 -2.68 20.66 -3.00
C ASP B 586 -2.57 19.55 -4.04
N LYS B 587 -2.93 19.87 -5.27
CA LYS B 587 -2.84 18.88 -6.35
C LYS B 587 -1.40 18.74 -6.81
N VAL B 588 -1.01 17.51 -7.13
CA VAL B 588 0.35 17.21 -7.55
C VAL B 588 0.34 16.75 -8.99
N GLN B 589 1.53 16.64 -9.57
CA GLN B 589 1.68 16.22 -10.96
C GLN B 589 3.06 15.58 -11.09
N ILE B 590 3.11 14.25 -11.03
CA ILE B 590 4.37 13.52 -11.00
C ILE B 590 4.89 13.40 -12.42
N ASN B 591 6.10 13.92 -12.65
CA ASN B 591 6.79 13.80 -13.92
C ASN B 591 7.79 12.66 -13.78
N CYS B 592 7.39 11.45 -14.19
CA CYS B 592 8.15 10.25 -13.84
C CYS B 592 9.46 10.16 -14.60
N LEU B 593 9.50 10.64 -15.85
CA LEU B 593 10.71 10.50 -16.67
C LEU B 593 11.84 11.37 -16.13
N GLN B 594 11.51 12.56 -15.62
CA GLN B 594 12.55 13.43 -15.12
C GLN B 594 12.86 13.14 -13.65
N TYR B 595 11.97 12.45 -12.95
CA TYR B 595 12.23 12.07 -11.57
C TYR B 595 13.12 10.83 -11.48
N VAL B 596 12.91 9.85 -12.36
CA VAL B 596 13.67 8.61 -12.25
C VAL B 596 15.12 8.82 -12.69
N CYS B 597 15.32 9.23 -13.93
CA CYS B 597 16.67 9.48 -14.42
C CYS B 597 17.04 10.94 -14.18
N GLY B 598 18.33 11.21 -14.08
CA GLY B 598 18.83 12.56 -13.95
C GLY B 598 18.98 13.24 -15.28
N ASN B 599 19.66 14.38 -15.27
CA ASN B 599 19.98 15.11 -16.50
C ASN B 599 21.14 14.40 -17.19
N SER B 600 20.80 13.33 -17.91
CA SER B 600 21.80 12.53 -18.60
C SER B 600 21.35 12.29 -20.03
N LEU B 601 22.31 11.94 -20.90
CA LEU B 601 21.95 11.53 -22.24
C LEU B 601 21.44 10.10 -22.25
N ASP B 602 21.99 9.24 -21.40
CA ASP B 602 21.52 7.87 -21.30
C ASP B 602 20.47 7.80 -20.18
N CYS B 603 20.14 6.57 -19.75
CA CYS B 603 19.13 6.12 -18.79
C CYS B 603 17.72 6.17 -19.39
N ARG B 604 17.57 6.81 -20.54
CA ARG B 604 16.25 7.01 -21.13
C ARG B 604 15.91 5.90 -22.12
N ASP B 605 16.90 5.47 -22.92
CA ASP B 605 16.70 4.34 -23.81
C ASP B 605 16.51 3.05 -23.03
N LEU B 606 17.11 2.94 -21.84
CA LEU B 606 16.82 1.82 -20.97
C LEU B 606 15.44 1.97 -20.34
N PHE B 607 14.95 3.20 -20.20
CA PHE B 607 13.67 3.43 -19.55
C PHE B 607 12.49 3.20 -20.49
N GLN B 608 12.68 3.37 -21.81
CA GLN B 608 11.53 3.33 -22.73
C GLN B 608 10.90 1.93 -22.89
N GLN B 609 11.29 0.89 -22.16
CA GLN B 609 10.50 -0.33 -22.07
C GLN B 609 9.78 -0.45 -20.74
N TYR B 610 9.70 0.65 -20.00
CA TYR B 610 8.90 0.74 -18.79
C TYR B 610 7.67 1.58 -19.06
N GLY B 611 7.06 1.36 -20.22
CA GLY B 611 5.93 2.13 -20.70
C GLY B 611 4.72 2.26 -19.79
N PRO B 612 3.98 1.17 -19.58
CA PRO B 612 2.68 1.30 -18.91
C PRO B 612 2.73 1.58 -17.42
N VAL B 613 3.89 1.47 -16.77
CA VAL B 613 3.92 1.75 -15.34
C VAL B 613 3.88 3.25 -15.07
N CYS B 614 4.43 4.07 -15.98
CA CYS B 614 4.20 5.51 -15.86
C CYS B 614 2.76 5.89 -16.17
N ASP B 615 2.09 5.16 -17.06
CA ASP B 615 0.68 5.42 -17.30
C ASP B 615 -0.15 5.09 -16.07
N ASN B 616 0.20 3.99 -15.39
CA ASN B 616 -0.50 3.62 -14.17
C ASN B 616 -0.21 4.61 -13.04
N ILE B 617 1.00 5.16 -12.96
CA ILE B 617 1.29 6.12 -11.91
C ILE B 617 0.76 7.51 -12.27
N LEU B 618 0.40 7.73 -13.52
CA LEU B 618 -0.12 9.04 -13.91
C LEU B 618 -1.64 9.09 -13.83
N SER B 619 -2.32 7.97 -14.12
CA SER B 619 -3.77 7.99 -14.25
C SER B 619 -4.48 8.24 -12.92
N VAL B 620 -3.95 7.68 -11.83
CA VAL B 620 -4.61 7.87 -10.54
C VAL B 620 -4.44 9.31 -10.04
N VAL B 621 -3.30 9.94 -10.33
CA VAL B 621 -3.09 11.32 -9.94
C VAL B 621 -3.96 12.25 -10.78
N ASN B 622 -4.11 11.95 -12.07
CA ASN B 622 -5.00 12.73 -12.93
C ASN B 622 -6.45 12.59 -12.49
N SER B 623 -6.86 11.39 -12.09
CA SER B 623 -8.22 11.16 -11.64
C SER B 623 -8.53 11.88 -10.34
N ILE B 624 -7.61 11.84 -9.37
CA ILE B 624 -7.91 12.53 -8.10
C ILE B 624 -7.85 14.04 -8.30
N GLY B 625 -7.01 14.52 -9.22
CA GLY B 625 -7.00 15.95 -9.52
C GLY B 625 -8.31 16.44 -10.11
N GLN B 626 -8.86 15.69 -11.07
CA GLN B 626 -10.12 16.10 -11.68
C GLN B 626 -11.28 15.97 -10.70
N LYS B 627 -11.31 14.87 -9.92
CA LYS B 627 -12.41 14.65 -9.00
C LYS B 627 -12.39 15.64 -7.84
N GLU B 628 -11.21 16.13 -7.45
CA GLU B 628 -11.19 17.19 -6.47
C GLU B 628 -11.60 18.52 -7.10
N ASP B 629 -11.12 18.79 -8.31
CA ASP B 629 -11.25 20.13 -8.88
C ASP B 629 -12.67 20.42 -9.35
N MET B 630 -13.48 19.40 -9.61
CA MET B 630 -14.87 19.67 -9.98
C MET B 630 -15.72 20.01 -8.76
N GLU B 631 -15.77 19.11 -7.78
CA GLU B 631 -16.65 19.39 -6.65
C GLU B 631 -16.07 20.40 -5.66
N LEU B 632 -14.81 20.84 -5.82
CA LEU B 632 -14.39 22.04 -5.12
C LEU B 632 -15.13 23.26 -5.63
N LEU B 633 -15.31 23.36 -6.95
CA LEU B 633 -16.12 24.44 -7.49
C LEU B 633 -17.60 24.27 -7.15
N ASN B 634 -18.06 23.02 -7.01
CA ASN B 634 -19.41 22.79 -6.50
C ASN B 634 -19.57 23.32 -5.07
N PHE B 635 -18.57 23.05 -4.22
CA PHE B 635 -18.60 23.55 -2.84
C PHE B 635 -18.51 25.07 -2.79
N TYR B 636 -17.78 25.68 -3.71
CA TYR B 636 -17.71 27.13 -3.73
C TYR B 636 -19.01 27.74 -4.25
N SER B 637 -19.68 27.09 -5.19
CA SER B 637 -20.90 27.66 -5.74
C SER B 637 -22.14 27.31 -4.93
N SER B 638 -22.03 26.41 -3.96
CA SER B 638 -23.20 26.12 -3.14
C SER B 638 -23.32 27.03 -1.93
N THR B 639 -22.22 27.65 -1.48
CA THR B 639 -22.22 28.37 -0.22
C THR B 639 -21.87 29.86 -0.32
N LYS B 640 -21.24 30.31 -1.39
CA LYS B 640 -20.97 31.73 -1.58
C LYS B 640 -22.30 32.46 -1.77
N PRO B 641 -22.72 33.28 -0.81
CA PRO B 641 -24.15 33.60 -0.66
C PRO B 641 -24.81 34.40 -1.77
N ALA B 642 -24.36 35.63 -2.00
CA ALA B 642 -25.02 36.47 -2.98
C ALA B 642 -24.08 37.39 -3.74
N GLY B 643 -22.78 37.31 -3.53
CA GLY B 643 -21.92 38.43 -3.84
C GLY B 643 -21.48 39.10 -2.56
N PHE B 644 -22.11 40.23 -2.24
CA PHE B 644 -21.82 41.04 -1.04
C PHE B 644 -20.34 41.42 -0.99
N ASN B 645 -19.83 41.97 -2.10
CA ASN B 645 -18.42 42.32 -2.21
C ASN B 645 -18.18 43.66 -1.52
N THR B 646 -18.29 43.62 -0.20
CA THR B 646 -18.17 44.74 0.70
C THR B 646 -17.13 44.32 1.72
N PRO B 647 -16.17 45.20 2.05
CA PRO B 647 -15.11 44.78 2.99
C PRO B 647 -15.59 44.50 4.39
N PHE B 648 -16.37 45.42 4.98
CA PHE B 648 -16.88 45.35 6.36
C PHE B 648 -15.73 45.17 7.35
N LEU B 649 -14.89 46.20 7.39
CA LEU B 649 -13.55 46.13 7.95
C LEU B 649 -13.47 46.60 9.40
N SER B 650 -14.54 46.38 10.16
CA SER B 650 -14.54 46.38 11.63
C SER B 650 -14.18 47.74 12.25
N ASN B 651 -14.47 48.84 11.56
CA ASN B 651 -14.67 50.11 12.23
C ASN B 651 -16.14 50.53 12.16
N VAL B 652 -17.00 49.60 11.76
CA VAL B 652 -18.43 49.84 11.70
C VAL B 652 -18.98 49.90 13.12
N SER B 653 -19.67 50.99 13.44
CA SER B 653 -20.14 51.25 14.79
C SER B 653 -21.26 50.29 15.17
N THR B 654 -20.94 49.30 16.00
CA THR B 654 -21.94 48.44 16.60
C THR B 654 -22.38 49.03 17.93
N GLY B 655 -23.37 48.41 18.56
CA GLY B 655 -23.92 48.96 19.78
C GLY B 655 -23.01 48.85 20.99
N GLU B 656 -22.85 47.63 21.52
CA GLU B 656 -21.93 47.40 22.62
C GLU B 656 -21.16 46.09 22.47
N PHE B 657 -21.07 45.56 21.25
CA PHE B 657 -20.40 44.30 20.99
C PHE B 657 -19.04 44.60 20.39
N ASN B 658 -17.97 44.37 21.16
CA ASN B 658 -16.63 44.54 20.61
C ASN B 658 -16.28 43.30 19.79
N ILE B 659 -16.69 43.34 18.52
CA ILE B 659 -16.35 42.28 17.58
C ILE B 659 -15.24 42.68 16.62
N SER B 660 -14.66 43.87 16.77
CA SER B 660 -13.56 44.31 15.92
C SER B 660 -12.28 43.54 16.18
N LEU B 661 -12.19 42.85 17.32
CA LEU B 661 -11.13 41.89 17.55
C LEU B 661 -11.20 40.74 16.56
N LEU B 662 -12.39 40.39 16.11
CA LEU B 662 -12.63 39.16 15.39
C LEU B 662 -12.69 39.34 13.88
N LEU B 663 -12.83 40.57 13.38
CA LEU B 663 -12.93 40.83 11.96
C LEU B 663 -11.71 41.62 11.48
N THR B 664 -11.66 41.88 10.18
CA THR B 664 -10.45 42.38 9.56
C THR B 664 -10.21 43.86 9.87
N THR B 665 -8.96 44.25 9.79
CA THR B 665 -8.35 45.53 10.11
C THR B 665 -8.14 46.35 8.83
N PRO B 666 -8.15 47.69 8.92
CA PRO B 666 -7.89 48.48 7.72
C PRO B 666 -6.43 48.44 7.29
N SER B 667 -5.49 48.44 8.23
CA SER B 667 -4.07 48.57 7.92
C SER B 667 -3.42 47.19 7.95
N SER B 668 -3.37 46.55 6.78
CA SER B 668 -2.73 45.24 6.63
C SER B 668 -2.42 45.03 5.16
N PRO B 669 -1.27 44.45 4.81
CA PRO B 669 -0.99 44.17 3.39
C PRO B 669 -1.83 43.04 2.84
N ARG B 670 -2.30 42.12 3.67
CA ARG B 670 -3.19 41.05 3.26
C ARG B 670 -4.52 41.20 3.97
N ARG B 671 -5.59 40.76 3.31
CA ARG B 671 -6.92 40.85 3.89
C ARG B 671 -7.07 39.82 4.99
N ARG B 672 -6.69 40.18 6.21
CA ARG B 672 -6.54 39.20 7.27
C ARG B 672 -6.95 39.81 8.59
N SER B 673 -7.73 39.06 9.38
CA SER B 673 -8.18 39.52 10.68
C SER B 673 -7.12 39.19 11.72
N PHE B 674 -7.47 39.30 12.99
CA PHE B 674 -6.50 39.10 14.06
C PHE B 674 -6.34 37.63 14.41
N ILE B 675 -7.47 36.90 14.50
CA ILE B 675 -7.44 35.55 15.03
C ILE B 675 -6.82 34.58 14.04
N GLU B 676 -7.14 34.71 12.75
CA GLU B 676 -6.45 33.84 11.80
C GLU B 676 -5.02 34.29 11.54
N ASP B 677 -4.66 35.52 11.90
CA ASP B 677 -3.24 35.88 11.91
C ASP B 677 -2.51 35.15 13.03
N LEU B 678 -3.17 35.03 14.20
CA LEU B 678 -2.62 34.21 15.27
C LEU B 678 -2.57 32.73 14.88
N LEU B 679 -3.50 32.29 14.04
CA LEU B 679 -3.45 30.93 13.51
C LEU B 679 -2.30 30.76 12.51
N PHE B 680 -2.07 31.76 11.66
CA PHE B 680 -1.02 31.69 10.65
C PHE B 680 0.39 31.76 11.24
N THR B 681 0.60 32.53 12.31
CA THR B 681 1.96 32.64 12.85
C THR B 681 2.43 31.39 13.58
N SER B 682 1.54 30.41 13.81
CA SER B 682 2.00 29.13 14.32
C SER B 682 2.49 28.21 13.23
N VAL B 683 2.23 28.55 11.97
CA VAL B 683 2.71 27.76 10.84
C VAL B 683 3.62 28.60 9.95
N ALA B 693 1.13 31.48 -5.80
CA ALA B 693 1.72 30.50 -6.70
C ALA B 693 2.33 31.18 -7.91
N TYR B 694 2.87 32.39 -7.70
CA TYR B 694 3.50 33.18 -8.76
C TYR B 694 4.97 33.34 -8.39
N LYS B 695 5.85 32.61 -9.06
CA LYS B 695 7.28 32.71 -8.83
C LYS B 695 8.02 32.84 -10.14
N ASN B 696 9.33 33.08 -10.03
CA ASN B 696 10.26 32.93 -11.14
C ASN B 696 11.40 32.09 -10.59
N CYS B 697 11.37 30.79 -10.87
CA CYS B 697 12.26 29.83 -10.23
C CYS B 697 13.69 29.94 -10.74
N THR B 698 13.91 30.65 -11.84
CA THR B 698 15.26 30.78 -12.39
C THR B 698 16.14 31.66 -11.51
N ALA B 699 15.58 32.72 -10.92
CA ALA B 699 16.36 33.61 -10.07
C ALA B 699 15.43 34.30 -9.08
N GLY B 700 15.90 34.43 -7.84
CA GLY B 700 15.15 35.14 -6.82
C GLY B 700 14.50 34.23 -5.81
N PRO B 701 15.06 34.17 -4.60
CA PRO B 701 14.42 33.42 -3.52
C PRO B 701 13.37 34.25 -2.80
N LEU B 702 12.54 33.56 -2.03
CA LEU B 702 11.49 34.19 -1.24
C LEU B 702 11.66 33.95 0.25
N GLY B 703 11.77 32.69 0.68
CA GLY B 703 11.77 32.38 2.09
C GLY B 703 12.49 31.09 2.41
N PHE B 704 12.41 30.69 3.68
CA PHE B 704 13.10 29.50 4.15
C PHE B 704 12.34 28.23 3.77
N LEU B 705 11.00 28.30 3.74
CA LEU B 705 10.18 27.12 3.52
C LEU B 705 9.43 27.14 2.20
N LYS B 706 9.01 28.31 1.72
CA LYS B 706 8.33 28.38 0.43
C LYS B 706 9.28 28.11 -0.74
N ASP B 707 10.58 28.29 -0.56
CA ASP B 707 11.54 28.06 -1.62
C ASP B 707 12.01 26.61 -1.71
N LEU B 708 11.22 25.67 -1.20
CA LEU B 708 11.40 24.27 -1.57
C LEU B 708 10.69 23.93 -2.87
N ALA B 709 9.90 24.86 -3.42
CA ALA B 709 9.22 24.61 -4.68
C ALA B 709 10.20 24.51 -5.84
N CYS B 710 11.32 25.23 -5.77
CA CYS B 710 12.34 25.07 -6.80
C CYS B 710 13.11 23.76 -6.65
N ALA B 711 13.24 23.24 -5.44
CA ALA B 711 13.81 21.91 -5.29
C ALA B 711 12.83 20.82 -5.72
N ARG B 712 11.53 21.09 -5.62
CA ARG B 712 10.55 20.12 -6.09
C ARG B 712 10.43 20.13 -7.60
N GLU B 713 10.38 21.32 -8.22
CA GLU B 713 10.17 21.40 -9.66
C GLU B 713 11.38 20.94 -10.47
N TYR B 714 12.56 20.88 -9.87
CA TYR B 714 13.74 20.38 -10.55
C TYR B 714 13.90 18.89 -10.38
N ASN B 715 12.98 18.24 -9.67
CA ASN B 715 12.92 16.79 -9.59
C ASN B 715 11.61 16.23 -10.10
N GLY B 716 10.71 17.06 -10.59
CA GLY B 716 9.49 16.58 -11.21
C GLY B 716 8.36 16.28 -10.28
N LEU B 717 8.15 17.08 -9.23
CA LEU B 717 6.97 16.99 -8.38
C LEU B 717 6.41 18.40 -8.27
N LEU B 718 5.61 18.79 -9.25
CA LEU B 718 5.10 20.15 -9.34
C LEU B 718 3.63 20.18 -8.96
N VAL B 719 3.13 21.39 -8.68
CA VAL B 719 1.77 21.59 -8.23
C VAL B 719 0.97 22.27 -9.34
N LEU B 720 -0.34 22.29 -9.15
CA LEU B 720 -1.28 22.92 -10.07
C LEU B 720 -2.20 23.83 -9.28
N PRO B 721 -2.58 24.99 -9.83
CA PRO B 721 -3.44 25.90 -9.09
C PRO B 721 -4.87 25.40 -9.03
N PRO B 722 -5.61 25.73 -7.97
CA PRO B 722 -7.00 25.26 -7.87
C PRO B 722 -7.92 26.00 -8.83
N ILE B 723 -9.16 25.51 -8.92
CA ILE B 723 -10.09 26.15 -9.84
C ILE B 723 -10.64 27.44 -9.25
N ILE B 724 -10.67 27.56 -7.93
CA ILE B 724 -10.83 28.86 -7.31
C ILE B 724 -9.44 29.48 -7.19
N THR B 725 -9.27 30.66 -7.74
CA THR B 725 -7.93 31.21 -7.84
C THR B 725 -7.52 31.85 -6.52
N ALA B 726 -6.26 32.26 -6.45
CA ALA B 726 -5.79 33.03 -5.30
C ALA B 726 -6.44 34.40 -5.31
N GLU B 727 -6.65 34.95 -4.10
CA GLU B 727 -7.46 36.14 -3.85
C GLU B 727 -8.86 35.97 -4.47
N MET B 728 -9.45 34.81 -4.20
CA MET B 728 -10.86 34.59 -4.48
C MET B 728 -11.43 33.85 -3.27
N GLN B 729 -10.53 33.30 -2.46
CA GLN B 729 -10.91 32.66 -1.22
C GLN B 729 -10.77 33.59 -0.02
N THR B 730 -10.01 34.68 -0.15
CA THR B 730 -9.91 35.64 0.95
C THR B 730 -11.12 36.57 1.01
N LEU B 731 -11.92 36.63 -0.05
CA LEU B 731 -13.20 37.31 0.01
C LEU B 731 -14.33 36.40 0.44
N TYR B 732 -14.09 35.09 0.47
CA TYR B 732 -15.13 34.11 0.77
C TYR B 732 -15.60 34.23 2.22
N THR B 733 -14.65 34.28 3.16
CA THR B 733 -14.98 34.39 4.58
C THR B 733 -15.63 35.73 4.89
N SER B 734 -15.14 36.81 4.28
CA SER B 734 -15.72 38.13 4.50
C SER B 734 -17.13 38.22 3.93
N SER B 735 -17.37 37.62 2.76
CA SER B 735 -18.73 37.62 2.21
C SER B 735 -19.66 36.74 3.03
N LEU B 736 -19.13 35.68 3.63
CA LEU B 736 -19.99 34.81 4.42
C LEU B 736 -20.40 35.47 5.73
N VAL B 737 -19.47 36.17 6.39
CA VAL B 737 -19.88 36.89 7.60
C VAL B 737 -20.67 38.14 7.24
N ALA B 738 -20.49 38.68 6.03
CA ALA B 738 -21.32 39.80 5.59
C ALA B 738 -22.76 39.36 5.34
N SER B 739 -22.95 38.16 4.81
CA SER B 739 -24.31 37.64 4.68
C SER B 739 -24.90 37.21 6.01
N MET B 740 -24.07 36.79 6.97
CA MET B 740 -24.58 36.48 8.29
C MET B 740 -25.01 37.74 9.04
N ALA B 741 -24.33 38.86 8.81
CA ALA B 741 -24.67 40.09 9.53
C ALA B 741 -25.76 40.88 8.81
N PHE B 742 -25.51 41.28 7.56
CA PHE B 742 -26.41 42.17 6.85
C PHE B 742 -27.70 41.49 6.40
N GLY B 743 -27.74 40.16 6.37
CA GLY B 743 -28.92 39.43 5.94
C GLY B 743 -30.11 39.65 6.85
N GLY B 744 -31.19 40.19 6.31
CA GLY B 744 -32.19 40.74 7.18
C GLY B 744 -32.48 42.20 6.90
N ILE B 745 -31.95 43.06 7.76
CA ILE B 745 -32.28 44.49 7.81
C ILE B 745 -31.95 45.22 6.50
N THR B 746 -32.57 46.40 6.35
CA THR B 746 -32.41 47.24 5.18
C THR B 746 -31.44 48.39 5.41
N ALA B 747 -30.55 48.25 6.39
CA ALA B 747 -29.43 49.16 6.70
C ALA B 747 -29.92 50.58 7.01
N ALA B 748 -30.65 50.68 8.13
CA ALA B 748 -31.10 51.97 8.64
C ALA B 748 -31.39 51.80 10.14
N GLY B 749 -30.53 52.36 10.99
CA GLY B 749 -30.79 52.35 12.42
C GLY B 749 -29.80 51.63 13.31
N ALA B 750 -28.50 51.66 12.93
CA ALA B 750 -27.37 51.22 13.76
C ALA B 750 -27.46 49.73 14.13
N ILE B 751 -27.84 48.90 13.17
CA ILE B 751 -28.02 47.48 13.44
C ILE B 751 -27.15 46.47 12.67
N PRO B 752 -25.87 46.78 12.44
CA PRO B 752 -25.07 45.84 11.63
C PRO B 752 -24.90 44.40 12.18
N PHE B 753 -24.76 44.26 13.48
CA PHE B 753 -24.50 42.96 14.11
C PHE B 753 -25.35 42.66 15.33
N ALA B 754 -25.91 43.68 15.98
CA ALA B 754 -26.60 43.46 17.26
C ALA B 754 -27.96 42.79 17.06
N THR B 755 -28.78 43.33 16.15
CA THR B 755 -30.17 42.90 16.01
C THR B 755 -30.28 41.46 15.54
N GLN B 756 -29.32 41.02 14.72
CA GLN B 756 -29.22 39.61 14.36
C GLN B 756 -29.04 38.73 15.59
N LEU B 757 -28.23 39.17 16.54
CA LEU B 757 -27.96 38.36 17.71
C LEU B 757 -29.15 38.36 18.68
N GLN B 758 -29.78 39.52 18.90
CA GLN B 758 -30.93 39.51 19.81
C GLN B 758 -32.14 38.82 19.20
N ALA B 759 -32.31 38.90 17.88
CA ALA B 759 -33.41 38.17 17.26
C ALA B 759 -33.07 36.71 17.04
N ARG B 760 -31.82 36.31 17.23
CA ARG B 760 -31.46 34.91 17.20
C ARG B 760 -31.42 34.29 18.60
N ILE B 761 -31.33 35.10 19.66
CA ILE B 761 -31.26 34.55 21.01
C ILE B 761 -32.64 34.31 21.61
N ASN B 762 -33.68 35.01 21.15
CA ASN B 762 -35.00 34.79 21.70
C ASN B 762 -35.77 33.70 20.98
N HIS B 763 -35.10 32.90 20.15
CA HIS B 763 -35.73 31.73 19.56
C HIS B 763 -35.68 30.54 20.51
N LEU B 764 -34.84 30.59 21.54
CA LEU B 764 -34.82 29.53 22.53
C LEU B 764 -36.08 29.57 23.40
N GLY B 765 -36.49 30.75 23.84
CA GLY B 765 -37.85 30.97 24.32
C GLY B 765 -38.77 31.20 23.14
N ILE B 766 -39.92 31.78 23.39
CA ILE B 766 -40.82 32.04 22.26
C ILE B 766 -41.29 33.48 22.17
N THR B 767 -40.46 34.31 21.54
CA THR B 767 -40.69 35.71 21.16
C THR B 767 -39.74 36.02 20.01
N GLN B 768 -39.81 37.27 19.53
CA GLN B 768 -38.90 37.76 18.49
C GLN B 768 -38.58 39.23 18.72
N SER B 769 -37.29 39.53 18.89
CA SER B 769 -36.69 40.88 18.84
C SER B 769 -37.29 41.82 19.90
N LEU B 770 -37.03 41.47 21.15
CA LEU B 770 -37.50 42.26 22.28
C LEU B 770 -36.49 43.35 22.63
N LEU B 771 -37.00 44.51 23.02
CA LEU B 771 -36.18 45.67 23.30
C LEU B 771 -36.34 46.11 24.75
N LEU B 772 -35.26 46.71 25.28
CA LEU B 772 -35.16 47.45 26.55
C LEU B 772 -35.24 46.54 27.77
N LYS B 773 -35.57 45.27 27.57
CA LYS B 773 -35.26 44.20 28.49
C LYS B 773 -34.45 43.19 27.70
N ASN B 774 -33.45 42.59 28.37
CA ASN B 774 -32.47 41.70 27.76
C ASN B 774 -31.73 42.40 26.61
N GLN B 775 -31.04 43.47 26.94
CA GLN B 775 -30.23 44.14 25.94
C GLN B 775 -28.81 44.41 26.40
N GLU B 776 -28.61 44.77 27.66
CA GLU B 776 -27.25 44.94 28.18
C GLU B 776 -26.76 43.70 28.89
N LYS B 777 -27.68 42.81 29.29
CA LYS B 777 -27.28 41.53 29.84
C LYS B 777 -26.59 40.68 28.79
N ILE B 778 -27.14 40.67 27.57
CA ILE B 778 -26.50 40.04 26.43
C ILE B 778 -25.15 40.68 26.14
N ALA B 779 -25.07 42.01 26.28
CA ALA B 779 -23.82 42.73 26.00
C ALA B 779 -22.71 42.33 26.97
N ALA B 780 -23.03 42.30 28.26
CA ALA B 780 -22.04 41.90 29.27
C ALA B 780 -21.66 40.45 29.14
N SER B 781 -22.63 39.57 28.85
CA SER B 781 -22.34 38.15 28.69
C SER B 781 -21.46 37.89 27.46
N PHE B 782 -21.77 38.55 26.35
CA PHE B 782 -20.99 38.35 25.14
C PHE B 782 -19.61 38.98 25.24
N ASN B 783 -19.49 40.07 26.01
CA ASN B 783 -18.18 40.67 26.23
C ASN B 783 -17.30 39.77 27.09
N LYS B 784 -17.87 39.14 28.12
CA LYS B 784 -17.14 38.16 28.91
C LYS B 784 -16.78 36.93 28.07
N ALA B 785 -17.66 36.54 27.14
CA ALA B 785 -17.39 35.41 26.27
C ALA B 785 -16.23 35.67 25.32
N ILE B 786 -16.19 36.87 24.72
CA ILE B 786 -15.05 37.17 23.84
C ILE B 786 -13.78 37.42 24.64
N GLY B 787 -13.90 37.81 25.91
CA GLY B 787 -12.71 37.88 26.76
C GLY B 787 -12.10 36.51 27.03
N ARG B 788 -12.95 35.53 27.37
CA ARG B 788 -12.47 34.16 27.49
C ARG B 788 -11.95 33.61 26.16
N MET B 789 -12.54 34.08 25.05
CA MET B 789 -12.09 33.67 23.72
C MET B 789 -10.70 34.20 23.40
N GLN B 790 -10.45 35.49 23.68
CA GLN B 790 -9.13 36.04 23.40
C GLN B 790 -8.09 35.55 24.40
N GLU B 791 -8.50 35.07 25.57
CA GLU B 791 -7.56 34.37 26.43
C GLU B 791 -7.25 32.97 25.92
N GLY B 792 -8.23 32.31 25.30
CA GLY B 792 -8.15 30.87 25.11
C GLY B 792 -7.21 30.37 24.03
N PHE B 793 -6.92 31.18 23.02
CA PHE B 793 -6.20 30.66 21.85
C PHE B 793 -4.73 30.40 22.13
N ARG B 794 -4.09 31.22 22.97
CA ARG B 794 -2.64 31.17 23.04
C ARG B 794 -2.13 29.98 23.85
N SER B 795 -2.88 29.51 24.85
CA SER B 795 -2.38 28.45 25.72
C SER B 795 -3.15 27.15 25.57
N THR B 796 -4.46 27.13 25.81
CA THR B 796 -5.26 25.90 25.83
C THR B 796 -6.46 26.08 24.92
N SER B 797 -6.36 25.58 23.69
CA SER B 797 -7.48 25.57 22.76
C SER B 797 -7.56 24.20 22.11
N LEU B 798 -8.49 24.07 21.17
CA LEU B 798 -8.70 22.82 20.45
C LEU B 798 -8.32 22.90 18.98
N ALA B 799 -8.41 24.08 18.37
CA ALA B 799 -8.12 24.19 16.94
C ALA B 799 -6.63 24.15 16.66
N LEU B 800 -5.80 24.68 17.56
CA LEU B 800 -4.40 24.95 17.26
C LEU B 800 -3.60 23.66 17.07
N GLN B 801 -3.82 22.66 17.93
CA GLN B 801 -3.08 21.41 17.78
C GLN B 801 -3.57 20.63 16.56
N GLN B 802 -4.84 20.78 16.17
CA GLN B 802 -5.31 20.17 14.93
C GLN B 802 -4.65 20.79 13.72
N ILE B 803 -4.49 22.12 13.74
CA ILE B 803 -3.72 22.84 12.72
C ILE B 803 -2.30 22.30 12.64
N GLN B 804 -1.69 22.08 13.80
CA GLN B 804 -0.32 21.60 13.86
C GLN B 804 -0.18 20.20 13.26
N HIS B 805 -1.07 19.29 13.64
CA HIS B 805 -0.98 17.91 13.13
C HIS B 805 -1.27 17.84 11.63
N VAL B 806 -2.23 18.62 11.14
CA VAL B 806 -2.57 18.59 9.73
C VAL B 806 -1.45 19.18 8.87
N VAL B 807 -0.86 20.30 9.30
CA VAL B 807 0.24 20.90 8.54
C VAL B 807 1.47 20.00 8.55
N ASN B 808 1.77 19.36 9.68
CA ASN B 808 2.94 18.48 9.73
C ASN B 808 2.74 17.22 8.90
N LYS B 809 1.52 16.67 8.84
CA LYS B 809 1.31 15.50 7.98
C LYS B 809 1.36 15.87 6.50
N GLN B 810 0.75 17.01 6.12
CA GLN B 810 0.79 17.46 4.74
C GLN B 810 2.19 17.81 4.28
N ASN B 811 3.07 18.22 5.19
CA ASN B 811 4.45 18.42 4.80
C ASN B 811 5.20 17.09 4.74
N ALA B 812 4.93 16.18 5.67
CA ALA B 812 5.69 14.94 5.78
C ALA B 812 5.32 13.91 4.72
N ILE B 813 4.24 14.10 3.98
CA ILE B 813 3.98 13.19 2.85
C ILE B 813 5.00 13.40 1.74
N LEU B 814 5.26 14.65 1.36
CA LEU B 814 6.12 14.90 0.21
C LEU B 814 7.60 14.97 0.54
N THR B 815 7.97 15.24 1.79
CA THR B 815 9.39 15.39 2.09
C THR B 815 10.09 14.08 2.38
N GLU B 816 9.41 12.94 2.27
CA GLU B 816 10.09 11.66 2.29
C GLU B 816 10.27 11.07 0.91
N THR B 817 9.45 11.46 -0.06
CA THR B 817 9.66 11.04 -1.45
C THR B 817 10.56 11.99 -2.21
N MET B 818 11.19 12.96 -1.54
CA MET B 818 12.36 13.65 -2.05
C MET B 818 13.65 13.10 -1.48
N ALA B 819 13.67 12.77 -0.18
CA ALA B 819 14.82 12.15 0.44
C ALA B 819 14.89 10.64 0.19
N SER B 820 14.04 10.11 -0.68
CA SER B 820 14.15 8.74 -1.14
C SER B 820 15.02 8.61 -2.38
N LEU B 821 15.80 9.63 -2.73
CA LEU B 821 16.66 9.54 -3.89
C LEU B 821 18.04 9.01 -3.53
N ASN B 822 18.66 9.54 -2.48
CA ASN B 822 19.97 9.06 -2.06
C ASN B 822 19.91 7.67 -1.47
N LYS B 823 18.74 7.24 -1.01
CA LYS B 823 18.54 5.89 -0.47
C LYS B 823 18.64 4.91 -1.64
N ASN B 824 19.80 4.27 -1.76
CA ASN B 824 19.97 3.27 -2.80
C ASN B 824 19.20 2.01 -2.45
N PHE B 825 18.78 1.30 -3.47
CA PHE B 825 18.15 0.01 -3.31
C PHE B 825 19.24 -1.05 -3.37
N GLY B 826 18.86 -2.31 -3.59
CA GLY B 826 19.88 -3.32 -3.80
C GLY B 826 20.66 -3.00 -5.05
N ALA B 827 21.85 -2.47 -4.85
CA ALA B 827 22.61 -1.77 -5.88
C ALA B 827 24.03 -1.57 -5.35
N ILE B 828 24.82 -0.76 -6.05
CA ILE B 828 26.15 -0.43 -5.61
C ILE B 828 26.31 1.04 -5.26
N SER B 829 25.43 1.91 -5.74
CA SER B 829 25.50 3.34 -5.45
C SER B 829 24.11 3.92 -5.64
N SER B 830 24.01 5.24 -5.43
CA SER B 830 22.73 5.94 -5.51
C SER B 830 22.55 6.69 -6.81
N LEU B 831 23.53 7.49 -7.21
CA LEU B 831 23.44 8.21 -8.48
C LEU B 831 23.72 7.26 -9.64
N ILE B 832 23.17 7.59 -10.81
CA ILE B 832 23.21 6.71 -11.96
C ILE B 832 24.24 7.17 -13.00
N GLN B 833 24.81 8.36 -12.84
CA GLN B 833 25.84 8.83 -13.75
C GLN B 833 27.12 8.01 -13.64
N GLU B 834 27.45 7.55 -12.44
CA GLU B 834 28.69 6.81 -12.24
C GLU B 834 28.42 5.38 -11.82
N ILE B 835 27.43 4.74 -12.44
CA ILE B 835 27.34 3.29 -12.48
C ILE B 835 27.95 2.72 -13.74
N TYR B 836 27.75 3.40 -14.87
CA TYR B 836 28.30 2.94 -16.14
C TYR B 836 29.79 3.19 -16.24
N GLN B 837 30.35 4.05 -15.39
CA GLN B 837 31.76 4.39 -15.46
C GLN B 837 32.62 3.48 -14.60
N GLN B 838 32.03 2.77 -13.65
CA GLN B 838 32.82 1.95 -12.75
C GLN B 838 32.93 0.50 -13.21
N LEU B 839 31.87 -0.04 -13.78
CA LEU B 839 31.87 -1.47 -14.10
C LEU B 839 31.38 -1.76 -15.52
N ASP B 840 31.15 -3.04 -15.81
CA ASP B 840 30.91 -3.55 -17.15
C ASP B 840 29.56 -3.06 -17.68
N ALA B 841 29.39 -3.15 -19.00
CA ALA B 841 28.16 -2.69 -19.65
C ALA B 841 27.01 -3.66 -19.38
N ILE B 842 27.15 -4.92 -19.80
CA ILE B 842 26.03 -5.87 -19.72
C ILE B 842 25.82 -6.43 -18.33
N GLN B 843 26.61 -5.99 -17.35
CA GLN B 843 26.36 -6.34 -15.96
C GLN B 843 25.72 -5.18 -15.20
N ALA B 844 25.82 -3.95 -15.72
CA ALA B 844 25.21 -2.78 -15.09
C ALA B 844 23.70 -2.74 -15.25
N ASN B 845 23.14 -3.44 -16.24
CA ASN B 845 21.73 -3.30 -16.52
C ASN B 845 20.85 -3.92 -15.44
N ALA B 846 21.34 -4.95 -14.76
CA ALA B 846 20.61 -5.49 -13.61
C ALA B 846 20.54 -4.48 -12.48
N GLN B 847 21.66 -3.79 -12.22
CA GLN B 847 21.72 -2.76 -11.19
C GLN B 847 20.77 -1.61 -11.50
N VAL B 848 20.79 -1.15 -12.75
CA VAL B 848 19.94 -0.05 -13.18
C VAL B 848 18.47 -0.44 -13.14
N ASP B 849 18.14 -1.70 -13.49
CA ASP B 849 16.76 -2.15 -13.41
C ASP B 849 16.26 -2.21 -11.98
N ARG B 850 17.12 -2.66 -11.05
CA ARG B 850 16.73 -2.69 -9.64
C ARG B 850 16.48 -1.28 -9.11
N LEU B 851 17.34 -0.33 -9.49
CA LEU B 851 17.20 1.03 -8.98
C LEU B 851 15.96 1.72 -9.56
N ILE B 852 15.66 1.52 -10.84
CA ILE B 852 14.50 2.15 -11.44
C ILE B 852 13.20 1.53 -10.91
N THR B 853 13.20 0.21 -10.68
CA THR B 853 12.03 -0.44 -10.10
C THR B 853 11.77 0.07 -8.68
N GLY B 854 12.84 0.30 -7.91
CA GLY B 854 12.67 0.87 -6.58
C GLY B 854 12.10 2.28 -6.58
N ARG B 855 12.59 3.13 -7.49
CA ARG B 855 12.08 4.50 -7.53
C ARG B 855 10.64 4.57 -8.01
N LEU B 856 10.24 3.69 -8.94
CA LEU B 856 8.83 3.67 -9.32
C LEU B 856 7.94 3.09 -8.21
N SER B 857 8.50 2.22 -7.36
CA SER B 857 7.76 1.78 -6.19
C SER B 857 7.54 2.94 -5.21
N SER B 858 8.53 3.82 -5.09
CA SER B 858 8.38 5.00 -4.22
C SER B 858 7.29 5.94 -4.76
N LEU B 859 7.24 6.11 -6.08
CA LEU B 859 6.15 6.92 -6.65
C LEU B 859 4.78 6.26 -6.47
N SER B 860 4.73 4.92 -6.45
CA SER B 860 3.47 4.23 -6.16
C SER B 860 2.99 4.51 -4.73
N VAL B 861 3.93 4.51 -3.78
CA VAL B 861 3.61 4.85 -2.40
C VAL B 861 3.08 6.30 -2.30
N LEU B 862 3.70 7.21 -3.06
CA LEU B 862 3.25 8.61 -3.07
C LEU B 862 1.82 8.74 -3.60
N ALA B 863 1.51 8.07 -4.71
CA ALA B 863 0.18 8.19 -5.30
C ALA B 863 -0.90 7.56 -4.41
N SER B 864 -0.59 6.44 -3.76
CA SER B 864 -1.56 5.83 -2.85
C SER B 864 -1.82 6.70 -1.63
N ALA B 865 -0.77 7.31 -1.07
CA ALA B 865 -0.96 8.21 0.07
C ALA B 865 -1.77 9.44 -0.32
N LYS B 866 -1.57 9.94 -1.54
CA LYS B 866 -2.33 11.09 -2.00
C LYS B 866 -3.81 10.75 -2.19
N GLN B 867 -4.11 9.54 -2.66
CA GLN B 867 -5.52 9.16 -2.82
C GLN B 867 -6.20 8.98 -1.47
N ALA B 868 -5.50 8.41 -0.48
CA ALA B 868 -6.08 8.28 0.86
C ALA B 868 -6.34 9.64 1.49
N GLU B 869 -5.42 10.59 1.30
CA GLU B 869 -5.63 11.93 1.83
C GLU B 869 -6.77 12.64 1.10
N HIS B 870 -6.99 12.32 -0.19
CA HIS B 870 -8.14 12.88 -0.89
C HIS B 870 -9.46 12.36 -0.33
N ILE B 871 -9.50 11.08 0.04
CA ILE B 871 -10.72 10.53 0.66
C ILE B 871 -11.00 11.22 2.00
N ARG B 872 -9.94 11.45 2.79
CA ARG B 872 -10.06 12.19 4.05
C ARG B 872 -10.61 13.61 3.84
N VAL B 873 -10.08 14.32 2.85
CA VAL B 873 -10.49 15.71 2.69
C VAL B 873 -11.87 15.81 2.04
N SER B 874 -12.27 14.82 1.24
CA SER B 874 -13.65 14.83 0.71
C SER B 874 -14.66 14.56 1.80
N GLN B 875 -14.31 13.68 2.75
CA GLN B 875 -15.15 13.47 3.93
C GLN B 875 -15.35 14.75 4.73
N GLN B 876 -14.24 15.41 5.09
CA GLN B 876 -14.38 16.63 5.86
C GLN B 876 -14.99 17.78 5.06
N ARG B 877 -14.89 17.76 3.73
CA ARG B 877 -15.50 18.81 2.92
C ARG B 877 -17.02 18.66 2.86
N GLU B 878 -17.52 17.42 2.81
CA GLU B 878 -18.99 17.32 2.82
C GLU B 878 -19.54 17.58 4.21
N LEU B 879 -18.78 17.24 5.27
CA LEU B 879 -19.19 17.71 6.61
C LEU B 879 -19.10 19.23 6.71
N ALA B 880 -18.16 19.85 5.99
CA ALA B 880 -18.00 21.29 6.01
C ALA B 880 -19.17 21.99 5.34
N THR B 881 -19.63 21.49 4.19
CA THR B 881 -20.77 22.13 3.55
C THR B 881 -22.05 21.89 4.33
N GLN B 882 -22.15 20.76 5.04
CA GLN B 882 -23.30 20.56 5.92
C GLN B 882 -23.31 21.54 7.10
N LYS B 883 -22.13 21.77 7.69
CA LYS B 883 -22.09 22.68 8.84
C LYS B 883 -22.18 24.15 8.43
N ILE B 884 -21.71 24.50 7.23
CA ILE B 884 -21.93 25.85 6.72
C ILE B 884 -23.41 26.06 6.42
N ASN B 885 -24.08 25.05 5.85
CA ASN B 885 -25.49 25.20 5.55
C ASN B 885 -26.36 25.19 6.80
N GLU B 886 -25.92 24.61 7.91
CA GLU B 886 -26.77 24.57 9.10
C GLU B 886 -26.34 25.50 10.22
N CYS B 887 -25.08 25.44 10.68
CA CYS B 887 -24.69 26.18 11.88
C CYS B 887 -24.50 27.68 11.64
N VAL B 888 -24.40 28.14 10.39
CA VAL B 888 -24.07 29.53 10.11
C VAL B 888 -25.31 30.36 9.82
N LYS B 889 -26.16 29.90 8.90
CA LYS B 889 -27.25 30.71 8.39
C LYS B 889 -28.62 30.23 8.83
N SER B 890 -28.69 29.25 9.72
CA SER B 890 -30.01 28.67 9.97
C SER B 890 -30.45 28.71 11.43
N GLN B 891 -29.54 28.39 12.36
CA GLN B 891 -29.84 28.22 13.79
C GLN B 891 -30.96 27.20 13.99
N SER B 892 -30.65 25.95 13.65
CA SER B 892 -31.64 24.90 13.88
C SER B 892 -31.58 24.45 15.33
N ILE B 893 -32.58 23.66 15.72
CA ILE B 893 -32.80 23.32 17.10
C ILE B 893 -32.20 21.96 17.47
N ARG B 894 -31.27 21.45 16.66
CA ARG B 894 -30.61 20.19 16.95
C ARG B 894 -29.69 20.40 18.15
N TYR B 895 -29.96 19.66 19.22
CA TYR B 895 -29.26 19.87 20.47
C TYR B 895 -27.81 19.39 20.38
N SER B 896 -26.89 20.33 20.56
CA SER B 896 -25.44 20.08 20.65
C SER B 896 -24.90 19.38 19.41
N PHE B 897 -25.40 19.77 18.24
CA PHE B 897 -24.72 19.42 17.00
C PHE B 897 -23.35 20.09 16.94
N CYS B 898 -23.33 21.42 17.01
CA CYS B 898 -22.10 22.19 16.95
C CYS B 898 -21.99 23.07 18.19
N GLY B 899 -21.01 22.74 19.05
CA GLY B 899 -20.71 23.55 20.22
C GLY B 899 -21.49 23.22 21.48
N ASN B 900 -21.39 21.96 21.94
CA ASN B 900 -21.76 21.39 23.25
C ASN B 900 -22.99 21.99 23.94
N GLY B 901 -24.03 22.26 23.18
CA GLY B 901 -25.24 22.84 23.71
C GLY B 901 -26.09 23.37 22.57
N ARG B 902 -27.27 23.85 22.93
CA ARG B 902 -28.15 24.45 21.95
C ARG B 902 -27.54 25.75 21.43
N HIS B 903 -27.09 25.74 20.19
CA HIS B 903 -26.16 26.78 19.76
C HIS B 903 -26.93 28.01 19.31
N VAL B 904 -26.24 29.15 19.38
CA VAL B 904 -26.86 30.42 19.04
C VAL B 904 -26.36 30.85 17.68
N LEU B 905 -25.08 31.16 17.57
CA LEU B 905 -24.55 31.62 16.29
C LEU B 905 -23.12 31.16 16.14
N THR B 906 -22.66 31.09 14.90
CA THR B 906 -21.29 30.72 14.58
C THR B 906 -20.69 31.79 13.67
N ILE B 907 -19.36 31.91 13.70
CA ILE B 907 -18.63 32.78 12.81
C ILE B 907 -17.44 32.02 12.24
N PRO B 908 -17.35 31.83 10.93
CA PRO B 908 -16.19 31.14 10.35
C PRO B 908 -15.06 32.10 10.07
N GLN B 909 -13.84 31.56 10.04
CA GLN B 909 -12.64 32.32 9.74
C GLN B 909 -11.69 31.47 8.91
N ASN B 910 -10.69 32.13 8.32
CA ASN B 910 -9.72 31.45 7.47
C ASN B 910 -8.73 30.65 8.31
N ALA B 911 -7.94 29.84 7.62
CA ALA B 911 -7.05 28.88 8.26
C ALA B 911 -6.01 28.46 7.22
N PRO B 912 -4.96 27.76 7.64
CA PRO B 912 -4.19 27.00 6.64
C PRO B 912 -5.04 25.91 6.03
N ASN B 913 -5.33 26.07 4.73
CA ASN B 913 -6.16 25.27 3.82
C ASN B 913 -7.36 24.61 4.48
N GLY B 914 -8.11 25.40 5.24
CA GLY B 914 -9.32 24.96 5.89
C GLY B 914 -10.10 26.17 6.36
N ILE B 915 -11.12 25.92 7.17
CA ILE B 915 -11.85 26.98 7.84
C ILE B 915 -11.93 26.65 9.32
N VAL B 916 -11.93 27.68 10.15
CA VAL B 916 -11.97 27.53 11.60
C VAL B 916 -13.28 28.13 12.08
N PHE B 917 -14.09 27.32 12.75
CA PHE B 917 -15.34 27.78 13.33
C PHE B 917 -15.12 28.33 14.73
N ILE B 918 -16.01 29.22 15.14
CA ILE B 918 -16.11 29.67 16.51
C ILE B 918 -17.58 29.50 16.89
N HIS B 919 -17.88 28.48 17.68
CA HIS B 919 -19.24 28.20 18.09
C HIS B 919 -19.55 28.96 19.37
N PHE B 920 -20.81 29.35 19.52
CA PHE B 920 -21.28 30.01 20.72
C PHE B 920 -22.41 29.20 21.31
N SER B 921 -22.17 28.55 22.44
CA SER B 921 -23.14 27.68 23.08
C SER B 921 -24.16 28.48 23.86
N TYR B 922 -24.90 27.79 24.73
CA TYR B 922 -25.86 28.46 25.62
C TYR B 922 -25.96 27.61 26.88
N THR B 923 -25.18 27.97 27.91
CA THR B 923 -25.12 27.21 29.15
C THR B 923 -25.22 28.18 30.33
N PRO B 924 -26.41 28.35 30.89
CA PRO B 924 -26.56 29.19 32.08
C PRO B 924 -26.29 28.41 33.36
N ASP B 925 -26.07 29.17 34.42
CA ASP B 925 -25.86 28.54 35.72
C ASP B 925 -26.73 29.10 36.83
N SER B 926 -26.98 30.41 36.85
CA SER B 926 -27.73 31.03 37.94
C SER B 926 -29.22 30.72 37.77
N PHE B 927 -29.81 30.12 38.80
CA PHE B 927 -31.17 29.58 38.71
C PHE B 927 -32.08 30.31 39.69
N VAL B 928 -33.38 30.12 39.51
CA VAL B 928 -34.37 30.66 40.45
C VAL B 928 -35.17 29.51 41.04
N ASN B 929 -35.80 29.79 42.17
CA ASN B 929 -36.55 28.80 42.94
C ASN B 929 -38.01 29.21 42.92
N VAL B 930 -38.77 28.64 41.98
CA VAL B 930 -40.17 29.02 41.78
C VAL B 930 -41.03 27.76 41.77
N THR B 931 -42.21 27.87 42.37
CA THR B 931 -43.13 26.74 42.50
C THR B 931 -43.84 26.48 41.18
N ALA B 932 -44.11 25.19 40.92
CA ALA B 932 -44.66 24.76 39.65
C ALA B 932 -45.83 23.81 39.85
N ILE B 933 -46.71 23.78 38.86
CA ILE B 933 -47.91 22.94 38.84
C ILE B 933 -48.07 22.36 37.45
N VAL B 934 -48.80 21.26 37.34
CA VAL B 934 -48.82 20.51 36.09
C VAL B 934 -50.11 20.70 35.29
N GLY B 935 -51.23 21.03 35.92
CA GLY B 935 -52.45 21.18 35.17
C GLY B 935 -53.57 21.77 36.01
N PHE B 936 -54.69 22.02 35.34
CA PHE B 936 -55.90 22.58 35.92
C PHE B 936 -57.10 21.70 35.56
N CYS B 937 -58.14 21.75 36.39
CA CYS B 937 -59.47 21.27 35.96
C CYS B 937 -60.53 22.16 36.61
N VAL B 938 -60.94 23.19 35.89
CA VAL B 938 -61.92 24.14 36.38
C VAL B 938 -63.32 23.56 36.22
N LYS B 939 -64.15 23.72 37.24
CA LYS B 939 -65.53 23.36 36.93
C LYS B 939 -66.37 24.62 36.71
N PRO B 940 -67.12 24.68 35.60
CA PRO B 940 -67.99 25.84 35.35
C PRO B 940 -69.31 25.77 36.10
N ALA B 941 -70.23 26.68 35.76
CA ALA B 941 -71.40 26.94 36.59
C ALA B 941 -72.46 25.85 36.47
N ASN B 942 -73.05 25.68 35.29
CA ASN B 942 -74.28 24.89 35.22
C ASN B 942 -74.01 23.39 35.15
N ALA B 943 -73.48 22.90 34.02
CA ALA B 943 -73.19 21.48 33.87
C ALA B 943 -72.17 21.28 32.75
N SER B 944 -70.89 21.13 33.14
CA SER B 944 -69.77 20.79 32.25
C SER B 944 -68.52 20.56 33.08
N GLN B 945 -67.49 20.00 32.46
CA GLN B 945 -66.24 19.69 33.15
C GLN B 945 -65.14 19.51 32.13
N TYR B 946 -63.99 20.16 32.35
CA TYR B 946 -62.85 20.00 31.45
C TYR B 946 -61.57 20.31 32.21
N ALA B 947 -60.45 20.07 31.53
CA ALA B 947 -59.12 20.25 32.08
C ALA B 947 -58.29 21.12 31.15
N ILE B 948 -57.14 21.58 31.64
CA ILE B 948 -56.22 22.39 30.86
C ILE B 948 -54.81 21.86 31.07
N VAL B 949 -54.17 21.43 29.98
CA VAL B 949 -52.81 20.88 29.98
C VAL B 949 -51.98 21.81 29.10
N PRO B 950 -50.76 22.19 29.49
CA PRO B 950 -49.99 23.12 28.67
C PRO B 950 -49.48 22.45 27.40
N ALA B 951 -49.59 23.18 26.28
CA ALA B 951 -49.34 22.59 24.98
C ALA B 951 -47.84 22.42 24.74
N ASN B 952 -47.51 21.80 23.61
CA ASN B 952 -46.12 21.59 23.24
C ASN B 952 -45.51 22.90 22.75
N GLY B 953 -44.23 23.07 23.03
CA GLY B 953 -43.50 24.24 22.58
C GLY B 953 -43.78 25.52 23.31
N ARG B 954 -44.61 25.48 24.37
CA ARG B 954 -44.92 26.66 25.14
C ARG B 954 -44.58 26.51 26.62
N GLY B 955 -44.03 25.38 27.04
CA GLY B 955 -43.46 25.24 28.35
C GLY B 955 -44.49 25.02 29.45
N ILE B 956 -44.01 24.45 30.55
CA ILE B 956 -44.84 24.16 31.73
C ILE B 956 -45.22 25.47 32.40
N PHE B 957 -46.30 25.47 33.16
CA PHE B 957 -46.74 26.72 33.77
C PHE B 957 -46.61 26.69 35.29
N ILE B 958 -46.40 27.88 35.84
CA ILE B 958 -46.05 28.08 37.24
C ILE B 958 -47.02 29.07 37.85
N GLN B 959 -46.83 29.33 39.14
CA GLN B 959 -47.59 30.36 39.84
C GLN B 959 -46.64 31.30 40.57
N VAL B 960 -47.05 32.56 40.70
CA VAL B 960 -46.35 33.56 41.49
C VAL B 960 -47.41 34.31 42.30
N ASN B 961 -47.26 34.25 43.64
CA ASN B 961 -47.99 35.01 44.68
C ASN B 961 -49.47 35.24 44.39
N GLY B 962 -50.16 34.18 43.97
CA GLY B 962 -51.59 34.24 43.78
C GLY B 962 -52.06 34.04 42.35
N SER B 963 -51.35 34.62 41.39
CA SER B 963 -51.74 34.54 39.99
C SER B 963 -51.20 33.24 39.38
N TYR B 964 -51.29 33.13 38.06
CA TYR B 964 -50.79 31.96 37.34
C TYR B 964 -50.17 32.42 36.03
N TYR B 965 -49.07 31.79 35.63
CA TYR B 965 -48.33 32.22 34.46
C TYR B 965 -47.68 31.03 33.79
N ILE B 966 -47.66 31.03 32.45
CA ILE B 966 -46.88 30.05 31.71
C ILE B 966 -45.49 30.62 31.50
N THR B 967 -44.53 29.76 31.19
CA THR B 967 -43.17 30.21 30.94
C THR B 967 -42.49 29.23 30.01
N ALA B 968 -41.40 29.69 29.41
CA ALA B 968 -40.63 28.83 28.54
C ALA B 968 -39.74 27.92 29.36
N ARG B 969 -39.19 26.90 28.71
CA ARG B 969 -38.40 25.91 29.41
C ARG B 969 -36.95 26.32 29.63
N ASP B 970 -36.55 27.50 29.15
CA ASP B 970 -35.15 27.91 29.26
C ASP B 970 -34.98 29.31 29.83
N MET B 971 -35.89 30.23 29.54
CA MET B 971 -35.78 31.60 30.01
C MET B 971 -36.90 31.88 31.01
N TYR B 972 -36.55 32.36 32.19
CA TYR B 972 -37.56 32.74 33.16
C TYR B 972 -38.24 34.02 32.71
N MET B 973 -39.41 33.87 32.07
CA MET B 973 -40.11 34.99 31.46
C MET B 973 -41.60 34.80 31.72
N PRO B 974 -42.09 35.36 32.83
CA PRO B 974 -43.50 35.17 33.15
C PRO B 974 -44.40 35.97 32.23
N ARG B 975 -45.57 35.39 31.96
CA ARG B 975 -46.50 35.92 30.97
C ARG B 975 -47.87 35.31 31.22
N ALA B 976 -48.91 36.07 30.92
CA ALA B 976 -50.26 35.61 31.17
C ALA B 976 -50.64 34.53 30.18
N ILE B 977 -51.42 33.57 30.65
CA ILE B 977 -51.82 32.44 29.84
C ILE B 977 -52.90 32.89 28.85
N THR B 978 -52.72 32.49 27.60
CA THR B 978 -53.62 32.87 26.52
C THR B 978 -54.47 31.68 26.11
N ALA B 979 -55.34 31.91 25.13
CA ALA B 979 -56.31 30.88 24.75
C ALA B 979 -55.72 29.82 23.84
N GLY B 980 -54.55 30.07 23.25
CA GLY B 980 -54.00 29.14 22.29
C GLY B 980 -52.91 28.23 22.83
N ASP B 981 -52.83 28.12 24.15
CA ASP B 981 -51.82 27.31 24.80
C ASP B 981 -52.45 26.32 25.75
N ILE B 982 -53.64 25.83 25.40
CA ILE B 982 -54.42 24.97 26.26
C ILE B 982 -54.75 23.66 25.55
N VAL B 983 -55.08 22.66 26.36
CA VAL B 983 -55.51 21.34 25.89
C VAL B 983 -56.73 20.95 26.72
N THR B 984 -57.88 20.82 26.07
CA THR B 984 -59.10 20.50 26.80
C THR B 984 -59.29 18.99 26.87
N LEU B 985 -59.39 18.46 28.08
CA LEU B 985 -59.56 17.03 28.31
C LEU B 985 -60.65 16.79 29.33
N THR B 986 -61.43 15.74 29.11
CA THR B 986 -62.57 15.42 29.98
C THR B 986 -62.17 14.44 31.08
N SER B 987 -61.13 14.81 31.83
CA SER B 987 -60.60 14.00 32.91
C SER B 987 -59.70 14.86 33.79
N CYS B 988 -59.84 14.70 35.10
CA CYS B 988 -58.79 15.15 36.01
C CYS B 988 -58.81 14.23 37.23
N GLN B 989 -57.61 13.91 37.73
CA GLN B 989 -57.40 12.83 38.69
C GLN B 989 -56.61 13.30 39.90
N ALA B 990 -57.02 14.45 40.45
CA ALA B 990 -56.57 15.00 41.73
C ALA B 990 -55.06 15.27 41.78
N ASN B 991 -54.43 15.44 40.62
CA ASN B 991 -53.04 15.86 40.51
C ASN B 991 -53.00 17.23 39.86
N TYR B 992 -53.90 18.10 40.32
CA TYR B 992 -54.18 19.34 39.64
C TYR B 992 -54.34 20.41 40.71
N VAL B 993 -54.91 21.55 40.35
CA VAL B 993 -55.18 22.65 41.28
C VAL B 993 -56.67 22.84 41.48
N SER B 994 -57.44 22.78 40.39
CA SER B 994 -58.91 22.86 40.35
C SER B 994 -59.41 24.20 40.93
N VAL B 995 -59.06 25.27 40.21
CA VAL B 995 -59.61 26.58 40.50
C VAL B 995 -61.09 26.60 40.12
N ASN B 996 -61.93 27.18 40.98
CA ASN B 996 -63.36 27.26 40.71
C ASN B 996 -63.71 28.24 39.58
N LYS B 997 -62.85 29.19 39.28
CA LYS B 997 -63.09 30.18 38.24
C LYS B 997 -62.18 29.91 37.05
N THR B 998 -62.56 30.46 35.90
CA THR B 998 -61.84 30.23 34.67
C THR B 998 -60.53 31.01 34.64
N VAL B 999 -59.48 30.39 34.12
CA VAL B 999 -58.15 31.00 34.07
C VAL B 999 -57.66 31.07 32.63
N ILE B 1000 -58.58 31.25 31.69
CA ILE B 1000 -58.16 31.33 30.29
C ILE B 1000 -57.63 32.72 29.97
N THR B 1001 -58.23 33.76 30.56
CA THR B 1001 -57.94 35.18 30.32
C THR B 1001 -58.08 35.52 28.84
N THR B 1002 -59.31 35.40 28.37
CA THR B 1002 -59.68 35.81 27.01
C THR B 1002 -59.96 37.32 26.99
N PHE B 1003 -60.46 37.82 25.88
CA PHE B 1003 -60.56 39.25 25.67
C PHE B 1003 -61.99 39.62 25.29
N VAL B 1004 -62.28 40.92 25.39
CA VAL B 1004 -63.61 41.42 25.11
C VAL B 1004 -63.79 41.70 23.62
N TYR C 3 -1.94 -39.13 18.12
CA TYR C 3 -1.31 -39.40 16.85
C TYR C 3 -1.11 -40.89 16.63
N ASP C 4 -1.83 -41.70 17.40
CA ASP C 4 -1.68 -43.14 17.32
C ASP C 4 -3.02 -43.75 16.91
N SER C 5 -3.66 -43.16 15.90
CA SER C 5 -4.98 -43.59 15.48
C SER C 5 -4.88 -44.83 14.58
N SER C 6 -5.99 -45.20 13.96
CA SER C 6 -6.04 -46.33 13.04
C SER C 6 -5.93 -45.91 11.58
N SER C 7 -5.43 -44.70 11.32
CA SER C 7 -5.30 -44.22 9.95
C SER C 7 -3.97 -43.58 9.63
N TYR C 8 -3.09 -43.37 10.62
CA TYR C 8 -1.78 -42.76 10.41
C TYR C 8 -0.92 -43.06 11.62
N VAL C 9 0.39 -42.90 11.45
CA VAL C 9 1.33 -43.05 12.55
C VAL C 9 2.16 -41.77 12.59
N TYR C 10 2.30 -41.13 13.75
CA TYR C 10 3.10 -39.90 13.81
C TYR C 10 4.61 -40.17 13.79
N TYR C 11 5.42 -39.13 13.60
CA TYR C 11 6.82 -39.46 13.40
C TYR C 11 7.57 -38.14 13.55
N TYR C 12 8.13 -37.86 14.73
CA TYR C 12 8.58 -36.51 15.03
C TYR C 12 9.83 -36.15 14.25
N GLN C 13 9.80 -34.99 13.62
CA GLN C 13 10.87 -34.56 12.73
C GLN C 13 12.00 -33.98 13.57
N SER C 14 12.84 -34.89 14.08
CA SER C 14 14.20 -34.62 14.53
C SER C 14 14.31 -33.64 15.69
N ALA C 15 13.63 -33.93 16.79
CA ALA C 15 14.01 -33.49 18.14
C ALA C 15 13.92 -31.99 18.44
N PHE C 16 13.64 -31.16 17.45
CA PHE C 16 13.27 -29.77 17.74
C PHE C 16 11.80 -29.57 17.39
N ARG C 17 11.22 -28.52 17.96
CA ARG C 17 9.80 -28.28 17.76
C ARG C 17 9.60 -26.83 17.32
N PRO C 18 8.96 -26.59 16.18
CA PRO C 18 8.54 -25.24 15.83
C PRO C 18 7.33 -24.83 16.66
N PRO C 19 7.03 -23.51 16.78
CA PRO C 19 6.07 -23.07 17.81
C PRO C 19 4.62 -23.39 17.49
N ASN C 20 3.71 -22.81 18.28
CA ASN C 20 2.28 -23.13 18.27
C ASN C 20 1.68 -22.75 16.92
N GLY C 21 1.35 -23.75 16.11
CA GLY C 21 0.77 -23.50 14.81
C GLY C 21 0.99 -24.68 13.90
N TRP C 22 0.34 -24.60 12.74
CA TRP C 22 0.44 -25.65 11.74
C TRP C 22 1.77 -25.59 11.03
N HIS C 23 2.29 -26.77 10.69
CA HIS C 23 3.58 -26.85 10.00
C HIS C 23 3.61 -28.15 9.21
N LEU C 24 4.31 -28.12 8.07
CA LEU C 24 4.26 -29.18 7.09
C LEU C 24 5.54 -30.00 7.11
N HIS C 25 5.41 -31.29 6.80
CA HIS C 25 6.55 -32.19 6.66
C HIS C 25 6.27 -33.17 5.53
N GLY C 26 7.23 -34.05 5.27
CA GLY C 26 7.03 -35.14 4.33
C GLY C 26 7.70 -36.42 4.79
N GLY C 27 6.93 -37.49 4.94
CA GLY C 27 7.48 -38.74 5.43
C GLY C 27 6.46 -39.86 5.39
N ALA C 28 6.90 -41.04 5.81
CA ALA C 28 6.07 -42.24 5.77
C ALA C 28 5.01 -42.15 6.87
N TYR C 29 3.80 -41.72 6.50
CA TYR C 29 2.75 -41.46 7.48
C TYR C 29 1.46 -42.23 7.24
N ALA C 30 1.30 -42.92 6.12
CA ALA C 30 0.01 -43.49 5.74
C ALA C 30 -0.24 -44.81 6.48
N VAL C 31 -1.26 -45.56 6.07
CA VAL C 31 -1.49 -46.93 6.52
C VAL C 31 -1.91 -47.79 5.33
N VAL C 32 -1.45 -49.04 5.32
CA VAL C 32 -1.96 -50.13 4.49
C VAL C 32 -1.83 -51.43 5.27
N ASN C 33 -2.86 -52.26 5.22
CA ASN C 33 -2.94 -53.60 5.83
C ASN C 33 -2.69 -53.56 7.34
N ILE C 34 -3.63 -52.94 8.06
CA ILE C 34 -3.59 -53.00 9.51
C ILE C 34 -3.89 -54.41 9.98
N SER C 35 -3.09 -54.90 10.94
CA SER C 35 -3.23 -56.26 11.44
C SER C 35 -2.94 -56.28 12.92
N SER C 36 -3.70 -57.09 13.66
CA SER C 36 -3.59 -57.13 15.11
C SER C 36 -2.93 -58.42 15.60
N GLU C 37 -2.47 -58.38 16.84
CA GLU C 37 -1.80 -59.50 17.50
C GLU C 37 -1.81 -59.23 19.00
N SER C 38 -1.91 -60.29 19.79
CA SER C 38 -1.98 -60.13 21.23
C SER C 38 -1.40 -61.32 21.96
N ASN C 39 -0.76 -61.04 23.11
CA ASN C 39 -0.34 -62.02 24.13
C ASN C 39 0.63 -63.05 23.55
N ASN C 40 1.80 -62.54 23.15
CA ASN C 40 2.87 -63.40 22.63
C ASN C 40 3.77 -63.82 23.80
N ALA C 41 3.25 -64.75 24.60
CA ALA C 41 3.97 -65.29 25.73
C ALA C 41 3.73 -66.79 25.82
N GLY C 42 4.65 -67.49 26.48
CA GLY C 42 4.50 -68.91 26.71
C GLY C 42 3.89 -69.20 28.07
N SER C 43 4.29 -70.32 28.64
CA SER C 43 3.81 -70.75 29.95
C SER C 43 4.48 -70.00 31.10
N SER C 44 5.52 -69.23 30.83
CA SER C 44 6.22 -68.48 31.85
C SER C 44 5.37 -67.32 32.36
N PRO C 45 5.53 -66.93 33.63
CA PRO C 45 4.76 -65.78 34.15
C PRO C 45 5.24 -64.44 33.63
N GLY C 46 6.38 -64.39 32.95
CA GLY C 46 6.85 -63.15 32.37
C GLY C 46 7.89 -63.42 31.31
N CYS C 47 7.94 -62.54 30.32
CA CYS C 47 8.90 -62.68 29.24
C CYS C 47 10.31 -62.40 29.75
N ILE C 48 11.22 -63.32 29.48
CA ILE C 48 12.60 -63.17 29.95
C ILE C 48 13.33 -62.17 29.06
N VAL C 49 14.18 -61.35 29.66
CA VAL C 49 14.82 -60.26 28.94
C VAL C 49 15.98 -60.80 28.11
N GLY C 50 16.26 -60.11 27.00
CA GLY C 50 17.41 -60.41 26.19
C GLY C 50 17.20 -61.41 25.07
N THR C 51 16.03 -62.05 25.00
CA THR C 51 15.80 -63.05 23.96
C THR C 51 15.26 -62.38 22.71
N ILE C 52 15.86 -62.69 21.56
CA ILE C 52 15.60 -61.94 20.33
C ILE C 52 14.56 -62.64 19.46
N HIS C 53 14.11 -63.84 19.84
CA HIS C 53 13.24 -64.63 18.97
C HIS C 53 11.82 -64.05 18.91
N GLY C 54 11.02 -64.61 18.02
CA GLY C 54 9.63 -64.21 17.87
C GLY C 54 9.35 -63.29 16.70
N GLY C 55 9.91 -63.59 15.53
CA GLY C 55 9.79 -62.72 14.37
C GLY C 55 8.52 -62.95 13.57
N ARG C 56 8.41 -62.19 12.49
CA ARG C 56 7.27 -62.27 11.56
C ARG C 56 7.69 -61.67 10.23
N VAL C 57 7.72 -62.49 9.19
CA VAL C 57 8.37 -62.14 7.93
C VAL C 57 7.50 -61.13 7.17
N VAL C 58 8.00 -59.91 7.03
CA VAL C 58 7.35 -58.85 6.25
C VAL C 58 8.42 -58.19 5.40
N ASN C 59 8.34 -58.35 4.09
CA ASN C 59 9.20 -57.63 3.16
C ASN C 59 8.43 -56.42 2.64
N ALA C 60 8.54 -55.32 3.35
CA ALA C 60 7.85 -54.09 2.96
C ALA C 60 8.82 -52.93 3.08
N SER C 61 8.35 -51.74 2.71
CA SER C 61 9.18 -50.55 2.73
C SER C 61 9.07 -49.75 4.02
N SER C 62 8.48 -50.34 5.06
CA SER C 62 8.30 -49.76 6.39
C SER C 62 7.67 -50.83 7.26
N ILE C 63 7.61 -50.54 8.56
CA ILE C 63 6.79 -51.31 9.49
C ILE C 63 6.58 -50.42 10.70
N ALA C 64 5.55 -50.71 11.50
CA ALA C 64 5.29 -49.93 12.70
C ALA C 64 4.57 -50.81 13.71
N MET C 65 5.10 -50.86 14.92
CA MET C 65 4.49 -51.58 16.03
C MET C 65 3.92 -50.56 17.00
N THR C 66 2.60 -50.47 17.08
CA THR C 66 1.96 -49.49 17.94
C THR C 66 1.18 -50.17 19.05
N ALA C 67 1.13 -49.50 20.19
CA ALA C 67 0.46 -49.93 21.40
C ALA C 67 -0.82 -49.14 21.58
N PRO C 68 -1.70 -49.54 22.51
CA PRO C 68 -2.78 -48.65 22.93
C PRO C 68 -2.25 -47.43 23.66
N SER C 69 -3.16 -46.48 23.94
CA SER C 69 -2.80 -45.11 24.27
C SER C 69 -2.16 -45.02 25.65
N SER C 70 -0.83 -45.15 25.64
CA SER C 70 0.06 -44.94 26.79
C SER C 70 -0.26 -45.91 27.94
N GLY C 71 -0.21 -47.19 27.62
CA GLY C 71 -0.55 -48.20 28.61
C GLY C 71 0.57 -49.14 29.00
N MET C 72 1.46 -49.46 28.07
CA MET C 72 2.44 -50.52 28.31
C MET C 72 3.63 -49.93 29.07
N ALA C 73 3.71 -50.24 30.36
CA ALA C 73 4.83 -49.79 31.16
C ALA C 73 6.06 -50.67 30.92
N TRP C 74 7.18 -50.25 31.47
CA TRP C 74 8.46 -50.89 31.20
C TRP C 74 8.82 -51.97 32.21
N SER C 75 7.92 -52.30 33.13
CA SER C 75 8.25 -53.17 34.24
C SER C 75 8.19 -54.64 33.83
N SER C 76 8.21 -55.52 34.82
CA SER C 76 8.09 -56.96 34.58
C SER C 76 6.68 -57.31 34.12
N SER C 77 6.59 -58.41 33.36
CA SER C 77 5.36 -59.00 32.85
C SER C 77 4.55 -58.04 31.97
N GLN C 78 5.18 -57.02 31.42
CA GLN C 78 4.44 -56.03 30.63
C GLN C 78 5.07 -55.78 29.27
N PHE C 79 6.40 -55.76 29.18
CA PHE C 79 7.04 -55.40 27.92
C PHE C 79 8.46 -55.96 27.87
N CYS C 80 8.86 -56.34 26.66
CA CYS C 80 10.15 -56.94 26.38
C CYS C 80 10.63 -56.38 25.05
N THR C 81 11.53 -57.13 24.39
CA THR C 81 12.54 -56.60 23.47
C THR C 81 11.97 -55.73 22.35
N ALA C 82 11.06 -56.27 21.54
CA ALA C 82 10.37 -55.57 20.44
C ALA C 82 11.36 -55.04 19.39
N HIS C 83 11.97 -55.99 18.68
CA HIS C 83 13.01 -55.71 17.72
C HIS C 83 12.52 -55.77 16.27
N CYS C 84 13.17 -54.99 15.41
CA CYS C 84 13.19 -55.25 13.98
C CYS C 84 14.38 -56.12 13.64
N ASN C 85 14.59 -56.32 12.34
CA ASN C 85 15.88 -56.72 11.79
C ASN C 85 15.95 -56.25 10.34
N PHE C 86 17.13 -55.88 9.91
CA PHE C 86 17.39 -55.56 8.50
C PHE C 86 17.93 -56.84 7.85
N SER C 87 18.53 -56.72 6.65
CA SER C 87 19.05 -57.89 5.97
C SER C 87 20.18 -58.57 6.76
N ASP C 88 21.01 -57.77 7.43
CA ASP C 88 22.05 -58.30 8.29
C ASP C 88 22.04 -57.73 9.69
N THR C 89 21.74 -56.45 9.87
CA THR C 89 21.85 -55.77 11.15
C THR C 89 20.48 -55.72 11.82
N THR C 90 20.49 -55.74 13.15
CA THR C 90 19.26 -55.69 13.93
C THR C 90 19.25 -54.43 14.77
N VAL C 91 18.08 -54.11 15.32
CA VAL C 91 17.92 -53.08 16.33
C VAL C 91 16.98 -53.62 17.39
N PHE C 92 17.45 -53.70 18.64
CA PHE C 92 16.56 -54.17 19.68
C PHE C 92 16.65 -53.29 20.92
N VAL C 93 15.49 -52.91 21.42
CA VAL C 93 15.36 -52.28 22.72
C VAL C 93 15.36 -53.38 23.78
N THR C 94 15.89 -53.08 24.96
CA THR C 94 15.76 -54.03 26.08
C THR C 94 15.87 -53.27 27.39
N HIS C 95 14.79 -53.30 28.19
CA HIS C 95 14.87 -52.86 29.58
C HIS C 95 15.37 -54.04 30.40
N CYS C 96 16.69 -54.20 30.40
CA CYS C 96 17.30 -55.37 31.02
C CYS C 96 17.55 -55.07 32.51
N TYR C 97 16.46 -55.09 33.26
CA TYR C 97 16.57 -55.06 34.71
C TYR C 97 17.13 -56.39 35.20
N LYS C 98 17.74 -56.38 36.38
CA LYS C 98 18.58 -57.50 36.79
C LYS C 98 17.75 -58.70 37.24
N TYR C 99 18.06 -59.87 36.67
CA TYR C 99 17.84 -61.15 37.33
C TYR C 99 19.17 -61.87 37.59
N ASP C 100 19.87 -62.27 36.53
CA ASP C 100 21.27 -62.66 36.60
C ASP C 100 21.97 -62.22 35.32
N GLY C 101 21.18 -61.91 34.30
CA GLY C 101 21.64 -61.99 32.92
C GLY C 101 22.61 -60.93 32.43
N CYS C 102 22.15 -59.70 32.34
CA CYS C 102 23.03 -58.71 31.75
C CYS C 102 23.74 -57.89 32.82
N PRO C 103 24.95 -57.42 32.55
CA PRO C 103 25.64 -56.52 33.50
C PRO C 103 25.07 -55.10 33.53
N ILE C 104 23.95 -54.96 34.26
CA ILE C 104 23.38 -53.66 34.57
C ILE C 104 23.19 -53.47 36.07
N THR C 105 22.66 -54.49 36.75
CA THR C 105 22.50 -54.57 38.21
C THR C 105 21.60 -53.43 38.72
N GLY C 106 20.33 -53.53 38.33
CA GLY C 106 19.30 -52.64 38.85
C GLY C 106 17.91 -53.25 38.76
N MET C 107 17.16 -53.25 39.86
CA MET C 107 15.79 -53.79 39.89
C MET C 107 14.90 -52.74 40.56
N LEU C 108 14.44 -51.78 39.75
CA LEU C 108 13.65 -50.62 40.16
C LEU C 108 13.22 -49.89 38.88
N GLN C 109 12.50 -48.78 39.00
CA GLN C 109 12.47 -47.78 37.95
C GLN C 109 13.69 -46.87 38.10
N LYS C 110 13.69 -45.74 37.36
CA LYS C 110 14.74 -44.72 37.33
C LYS C 110 16.03 -45.32 36.75
N ASN C 111 15.90 -46.42 36.00
CA ASN C 111 17.02 -47.05 35.33
C ASN C 111 16.99 -46.67 33.85
N PHE C 112 17.90 -47.27 33.09
CA PHE C 112 18.07 -46.90 31.68
C PHE C 112 17.56 -48.01 30.77
N LEU C 113 17.80 -47.84 29.47
CA LEU C 113 17.41 -48.77 28.43
C LEU C 113 18.64 -49.16 27.61
N ARG C 114 18.42 -50.02 26.61
CA ARG C 114 19.51 -50.42 25.69
C ARG C 114 18.95 -50.43 24.28
N VAL C 115 19.11 -49.32 23.57
CA VAL C 115 18.97 -49.36 22.12
C VAL C 115 20.32 -49.72 21.52
N SER C 116 20.42 -50.92 20.95
CA SER C 116 21.73 -51.35 20.49
C SER C 116 21.58 -52.12 19.19
N ALA C 117 22.42 -51.77 18.22
CA ALA C 117 22.48 -52.49 16.95
C ALA C 117 23.32 -53.73 17.16
N MET C 118 23.17 -54.70 16.26
CA MET C 118 23.89 -55.96 16.37
C MET C 118 24.06 -56.58 14.99
N LYS C 119 25.31 -56.83 14.62
CA LYS C 119 25.62 -57.56 13.40
C LYS C 119 25.66 -59.05 13.70
N ASN C 120 26.24 -59.84 12.80
CA ASN C 120 26.12 -61.30 12.86
C ASN C 120 26.78 -61.91 14.09
N GLY C 121 27.91 -61.33 14.53
CA GLY C 121 28.60 -61.91 15.66
C GLY C 121 28.82 -61.00 16.84
N GLN C 122 28.85 -59.68 16.62
CA GLN C 122 29.27 -58.75 17.65
C GLN C 122 28.23 -57.66 17.85
N LEU C 123 28.49 -56.81 18.84
CA LEU C 123 27.63 -55.72 19.24
C LEU C 123 28.39 -54.40 19.16
N PHE C 124 27.67 -53.35 18.78
CA PHE C 124 28.22 -52.00 18.85
C PHE C 124 27.07 -51.03 19.03
N TYR C 125 27.43 -49.77 19.32
CA TYR C 125 26.51 -48.66 19.57
C TYR C 125 25.57 -48.98 20.73
N ASN C 126 26.18 -49.07 21.91
CA ASN C 126 25.44 -49.04 23.17
C ASN C 126 25.18 -47.58 23.52
N LEU C 127 23.93 -47.13 23.47
CA LEU C 127 23.56 -45.92 24.17
C LEU C 127 22.47 -46.27 25.17
N THR C 128 22.46 -45.57 26.30
CA THR C 128 21.64 -45.92 27.44
C THR C 128 20.75 -44.75 27.81
N VAL C 129 19.64 -44.59 27.11
CA VAL C 129 18.70 -43.53 27.44
C VAL C 129 17.94 -43.91 28.70
N SER C 130 17.59 -42.91 29.50
CA SER C 130 16.94 -43.17 30.77
C SER C 130 15.48 -43.54 30.55
N VAL C 131 14.85 -44.06 31.61
CA VAL C 131 13.40 -44.22 31.58
C VAL C 131 12.73 -42.86 31.72
N ALA C 132 13.42 -41.87 32.27
CA ALA C 132 13.02 -40.49 32.08
C ALA C 132 13.17 -40.12 30.62
N LYS C 133 12.27 -39.24 30.16
CA LYS C 133 12.09 -38.70 28.81
C LYS C 133 11.46 -39.72 27.86
N TYR C 134 11.41 -40.99 28.27
CA TYR C 134 10.68 -42.05 27.55
C TYR C 134 9.79 -42.74 28.56
N PRO C 135 8.62 -42.15 28.88
CA PRO C 135 7.84 -42.67 30.01
C PRO C 135 7.16 -44.00 29.74
N THR C 136 6.57 -44.16 28.56
CA THR C 136 5.72 -45.30 28.27
C THR C 136 5.89 -45.66 26.80
N PHE C 137 6.04 -46.95 26.52
CA PHE C 137 6.18 -47.45 25.15
C PHE C 137 4.90 -47.19 24.38
N LYS C 138 4.97 -46.28 23.40
CA LYS C 138 3.82 -45.95 22.57
C LYS C 138 3.92 -46.58 21.18
N SER C 139 5.04 -46.37 20.47
CA SER C 139 5.16 -46.88 19.13
C SER C 139 6.62 -47.23 18.86
N PHE C 140 6.85 -47.84 17.70
CA PHE C 140 8.19 -48.29 17.32
C PHE C 140 8.21 -48.53 15.82
N GLN C 141 8.96 -47.74 15.07
CA GLN C 141 8.98 -47.87 13.62
C GLN C 141 10.33 -48.39 13.13
N CYS C 142 10.35 -48.76 11.85
CA CYS C 142 11.57 -49.06 11.11
C CYS C 142 11.36 -48.60 9.67
N VAL C 143 12.10 -47.57 9.25
CA VAL C 143 11.86 -46.87 8.00
C VAL C 143 12.94 -47.26 6.99
N ASN C 144 12.54 -47.42 5.72
CA ASN C 144 13.42 -47.84 4.64
C ASN C 144 14.54 -46.84 4.37
N ASN C 145 14.20 -45.64 3.90
CA ASN C 145 15.23 -44.76 3.36
C ASN C 145 16.05 -44.12 4.48
N LEU C 146 17.37 -44.23 4.41
CA LEU C 146 18.22 -43.73 5.49
C LEU C 146 18.36 -44.78 6.62
N THR C 147 17.69 -45.90 6.41
CA THR C 147 17.69 -47.08 7.28
C THR C 147 17.47 -46.87 8.78
N SER C 148 16.78 -45.80 9.14
CA SER C 148 16.68 -45.34 10.52
C SER C 148 15.52 -45.99 11.26
N VAL C 149 15.72 -46.15 12.57
CA VAL C 149 14.78 -46.82 13.46
C VAL C 149 14.33 -45.83 14.52
N TYR C 150 13.08 -45.92 14.94
CA TYR C 150 12.40 -44.88 15.71
C TYR C 150 11.65 -45.47 16.89
N LEU C 151 12.30 -45.58 18.04
CA LEU C 151 11.52 -45.87 19.25
C LEU C 151 10.67 -44.56 19.29
N ASN C 152 9.40 -44.67 19.70
CA ASN C 152 8.38 -43.58 19.58
C ASN C 152 8.80 -42.11 19.50
N GLY C 153 8.58 -41.51 18.33
CA GLY C 153 8.99 -40.14 18.09
C GLY C 153 10.34 -40.00 17.40
N ASP C 154 11.40 -39.75 18.18
CA ASP C 154 12.65 -39.30 17.62
C ASP C 154 13.58 -40.43 17.19
N LEU C 155 14.77 -40.05 16.73
CA LEU C 155 15.77 -41.00 16.29
C LEU C 155 16.36 -41.76 17.46
N VAL C 156 16.79 -42.99 17.20
CA VAL C 156 17.75 -43.66 18.08
C VAL C 156 18.95 -44.21 17.34
N TYR C 157 18.88 -44.50 16.05
CA TYR C 157 19.97 -45.15 15.33
C TYR C 157 19.82 -44.94 13.84
N THR C 158 20.88 -44.48 13.20
CA THR C 158 20.99 -44.45 11.75
C THR C 158 22.27 -45.16 11.35
N SER C 159 22.37 -45.52 10.08
CA SER C 159 23.63 -45.98 9.53
C SER C 159 23.65 -45.61 8.05
N ASN C 160 24.50 -46.30 7.28
CA ASN C 160 24.82 -45.85 5.94
C ASN C 160 23.81 -46.34 4.91
N GLU C 161 23.34 -47.58 5.04
CA GLU C 161 22.74 -48.31 3.95
C GLU C 161 21.32 -47.82 3.66
N THR C 162 20.72 -48.40 2.61
CA THR C 162 19.32 -48.21 2.24
C THR C 162 18.73 -49.61 2.08
N THR C 163 18.24 -50.17 3.18
CA THR C 163 17.85 -51.57 3.22
C THR C 163 16.42 -51.68 3.75
N ASP C 164 15.60 -52.47 3.06
CA ASP C 164 14.21 -52.64 3.45
C ASP C 164 14.06 -53.62 4.61
N VAL C 165 12.96 -53.47 5.34
CA VAL C 165 12.68 -54.30 6.51
C VAL C 165 12.38 -55.72 6.04
N THR C 166 12.92 -56.72 6.75
CA THR C 166 12.62 -58.10 6.43
C THR C 166 11.79 -58.83 7.47
N SER C 167 11.83 -58.43 8.75
CA SER C 167 11.01 -59.05 9.77
C SER C 167 10.92 -58.10 10.97
N ALA C 168 10.03 -58.43 11.89
CA ALA C 168 9.87 -57.71 13.14
C ALA C 168 9.19 -58.63 14.13
N GLY C 169 9.15 -58.21 15.40
CA GLY C 169 8.52 -59.02 16.42
C GLY C 169 8.65 -58.48 17.82
N VAL C 170 7.64 -58.70 18.65
CA VAL C 170 7.57 -58.13 19.99
C VAL C 170 7.28 -59.24 20.98
N TYR C 171 8.07 -59.32 22.04
CA TYR C 171 7.68 -60.10 23.21
C TYR C 171 7.03 -59.21 24.26
N PHE C 172 6.01 -59.75 24.93
CA PHE C 172 5.36 -59.19 26.11
C PHE C 172 4.46 -60.27 26.70
N LYS C 173 4.25 -60.19 28.02
CA LYS C 173 3.43 -61.15 28.73
C LYS C 173 1.94 -60.84 28.57
N ALA C 174 1.54 -59.63 28.96
CA ALA C 174 0.15 -59.21 28.85
C ALA C 174 0.11 -57.73 28.53
N GLY C 175 -1.10 -57.18 28.46
CA GLY C 175 -1.28 -55.78 28.19
C GLY C 175 -2.22 -55.61 27.01
N GLY C 176 -2.14 -54.44 26.39
CA GLY C 176 -2.96 -54.14 25.24
C GLY C 176 -2.58 -54.97 24.03
N PRO C 177 -3.55 -55.31 23.20
CA PRO C 177 -3.25 -56.02 21.95
C PRO C 177 -2.51 -55.11 20.98
N ILE C 178 -1.30 -55.52 20.60
CA ILE C 178 -0.39 -54.70 19.84
C ILE C 178 -0.85 -54.71 18.37
N THR C 179 -0.35 -53.78 17.56
CA THR C 179 -0.85 -53.62 16.20
C THR C 179 0.32 -53.53 15.23
N TYR C 180 0.31 -54.35 14.20
CA TYR C 180 1.32 -54.29 13.15
C TYR C 180 0.73 -53.59 11.94
N LYS C 181 1.50 -52.72 11.30
CA LYS C 181 1.02 -52.03 10.11
C LYS C 181 2.20 -51.57 9.28
N VAL C 182 2.05 -51.70 7.96
CA VAL C 182 3.04 -51.20 7.02
C VAL C 182 2.45 -49.97 6.37
N MET C 183 3.30 -49.20 5.67
CA MET C 183 2.82 -47.92 5.17
C MET C 183 3.64 -47.45 3.98
N ARG C 184 3.10 -46.44 3.31
CA ARG C 184 3.74 -45.72 2.21
C ARG C 184 4.08 -44.31 2.68
N GLU C 185 4.57 -43.50 1.75
CA GLU C 185 5.07 -42.17 2.05
C GLU C 185 4.22 -41.12 1.36
N VAL C 186 3.61 -40.23 2.15
CA VAL C 186 2.80 -39.14 1.65
C VAL C 186 3.27 -37.84 2.28
N LYS C 187 2.58 -36.76 1.97
CA LYS C 187 2.80 -35.49 2.65
C LYS C 187 1.68 -35.24 3.64
N ALA C 188 2.02 -34.68 4.80
CA ALA C 188 1.02 -34.34 5.80
C ALA C 188 1.54 -33.18 6.62
N LEU C 189 0.64 -32.59 7.40
CA LEU C 189 0.97 -31.45 8.24
C LEU C 189 0.26 -31.62 9.58
N ALA C 190 0.90 -31.14 10.64
CA ALA C 190 0.47 -31.47 11.99
C ALA C 190 0.32 -30.20 12.79
N TYR C 191 -0.86 -30.00 13.36
CA TYR C 191 -1.05 -28.95 14.37
C TYR C 191 -0.46 -29.43 15.67
N PHE C 192 0.44 -28.64 16.26
CA PHE C 192 0.91 -29.00 17.58
C PHE C 192 1.23 -27.78 18.43
N VAL C 193 0.67 -27.78 19.64
CA VAL C 193 0.89 -26.76 20.65
C VAL C 193 1.87 -27.33 21.67
N ASN C 194 2.69 -26.44 22.23
CA ASN C 194 3.72 -26.74 23.24
C ASN C 194 4.78 -27.72 22.74
N GLY C 195 4.87 -27.96 21.45
CA GLY C 195 5.84 -28.89 20.94
C GLY C 195 5.52 -30.35 21.11
N THR C 196 4.25 -30.73 20.99
CA THR C 196 3.86 -32.14 20.97
C THR C 196 2.58 -32.31 20.16
N ALA C 197 2.56 -33.35 19.33
CA ALA C 197 1.57 -33.46 18.27
C ALA C 197 0.20 -33.84 18.81
N GLN C 198 -0.84 -33.14 18.34
CA GLN C 198 -2.22 -33.53 18.63
C GLN C 198 -2.82 -34.37 17.52
N ASP C 199 -2.87 -33.81 16.31
CA ASP C 199 -3.45 -34.53 15.18
C ASP C 199 -2.80 -34.06 13.89
N VAL C 200 -2.95 -34.85 12.84
CA VAL C 200 -2.39 -34.52 11.54
C VAL C 200 -3.52 -34.51 10.52
N ILE C 201 -3.23 -33.92 9.36
CA ILE C 201 -4.12 -33.92 8.22
C ILE C 201 -3.35 -34.52 7.05
N LEU C 202 -3.88 -35.58 6.46
CA LEU C 202 -3.20 -36.22 5.35
C LEU C 202 -3.64 -35.62 4.02
N CYS C 203 -2.75 -35.72 3.04
CA CYS C 203 -3.05 -35.32 1.67
C CYS C 203 -3.52 -36.52 0.85
N ASP C 204 -4.63 -37.13 1.28
CA ASP C 204 -5.11 -38.38 0.70
C ASP C 204 -6.26 -38.15 -0.28
N GLY C 205 -6.38 -36.96 -0.85
CA GLY C 205 -7.45 -36.69 -1.80
C GLY C 205 -8.83 -36.56 -1.20
N SER C 206 -8.95 -36.52 0.13
CA SER C 206 -10.23 -36.30 0.76
C SER C 206 -10.62 -34.83 0.62
N PRO C 207 -11.92 -34.52 0.61
CA PRO C 207 -12.33 -33.11 0.56
C PRO C 207 -11.91 -32.29 1.76
N ARG C 208 -11.77 -32.90 2.94
CA ARG C 208 -11.23 -32.16 4.08
C ARG C 208 -9.72 -31.97 3.97
N GLY C 209 -9.04 -32.89 3.31
CA GLY C 209 -7.59 -32.84 3.24
C GLY C 209 -7.02 -31.79 2.30
N LEU C 210 -7.70 -31.54 1.16
CA LEU C 210 -7.13 -30.69 0.12
C LEU C 210 -7.02 -29.24 0.56
N LEU C 211 -7.94 -28.78 1.41
CA LEU C 211 -7.88 -27.43 1.94
C LEU C 211 -6.63 -27.22 2.78
N ALA C 212 -6.36 -28.14 3.70
CA ALA C 212 -5.17 -28.04 4.52
C ALA C 212 -3.91 -28.23 3.70
N CYS C 213 -3.94 -29.14 2.72
CA CYS C 213 -2.72 -29.40 1.95
C CYS C 213 -2.40 -28.29 0.96
N GLN C 214 -3.37 -27.47 0.57
CA GLN C 214 -3.08 -26.38 -0.34
C GLN C 214 -2.94 -25.02 0.32
N TYR C 215 -3.71 -24.73 1.37
CA TYR C 215 -3.63 -23.43 1.99
C TYR C 215 -2.87 -23.44 3.31
N ASN C 216 -2.27 -24.59 3.66
CA ASN C 216 -1.24 -24.71 4.70
C ASN C 216 -1.79 -24.30 6.07
N THR C 217 -3.06 -24.62 6.32
CA THR C 217 -3.70 -24.20 7.56
C THR C 217 -4.87 -25.11 7.89
N GLY C 218 -5.20 -25.13 9.18
CA GLY C 218 -6.47 -25.63 9.65
C GLY C 218 -7.01 -24.66 10.68
N ASN C 219 -8.16 -25.02 11.25
CA ASN C 219 -9.03 -24.10 12.00
C ASN C 219 -9.27 -22.82 11.19
N PHE C 220 -9.79 -23.05 10.00
CA PHE C 220 -9.99 -22.05 8.97
C PHE C 220 -11.12 -21.09 9.31
N SER C 221 -11.06 -19.92 8.68
CA SER C 221 -12.13 -18.95 8.75
C SER C 221 -13.31 -19.44 7.91
N ASP C 222 -14.42 -18.70 7.98
CA ASP C 222 -15.62 -19.02 7.24
C ASP C 222 -15.72 -18.21 5.95
N GLY C 223 -16.41 -18.77 4.98
CA GLY C 223 -16.53 -18.14 3.68
C GLY C 223 -16.26 -19.10 2.55
N PHE C 224 -15.51 -18.66 1.53
CA PHE C 224 -15.27 -19.45 0.34
C PHE C 224 -13.77 -19.75 0.21
N TYR C 225 -13.46 -20.86 -0.47
CA TYR C 225 -12.08 -21.26 -0.72
C TYR C 225 -11.97 -22.00 -2.05
N PRO C 226 -11.18 -21.51 -3.00
CA PRO C 226 -10.97 -22.25 -4.25
C PRO C 226 -9.82 -23.23 -4.13
N PHE C 227 -9.82 -24.22 -5.02
CA PHE C 227 -8.89 -25.34 -4.92
C PHE C 227 -8.78 -26.00 -6.29
N ILE C 228 -7.92 -27.02 -6.37
CA ILE C 228 -7.75 -27.83 -7.57
C ILE C 228 -7.52 -29.29 -7.18
N ASN C 229 -7.82 -30.17 -8.13
CA ASN C 229 -7.35 -31.56 -8.09
C ASN C 229 -7.02 -31.99 -9.51
N SER C 230 -5.73 -32.00 -9.85
CA SER C 230 -5.30 -32.29 -11.21
C SER C 230 -5.21 -33.79 -11.43
N SER C 231 -5.94 -34.28 -12.42
CA SER C 231 -5.96 -35.71 -12.75
C SER C 231 -6.42 -35.84 -14.19
N LEU C 232 -5.56 -36.38 -15.05
CA LEU C 232 -5.90 -36.50 -16.46
C LEU C 232 -5.06 -37.59 -17.10
N VAL C 233 -5.70 -38.68 -17.50
CA VAL C 233 -5.14 -39.63 -18.47
C VAL C 233 -6.21 -39.88 -19.53
N LYS C 234 -6.17 -39.07 -20.59
CA LYS C 234 -7.16 -39.14 -21.65
C LYS C 234 -6.44 -38.95 -22.98
N GLN C 235 -7.23 -38.69 -24.02
CA GLN C 235 -6.72 -38.59 -25.39
C GLN C 235 -6.01 -37.26 -25.56
N LYS C 236 -4.69 -37.29 -25.64
CA LYS C 236 -3.95 -36.09 -25.99
C LYS C 236 -3.84 -35.97 -27.51
N PHE C 237 -3.77 -34.72 -27.99
CA PHE C 237 -3.63 -34.50 -29.42
C PHE C 237 -2.62 -33.39 -29.64
N ILE C 238 -1.87 -33.51 -30.73
CA ILE C 238 -0.76 -32.63 -31.03
C ILE C 238 -1.02 -32.01 -32.40
N VAL C 239 -0.84 -30.70 -32.50
CA VAL C 239 -0.95 -29.98 -33.77
C VAL C 239 0.42 -29.41 -34.09
N TYR C 240 1.09 -29.96 -35.09
CA TYR C 240 2.40 -29.47 -35.50
C TYR C 240 2.24 -28.34 -36.50
N ARG C 241 3.35 -27.67 -36.81
CA ARG C 241 3.31 -26.56 -37.74
C ARG C 241 3.29 -27.08 -39.17
N GLU C 242 2.19 -26.82 -39.87
CA GLU C 242 2.00 -27.32 -41.22
C GLU C 242 2.92 -26.59 -42.19
N ASN C 243 3.51 -27.35 -43.12
CA ASN C 243 4.30 -26.79 -44.22
C ASN C 243 3.36 -26.47 -45.37
N SER C 244 3.87 -26.30 -46.59
CA SER C 244 3.05 -25.86 -47.71
C SER C 244 1.92 -26.81 -48.11
N VAL C 245 2.26 -27.92 -48.78
CA VAL C 245 1.35 -29.02 -49.09
C VAL C 245 2.18 -30.28 -49.17
N ASN C 246 1.54 -31.43 -48.91
CA ASN C 246 2.03 -32.77 -49.26
C ASN C 246 3.36 -33.08 -48.58
N THR C 247 3.38 -32.95 -47.27
CA THR C 247 4.60 -33.11 -46.49
C THR C 247 4.43 -34.17 -45.41
N THR C 248 5.51 -34.92 -45.20
CA THR C 248 5.71 -35.73 -44.01
C THR C 248 6.76 -35.01 -43.17
N PHE C 249 6.40 -34.64 -41.95
CA PHE C 249 7.21 -33.75 -41.11
C PHE C 249 8.44 -34.51 -40.66
N THR C 250 9.56 -34.28 -41.32
CA THR C 250 10.83 -34.93 -41.01
C THR C 250 11.85 -33.87 -40.63
N LEU C 251 12.32 -33.94 -39.39
CA LEU C 251 13.29 -32.97 -38.90
C LEU C 251 14.68 -33.26 -39.48
N HIS C 252 15.37 -32.20 -39.87
CA HIS C 252 16.71 -32.33 -40.43
C HIS C 252 17.74 -32.47 -39.32
N ASN C 253 18.85 -33.12 -39.62
CA ASN C 253 19.88 -33.40 -38.64
C ASN C 253 21.14 -32.65 -39.07
N PHE C 254 21.47 -31.57 -38.36
CA PHE C 254 22.72 -30.87 -38.62
C PHE C 254 23.80 -31.34 -37.66
N THR C 255 24.91 -31.80 -38.22
CA THR C 255 26.00 -32.38 -37.45
C THR C 255 27.20 -31.44 -37.43
N PHE C 256 28.07 -31.63 -36.44
CA PHE C 256 29.31 -30.89 -36.35
C PHE C 256 30.41 -31.82 -35.89
N HIS C 257 31.65 -31.48 -36.23
CA HIS C 257 32.81 -32.22 -35.78
C HIS C 257 34.04 -31.32 -35.87
N ASN C 258 34.94 -31.46 -34.90
CA ASN C 258 36.22 -30.76 -34.97
C ASN C 258 37.04 -31.37 -36.09
N GLU C 259 37.46 -30.56 -37.06
CA GLU C 259 38.25 -31.08 -38.16
C GLU C 259 39.71 -30.68 -37.98
N THR C 260 40.54 -31.16 -38.91
CA THR C 260 41.95 -30.78 -38.98
C THR C 260 42.01 -29.34 -39.50
N GLY C 261 41.88 -28.40 -38.57
CA GLY C 261 41.72 -27.01 -38.91
C GLY C 261 42.98 -26.37 -39.44
N ALA C 262 42.82 -25.14 -39.89
CA ALA C 262 43.90 -24.41 -40.52
C ALA C 262 44.67 -23.61 -39.46
N ASN C 263 45.51 -22.69 -39.94
CA ASN C 263 46.30 -21.86 -39.06
C ASN C 263 45.40 -20.88 -38.29
N PRO C 264 45.81 -20.43 -37.12
CA PRO C 264 45.09 -19.34 -36.45
C PRO C 264 45.25 -18.04 -37.22
N ASN C 265 44.37 -17.09 -36.89
CA ASN C 265 44.16 -15.94 -37.76
C ASN C 265 45.30 -14.92 -37.67
N PRO C 266 45.52 -14.19 -38.75
CA PRO C 266 46.33 -12.97 -38.66
C PRO C 266 45.58 -11.80 -38.02
N SER C 267 46.16 -10.60 -38.11
CA SER C 267 45.82 -9.43 -37.31
C SER C 267 44.40 -8.92 -37.47
N GLY C 268 43.72 -9.19 -38.58
CA GLY C 268 42.42 -8.59 -38.83
C GLY C 268 41.27 -9.39 -38.23
N VAL C 269 40.25 -8.66 -37.76
CA VAL C 269 39.06 -9.32 -37.24
C VAL C 269 38.17 -9.79 -38.38
N GLN C 270 38.38 -9.28 -39.60
CA GLN C 270 37.75 -9.89 -40.76
C GLN C 270 38.57 -11.05 -41.30
N ASN C 271 39.77 -11.26 -40.78
CA ASN C 271 40.65 -12.32 -41.26
C ASN C 271 40.46 -13.63 -40.51
N ILE C 272 39.40 -13.75 -39.71
CA ILE C 272 39.02 -15.03 -39.12
C ILE C 272 37.94 -15.65 -39.99
N GLN C 273 38.10 -16.93 -40.31
CA GLN C 273 37.25 -17.60 -41.28
C GLN C 273 36.45 -18.68 -40.59
N THR C 274 35.13 -18.68 -40.83
CA THR C 274 34.24 -19.68 -40.26
C THR C 274 34.48 -21.02 -40.94
N TYR C 275 35.03 -21.99 -40.21
CA TYR C 275 35.41 -23.26 -40.83
C TYR C 275 34.29 -24.29 -40.75
N GLN C 276 33.06 -23.85 -41.00
CA GLN C 276 31.78 -24.56 -41.10
C GLN C 276 30.77 -23.47 -41.42
N THR C 277 29.62 -23.88 -41.96
CA THR C 277 28.46 -23.01 -42.09
C THR C 277 27.22 -23.87 -42.29
N GLN C 278 26.14 -23.48 -41.60
CA GLN C 278 24.84 -24.12 -41.74
C GLN C 278 23.79 -23.03 -41.66
N THR C 279 22.57 -23.37 -42.08
CA THR C 279 21.49 -22.37 -42.05
C THR C 279 20.16 -23.07 -41.88
N ALA C 280 19.19 -22.34 -41.33
CA ALA C 280 17.84 -22.83 -41.13
C ALA C 280 16.91 -22.17 -42.13
N GLN C 281 16.04 -22.98 -42.74
CA GLN C 281 15.17 -22.47 -43.80
C GLN C 281 13.70 -22.53 -43.43
N SER C 282 13.18 -23.71 -43.09
CA SER C 282 11.78 -23.88 -42.71
C SER C 282 11.64 -25.20 -41.96
N GLY C 283 10.53 -25.35 -41.26
CA GLY C 283 10.24 -26.63 -40.63
C GLY C 283 10.95 -26.82 -39.30
N TYR C 284 11.42 -28.04 -39.08
CA TYR C 284 12.01 -28.44 -37.82
C TYR C 284 13.50 -28.77 -37.99
N TYR C 285 14.23 -28.67 -36.88
CA TYR C 285 15.66 -28.97 -36.88
C TYR C 285 16.07 -29.48 -35.50
N ASN C 286 17.21 -30.18 -35.45
CA ASN C 286 17.94 -30.37 -34.21
C ASN C 286 19.43 -30.23 -34.49
N PHE C 287 20.20 -29.97 -33.43
CA PHE C 287 21.62 -29.67 -33.56
C PHE C 287 22.41 -30.67 -32.73
N ASN C 288 23.03 -31.64 -33.40
CA ASN C 288 23.90 -32.60 -32.72
C ASN C 288 25.21 -31.91 -32.39
N PHE C 289 25.32 -31.41 -31.16
CA PHE C 289 26.58 -30.90 -30.64
C PHE C 289 27.30 -31.98 -29.85
N SER C 290 28.38 -32.51 -30.42
CA SER C 290 29.27 -33.43 -29.73
C SER C 290 30.51 -32.68 -29.23
N PHE C 291 30.31 -31.44 -28.80
CA PHE C 291 31.39 -30.58 -28.31
C PHE C 291 31.25 -30.30 -26.83
N LEU C 292 30.88 -31.33 -26.06
CA LEU C 292 31.07 -31.34 -24.62
C LEU C 292 32.29 -32.13 -24.21
N SER C 293 32.91 -32.83 -25.16
CA SER C 293 34.05 -33.69 -24.87
C SER C 293 35.27 -32.83 -24.58
N SER C 294 35.58 -32.68 -23.29
CA SER C 294 36.76 -32.02 -22.75
C SER C 294 36.87 -30.56 -23.17
N PHE C 295 35.77 -29.92 -23.53
CA PHE C 295 35.76 -28.49 -23.86
C PHE C 295 35.06 -27.75 -22.73
N VAL C 296 35.82 -26.98 -21.98
CA VAL C 296 35.26 -26.23 -20.86
C VAL C 296 34.46 -25.05 -21.40
N TYR C 297 33.49 -24.60 -20.62
CA TYR C 297 32.75 -23.39 -20.95
C TYR C 297 33.37 -22.21 -20.23
N LYS C 298 33.57 -21.12 -20.95
CA LYS C 298 34.25 -19.95 -20.40
C LYS C 298 33.20 -18.92 -20.01
N GLU C 299 33.11 -18.64 -18.72
CA GLU C 299 32.12 -17.72 -18.20
C GLU C 299 32.45 -16.29 -18.61
N SER C 300 31.43 -15.54 -18.99
CA SER C 300 31.64 -14.21 -19.53
C SER C 300 32.05 -13.22 -18.44
N ASN C 301 32.98 -12.35 -18.79
CA ASN C 301 33.38 -11.24 -17.93
C ASN C 301 33.81 -10.09 -18.83
N PHE C 302 34.64 -9.19 -18.29
CA PHE C 302 34.82 -7.84 -18.80
C PHE C 302 35.35 -7.81 -20.24
N MET C 303 36.29 -8.69 -20.57
CA MET C 303 36.81 -8.73 -21.93
C MET C 303 36.60 -10.08 -22.61
N TYR C 304 37.02 -11.19 -22.01
CA TYR C 304 37.01 -12.44 -22.74
C TYR C 304 35.73 -13.22 -22.45
N GLY C 305 35.67 -14.42 -23.01
CA GLY C 305 34.53 -15.29 -22.80
C GLY C 305 33.43 -15.02 -23.79
N SER C 306 32.26 -15.56 -23.49
CA SER C 306 31.13 -15.46 -24.39
C SER C 306 30.50 -14.06 -24.30
N TYR C 307 29.54 -13.82 -25.18
CA TYR C 307 28.72 -12.62 -25.15
C TYR C 307 27.26 -13.02 -25.33
N HIS C 308 26.81 -14.00 -24.57
CA HIS C 308 25.44 -14.50 -24.61
C HIS C 308 24.30 -13.52 -24.28
N PRO C 309 24.49 -12.36 -23.64
CA PRO C 309 23.43 -11.34 -23.68
C PRO C 309 22.95 -11.03 -25.10
N SER C 310 21.61 -10.89 -25.20
CA SER C 310 20.69 -10.91 -26.35
C SER C 310 20.37 -12.33 -26.82
N CYS C 311 20.87 -13.38 -26.16
CA CYS C 311 20.41 -14.75 -26.45
C CYS C 311 20.52 -15.57 -25.16
N ASN C 312 19.43 -15.64 -24.40
CA ASN C 312 19.48 -16.14 -23.03
C ASN C 312 19.76 -17.63 -22.92
N PHE C 313 19.56 -18.39 -23.99
CA PHE C 313 19.81 -19.83 -23.93
C PHE C 313 21.30 -20.13 -24.01
N ARG C 314 21.68 -21.26 -23.41
CA ARG C 314 23.04 -21.77 -23.53
C ARG C 314 23.04 -22.85 -24.60
N LEU C 315 24.22 -23.11 -25.16
CA LEU C 315 24.38 -23.82 -26.43
C LEU C 315 23.92 -25.27 -26.35
N GLU C 316 23.87 -25.86 -25.15
CA GLU C 316 23.43 -27.23 -24.98
C GLU C 316 21.93 -27.30 -24.66
N THR C 317 21.20 -26.21 -24.89
CA THR C 317 19.76 -26.18 -24.62
C THR C 317 19.01 -25.65 -25.85
N ILE C 318 19.63 -25.70 -27.02
CA ILE C 318 18.92 -25.35 -28.25
C ILE C 318 17.87 -26.40 -28.57
N ASN C 319 18.16 -27.67 -28.32
CA ASN C 319 17.32 -28.78 -28.77
C ASN C 319 15.97 -28.87 -28.06
N ASN C 320 15.74 -28.09 -27.02
CA ASN C 320 14.39 -28.01 -26.46
C ASN C 320 13.53 -27.11 -27.34
N GLY C 321 12.24 -27.05 -27.03
CA GLY C 321 11.32 -26.31 -27.88
C GLY C 321 11.50 -24.81 -27.86
N LEU C 322 12.08 -24.26 -28.91
CA LEU C 322 12.26 -22.83 -29.07
C LEU C 322 11.49 -22.38 -30.30
N TRP C 323 11.53 -21.07 -30.57
CA TRP C 323 10.92 -20.53 -31.77
C TRP C 323 11.80 -19.41 -32.29
N PHE C 324 12.35 -19.58 -33.47
CA PHE C 324 13.21 -18.59 -34.08
C PHE C 324 12.53 -18.03 -35.32
N ASN C 325 13.25 -17.20 -36.07
CA ASN C 325 12.70 -16.67 -37.30
C ASN C 325 13.70 -16.90 -38.42
N SER C 326 14.99 -16.92 -38.07
CA SER C 326 16.06 -17.27 -38.98
C SER C 326 17.25 -17.66 -38.13
N LEU C 327 17.95 -18.72 -38.54
CA LEU C 327 18.98 -19.29 -37.69
C LEU C 327 20.14 -19.80 -38.53
N SER C 328 21.35 -19.51 -38.10
CA SER C 328 22.54 -19.97 -38.79
C SER C 328 23.68 -20.01 -37.79
N VAL C 329 24.28 -21.18 -37.60
CA VAL C 329 25.42 -21.32 -36.71
C VAL C 329 26.63 -21.74 -37.51
N SER C 330 27.81 -21.42 -36.96
CA SER C 330 29.07 -21.72 -37.60
C SER C 330 30.21 -21.67 -36.58
N ILE C 331 31.20 -22.52 -36.74
CA ILE C 331 32.33 -22.54 -35.81
C ILE C 331 33.51 -21.81 -36.45
N ALA C 332 34.37 -21.25 -35.60
CA ALA C 332 35.50 -20.46 -36.07
C ALA C 332 36.57 -20.44 -34.98
N TYR C 333 37.83 -20.62 -35.38
CA TYR C 333 38.95 -20.78 -34.46
C TYR C 333 39.72 -19.46 -34.38
N GLY C 334 39.22 -18.55 -33.56
CA GLY C 334 39.86 -17.27 -33.39
C GLY C 334 40.54 -17.14 -32.05
N PRO C 335 40.86 -15.90 -31.66
CA PRO C 335 41.49 -15.66 -30.37
C PRO C 335 40.44 -15.70 -29.27
N LEU C 336 40.88 -15.53 -28.05
CA LEU C 336 39.99 -15.75 -26.93
C LEU C 336 39.66 -14.48 -26.16
N GLN C 337 40.58 -13.52 -26.07
CA GLN C 337 40.31 -12.37 -25.21
C GLN C 337 39.38 -11.36 -25.86
N GLY C 338 39.25 -11.39 -27.18
CA GLY C 338 38.54 -10.35 -27.87
C GLY C 338 37.78 -10.90 -29.05
N GLY C 339 37.48 -12.19 -28.99
CA GLY C 339 36.72 -12.84 -30.03
C GLY C 339 35.32 -12.31 -30.09
N CYS C 340 34.57 -12.47 -29.00
CA CYS C 340 33.15 -12.12 -29.05
C CYS C 340 32.90 -10.64 -28.86
N LYS C 341 33.66 -9.97 -27.98
CA LYS C 341 33.40 -8.56 -27.69
C LYS C 341 33.75 -7.68 -28.89
N GLN C 342 34.59 -8.16 -29.80
CA GLN C 342 34.78 -7.44 -31.06
C GLN C 342 33.96 -8.03 -32.19
N SER C 343 33.71 -9.34 -32.20
CA SER C 343 33.03 -9.98 -33.31
C SER C 343 31.51 -9.94 -33.19
N VAL C 344 30.97 -9.31 -32.16
CA VAL C 344 29.54 -9.02 -32.11
C VAL C 344 29.23 -7.62 -32.62
N PHE C 345 29.98 -6.62 -32.17
CA PHE C 345 29.70 -5.24 -32.57
C PHE C 345 30.09 -5.00 -34.03
N SER C 346 31.37 -5.12 -34.36
CA SER C 346 31.83 -4.90 -35.72
C SER C 346 31.75 -6.15 -36.57
N GLY C 347 31.10 -7.20 -36.09
CA GLY C 347 31.18 -8.48 -36.75
C GLY C 347 29.96 -8.89 -37.55
N ARG C 348 29.61 -10.17 -37.43
CA ARG C 348 28.64 -10.79 -38.32
C ARG C 348 27.67 -11.69 -37.59
N ALA C 349 27.52 -11.54 -36.29
CA ALA C 349 26.63 -12.40 -35.52
C ALA C 349 25.90 -11.59 -34.48
N THR C 350 24.74 -12.10 -34.04
CA THR C 350 24.03 -11.46 -32.95
C THR C 350 24.73 -11.75 -31.62
N CYS C 351 25.08 -13.00 -31.39
CA CYS C 351 25.81 -13.37 -30.19
C CYS C 351 26.66 -14.59 -30.47
N CYS C 352 27.74 -14.75 -29.70
CA CYS C 352 28.66 -15.85 -29.91
C CYS C 352 29.13 -16.39 -28.57
N TYR C 353 29.53 -17.66 -28.59
CA TYR C 353 29.98 -18.38 -27.41
C TYR C 353 31.48 -18.63 -27.56
N ALA C 354 32.11 -19.01 -26.45
CA ALA C 354 33.57 -19.17 -26.46
C ALA C 354 33.95 -20.41 -25.66
N TYR C 355 34.03 -21.55 -26.34
CA TYR C 355 34.59 -22.73 -25.70
C TYR C 355 36.10 -22.69 -25.78
N SER C 356 36.75 -23.50 -24.96
CA SER C 356 38.21 -23.54 -24.92
C SER C 356 38.68 -24.97 -24.73
N TYR C 357 39.97 -25.16 -24.91
CA TYR C 357 40.63 -26.45 -24.75
C TYR C 357 42.11 -26.16 -24.50
N GLY C 358 42.93 -27.21 -24.61
CA GLY C 358 44.36 -27.00 -24.48
C GLY C 358 44.94 -26.60 -25.82
N GLY C 359 45.14 -25.31 -26.03
CA GLY C 359 45.60 -24.80 -27.29
C GLY C 359 46.97 -24.17 -27.19
N PRO C 360 47.72 -24.19 -28.29
CA PRO C 360 49.01 -23.49 -28.30
C PRO C 360 48.83 -21.99 -28.21
N SER C 361 49.73 -21.34 -27.47
CA SER C 361 49.62 -19.92 -27.19
C SER C 361 50.35 -19.07 -28.24
N LEU C 362 50.05 -19.31 -29.52
CA LEU C 362 50.58 -18.48 -30.60
C LEU C 362 49.36 -18.10 -31.45
N CYS C 363 48.69 -17.02 -31.04
CA CYS C 363 47.44 -16.60 -31.65
C CYS C 363 47.39 -15.09 -31.64
N LYS C 364 47.26 -14.48 -32.81
CA LYS C 364 47.34 -13.04 -32.92
C LYS C 364 45.96 -12.45 -32.69
N GLY C 365 45.79 -11.74 -31.57
CA GLY C 365 44.48 -11.28 -31.15
C GLY C 365 44.01 -10.08 -31.95
N VAL C 366 42.71 -9.82 -31.86
CA VAL C 366 42.06 -8.77 -32.64
C VAL C 366 41.43 -7.76 -31.69
N TYR C 367 41.91 -6.51 -31.79
CA TYR C 367 41.46 -5.35 -31.01
C TYR C 367 42.17 -4.14 -31.58
N SER C 368 41.56 -2.97 -31.42
CA SER C 368 42.16 -1.73 -31.92
C SER C 368 43.33 -1.31 -31.03
N GLY C 369 44.55 -1.47 -31.53
CA GLY C 369 45.74 -1.04 -30.84
C GLY C 369 46.43 -2.10 -30.01
N GLU C 370 45.84 -3.28 -29.84
CA GLU C 370 46.40 -4.34 -29.02
C GLU C 370 46.60 -5.62 -29.81
N LEU C 371 46.87 -5.49 -31.12
CA LEU C 371 46.96 -6.62 -32.02
C LEU C 371 48.39 -7.12 -32.23
N ASP C 372 49.26 -6.95 -31.24
CA ASP C 372 50.65 -7.33 -31.38
C ASP C 372 51.10 -8.23 -30.24
N LEU C 373 50.21 -9.11 -29.78
CA LEU C 373 50.54 -10.05 -28.72
C LEU C 373 50.27 -11.48 -29.17
N ASN C 374 50.33 -12.43 -28.24
CA ASN C 374 50.05 -13.83 -28.56
C ASN C 374 49.16 -14.41 -27.47
N PHE C 375 48.05 -15.00 -27.88
CA PHE C 375 46.96 -15.37 -26.97
C PHE C 375 46.60 -16.85 -27.11
N GLU C 376 45.48 -17.25 -26.52
CA GLU C 376 44.99 -18.61 -26.67
C GLU C 376 44.09 -18.71 -27.90
N CYS C 377 43.81 -19.96 -28.30
CA CYS C 377 42.90 -20.25 -29.41
C CYS C 377 41.90 -21.33 -28.98
N GLY C 378 40.79 -20.89 -28.42
CA GLY C 378 39.65 -21.75 -28.20
C GLY C 378 38.65 -21.53 -29.32
N LEU C 379 37.92 -22.59 -29.66
CA LEU C 379 36.93 -22.48 -30.72
C LEU C 379 35.74 -21.67 -30.24
N LEU C 380 35.30 -20.75 -31.07
CA LEU C 380 34.16 -19.89 -30.76
C LEU C 380 33.09 -20.12 -31.81
N VAL C 381 31.91 -20.53 -31.37
CA VAL C 381 30.79 -20.76 -32.27
C VAL C 381 30.03 -19.45 -32.41
N TYR C 382 29.41 -19.26 -33.57
CA TYR C 382 28.53 -18.13 -33.79
C TYR C 382 27.09 -18.61 -33.83
N VAL C 383 26.18 -17.71 -33.51
CA VAL C 383 24.76 -17.99 -33.70
C VAL C 383 24.05 -16.67 -34.01
N THR C 384 23.29 -16.65 -35.10
CA THR C 384 22.64 -15.44 -35.58
C THR C 384 21.15 -15.59 -35.33
N LYS C 385 20.74 -15.24 -34.12
CA LYS C 385 19.35 -15.39 -33.73
C LYS C 385 18.54 -14.18 -34.13
N SER C 386 17.36 -14.42 -34.67
CA SER C 386 16.35 -13.38 -34.83
C SER C 386 15.06 -13.92 -34.24
N GLY C 387 14.53 -13.23 -33.24
CA GLY C 387 13.37 -13.74 -32.52
C GLY C 387 12.10 -13.67 -33.35
N GLY C 388 11.37 -14.77 -33.35
CA GLY C 388 10.15 -14.85 -34.14
C GLY C 388 9.56 -16.25 -34.07
N SER C 389 8.68 -16.52 -35.04
CA SER C 389 8.02 -17.82 -35.14
C SER C 389 7.98 -18.26 -36.60
N ARG C 390 9.04 -18.88 -37.05
CA ARG C 390 9.00 -19.55 -38.34
C ARG C 390 9.53 -20.98 -38.29
N ILE C 391 10.59 -21.22 -37.53
CA ILE C 391 11.17 -22.55 -37.38
C ILE C 391 11.17 -22.92 -35.90
N GLN C 392 11.00 -24.21 -35.64
CA GLN C 392 10.91 -24.71 -34.28
C GLN C 392 11.92 -25.84 -34.12
N THR C 393 12.65 -25.82 -33.01
CA THR C 393 13.70 -26.79 -32.75
C THR C 393 13.17 -27.83 -31.76
N ALA C 394 13.28 -29.10 -32.13
CA ALA C 394 12.81 -30.18 -31.26
C ALA C 394 13.69 -31.40 -31.47
N THR C 395 13.66 -32.30 -30.50
CA THR C 395 14.51 -33.48 -30.48
C THR C 395 13.87 -34.71 -31.09
N GLU C 396 12.73 -35.15 -30.55
CA GLU C 396 12.11 -36.38 -31.00
C GLU C 396 11.38 -36.15 -32.33
N PRO C 397 11.37 -37.13 -33.21
CA PRO C 397 10.68 -36.97 -34.50
C PRO C 397 9.18 -36.90 -34.32
N PRO C 398 8.50 -35.99 -35.02
CA PRO C 398 7.05 -35.84 -34.84
C PRO C 398 6.29 -37.06 -35.37
N VAL C 399 5.36 -37.55 -34.54
CA VAL C 399 4.72 -38.83 -34.78
C VAL C 399 3.57 -38.76 -35.79
N ILE C 400 3.14 -37.57 -36.17
CA ILE C 400 2.11 -37.44 -37.19
C ILE C 400 2.75 -37.71 -38.54
N THR C 401 2.61 -38.94 -39.03
CA THR C 401 3.29 -39.41 -40.23
C THR C 401 2.25 -39.70 -41.30
N ARG C 402 2.14 -38.78 -42.26
CA ARG C 402 1.16 -38.81 -43.36
C ARG C 402 -0.26 -38.88 -42.79
N HIS C 403 -0.61 -37.80 -42.10
CA HIS C 403 -1.92 -37.66 -41.45
C HIS C 403 -2.27 -36.18 -41.46
N ASN C 404 -3.03 -35.76 -42.46
CA ASN C 404 -3.55 -34.39 -42.46
C ASN C 404 -4.66 -34.27 -41.42
N TYR C 405 -4.76 -33.08 -40.81
CA TYR C 405 -5.50 -32.90 -39.57
C TYR C 405 -7.00 -32.94 -39.83
N ASN C 406 -7.53 -34.16 -39.76
CA ASN C 406 -8.95 -34.42 -39.96
C ASN C 406 -9.68 -34.83 -38.69
N ASN C 407 -9.01 -35.50 -37.76
CA ASN C 407 -9.64 -36.10 -36.59
C ASN C 407 -8.95 -35.61 -35.32
N ILE C 408 -9.45 -34.52 -34.74
CA ILE C 408 -9.11 -34.11 -33.39
C ILE C 408 -10.41 -33.88 -32.63
N THR C 409 -10.38 -34.17 -31.33
CA THR C 409 -11.59 -34.22 -30.54
C THR C 409 -12.07 -32.82 -30.16
N LEU C 410 -13.38 -32.72 -29.93
CA LEU C 410 -14.01 -31.46 -29.51
C LEU C 410 -14.94 -31.73 -28.33
N ASN C 411 -15.02 -30.74 -27.44
CA ASN C 411 -15.92 -30.72 -26.27
C ASN C 411 -15.66 -31.90 -25.34
N THR C 412 -14.39 -32.09 -24.98
CA THR C 412 -13.99 -33.09 -24.00
C THR C 412 -12.66 -32.66 -23.38
N CYS C 413 -12.55 -32.85 -22.07
CA CYS C 413 -11.43 -32.33 -21.30
C CYS C 413 -10.15 -33.09 -21.61
N VAL C 414 -9.36 -32.57 -22.55
CA VAL C 414 -8.22 -33.30 -23.09
C VAL C 414 -6.93 -32.59 -22.74
N ASP C 415 -5.82 -33.31 -22.93
CA ASP C 415 -4.51 -32.70 -22.97
C ASP C 415 -4.23 -32.23 -24.38
N TYR C 416 -3.54 -31.09 -24.50
CA TYR C 416 -3.17 -30.60 -25.81
C TYR C 416 -1.75 -30.09 -25.77
N ASN C 417 -1.02 -30.35 -26.85
CA ASN C 417 0.33 -29.85 -27.07
C ASN C 417 0.32 -29.25 -28.46
N ILE C 418 -0.11 -28.00 -28.57
CA ILE C 418 -0.22 -27.33 -29.87
C ILE C 418 0.85 -26.25 -29.92
N TYR C 419 1.64 -26.27 -31.01
CA TYR C 419 2.67 -25.27 -31.32
C TYR C 419 3.72 -25.16 -30.22
N GLY C 420 4.01 -26.27 -29.55
CA GLY C 420 5.05 -26.28 -28.53
C GLY C 420 4.69 -25.59 -27.24
N ARG C 421 3.40 -25.50 -26.89
CA ARG C 421 2.98 -24.93 -25.62
C ARG C 421 1.94 -25.86 -24.99
N THR C 422 2.35 -26.55 -23.93
CA THR C 422 1.52 -27.56 -23.31
C THR C 422 0.44 -26.93 -22.42
N GLY C 423 -0.79 -27.37 -22.60
CA GLY C 423 -1.88 -26.92 -21.75
C GLY C 423 -2.82 -28.04 -21.33
N GLN C 424 -3.99 -27.68 -20.80
CA GLN C 424 -5.00 -28.68 -20.44
C GLN C 424 -6.37 -28.00 -20.45
N GLY C 425 -7.15 -28.28 -21.48
CA GLY C 425 -8.50 -27.74 -21.58
C GLY C 425 -9.27 -28.46 -22.66
N PHE C 426 -10.37 -27.85 -23.12
CA PHE C 426 -11.10 -28.41 -24.24
C PHE C 426 -11.28 -27.34 -25.30
N ILE C 427 -11.68 -27.78 -26.50
CA ILE C 427 -11.56 -27.00 -27.73
C ILE C 427 -12.90 -27.00 -28.45
N THR C 428 -13.42 -25.80 -28.74
CA THR C 428 -14.68 -25.63 -29.45
C THR C 428 -14.42 -25.31 -30.92
N ASN C 429 -15.50 -24.99 -31.64
CA ASN C 429 -15.46 -24.68 -33.07
C ASN C 429 -16.08 -23.31 -33.26
N VAL C 430 -15.29 -22.34 -33.69
CA VAL C 430 -15.71 -20.94 -33.65
C VAL C 430 -15.52 -20.31 -35.02
N THR C 431 -15.27 -21.13 -36.04
CA THR C 431 -14.95 -20.62 -37.36
C THR C 431 -16.14 -20.01 -38.10
N ASP C 432 -17.38 -20.23 -37.63
CA ASP C 432 -18.53 -19.58 -38.23
C ASP C 432 -18.50 -18.08 -38.00
N SER C 433 -18.06 -17.67 -36.80
CA SER C 433 -17.90 -16.25 -36.49
C SER C 433 -16.55 -15.71 -36.93
N ALA C 434 -15.71 -16.52 -37.56
CA ALA C 434 -14.35 -16.10 -37.86
C ALA C 434 -13.98 -16.19 -39.34
N VAL C 435 -14.81 -16.83 -40.17
CA VAL C 435 -14.56 -16.75 -41.60
C VAL C 435 -14.95 -15.37 -42.12
N SER C 436 -15.86 -14.70 -41.41
CA SER C 436 -16.12 -13.29 -41.61
C SER C 436 -15.20 -12.50 -40.67
N TYR C 437 -15.35 -11.18 -40.67
CA TYR C 437 -14.70 -10.23 -39.73
C TYR C 437 -13.18 -10.24 -39.81
N ASN C 438 -12.63 -10.77 -40.93
CA ASN C 438 -11.23 -11.05 -41.27
C ASN C 438 -10.39 -11.43 -40.05
N TYR C 439 -10.89 -12.42 -39.30
CA TYR C 439 -10.57 -12.67 -37.90
C TYR C 439 -9.10 -12.96 -37.64
N LEU C 440 -8.37 -13.39 -38.66
CA LEU C 440 -6.92 -13.33 -38.67
C LEU C 440 -6.47 -12.79 -40.02
N ALA C 441 -5.29 -12.18 -40.02
CA ALA C 441 -4.75 -11.57 -41.22
C ALA C 441 -4.12 -12.62 -42.13
N ASP C 442 -3.32 -12.16 -43.08
CA ASP C 442 -2.74 -13.05 -44.07
C ASP C 442 -1.63 -13.93 -43.52
N ALA C 443 -1.19 -13.69 -42.29
CA ALA C 443 -0.28 -14.61 -41.62
C ALA C 443 -1.06 -15.42 -40.62
N GLY C 444 -1.39 -16.66 -40.99
CA GLY C 444 -2.28 -17.43 -40.15
C GLY C 444 -1.63 -18.39 -39.18
N LEU C 445 -1.45 -17.95 -37.94
CA LEU C 445 -1.13 -18.85 -36.83
C LEU C 445 -1.90 -18.36 -35.60
N ALA C 446 -1.50 -18.84 -34.43
CA ALA C 446 -2.26 -18.67 -33.21
C ALA C 446 -2.21 -17.22 -32.72
N ILE C 447 -3.10 -16.92 -31.79
CA ILE C 447 -3.10 -15.65 -31.06
C ILE C 447 -2.76 -15.94 -29.62
N LEU C 448 -1.62 -15.44 -29.17
CA LEU C 448 -1.31 -15.47 -27.75
C LEU C 448 -2.24 -14.52 -27.01
N ASP C 449 -2.73 -14.95 -25.86
CA ASP C 449 -3.27 -13.98 -24.91
C ASP C 449 -2.14 -13.58 -23.97
N THR C 450 -2.49 -12.90 -22.88
CA THR C 450 -1.49 -12.67 -21.85
C THR C 450 -1.16 -13.98 -21.13
N SER C 451 0.00 -13.99 -20.46
CA SER C 451 0.56 -15.14 -19.75
C SER C 451 0.82 -16.32 -20.68
N GLY C 452 1.10 -16.04 -21.96
CA GLY C 452 1.72 -17.01 -22.86
C GLY C 452 0.89 -18.22 -23.24
N SER C 453 -0.42 -18.18 -23.08
CA SER C 453 -1.28 -19.27 -23.50
C SER C 453 -1.83 -18.98 -24.89
N ILE C 454 -2.67 -19.87 -25.38
CA ILE C 454 -3.24 -19.77 -26.72
C ILE C 454 -4.73 -19.55 -26.60
N ASP C 455 -5.24 -18.53 -27.29
CA ASP C 455 -6.66 -18.23 -27.28
C ASP C 455 -7.37 -18.74 -28.53
N ILE C 456 -6.85 -18.42 -29.71
CA ILE C 456 -7.41 -18.87 -30.99
C ILE C 456 -6.25 -19.30 -31.87
N PHE C 457 -6.28 -20.53 -32.36
CA PHE C 457 -5.30 -20.98 -33.34
C PHE C 457 -6.03 -21.41 -34.62
N VAL C 458 -5.26 -21.82 -35.63
CA VAL C 458 -5.80 -22.24 -36.91
C VAL C 458 -5.35 -23.66 -37.21
N VAL C 459 -5.90 -24.21 -38.28
CA VAL C 459 -5.52 -25.53 -38.77
C VAL C 459 -5.85 -25.58 -40.25
N GLN C 460 -5.11 -26.38 -40.99
CA GLN C 460 -5.15 -26.39 -42.45
C GLN C 460 -5.18 -27.82 -42.94
N GLY C 461 -5.98 -28.08 -43.98
CA GLY C 461 -5.95 -29.38 -44.62
C GLY C 461 -7.30 -29.88 -45.09
N GLU C 462 -8.36 -29.23 -44.65
CA GLU C 462 -9.71 -29.57 -45.06
C GLU C 462 -10.09 -28.78 -46.30
N TYR C 463 -11.40 -28.73 -46.59
CA TYR C 463 -11.89 -27.92 -47.70
C TYR C 463 -11.62 -26.44 -47.49
N GLY C 464 -11.70 -25.97 -46.25
CA GLY C 464 -11.34 -24.60 -45.93
C GLY C 464 -10.79 -24.54 -44.53
N LEU C 465 -9.93 -23.54 -44.29
CA LEU C 465 -9.28 -23.41 -43.00
C LEU C 465 -10.27 -22.93 -41.94
N THR C 466 -10.19 -23.55 -40.76
CA THR C 466 -11.10 -23.27 -39.67
C THR C 466 -10.38 -22.49 -38.58
N TYR C 467 -11.07 -22.29 -37.47
CA TYR C 467 -10.55 -21.50 -36.34
C TYR C 467 -11.04 -22.13 -35.06
N TYR C 468 -10.13 -22.52 -34.18
CA TYR C 468 -10.47 -23.22 -32.95
C TYR C 468 -10.08 -22.36 -31.76
N LYS C 469 -10.85 -22.47 -30.67
CA LYS C 469 -10.64 -21.67 -29.47
C LYS C 469 -10.37 -22.61 -28.31
N VAL C 470 -9.46 -22.21 -27.42
CA VAL C 470 -9.04 -23.05 -26.28
C VAL C 470 -9.52 -22.39 -25.00
N ASN C 471 -10.43 -23.05 -24.28
CA ASN C 471 -10.87 -22.64 -22.97
C ASN C 471 -10.63 -23.76 -21.95
N PRO C 472 -10.34 -23.42 -20.68
CA PRO C 472 -9.93 -24.46 -19.73
C PRO C 472 -11.10 -25.34 -19.31
N CYS C 473 -10.76 -26.37 -18.53
CA CYS C 473 -11.64 -27.50 -18.27
C CYS C 473 -12.72 -27.10 -17.25
N GLU C 474 -13.50 -28.08 -16.80
CA GLU C 474 -14.65 -27.80 -15.95
C GLU C 474 -14.23 -27.41 -14.53
N ASP C 475 -13.04 -27.79 -14.11
CA ASP C 475 -12.58 -27.57 -12.73
C ASP C 475 -11.49 -26.51 -12.66
N VAL C 476 -11.54 -25.50 -13.53
CA VAL C 476 -10.55 -24.44 -13.48
C VAL C 476 -10.82 -23.52 -12.28
N ASN C 477 -12.06 -23.43 -11.83
CA ASN C 477 -12.34 -22.69 -10.60
C ASN C 477 -13.54 -23.34 -9.91
N GLN C 478 -13.23 -24.30 -9.05
CA GLN C 478 -14.20 -24.88 -8.14
C GLN C 478 -14.03 -24.21 -6.78
N GLN C 479 -15.13 -24.11 -6.04
CA GLN C 479 -15.10 -23.57 -4.70
C GLN C 479 -15.78 -24.57 -3.76
N PHE C 480 -15.41 -24.54 -2.49
CA PHE C 480 -16.21 -25.27 -1.54
C PHE C 480 -16.45 -24.41 -0.32
N VAL C 481 -17.70 -24.42 0.13
CA VAL C 481 -18.19 -23.46 1.09
C VAL C 481 -17.93 -24.00 2.48
N VAL C 482 -17.29 -23.20 3.33
CA VAL C 482 -17.21 -23.48 4.76
C VAL C 482 -18.09 -22.47 5.48
N SER C 483 -18.71 -22.90 6.57
CA SER C 483 -19.63 -22.04 7.30
C SER C 483 -19.43 -22.26 8.79
N GLY C 484 -18.89 -21.25 9.47
CA GLY C 484 -18.67 -21.32 10.89
C GLY C 484 -17.41 -22.05 11.28
N GLY C 485 -17.44 -23.38 11.28
CA GLY C 485 -16.28 -24.11 11.73
C GLY C 485 -15.85 -25.31 10.91
N LYS C 486 -16.69 -25.77 9.99
CA LYS C 486 -16.42 -27.00 9.29
C LYS C 486 -16.82 -26.90 7.83
N LEU C 487 -16.43 -27.91 7.07
CA LEU C 487 -16.71 -27.97 5.64
C LEU C 487 -18.16 -28.34 5.41
N VAL C 488 -18.74 -27.82 4.32
CA VAL C 488 -20.14 -28.08 4.03
C VAL C 488 -20.30 -28.81 2.71
N GLY C 489 -19.86 -28.20 1.62
CA GLY C 489 -20.03 -28.84 0.33
C GLY C 489 -19.28 -28.08 -0.76
N ILE C 490 -19.05 -28.78 -1.86
CA ILE C 490 -18.32 -28.24 -3.00
C ILE C 490 -19.29 -27.49 -3.89
N LEU C 491 -19.00 -26.22 -4.14
CA LEU C 491 -19.76 -25.41 -5.08
C LEU C 491 -18.99 -25.41 -6.39
N THR C 492 -19.37 -26.31 -7.29
CA THR C 492 -18.63 -26.57 -8.53
C THR C 492 -19.37 -26.00 -9.74
N SER C 493 -18.81 -26.26 -10.91
CA SER C 493 -19.42 -25.85 -12.17
C SER C 493 -19.99 -27.02 -12.97
N ARG C 494 -19.62 -28.25 -12.64
CA ARG C 494 -20.12 -29.42 -13.35
C ARG C 494 -21.40 -29.94 -12.69
N ASN C 495 -21.96 -30.98 -13.29
CA ASN C 495 -23.24 -31.55 -12.86
C ASN C 495 -23.04 -33.05 -12.65
N GLU C 496 -22.55 -33.43 -11.48
CA GLU C 496 -22.39 -34.84 -11.11
C GLU C 496 -23.61 -35.33 -10.32
N THR C 497 -24.76 -35.31 -11.01
CA THR C 497 -26.09 -35.49 -10.42
C THR C 497 -26.29 -34.58 -9.21
N GLY C 498 -25.93 -33.31 -9.40
CA GLY C 498 -26.04 -32.31 -8.35
C GLY C 498 -27.48 -31.99 -8.02
N SER C 499 -27.91 -32.31 -6.80
CA SER C 499 -29.31 -32.23 -6.42
C SER C 499 -29.77 -30.81 -6.09
N GLN C 500 -28.97 -29.79 -6.37
CA GLN C 500 -29.35 -28.43 -6.05
C GLN C 500 -28.66 -27.47 -7.03
N LEU C 501 -29.43 -26.49 -7.51
CA LEU C 501 -28.95 -25.45 -8.40
C LEU C 501 -29.01 -24.11 -7.70
N LEU C 502 -27.87 -23.47 -7.53
CA LEU C 502 -27.82 -22.12 -6.99
C LEU C 502 -27.85 -21.12 -8.16
N GLU C 503 -27.55 -19.86 -7.88
CA GLU C 503 -27.52 -18.82 -8.90
C GLU C 503 -26.23 -18.97 -9.71
N ASN C 504 -26.37 -19.46 -10.94
CA ASN C 504 -25.33 -19.57 -11.97
C ASN C 504 -24.20 -20.55 -11.59
N GLN C 505 -24.41 -21.39 -10.58
CA GLN C 505 -23.44 -22.40 -10.18
C GLN C 505 -24.20 -23.64 -9.72
N PHE C 506 -23.63 -24.80 -9.94
CA PHE C 506 -24.23 -26.04 -9.45
C PHE C 506 -23.65 -26.36 -8.08
N TYR C 507 -24.44 -27.08 -7.28
CA TYR C 507 -24.11 -27.33 -5.88
C TYR C 507 -24.27 -28.81 -5.58
N ILE C 508 -23.27 -29.40 -4.94
CA ILE C 508 -23.38 -30.74 -4.40
C ILE C 508 -23.17 -30.67 -2.90
N LYS C 509 -23.21 -31.83 -2.25
CA LYS C 509 -23.11 -31.90 -0.80
C LYS C 509 -22.43 -33.20 -0.41
N ILE C 510 -21.37 -33.10 0.39
CA ILE C 510 -20.61 -34.29 0.76
C ILE C 510 -21.36 -35.11 1.80
N THR C 511 -21.21 -36.44 1.71
CA THR C 511 -21.96 -37.35 2.56
C THR C 511 -21.31 -37.45 3.95
N ASN C 512 -22.08 -37.12 4.98
CA ASN C 512 -21.59 -37.10 6.36
C ASN C 512 -22.21 -38.25 7.13
N GLY C 513 -21.55 -39.39 7.12
CA GLY C 513 -22.09 -40.55 7.81
C GLY C 513 -23.12 -41.27 6.99
N THR C 514 -24.40 -41.08 7.33
CA THR C 514 -25.47 -41.75 6.61
C THR C 514 -25.66 -41.16 5.21
N ARG C 515 -26.23 -41.97 4.32
CA ARG C 515 -26.37 -41.61 2.92
C ARG C 515 -27.49 -40.60 2.67
N ARG C 516 -28.46 -40.50 3.59
CA ARG C 516 -29.62 -39.64 3.40
C ARG C 516 -29.26 -38.18 3.67
N PHE C 517 -30.29 -37.33 3.74
CA PHE C 517 -30.19 -35.86 3.91
C PHE C 517 -29.39 -35.25 2.74
N ARG C 518 -30.00 -35.33 1.56
CA ARG C 518 -29.41 -34.88 0.30
C ARG C 518 -30.29 -33.88 -0.42
N ARG C 519 -31.61 -34.04 -0.36
CA ARG C 519 -32.57 -33.20 -1.07
C ARG C 519 -33.73 -32.86 -0.14
N SER C 520 -34.13 -31.59 -0.13
CA SER C 520 -35.22 -31.15 0.73
C SER C 520 -35.87 -29.92 0.12
N ILE C 521 -36.99 -29.51 0.71
CA ILE C 521 -37.69 -28.29 0.31
C ILE C 521 -37.11 -27.11 1.07
N THR C 522 -36.76 -26.05 0.33
CA THR C 522 -36.09 -24.90 0.93
C THR C 522 -37.03 -24.12 1.84
N GLU C 523 -36.46 -23.57 2.91
CA GLU C 523 -37.19 -22.84 3.93
C GLU C 523 -36.81 -21.36 3.90
N ASN C 524 -37.77 -20.50 4.19
CA ASN C 524 -37.61 -19.06 4.10
C ASN C 524 -37.09 -18.51 5.41
N VAL C 525 -35.93 -17.86 5.36
CA VAL C 525 -35.29 -17.27 6.53
C VAL C 525 -35.37 -15.75 6.41
N ALA C 526 -35.69 -15.09 7.52
CA ALA C 526 -35.70 -13.63 7.59
C ALA C 526 -34.31 -13.04 7.39
N ASN C 527 -33.40 -13.34 8.32
CA ASN C 527 -32.03 -12.85 8.27
C ASN C 527 -31.08 -13.97 8.67
N CYS C 528 -29.94 -14.07 7.98
CA CYS C 528 -28.97 -15.05 8.41
C CYS C 528 -27.56 -14.46 8.37
N PRO C 529 -26.79 -14.64 9.43
CA PRO C 529 -25.40 -14.15 9.44
C PRO C 529 -24.33 -15.19 9.09
N TYR C 530 -24.71 -16.40 8.64
CA TYR C 530 -23.74 -17.49 8.61
C TYR C 530 -22.80 -17.38 7.41
N VAL C 531 -23.32 -17.67 6.22
CA VAL C 531 -22.62 -17.57 4.93
C VAL C 531 -23.69 -17.28 3.90
N SER C 532 -23.54 -16.20 3.15
CA SER C 532 -24.56 -15.78 2.21
C SER C 532 -23.99 -15.73 0.80
N TYR C 533 -24.75 -16.28 -0.15
CA TYR C 533 -24.28 -16.36 -1.54
C TYR C 533 -25.50 -16.25 -2.45
N GLY C 534 -25.80 -15.03 -2.88
CA GLY C 534 -26.72 -14.74 -3.97
C GLY C 534 -28.12 -15.30 -3.85
N LYS C 535 -28.92 -14.74 -2.94
CA LYS C 535 -30.29 -15.16 -2.62
C LYS C 535 -30.33 -16.59 -2.04
N PHE C 536 -29.21 -17.09 -1.53
CA PHE C 536 -29.18 -18.42 -0.94
C PHE C 536 -28.21 -18.41 0.24
N CYS C 537 -28.64 -19.00 1.35
CA CYS C 537 -27.93 -18.96 2.61
C CYS C 537 -27.64 -20.38 3.07
N ILE C 538 -26.42 -20.60 3.57
CA ILE C 538 -25.94 -21.94 3.91
C ILE C 538 -25.68 -22.00 5.41
N LYS C 539 -26.33 -22.94 6.08
CA LYS C 539 -26.22 -23.20 7.50
C LYS C 539 -25.03 -24.11 7.78
N PRO C 540 -24.56 -24.18 9.03
CA PRO C 540 -23.57 -25.22 9.38
C PRO C 540 -24.13 -26.61 9.44
N ASP C 541 -25.46 -26.79 9.38
CA ASP C 541 -26.05 -28.11 9.26
C ASP C 541 -25.66 -28.76 7.95
N GLY C 542 -25.65 -27.99 6.86
CA GLY C 542 -25.28 -28.47 5.54
C GLY C 542 -26.29 -28.11 4.47
N SER C 543 -27.56 -27.98 4.83
CA SER C 543 -28.60 -27.70 3.86
C SER C 543 -28.75 -26.20 3.66
N ILE C 544 -29.13 -25.80 2.46
CA ILE C 544 -29.31 -24.39 2.14
C ILE C 544 -30.70 -23.95 2.58
N ALA C 545 -30.92 -22.64 2.59
CA ALA C 545 -32.22 -22.05 2.88
C ALA C 545 -32.25 -20.69 2.22
N THR C 546 -33.25 -20.44 1.38
CA THR C 546 -33.29 -19.21 0.60
C THR C 546 -33.61 -18.02 1.51
N ILE C 547 -33.05 -16.87 1.16
CA ILE C 547 -33.17 -15.66 1.96
C ILE C 547 -34.17 -14.74 1.29
N VAL C 548 -35.00 -14.08 2.10
CA VAL C 548 -35.95 -13.09 1.62
C VAL C 548 -36.16 -12.06 2.71
N PRO C 549 -35.76 -10.80 2.50
CA PRO C 549 -35.75 -9.83 3.58
C PRO C 549 -37.16 -9.32 3.90
N LYS C 550 -37.44 -9.16 5.18
CA LYS C 550 -38.71 -8.61 5.60
C LYS C 550 -38.60 -7.09 5.78
N GLN C 551 -39.76 -6.44 5.76
CA GLN C 551 -39.84 -5.01 6.02
C GLN C 551 -41.13 -4.75 6.77
N LEU C 552 -41.12 -3.68 7.56
CA LEU C 552 -42.27 -3.35 8.40
C LEU C 552 -43.04 -2.19 7.81
N GLU C 553 -44.30 -2.10 8.18
CA GLU C 553 -45.21 -1.09 7.65
C GLU C 553 -44.93 0.27 8.27
N GLN C 554 -45.35 1.31 7.56
CA GLN C 554 -45.25 2.67 8.06
C GLN C 554 -46.43 3.45 7.51
N PHE C 555 -46.65 4.65 8.05
CA PHE C 555 -47.85 5.39 7.70
C PHE C 555 -47.61 6.88 7.88
N VAL C 556 -48.18 7.65 6.96
CA VAL C 556 -48.11 9.10 6.97
C VAL C 556 -49.55 9.56 6.69
N ALA C 557 -50.48 8.62 6.89
CA ALA C 557 -51.80 8.55 6.26
C ALA C 557 -52.65 9.82 6.15
N PRO C 558 -52.75 10.73 7.16
CA PRO C 558 -53.62 11.90 6.93
C PRO C 558 -53.07 12.93 5.95
N LEU C 559 -53.60 12.89 4.72
CA LEU C 559 -53.42 13.93 3.72
C LEU C 559 -54.77 14.04 3.02
N LEU C 560 -55.53 15.07 3.36
CA LEU C 560 -56.99 15.02 3.23
C LEU C 560 -57.48 16.05 2.23
N ASN C 561 -58.01 15.56 1.11
CA ASN C 561 -58.87 16.32 0.22
C ASN C 561 -60.30 16.05 0.66
N VAL C 562 -61.27 16.10 -0.26
CA VAL C 562 -62.72 15.94 -0.03
C VAL C 562 -63.07 14.81 0.91
N THR C 563 -64.16 15.00 1.67
CA THR C 563 -64.37 14.30 2.94
C THR C 563 -64.53 12.79 2.78
N GLU C 564 -63.74 12.05 3.54
CA GLU C 564 -63.67 10.59 3.53
C GLU C 564 -62.94 10.16 4.79
N ASN C 565 -63.38 9.04 5.35
CA ASN C 565 -62.83 8.56 6.61
C ASN C 565 -61.38 8.09 6.46
N VAL C 566 -60.63 8.19 7.55
CA VAL C 566 -59.18 8.03 7.55
C VAL C 566 -58.81 7.10 8.70
N LEU C 567 -57.60 6.53 8.62
CA LEU C 567 -57.09 5.59 9.62
C LEU C 567 -56.00 6.27 10.42
N ILE C 568 -56.25 6.49 11.70
CA ILE C 568 -55.21 6.96 12.63
C ILE C 568 -55.13 5.99 13.79
N PRO C 569 -53.96 5.78 14.40
CA PRO C 569 -53.84 4.76 15.44
C PRO C 569 -54.37 5.20 16.79
N ASN C 570 -54.96 4.24 17.51
CA ASN C 570 -55.35 4.44 18.90
C ASN C 570 -54.39 3.81 19.88
N SER C 571 -53.92 2.61 19.59
CA SER C 571 -52.97 1.88 20.40
C SER C 571 -51.63 1.85 19.68
N PHE C 572 -50.59 1.42 20.39
CA PHE C 572 -49.27 1.53 19.83
C PHE C 572 -48.33 0.52 20.48
N ASN C 573 -47.31 0.13 19.72
CA ASN C 573 -46.32 -0.83 20.13
C ASN C 573 -44.93 -0.26 19.91
N LEU C 574 -43.93 -0.96 20.41
CA LEU C 574 -42.54 -0.54 20.32
C LEU C 574 -41.73 -1.67 19.72
N THR C 575 -40.96 -1.36 18.67
CA THR C 575 -40.15 -2.35 17.96
C THR C 575 -38.69 -1.99 18.12
N VAL C 576 -37.95 -2.84 18.83
CA VAL C 576 -36.55 -2.54 19.13
C VAL C 576 -35.70 -2.75 17.88
N THR C 577 -34.51 -2.15 17.89
CA THR C 577 -33.55 -2.25 16.79
C THR C 577 -32.18 -1.89 17.35
N ASP C 578 -31.18 -2.71 17.10
CA ASP C 578 -29.83 -2.49 17.60
C ASP C 578 -28.89 -2.11 16.48
N GLU C 579 -27.73 -1.59 16.88
CA GLU C 579 -26.63 -1.31 15.97
C GLU C 579 -25.37 -1.14 16.81
N TYR C 580 -24.22 -1.26 16.15
CA TYR C 580 -22.93 -1.15 16.80
C TYR C 580 -22.04 -0.19 16.04
N ILE C 581 -21.36 0.68 16.77
CA ILE C 581 -20.45 1.67 16.20
C ILE C 581 -19.12 1.60 16.95
N GLN C 582 -18.03 1.42 16.21
CA GLN C 582 -16.71 1.35 16.82
C GLN C 582 -16.28 2.74 17.24
N THR C 583 -15.58 2.85 18.36
CA THR C 583 -15.16 4.17 18.80
C THR C 583 -13.76 4.25 19.38
N ARG C 584 -13.01 3.14 19.47
CA ARG C 584 -11.70 3.15 20.08
C ARG C 584 -10.71 2.35 19.24
N MET C 585 -9.45 2.41 19.64
CA MET C 585 -8.37 1.80 18.88
C MET C 585 -7.22 1.49 19.83
N ASP C 586 -6.58 0.35 19.63
CA ASP C 586 -5.37 0.04 20.39
C ASP C 586 -4.15 0.67 19.73
N LYS C 587 -3.47 1.54 20.45
CA LYS C 587 -2.28 2.18 19.91
C LYS C 587 -1.10 1.21 19.96
N VAL C 588 -0.26 1.27 18.92
CA VAL C 588 0.89 0.39 18.81
C VAL C 588 2.16 1.21 18.87
N GLN C 589 3.29 0.52 19.01
CA GLN C 589 4.60 1.17 19.10
C GLN C 589 5.63 0.18 18.56
N ILE C 590 6.00 0.36 17.30
CA ILE C 590 6.89 -0.59 16.62
C ILE C 590 8.32 -0.30 17.01
N ASN C 591 8.99 -1.30 17.59
CA ASN C 591 10.40 -1.22 17.94
C ASN C 591 11.17 -1.92 16.83
N CYS C 592 11.64 -1.15 15.84
CA CYS C 592 12.14 -1.76 14.60
C CYS C 592 13.47 -2.47 14.80
N LEU C 593 14.32 -1.96 15.69
CA LEU C 593 15.65 -2.54 15.86
C LEU C 593 15.58 -3.91 16.50
N GLN C 594 14.65 -4.12 17.43
CA GLN C 594 14.54 -5.41 18.08
C GLN C 594 13.64 -6.36 17.29
N TYR C 595 12.82 -5.82 16.39
CA TYR C 595 11.99 -6.68 15.54
C TYR C 595 12.76 -7.24 14.37
N VAL C 596 13.65 -6.44 13.75
CA VAL C 596 14.35 -6.92 12.56
C VAL C 596 15.40 -7.95 12.92
N CYS C 597 16.37 -7.58 13.75
CA CYS C 597 17.39 -8.53 14.17
C CYS C 597 16.96 -9.21 15.46
N GLY C 598 17.50 -10.40 15.68
CA GLY C 598 17.24 -11.14 16.90
C GLY C 598 18.18 -10.71 18.01
N ASN C 599 18.18 -11.50 19.08
CA ASN C 599 19.10 -11.29 20.21
C ASN C 599 20.48 -11.79 19.79
N SER C 600 21.19 -10.94 19.05
CA SER C 600 22.51 -11.29 18.55
C SER C 600 23.48 -10.15 18.83
N LEU C 601 24.77 -10.46 18.83
CA LEU C 601 25.77 -9.40 18.91
C LEU C 601 25.93 -8.71 17.57
N ASP C 602 25.82 -9.44 16.47
CA ASP C 602 25.91 -8.84 15.15
C ASP C 602 24.49 -8.51 14.69
N CYS C 603 24.34 -8.24 13.37
CA CYS C 603 23.17 -7.77 12.59
C CYS C 603 22.87 -6.30 12.85
N ARG C 604 23.51 -5.71 13.86
CA ARG C 604 23.22 -4.33 14.23
C ARG C 604 24.15 -3.35 13.55
N ASP C 605 25.43 -3.70 13.44
CA ASP C 605 26.37 -2.87 12.69
C ASP C 605 26.05 -2.86 11.21
N LEU C 606 25.47 -3.95 10.70
CA LEU C 606 24.96 -3.94 9.33
C LEU C 606 23.69 -3.12 9.24
N PHE C 607 22.94 -3.00 10.34
CA PHE C 607 21.67 -2.29 10.30
C PHE C 607 21.85 -0.79 10.41
N GLN C 608 22.93 -0.32 11.04
CA GLN C 608 23.06 1.13 11.32
C GLN C 608 23.27 1.99 10.07
N GLN C 609 23.23 1.50 8.82
CA GLN C 609 23.11 2.34 7.65
C GLN C 609 21.71 2.30 7.05
N TYR C 610 20.74 1.79 7.83
CA TYR C 610 19.32 1.84 7.46
C TYR C 610 18.63 2.86 8.34
N GLY C 611 19.29 4.00 8.54
CA GLY C 611 18.83 5.05 9.43
C GLY C 611 17.42 5.59 9.20
N PRO C 612 17.19 6.31 8.10
CA PRO C 612 15.92 7.06 7.97
C PRO C 612 14.69 6.20 7.72
N VAL C 613 14.84 4.92 7.39
CA VAL C 613 13.64 4.12 7.13
C VAL C 613 12.95 3.74 8.45
N CYS C 614 13.71 3.59 9.55
CA CYS C 614 13.05 3.46 10.85
C CYS C 614 12.42 4.76 11.30
N ASP C 615 12.99 5.92 10.92
CA ASP C 615 12.33 7.17 11.23
C ASP C 615 11.02 7.32 10.47
N ASN C 616 11.01 6.88 9.22
CA ASN C 616 9.78 6.91 8.43
C ASN C 616 8.74 5.93 8.96
N ILE C 617 9.17 4.77 9.46
CA ILE C 617 8.20 3.81 9.99
C ILE C 617 7.77 4.20 11.41
N LEU C 618 8.50 5.08 12.07
CA LEU C 618 8.14 5.49 13.41
C LEU C 618 7.25 6.72 13.42
N SER C 619 7.45 7.64 12.46
CA SER C 619 6.76 8.93 12.52
C SER C 619 5.26 8.81 12.27
N VAL C 620 4.85 7.91 11.37
CA VAL C 620 3.42 7.79 11.08
C VAL C 620 2.68 7.12 12.25
N VAL C 621 3.34 6.20 12.95
CA VAL C 621 2.73 5.57 14.11
C VAL C 621 2.63 6.56 15.27
N ASN C 622 3.66 7.39 15.44
CA ASN C 622 3.62 8.43 16.46
C ASN C 622 2.54 9.46 16.17
N SER C 623 2.37 9.82 14.90
CA SER C 623 1.36 10.80 14.51
C SER C 623 -0.05 10.26 14.72
N ILE C 624 -0.31 9.00 14.34
CA ILE C 624 -1.67 8.49 14.54
C ILE C 624 -1.95 8.27 16.02
N GLY C 625 -0.92 7.93 16.81
CA GLY C 625 -1.11 7.81 18.25
C GLY C 625 -1.50 9.13 18.90
N GLN C 626 -0.80 10.22 18.55
CA GLN C 626 -1.13 11.52 19.12
C GLN C 626 -2.49 12.02 18.65
N LYS C 627 -2.78 11.85 17.35
CA LYS C 627 -4.03 12.36 16.80
C LYS C 627 -5.22 11.58 17.31
N GLU C 628 -5.05 10.29 17.64
CA GLU C 628 -6.15 9.59 18.29
C GLU C 628 -6.26 10.02 19.75
N ASP C 629 -5.13 10.18 20.44
CA ASP C 629 -5.17 10.33 21.89
C ASP C 629 -5.64 11.72 22.32
N MET C 630 -5.57 12.71 21.44
CA MET C 630 -6.10 14.02 21.80
C MET C 630 -7.63 14.06 21.69
N GLU C 631 -8.15 13.77 20.51
CA GLU C 631 -9.59 13.89 20.36
C GLU C 631 -10.37 12.72 20.95
N LEU C 632 -9.70 11.66 21.43
CA LEU C 632 -10.39 10.73 22.32
C LEU C 632 -10.76 11.40 23.63
N LEU C 633 -9.85 12.20 24.19
CA LEU C 633 -10.19 12.95 25.39
C LEU C 633 -11.20 14.06 25.08
N ASN C 634 -11.16 14.61 23.86
CA ASN C 634 -12.22 15.53 23.46
C ASN C 634 -13.59 14.84 23.44
N PHE C 635 -13.65 13.62 22.90
CA PHE C 635 -14.89 12.86 22.88
C PHE C 635 -15.35 12.48 24.28
N TYR C 636 -14.41 12.22 25.18
CA TYR C 636 -14.80 11.91 26.55
C TYR C 636 -15.29 13.16 27.29
N SER C 637 -14.71 14.32 27.01
CA SER C 637 -15.11 15.52 27.72
C SER C 637 -16.30 16.22 27.11
N SER C 638 -16.73 15.81 25.91
CA SER C 638 -17.91 16.44 25.34
C SER C 638 -19.22 15.76 25.76
N THR C 639 -19.16 14.49 26.19
CA THR C 639 -20.37 13.72 26.42
C THR C 639 -20.57 13.21 27.85
N LYS C 640 -19.51 13.14 28.65
CA LYS C 640 -19.65 12.74 30.05
C LYS C 640 -20.43 13.82 30.79
N PRO C 641 -21.68 13.55 31.22
CA PRO C 641 -22.65 14.62 31.45
C PRO C 641 -22.37 15.60 32.58
N ALA C 642 -22.32 15.09 33.82
CA ALA C 642 -22.16 16.01 34.95
C ALA C 642 -21.34 15.43 36.08
N GLY C 643 -20.79 14.23 35.94
CA GLY C 643 -20.41 13.46 37.11
C GLY C 643 -21.39 12.32 37.28
N PHE C 644 -22.33 12.48 38.22
CA PHE C 644 -23.36 11.49 38.57
C PHE C 644 -22.73 10.14 38.92
N ASN C 645 -21.75 10.17 39.82
CA ASN C 645 -21.00 8.98 40.21
C ASN C 645 -21.84 8.19 41.21
N THR C 646 -22.92 7.61 40.71
CA THR C 646 -23.91 6.86 41.44
C THR C 646 -24.03 5.54 40.70
N PRO C 647 -24.03 4.40 41.41
CA PRO C 647 -24.08 3.11 40.70
C PRO C 647 -25.36 2.86 39.94
N PHE C 648 -26.52 3.06 40.57
CA PHE C 648 -27.86 2.80 40.02
C PHE C 648 -27.96 1.37 39.52
N LEU C 649 -27.86 0.45 40.48
CA LEU C 649 -27.55 -0.95 40.22
C LEU C 649 -28.80 -1.84 40.14
N SER C 650 -29.91 -1.28 39.66
CA SER C 650 -31.08 -2.01 39.14
C SER C 650 -31.77 -2.87 40.19
N ASN C 651 -31.72 -2.49 41.46
CA ASN C 651 -32.74 -2.89 42.41
C ASN C 651 -33.60 -1.69 42.81
N VAL C 652 -33.46 -0.59 42.08
CA VAL C 652 -34.26 0.60 42.31
C VAL C 652 -35.69 0.34 41.86
N SER C 653 -36.64 0.57 42.76
CA SER C 653 -38.04 0.23 42.52
C SER C 653 -38.64 1.17 41.47
N THR C 654 -38.83 0.65 40.26
CA THR C 654 -39.57 1.35 39.23
C THR C 654 -41.04 0.94 39.31
N GLY C 655 -41.87 1.57 38.49
CA GLY C 655 -43.29 1.33 38.57
C GLY C 655 -43.72 -0.03 38.05
N GLU C 656 -43.68 -0.21 36.73
CA GLU C 656 -44.00 -1.50 36.12
C GLU C 656 -43.06 -1.83 34.97
N PHE C 657 -41.89 -1.20 34.90
CA PHE C 657 -40.94 -1.40 33.82
C PHE C 657 -39.84 -2.32 34.32
N ASN C 658 -39.80 -3.55 33.85
CA ASN C 658 -38.70 -4.45 34.22
C ASN C 658 -37.49 -4.10 33.36
N ILE C 659 -36.72 -3.13 33.84
CA ILE C 659 -35.47 -2.74 33.18
C ILE C 659 -34.25 -3.27 33.90
N SER C 660 -34.42 -4.05 34.98
CA SER C 660 -33.29 -4.62 35.70
C SER C 660 -32.58 -5.70 34.89
N LEU C 661 -33.22 -6.23 33.85
CA LEU C 661 -32.54 -7.06 32.87
C LEU C 661 -31.44 -6.30 32.15
N LEU C 662 -31.62 -5.00 31.98
CA LEU C 662 -30.81 -4.21 31.07
C LEU C 662 -29.70 -3.42 31.78
N LEU C 663 -29.76 -3.28 33.09
CA LEU C 663 -28.77 -2.52 33.85
C LEU C 663 -27.99 -3.46 34.77
N THR C 664 -27.02 -2.89 35.47
CA THR C 664 -26.02 -3.69 36.18
C THR C 664 -26.59 -4.32 37.44
N THR C 665 -25.98 -5.41 37.85
CA THR C 665 -26.29 -6.32 38.94
C THR C 665 -25.42 -6.00 40.16
N PRO C 666 -25.91 -6.28 41.38
CA PRO C 666 -25.06 -6.05 42.55
C PRO C 666 -23.93 -7.04 42.69
N SER C 667 -24.17 -8.31 42.36
CA SER C 667 -23.20 -9.39 42.60
C SER C 667 -22.46 -9.69 41.31
N SER C 668 -21.31 -9.04 41.13
CA SER C 668 -20.45 -9.27 39.97
C SER C 668 -19.07 -8.74 40.29
N PRO C 669 -17.99 -9.44 39.88
CA PRO C 669 -16.64 -8.90 40.12
C PRO C 669 -16.32 -7.70 39.26
N ARG C 670 -16.94 -7.56 38.09
CA ARG C 670 -16.77 -6.41 37.23
C ARG C 670 -18.09 -5.68 37.11
N ARG C 671 -18.02 -4.35 36.92
CA ARG C 671 -19.21 -3.54 36.80
C ARG C 671 -19.84 -3.77 35.43
N ARG C 672 -20.71 -4.78 35.33
CA ARG C 672 -21.16 -5.27 34.05
C ARG C 672 -22.61 -5.70 34.14
N SER C 673 -23.42 -5.29 33.16
CA SER C 673 -24.83 -5.66 33.12
C SER C 673 -24.97 -7.01 32.46
N PHE C 674 -26.20 -7.39 32.11
CA PHE C 674 -26.46 -8.70 31.55
C PHE C 674 -26.21 -8.74 30.05
N ILE C 675 -26.65 -7.70 29.34
CA ILE C 675 -26.65 -7.76 27.88
C ILE C 675 -25.24 -7.59 27.32
N GLU C 676 -24.43 -6.70 27.90
CA GLU C 676 -23.05 -6.66 27.43
C GLU C 676 -22.22 -7.80 27.96
N ASP C 677 -22.68 -8.52 28.99
CA ASP C 677 -22.05 -9.78 29.34
C ASP C 677 -22.31 -10.83 28.26
N LEU C 678 -23.54 -10.85 27.73
CA LEU C 678 -23.85 -11.70 26.59
C LEU C 678 -23.06 -11.28 25.35
N LEU C 679 -22.77 -9.98 25.22
CA LEU C 679 -21.90 -9.51 24.14
C LEU C 679 -20.45 -9.95 24.35
N PHE C 680 -19.96 -9.90 25.58
CA PHE C 680 -18.58 -10.27 25.88
C PHE C 680 -18.31 -11.75 25.76
N THR C 681 -19.28 -12.62 26.09
CA THR C 681 -19.00 -14.05 26.02
C THR C 681 -18.95 -14.59 24.60
N SER C 682 -19.31 -13.79 23.60
CA SER C 682 -19.09 -14.18 22.22
C SER C 682 -17.67 -13.89 21.75
N VAL C 683 -16.92 -13.11 22.51
CA VAL C 683 -15.53 -12.79 22.18
C VAL C 683 -14.60 -13.27 23.28
N ALA C 693 -4.42 -3.75 31.53
CA ALA C 693 -3.09 -3.62 30.95
C ALA C 693 -2.01 -3.65 32.01
N TYR C 694 -2.26 -4.43 33.07
CA TYR C 694 -1.33 -4.57 34.19
C TYR C 694 -0.88 -6.03 34.23
N LYS C 695 0.35 -6.29 33.79
CA LYS C 695 0.90 -7.64 33.82
C LYS C 695 2.29 -7.62 34.42
N ASN C 696 2.83 -8.82 34.61
CA ASN C 696 4.24 -9.03 34.88
C ASN C 696 4.68 -10.12 33.90
N CYS C 697 5.28 -9.70 32.79
CA CYS C 697 5.54 -10.60 31.68
C CYS C 697 6.67 -11.58 31.97
N THR C 698 7.46 -11.33 33.02
CA THR C 698 8.55 -12.23 33.36
C THR C 698 8.08 -13.57 33.88
N ALA C 699 6.99 -13.59 34.65
CA ALA C 699 6.46 -14.84 35.19
C ALA C 699 4.98 -14.68 35.47
N GLY C 700 4.21 -15.72 35.17
CA GLY C 700 2.79 -15.74 35.47
C GLY C 700 1.93 -15.53 34.23
N PRO C 701 1.29 -16.60 33.77
CA PRO C 701 0.33 -16.47 32.67
C PRO C 701 -1.06 -16.10 33.18
N LEU C 702 -1.89 -15.65 32.25
CA LEU C 702 -3.27 -15.28 32.55
C LEU C 702 -4.28 -16.14 31.80
N GLY C 703 -4.18 -16.22 30.47
CA GLY C 703 -5.19 -16.87 29.69
C GLY C 703 -4.68 -17.41 28.37
N PHE C 704 -5.59 -17.90 27.55
CA PHE C 704 -5.22 -18.50 26.27
C PHE C 704 -4.95 -17.44 25.21
N LEU C 705 -5.66 -16.31 25.28
CA LEU C 705 -5.59 -15.28 24.25
C LEU C 705 -4.94 -13.99 24.73
N LYS C 706 -5.14 -13.61 25.99
CA LYS C 706 -4.52 -12.40 26.50
C LYS C 706 -3.01 -12.56 26.67
N ASP C 707 -2.50 -13.79 26.79
CA ASP C 707 -1.07 -14.02 26.96
C ASP C 707 -0.32 -14.11 25.64
N LEU C 708 -0.85 -13.52 24.58
CA LEU C 708 -0.05 -13.23 23.40
C LEU C 708 0.70 -11.91 23.54
N ALA C 709 0.43 -11.14 24.59
CA ALA C 709 1.13 -9.88 24.80
C ALA C 709 2.60 -10.10 25.12
N CYS C 710 2.93 -11.22 25.78
CA CYS C 710 4.34 -11.54 26.01
C CYS C 710 5.03 -12.02 24.74
N ALA C 711 4.30 -12.65 23.82
CA ALA C 711 4.89 -12.96 22.54
C ALA C 711 5.03 -11.73 21.66
N ARG C 712 4.18 -10.73 21.85
CA ARG C 712 4.32 -9.48 21.11
C ARG C 712 5.45 -8.63 21.66
N GLU C 713 5.55 -8.48 22.98
CA GLU C 713 6.55 -7.60 23.57
C GLU C 713 7.96 -8.13 23.43
N TYR C 714 8.14 -9.42 23.18
CA TYR C 714 9.47 -9.98 22.97
C TYR C 714 9.87 -9.93 21.51
N ASN C 715 9.02 -9.38 20.65
CA ASN C 715 9.35 -9.12 19.26
C ASN C 715 9.23 -7.64 18.90
N GLY C 716 8.88 -6.79 19.85
CA GLY C 716 8.87 -5.37 19.60
C GLY C 716 7.61 -4.81 18.98
N LEU C 717 6.44 -5.33 19.35
CA LEU C 717 5.16 -4.74 18.96
C LEU C 717 4.34 -4.58 20.24
N LEU C 718 4.57 -3.48 20.93
CA LEU C 718 3.95 -3.25 22.23
C LEU C 718 2.85 -2.20 22.11
N VAL C 719 2.01 -2.15 23.14
CA VAL C 719 0.86 -1.25 23.15
C VAL C 719 1.08 -0.15 24.18
N LEU C 720 0.23 0.87 24.11
CA LEU C 720 0.27 1.99 25.02
C LEU C 720 -1.13 2.22 25.59
N PRO C 721 -1.25 2.60 26.86
CA PRO C 721 -2.58 2.79 27.45
C PRO C 721 -3.23 4.06 26.94
N PRO C 722 -4.56 4.09 26.87
CA PRO C 722 -5.25 5.29 26.37
C PRO C 722 -5.21 6.42 27.39
N ILE C 723 -5.64 7.60 26.97
CA ILE C 723 -5.62 8.74 27.87
C ILE C 723 -6.78 8.67 28.87
N ILE C 724 -7.87 8.01 28.50
CA ILE C 724 -8.82 7.59 29.51
C ILE C 724 -8.37 6.24 30.05
N THR C 725 -8.21 6.16 31.36
CA THR C 725 -7.57 4.97 31.92
C THR C 725 -8.59 3.85 32.05
N ALA C 726 -8.09 2.68 32.42
CA ALA C 726 -8.98 1.57 32.74
C ALA C 726 -9.74 1.86 34.02
N GLU C 727 -10.97 1.33 34.10
CA GLU C 727 -11.97 1.67 35.12
C GLU C 727 -12.18 3.20 35.16
N MET C 728 -12.35 3.77 33.98
CA MET C 728 -12.82 5.15 33.85
C MET C 728 -13.86 5.14 32.73
N GLN C 729 -13.84 4.08 31.93
CA GLN C 729 -14.83 3.89 30.89
C GLN C 729 -15.98 3.00 31.34
N THR C 730 -15.81 2.23 32.41
CA THR C 730 -16.91 1.42 32.92
C THR C 730 -17.88 2.23 33.75
N LEU C 731 -17.50 3.43 34.18
CA LEU C 731 -18.44 4.36 34.80
C LEU C 731 -19.11 5.27 33.78
N TYR C 732 -18.60 5.29 32.54
CA TYR C 732 -19.10 6.19 31.51
C TYR C 732 -20.53 5.83 31.10
N THR C 733 -20.77 4.55 30.83
CA THR C 733 -22.09 4.09 30.42
C THR C 733 -23.11 4.25 31.56
N SER C 734 -22.69 3.94 32.79
CA SER C 734 -23.57 4.08 33.94
C SER C 734 -23.91 5.54 34.21
N SER C 735 -22.93 6.45 34.06
CA SER C 735 -23.22 7.87 34.25
C SER C 735 -24.10 8.40 33.13
N LEU C 736 -23.97 7.85 31.92
CA LEU C 736 -24.79 8.33 30.82
C LEU C 736 -26.25 7.89 30.97
N VAL C 737 -26.49 6.65 31.39
CA VAL C 737 -27.87 6.26 31.64
C VAL C 737 -28.40 6.87 32.93
N ALA C 738 -27.50 7.24 33.86
CA ALA C 738 -27.94 7.95 35.05
C ALA C 738 -28.39 9.36 34.72
N SER C 739 -27.70 10.03 33.78
CA SER C 739 -28.17 11.32 33.32
C SER C 739 -29.40 11.23 32.46
N MET C 740 -29.58 10.12 31.73
CA MET C 740 -30.81 9.95 30.97
C MET C 740 -32.01 9.71 31.88
N ALA C 741 -31.80 9.04 33.01
CA ALA C 741 -32.93 8.75 33.90
C ALA C 741 -33.19 9.88 34.89
N PHE C 742 -32.19 10.23 35.70
CA PHE C 742 -32.38 11.18 36.78
C PHE C 742 -32.51 12.62 36.30
N GLY C 743 -32.11 12.91 35.05
CA GLY C 743 -32.18 14.26 34.51
C GLY C 743 -33.60 14.76 34.39
N GLY C 744 -33.92 15.85 35.06
CA GLY C 744 -35.31 16.15 35.27
C GLY C 744 -35.68 16.27 36.73
N ILE C 745 -36.34 15.23 37.24
CA ILE C 745 -36.99 15.23 38.55
C ILE C 745 -36.00 15.48 39.70
N THR C 746 -36.58 15.87 40.84
CA THR C 746 -35.82 16.17 42.05
C THR C 746 -35.84 15.03 43.06
N ALA C 747 -36.10 13.80 42.58
CA ALA C 747 -36.00 12.54 43.33
C ALA C 747 -36.95 12.53 44.55
N ALA C 748 -38.25 12.57 44.24
CA ALA C 748 -39.29 12.45 45.26
C ALA C 748 -40.57 11.98 44.57
N GLY C 749 -40.94 10.72 44.80
CA GLY C 749 -42.20 10.23 44.28
C GLY C 749 -42.16 9.06 43.31
N ALA C 750 -41.18 8.16 43.49
CA ALA C 750 -41.10 6.86 42.78
C ALA C 750 -40.98 7.03 41.26
N ILE C 751 -40.18 7.98 40.82
CA ILE C 751 -40.04 8.25 39.39
C ILE C 751 -38.67 8.09 38.73
N PRO C 752 -37.89 7.07 39.12
CA PRO C 752 -36.55 6.97 38.53
C PRO C 752 -36.45 6.81 36.99
N PHE C 753 -37.35 6.07 36.39
CA PHE C 753 -37.31 5.76 34.96
C PHE C 753 -38.65 5.93 34.24
N ALA C 754 -39.77 5.89 34.96
CA ALA C 754 -41.07 5.86 34.29
C ALA C 754 -41.45 7.23 33.73
N THR C 755 -41.32 8.29 34.54
CA THR C 755 -41.84 9.60 34.19
C THR C 755 -41.09 10.20 33.00
N GLN C 756 -39.79 9.88 32.88
CA GLN C 756 -39.02 10.23 31.70
C GLN C 756 -39.63 9.63 30.44
N LEU C 757 -40.07 8.37 30.53
CA LEU C 757 -40.61 7.71 29.35
C LEU C 757 -42.00 8.23 29.00
N GLN C 758 -42.87 8.43 29.99
CA GLN C 758 -44.21 8.95 29.65
C GLN C 758 -44.15 10.40 29.21
N ALA C 759 -43.24 11.20 29.75
CA ALA C 759 -43.12 12.57 29.28
C ALA C 759 -42.32 12.67 27.99
N ARG C 760 -41.68 11.58 27.56
CA ARG C 760 -41.03 11.55 26.27
C ARG C 760 -41.91 10.92 25.19
N ILE C 761 -42.96 10.17 25.57
CA ILE C 761 -43.83 9.52 24.60
C ILE C 761 -44.96 10.43 24.14
N ASN C 762 -45.36 11.41 24.94
CA ASN C 762 -46.44 12.29 24.54
C ASN C 762 -45.95 13.50 23.76
N HIS C 763 -44.70 13.50 23.31
CA HIS C 763 -44.21 14.54 22.42
C HIS C 763 -44.57 14.24 20.97
N LEU C 764 -44.95 13.00 20.66
CA LEU C 764 -45.40 12.68 19.32
C LEU C 764 -46.76 13.30 19.03
N GLY C 765 -47.69 13.21 19.98
CA GLY C 765 -48.85 14.07 20.01
C GLY C 765 -48.50 15.40 20.62
N ILE C 766 -49.49 16.15 21.07
CA ILE C 766 -49.16 17.42 21.69
C ILE C 766 -49.79 17.60 23.07
N THR C 767 -49.09 17.07 24.09
CA THR C 767 -49.34 17.19 25.52
C THR C 767 -48.03 16.92 26.24
N GLN C 768 -48.06 17.00 27.57
CA GLN C 768 -46.90 16.66 28.40
C GLN C 768 -47.36 16.01 29.70
N SER C 769 -46.90 14.78 29.94
CA SER C 769 -46.94 14.06 31.22
C SER C 769 -48.37 13.86 31.72
N LEU C 770 -49.13 13.06 30.95
CA LEU C 770 -50.51 12.75 31.29
C LEU C 770 -50.56 11.53 32.19
N LEU C 771 -51.51 11.55 33.13
CA LEU C 771 -51.64 10.50 34.13
C LEU C 771 -53.00 9.82 34.03
N LEU C 772 -53.02 8.54 34.40
CA LEU C 772 -54.19 7.68 34.65
C LEU C 772 -54.92 7.30 33.36
N LYS C 773 -54.55 7.91 32.24
CA LYS C 773 -54.78 7.37 30.92
C LYS C 773 -53.42 7.28 30.27
N ASN C 774 -53.23 6.21 29.48
CA ASN C 774 -51.95 5.84 28.87
C ASN C 774 -50.87 5.68 29.94
N GLN C 775 -51.10 4.73 30.83
CA GLN C 775 -50.07 4.44 31.83
C GLN C 775 -49.74 2.95 31.92
N GLU C 776 -50.74 2.08 31.82
CA GLU C 776 -50.48 0.64 31.80
C GLU C 776 -50.39 0.09 30.39
N LYS C 777 -50.93 0.82 29.42
CA LYS C 777 -50.77 0.44 28.02
C LYS C 777 -49.30 0.54 27.60
N ILE C 778 -48.64 1.62 28.02
CA ILE C 778 -47.20 1.77 27.85
C ILE C 778 -46.44 0.67 28.57
N ALA C 779 -46.92 0.28 29.76
CA ALA C 779 -46.25 -0.76 30.54
C ALA C 779 -46.30 -2.11 29.84
N ALA C 780 -47.48 -2.50 29.35
CA ALA C 780 -47.62 -3.76 28.63
C ALA C 780 -46.86 -3.75 27.31
N SER C 781 -46.90 -2.62 26.59
CA SER C 781 -46.18 -2.53 25.32
C SER C 781 -44.68 -2.60 25.52
N PHE C 782 -44.15 -1.91 26.53
CA PHE C 782 -42.72 -1.91 26.78
C PHE C 782 -42.25 -3.24 27.35
N ASN C 783 -43.13 -3.94 28.09
CA ASN C 783 -42.79 -5.26 28.59
C ASN C 783 -42.72 -6.27 27.45
N LYS C 784 -43.64 -6.19 26.50
CA LYS C 784 -43.56 -7.04 25.30
C LYS C 784 -42.34 -6.69 24.46
N ALA C 785 -41.97 -5.41 24.41
CA ALA C 785 -40.79 -4.99 23.66
C ALA C 785 -39.50 -5.54 24.26
N ILE C 786 -39.37 -5.49 25.59
CA ILE C 786 -38.16 -6.06 26.19
C ILE C 786 -38.18 -7.58 26.17
N GLY C 787 -39.37 -8.20 26.07
CA GLY C 787 -39.42 -9.64 25.85
C GLY C 787 -38.89 -10.04 24.48
N ARG C 788 -39.31 -9.31 23.44
CA ARG C 788 -38.73 -9.54 22.11
C ARG C 788 -37.24 -9.20 22.08
N MET C 789 -36.82 -8.24 22.91
CA MET C 789 -35.42 -7.86 22.99
C MET C 789 -34.58 -8.97 23.62
N GLN C 790 -35.05 -9.56 24.73
CA GLN C 790 -34.30 -10.63 25.35
C GLN C 790 -34.37 -11.93 24.56
N GLU C 791 -35.38 -12.08 23.68
CA GLU C 791 -35.33 -13.19 22.74
C GLU C 791 -34.33 -12.92 21.61
N GLY C 792 -34.18 -11.67 21.20
CA GLY C 792 -33.55 -11.38 19.92
C GLY C 792 -32.04 -11.54 19.84
N PHE C 793 -31.33 -11.43 20.97
CA PHE C 793 -29.87 -11.35 20.91
C PHE C 793 -29.22 -12.68 20.58
N ARG C 794 -29.79 -13.79 21.05
CA ARG C 794 -29.05 -15.04 20.99
C ARG C 794 -29.05 -15.66 19.60
N SER C 795 -30.10 -15.45 18.80
CA SER C 795 -30.19 -16.11 17.50
C SER C 795 -30.09 -15.15 16.33
N THR C 796 -30.98 -14.16 16.22
CA THR C 796 -31.05 -13.28 15.05
C THR C 796 -31.02 -11.84 15.53
N SER C 797 -29.86 -11.21 15.50
CA SER C 797 -29.73 -9.80 15.81
C SER C 797 -28.84 -9.15 14.76
N LEU C 798 -28.56 -7.87 14.95
CA LEU C 798 -27.72 -7.11 14.04
C LEU C 798 -26.39 -6.70 14.64
N ALA C 799 -26.31 -6.54 15.95
CA ALA C 799 -25.06 -6.07 16.57
C ALA C 799 -24.02 -7.18 16.65
N LEU C 800 -24.46 -8.43 16.83
CA LEU C 800 -23.55 -9.52 17.20
C LEU C 800 -22.58 -9.86 16.07
N GLN C 801 -23.07 -9.92 14.83
CA GLN C 801 -22.18 -10.24 13.73
C GLN C 801 -21.24 -9.07 13.42
N GLN C 802 -21.67 -7.84 13.69
CA GLN C 802 -20.75 -6.70 13.54
C GLN C 802 -19.63 -6.77 14.57
N ILE C 803 -19.97 -7.15 15.81
CA ILE C 803 -18.97 -7.41 16.85
C ILE C 803 -17.98 -8.47 16.39
N GLN C 804 -18.50 -9.53 15.77
CA GLN C 804 -17.67 -10.64 15.32
C GLN C 804 -16.68 -10.20 14.23
N HIS C 805 -17.19 -9.46 13.22
CA HIS C 805 -16.32 -9.04 12.12
C HIS C 805 -15.27 -8.03 12.58
N VAL C 806 -15.65 -7.11 13.48
CA VAL C 806 -14.70 -6.10 13.94
C VAL C 806 -13.60 -6.72 14.81
N VAL C 807 -13.97 -7.63 15.72
CA VAL C 807 -12.97 -8.30 16.56
C VAL C 807 -12.03 -9.17 15.72
N ASN C 808 -12.58 -9.88 14.73
CA ASN C 808 -11.73 -10.73 13.90
C ASN C 808 -10.78 -9.92 13.01
N LYS C 809 -11.23 -8.76 12.51
CA LYS C 809 -10.30 -7.94 11.71
C LYS C 809 -9.22 -7.29 12.58
N GLN C 810 -9.60 -6.80 13.77
CA GLN C 810 -8.62 -6.21 14.69
C GLN C 810 -7.62 -7.24 15.19
N ASN C 811 -8.00 -8.51 15.26
CA ASN C 811 -7.00 -9.52 15.60
C ASN C 811 -6.15 -9.89 14.39
N ALA C 812 -6.76 -9.95 13.20
CA ALA C 812 -6.06 -10.42 12.02
C ALA C 812 -5.11 -9.39 11.42
N ILE C 813 -5.16 -8.13 11.85
CA ILE C 813 -4.14 -7.19 11.40
C ILE C 813 -2.77 -7.53 11.99
N LEU C 814 -2.72 -7.78 13.31
CA LEU C 814 -1.42 -7.97 13.96
C LEU C 814 -0.91 -9.41 13.91
N THR C 815 -1.78 -10.39 13.73
CA THR C 815 -1.31 -11.77 13.79
C THR C 815 -0.76 -12.27 12.45
N GLU C 816 -0.69 -11.42 11.42
CA GLU C 816 0.04 -11.78 10.22
C GLU C 816 1.42 -11.13 10.16
N THR C 817 1.62 -10.01 10.87
CA THR C 817 2.95 -9.42 10.97
C THR C 817 3.74 -9.97 12.13
N MET C 818 3.25 -11.01 12.80
CA MET C 818 4.08 -11.86 13.65
C MET C 818 4.48 -13.15 12.94
N ALA C 819 3.57 -13.75 12.18
CA ALA C 819 3.90 -14.93 11.38
C ALA C 819 4.58 -14.59 10.07
N SER C 820 4.97 -13.34 9.87
CA SER C 820 5.81 -12.95 8.75
C SER C 820 7.30 -13.03 9.08
N LEU C 821 7.67 -13.70 10.17
CA LEU C 821 9.08 -13.82 10.50
C LEU C 821 9.69 -15.07 9.88
N ASN C 822 9.03 -16.23 10.02
CA ASN C 822 9.55 -17.46 9.43
C ASN C 822 9.48 -17.45 7.92
N LYS C 823 8.62 -16.62 7.35
CA LYS C 823 8.51 -16.47 5.90
C LYS C 823 9.77 -15.79 5.39
N ASN C 824 10.68 -16.59 4.85
CA ASN C 824 11.90 -16.03 4.28
C ASN C 824 11.60 -15.33 2.97
N PHE C 825 12.40 -14.32 2.67
CA PHE C 825 12.32 -13.62 1.39
C PHE C 825 13.27 -14.33 0.44
N GLY C 826 13.63 -13.69 -0.67
CA GLY C 826 14.65 -14.25 -1.54
C GLY C 826 15.96 -14.34 -0.77
N ALA C 827 16.27 -15.54 -0.34
CA ALA C 827 17.27 -15.79 0.68
C ALA C 827 17.56 -17.29 0.70
N ILE C 828 18.28 -17.74 1.72
CA ILE C 828 18.55 -19.15 1.87
C ILE C 828 17.91 -19.73 3.14
N SER C 829 17.55 -18.91 4.10
CA SER C 829 16.93 -19.37 5.34
C SER C 829 16.16 -18.22 5.94
N SER C 830 15.54 -18.47 7.09
CA SER C 830 14.71 -17.48 7.76
C SER C 830 15.40 -16.81 8.93
N LEU C 831 16.00 -17.58 9.83
CA LEU C 831 16.73 -16.99 10.94
C LEU C 831 18.08 -16.47 10.46
N ILE C 832 18.61 -15.49 11.19
CA ILE C 832 19.81 -14.77 10.78
C ILE C 832 21.04 -15.20 11.59
N GLN C 833 20.86 -15.98 12.65
CA GLN C 833 21.98 -16.47 13.42
C GLN C 833 22.83 -17.46 12.62
N GLU C 834 22.20 -18.26 11.77
CA GLU C 834 22.93 -19.28 11.02
C GLU C 834 22.89 -19.00 9.53
N ILE C 835 23.05 -17.73 9.15
CA ILE C 835 23.45 -17.37 7.81
C ILE C 835 24.96 -17.16 7.72
N TYR C 836 25.54 -16.54 8.75
CA TYR C 836 26.96 -16.28 8.77
C TYR C 836 27.78 -17.53 9.07
N GLN C 837 27.14 -18.58 9.58
CA GLN C 837 27.85 -19.81 9.93
C GLN C 837 27.91 -20.80 8.79
N GLN C 838 27.06 -20.66 7.77
CA GLN C 838 27.02 -21.63 6.70
C GLN C 838 27.87 -21.22 5.51
N LEU C 839 27.94 -19.93 5.19
CA LEU C 839 28.62 -19.52 3.97
C LEU C 839 29.57 -18.34 4.19
N ASP C 840 30.06 -17.77 3.10
CA ASP C 840 31.14 -16.79 3.09
C ASP C 840 30.68 -15.47 3.73
N ALA C 841 31.67 -14.65 4.12
CA ALA C 841 31.38 -13.37 4.75
C ALA C 841 30.84 -12.35 3.75
N ILE C 842 31.63 -12.03 2.72
CA ILE C 842 31.26 -10.96 1.80
C ILE C 842 30.23 -11.38 0.77
N GLN C 843 29.74 -12.61 0.84
CA GLN C 843 28.61 -13.05 0.02
C GLN C 843 27.31 -13.09 0.83
N ALA C 844 27.42 -13.13 2.16
CA ALA C 844 26.24 -13.15 3.03
C ALA C 844 25.53 -11.81 3.10
N ASN C 845 26.23 -10.71 2.79
CA ASN C 845 25.65 -9.39 3.02
C ASN C 845 24.52 -9.09 2.05
N ALA C 846 24.55 -9.66 0.85
CA ALA C 846 23.43 -9.52 -0.07
C ALA C 846 22.19 -10.22 0.46
N GLN C 847 22.38 -11.43 1.03
CA GLN C 847 21.27 -12.18 1.63
C GLN C 847 20.67 -11.43 2.81
N VAL C 848 21.53 -10.89 3.68
CA VAL C 848 21.07 -10.17 4.86
C VAL C 848 20.37 -8.87 4.46
N ASP C 849 20.86 -8.19 3.41
CA ASP C 849 20.19 -6.98 2.94
C ASP C 849 18.82 -7.28 2.37
N ARG C 850 18.67 -8.38 1.62
CA ARG C 850 17.36 -8.76 1.10
C ARG C 850 16.38 -9.07 2.23
N LEU C 851 16.86 -9.78 3.26
CA LEU C 851 15.97 -10.16 4.35
C LEU C 851 15.54 -8.95 5.18
N ILE C 852 16.46 -8.02 5.45
CA ILE C 852 16.11 -6.85 6.24
C ILE C 852 15.20 -5.92 5.47
N THR C 853 15.41 -5.78 4.14
CA THR C 853 14.52 -4.97 3.33
C THR C 853 13.11 -5.55 3.29
N GLY C 854 13.00 -6.89 3.25
CA GLY C 854 11.69 -7.52 3.30
C GLY C 854 10.97 -7.29 4.62
N ARG C 855 11.69 -7.41 5.74
CA ARG C 855 11.03 -7.21 7.03
C ARG C 855 10.61 -5.76 7.25
N LEU C 856 11.39 -4.80 6.75
CA LEU C 856 10.94 -3.42 6.85
C LEU C 856 9.78 -3.12 5.91
N SER C 857 9.68 -3.85 4.80
CA SER C 857 8.48 -3.74 3.97
C SER C 857 7.24 -4.26 4.71
N SER C 858 7.41 -5.33 5.49
CA SER C 858 6.29 -5.84 6.28
C SER C 858 5.84 -4.83 7.35
N LEU C 859 6.80 -4.14 7.98
CA LEU C 859 6.41 -3.08 8.92
C LEU C 859 5.74 -1.91 8.22
N SER C 860 6.11 -1.62 6.97
CA SER C 860 5.41 -0.58 6.21
C SER C 860 3.96 -0.95 5.95
N VAL C 861 3.71 -2.22 5.63
CA VAL C 861 2.33 -2.71 5.47
C VAL C 861 1.54 -2.57 6.76
N LEU C 862 2.18 -2.88 7.90
CA LEU C 862 1.52 -2.74 9.21
C LEU C 862 1.14 -1.29 9.51
N ALA C 863 2.06 -0.35 9.27
CA ALA C 863 1.77 1.05 9.58
C ALA C 863 0.68 1.62 8.66
N SER C 864 0.68 1.23 7.38
CA SER C 864 -0.38 1.71 6.48
C SER C 864 -1.74 1.16 6.86
N ALA C 865 -1.81 -0.13 7.24
CA ALA C 865 -3.09 -0.70 7.67
C ALA C 865 -3.58 -0.05 8.96
N LYS C 866 -2.65 0.31 9.86
CA LYS C 866 -3.06 0.97 11.09
C LYS C 866 -3.60 2.38 10.82
N GLN C 867 -3.01 3.09 9.86
CA GLN C 867 -3.53 4.43 9.55
C GLN C 867 -4.91 4.36 8.88
N ALA C 868 -5.13 3.37 8.01
CA ALA C 868 -6.45 3.21 7.41
C ALA C 868 -7.52 2.86 8.45
N GLU C 869 -7.16 2.01 9.42
CA GLU C 869 -8.09 1.68 10.48
C GLU C 869 -8.35 2.87 11.40
N HIS C 870 -7.36 3.76 11.55
CA HIS C 870 -7.60 4.99 12.32
C HIS C 870 -8.57 5.92 11.61
N ILE C 871 -8.51 6.01 10.28
CA ILE C 871 -9.48 6.81 9.54
C ILE C 871 -10.89 6.25 9.71
N ARG C 872 -11.02 4.92 9.66
CA ARG C 872 -12.30 4.24 9.90
C ARG C 872 -12.85 4.56 11.29
N VAL C 873 -12.01 4.48 12.31
CA VAL C 873 -12.54 4.65 13.67
C VAL C 873 -12.78 6.13 13.98
N SER C 874 -12.07 7.06 13.33
CA SER C 874 -12.38 8.48 13.52
C SER C 874 -13.72 8.84 12.87
N GLN C 875 -14.01 8.23 11.71
CA GLN C 875 -15.32 8.38 11.08
C GLN C 875 -16.45 7.91 12.00
N GLN C 876 -16.33 6.67 12.50
CA GLN C 876 -17.40 6.17 13.37
C GLN C 876 -17.43 6.88 14.72
N ARG C 877 -16.32 7.47 15.16
CA ARG C 877 -16.34 8.21 16.43
C ARG C 877 -17.06 9.54 16.29
N GLU C 878 -16.91 10.22 15.16
CA GLU C 878 -17.67 11.46 15.04
C GLU C 878 -19.15 11.18 14.79
N LEU C 879 -19.48 10.08 14.10
CA LEU C 879 -20.88 9.65 14.06
C LEU C 879 -21.38 9.26 15.45
N ALA C 880 -20.50 8.71 16.29
CA ALA C 880 -20.86 8.31 17.63
C ALA C 880 -21.18 9.51 18.51
N THR C 881 -20.35 10.56 18.45
CA THR C 881 -20.66 11.73 19.27
C THR C 881 -21.89 12.47 18.75
N GLN C 882 -22.17 12.39 17.44
CA GLN C 882 -23.41 12.97 16.94
C GLN C 882 -24.64 12.20 17.42
N LYS C 883 -24.56 10.87 17.45
CA LYS C 883 -25.71 10.08 17.89
C LYS C 883 -25.88 10.09 19.40
N ILE C 884 -24.79 10.24 20.16
CA ILE C 884 -24.92 10.44 21.61
C ILE C 884 -25.53 11.80 21.89
N ASN C 885 -25.13 12.83 21.15
CA ASN C 885 -25.70 14.15 21.37
C ASN C 885 -27.15 14.27 20.92
N GLU C 886 -27.61 13.43 19.98
CA GLU C 886 -28.99 13.56 19.53
C GLU C 886 -29.93 12.45 20.00
N CYS C 887 -29.60 11.18 19.78
CA CYS C 887 -30.55 10.11 20.07
C CYS C 887 -30.72 9.80 21.55
N VAL C 888 -29.83 10.25 22.42
CA VAL C 888 -29.85 9.87 23.82
C VAL C 888 -30.54 10.90 24.69
N LYS C 889 -30.13 12.17 24.59
CA LYS C 889 -30.56 13.20 25.51
C LYS C 889 -31.50 14.22 24.88
N SER C 890 -31.94 14.01 23.66
CA SER C 890 -32.66 15.10 23.02
C SER C 890 -34.05 14.74 22.53
N GLN C 891 -34.21 13.55 21.91
CA GLN C 891 -35.44 13.12 21.24
C GLN C 891 -35.89 14.15 20.20
N SER C 892 -35.08 14.29 19.16
CA SER C 892 -35.47 15.19 18.09
C SER C 892 -36.45 14.50 17.15
N ILE C 893 -37.05 15.29 16.27
CA ILE C 893 -38.16 14.84 15.46
C ILE C 893 -37.70 14.40 14.06
N ARG C 894 -36.41 14.12 13.90
CA ARG C 894 -35.90 13.63 12.61
C ARG C 894 -36.42 12.22 12.38
N TYR C 895 -37.18 12.04 11.31
CA TYR C 895 -37.86 10.78 11.07
C TYR C 895 -36.86 9.70 10.67
N SER C 896 -36.79 8.65 11.50
CA SER C 896 -36.01 7.43 11.25
C SER C 896 -34.53 7.73 11.03
N PHE C 897 -34.00 8.67 11.81
CA PHE C 897 -32.55 8.79 11.92
C PHE C 897 -31.97 7.54 12.58
N CYS C 898 -32.43 7.24 13.80
CA CYS C 898 -31.95 6.09 14.56
C CYS C 898 -33.14 5.21 14.94
N GLY C 899 -33.20 4.01 14.34
CA GLY C 899 -34.19 3.02 14.68
C GLY C 899 -35.50 3.10 13.92
N ASN C 900 -35.43 3.02 12.58
CA ASN C 900 -36.49 2.78 11.59
C ASN C 900 -37.88 3.35 11.89
N GLY C 901 -37.91 4.57 12.40
CA GLY C 901 -39.16 5.21 12.75
C GLY C 901 -38.88 6.41 13.62
N ARG C 902 -39.94 7.14 13.94
CA ARG C 902 -39.82 8.27 14.84
C ARG C 902 -39.48 7.77 16.25
N HIS C 903 -38.26 8.01 16.67
CA HIS C 903 -37.74 7.26 17.81
C HIS C 903 -38.16 7.92 19.12
N VAL C 904 -38.21 7.09 20.16
CA VAL C 904 -38.65 7.56 21.46
C VAL C 904 -37.44 7.75 22.36
N LEU C 905 -36.76 6.66 22.71
CA LEU C 905 -35.61 6.78 23.60
C LEU C 905 -34.59 5.71 23.22
N THR C 906 -33.35 5.97 23.61
CA THR C 906 -32.24 5.05 23.39
C THR C 906 -31.53 4.81 24.71
N ILE C 907 -30.87 3.65 24.82
CA ILE C 907 -30.05 3.33 25.96
C ILE C 907 -28.74 2.74 25.47
N PRO C 908 -27.60 3.37 25.75
CA PRO C 908 -26.31 2.80 25.33
C PRO C 908 -25.77 1.81 26.34
N GLN C 909 -24.94 0.89 25.84
CA GLN C 909 -24.28 -0.11 26.68
C GLN C 909 -22.86 -0.33 26.20
N ASN C 910 -22.06 -1.01 27.03
CA ASN C 910 -20.67 -1.26 26.70
C ASN C 910 -20.55 -2.38 25.66
N ALA C 911 -19.34 -2.55 25.17
CA ALA C 911 -19.07 -3.46 24.05
C ALA C 911 -17.58 -3.73 24.03
N PRO C 912 -17.12 -4.71 23.24
CA PRO C 912 -15.70 -4.71 22.88
C PRO C 912 -15.34 -3.48 22.08
N ASN C 913 -14.52 -2.61 22.68
CA ASN C 913 -14.01 -1.31 22.25
C ASN C 913 -14.97 -0.51 21.38
N GLY C 914 -16.21 -0.41 21.86
CA GLY C 914 -17.23 0.37 21.20
C GLY C 914 -18.39 0.57 22.16
N ILE C 915 -19.50 1.08 21.62
CA ILE C 915 -20.74 1.16 22.37
C ILE C 915 -21.85 0.55 21.52
N VAL C 916 -22.81 -0.07 22.20
CA VAL C 916 -23.94 -0.73 21.55
C VAL C 916 -25.20 0.02 21.93
N PHE C 917 -25.92 0.50 20.93
CA PHE C 917 -27.18 1.19 21.13
C PHE C 917 -28.33 0.20 21.15
N ILE C 918 -29.39 0.58 21.84
CA ILE C 918 -30.68 -0.10 21.77
C ILE C 918 -31.70 0.97 21.47
N HIS C 919 -32.17 1.01 20.22
CA HIS C 919 -33.15 2.01 19.80
C HIS C 919 -34.54 1.49 20.06
N PHE C 920 -35.46 2.40 20.35
CA PHE C 920 -36.87 2.07 20.55
C PHE C 920 -37.68 2.89 19.57
N SER C 921 -38.25 2.23 18.57
CA SER C 921 -39.00 2.88 17.51
C SER C 921 -40.42 3.20 17.97
N TYR C 922 -41.29 3.52 17.01
CA TYR C 922 -42.70 3.75 17.31
C TYR C 922 -43.49 3.35 16.07
N THR C 923 -43.99 2.11 16.06
CA THR C 923 -44.70 1.57 14.90
C THR C 923 -45.98 0.89 15.39
N PRO C 924 -47.11 1.58 15.33
CA PRO C 924 -48.38 0.95 15.70
C PRO C 924 -49.02 0.23 14.53
N ASP C 925 -49.97 -0.64 14.85
CA ASP C 925 -50.69 -1.36 13.80
C ASP C 925 -52.20 -1.27 13.92
N SER C 926 -52.74 -1.33 15.15
CA SER C 926 -54.19 -1.34 15.33
C SER C 926 -54.76 0.05 15.08
N PHE C 927 -55.70 0.14 14.16
CA PHE C 927 -56.19 1.43 13.68
C PHE C 927 -57.68 1.57 14.00
N VAL C 928 -58.18 2.80 13.88
CA VAL C 928 -59.61 3.07 14.03
C VAL C 928 -60.15 3.65 12.74
N ASN C 929 -61.46 3.56 12.59
CA ASN C 929 -62.17 3.98 11.39
C ASN C 929 -63.06 5.16 11.77
N VAL C 930 -62.56 6.37 11.56
CA VAL C 930 -63.26 7.59 11.97
C VAL C 930 -63.33 8.54 10.79
N THR C 931 -64.47 9.23 10.67
CA THR C 931 -64.73 10.14 9.56
C THR C 931 -63.98 11.45 9.76
N ALA C 932 -63.54 12.05 8.65
CA ALA C 932 -62.70 13.23 8.70
C ALA C 932 -63.20 14.28 7.72
N ILE C 933 -62.87 15.53 8.03
CA ILE C 933 -63.26 16.70 7.24
C ILE C 933 -62.07 17.65 7.20
N VAL C 934 -62.04 18.52 6.19
CA VAL C 934 -60.83 19.30 5.95
C VAL C 934 -60.95 20.77 6.39
N GLY C 935 -62.15 21.33 6.47
CA GLY C 935 -62.26 22.72 6.86
C GLY C 935 -63.69 23.12 7.11
N PHE C 936 -63.85 24.37 7.56
CA PHE C 936 -65.12 24.99 7.86
C PHE C 936 -65.21 26.34 7.16
N CYS C 937 -66.44 26.80 6.90
CA CYS C 937 -66.67 28.22 6.59
C CYS C 937 -68.03 28.62 7.18
N VAL C 938 -67.98 29.15 8.40
CA VAL C 938 -69.18 29.56 9.11
C VAL C 938 -69.62 30.93 8.61
N LYS C 939 -70.94 31.09 8.38
CA LYS C 939 -71.32 32.47 8.15
C LYS C 939 -71.98 33.06 9.40
N PRO C 940 -71.53 34.24 9.84
CA PRO C 940 -72.15 34.89 11.00
C PRO C 940 -73.43 35.63 10.67
N ALA C 941 -73.92 36.42 11.62
CA ALA C 941 -75.28 36.94 11.55
C ALA C 941 -75.42 38.10 10.56
N ASN C 942 -74.77 39.22 10.83
CA ASN C 942 -75.13 40.44 10.09
C ASN C 942 -74.47 40.52 8.72
N ALA C 943 -73.14 40.73 8.67
CA ALA C 943 -72.44 40.83 7.39
C ALA C 943 -70.94 40.56 7.62
N SER C 944 -70.53 39.32 7.36
CA SER C 944 -69.12 38.88 7.36
C SER C 944 -69.03 37.45 6.86
N GLN C 945 -67.83 36.99 6.56
CA GLN C 945 -67.61 35.64 6.05
C GLN C 945 -66.15 35.26 6.25
N TYR C 946 -65.92 34.07 6.79
CA TYR C 946 -64.55 33.58 6.97
C TYR C 946 -64.55 32.06 6.99
N ALA C 947 -63.34 31.51 7.04
CA ALA C 947 -63.12 30.07 7.01
C ALA C 947 -62.20 29.69 8.18
N ILE C 948 -62.11 28.38 8.43
CA ILE C 948 -61.24 27.85 9.48
C ILE C 948 -60.49 26.65 8.92
N VAL C 949 -59.17 26.73 8.91
CA VAL C 949 -58.27 25.70 8.42
C VAL C 949 -57.42 25.26 9.60
N PRO C 950 -57.19 23.97 9.84
CA PRO C 950 -56.40 23.56 11.01
C PRO C 950 -54.94 23.89 10.84
N ALA C 951 -54.33 24.41 11.90
CA ALA C 951 -53.00 24.97 11.82
C ALA C 951 -51.95 23.85 11.76
N ASN C 952 -50.70 24.26 11.58
CA ASN C 952 -49.59 23.31 11.54
C ASN C 952 -49.29 22.80 12.94
N GLY C 953 -48.87 21.53 13.01
CA GLY C 953 -48.47 20.94 14.27
C GLY C 953 -49.60 20.58 15.20
N ARG C 954 -50.85 20.75 14.78
CA ARG C 954 -52.00 20.41 15.61
C ARG C 954 -52.93 19.41 14.95
N GLY C 955 -52.62 18.94 13.75
CA GLY C 955 -53.31 17.82 13.15
C GLY C 955 -54.65 18.19 12.55
N ILE C 956 -55.09 17.32 11.64
CA ILE C 956 -56.37 17.48 10.94
C ILE C 956 -57.50 17.22 11.93
N PHE C 957 -58.68 17.75 11.65
CA PHE C 957 -59.78 17.59 12.60
C PHE C 957 -60.89 16.72 12.03
N ILE C 958 -61.59 16.05 12.95
CA ILE C 958 -62.55 15.01 12.64
C ILE C 958 -63.86 15.34 13.34
N GLN C 959 -64.86 14.48 13.14
CA GLN C 959 -66.13 14.58 13.84
C GLN C 959 -66.48 13.25 14.47
N VAL C 960 -67.18 13.30 15.59
CA VAL C 960 -67.73 12.12 16.26
C VAL C 960 -69.16 12.47 16.65
N ASN C 961 -70.12 11.68 16.14
CA ASN C 961 -71.56 11.63 16.47
C ASN C 961 -72.21 12.98 16.78
N GLY C 962 -71.91 13.97 15.93
CA GLY C 962 -72.55 15.27 16.04
C GLY C 962 -71.61 16.42 16.34
N SER C 963 -70.65 16.20 17.24
CA SER C 963 -69.74 17.25 17.65
C SER C 963 -68.57 17.34 16.66
N TYR C 964 -67.54 18.10 17.02
CA TYR C 964 -66.36 18.25 16.19
C TYR C 964 -65.13 18.32 17.09
N TYR C 965 -64.04 17.68 16.65
CA TYR C 965 -62.85 17.58 17.49
C TYR C 965 -61.60 17.59 16.61
N ILE C 966 -60.54 18.24 17.08
CA ILE C 966 -59.25 18.15 16.43
C ILE C 966 -58.51 16.97 17.06
N THR C 967 -57.49 16.48 16.37
CA THR C 967 -56.70 15.37 16.89
C THR C 967 -55.31 15.44 16.31
N ALA C 968 -54.38 14.74 16.97
CA ALA C 968 -53.02 14.69 16.47
C ALA C 968 -52.93 13.68 15.35
N ARG C 969 -51.80 13.73 14.63
CA ARG C 969 -51.63 12.89 13.46
C ARG C 969 -51.15 11.49 13.79
N ASP C 970 -50.92 11.16 15.06
CA ASP C 970 -50.38 9.86 15.42
C ASP C 970 -51.17 9.17 16.53
N MET C 971 -51.70 9.92 17.48
CA MET C 971 -52.43 9.34 18.59
C MET C 971 -53.90 9.73 18.49
N TYR C 972 -54.79 8.74 18.52
CA TYR C 972 -56.22 9.05 18.53
C TYR C 972 -56.61 9.62 19.88
N MET C 973 -56.69 10.94 19.94
CA MET C 973 -56.92 11.65 21.21
C MET C 973 -57.86 12.81 20.91
N PRO C 974 -59.17 12.57 21.05
CA PRO C 974 -60.14 13.63 20.74
C PRO C 974 -60.12 14.71 21.80
N ARG C 975 -60.37 15.93 21.35
CA ARG C 975 -60.24 17.12 22.18
C ARG C 975 -61.00 18.26 21.51
N ALA C 976 -61.54 19.15 22.33
CA ALA C 976 -62.32 20.26 21.80
C ALA C 976 -61.41 21.28 21.13
N ILE C 977 -61.91 21.86 20.06
CA ILE C 977 -61.15 22.82 19.28
C ILE C 977 -61.08 24.14 20.04
N THR C 978 -59.88 24.71 20.12
CA THR C 978 -59.64 25.93 20.85
C THR C 978 -59.41 27.08 19.87
N ALA C 979 -59.17 28.27 20.42
CA ALA C 979 -59.07 29.46 19.59
C ALA C 979 -57.70 29.61 18.93
N GLY C 980 -56.69 28.88 19.37
CA GLY C 980 -55.36 29.07 18.84
C GLY C 980 -54.94 28.04 17.81
N ASP C 981 -55.89 27.33 17.25
CA ASP C 981 -55.61 26.29 16.28
C ASP C 981 -56.41 26.53 15.01
N ILE C 982 -56.61 27.80 14.66
CA ILE C 982 -57.45 28.18 13.54
C ILE C 982 -56.66 29.04 12.56
N VAL C 983 -57.17 29.10 11.33
CA VAL C 983 -56.64 29.95 10.27
C VAL C 983 -57.83 30.62 9.60
N THR C 984 -57.89 31.95 9.69
CA THR C 984 -59.02 32.66 9.12
C THR C 984 -58.72 33.07 7.68
N LEU C 985 -59.57 32.64 6.76
CA LEU C 985 -59.39 32.92 5.34
C LEU C 985 -60.72 33.39 4.75
N THR C 986 -60.64 34.34 3.83
CA THR C 986 -61.84 34.92 3.21
C THR C 986 -62.19 34.21 1.91
N SER C 987 -62.34 32.89 2.00
CA SER C 987 -62.66 32.04 0.86
C SER C 987 -63.14 30.68 1.37
N CYS C 988 -64.20 30.17 0.75
CA CYS C 988 -64.48 28.74 0.85
C CYS C 988 -65.18 28.31 -0.43
N GLN C 989 -64.83 27.10 -0.89
CA GLN C 989 -65.14 26.64 -2.24
C GLN C 989 -65.82 25.28 -2.22
N ALA C 990 -66.83 25.13 -1.35
CA ALA C 990 -67.76 24.01 -1.30
C ALA C 990 -67.08 22.67 -1.03
N ASN C 991 -65.88 22.68 -0.46
CA ASN C 991 -65.16 21.49 -0.02
C ASN C 991 -65.06 21.53 1.50
N TYR C 992 -66.16 21.90 2.13
CA TYR C 992 -66.15 22.25 3.55
C TYR C 992 -67.40 21.65 4.17
N VAL C 993 -67.76 22.12 5.35
CA VAL C 993 -68.98 21.67 6.04
C VAL C 993 -69.99 22.80 6.14
N SER C 994 -69.53 24.02 6.45
CA SER C 994 -70.31 25.26 6.54
C SER C 994 -71.44 25.14 7.57
N VAL C 995 -71.01 25.02 8.83
CA VAL C 995 -71.94 25.10 9.95
C VAL C 995 -72.44 26.52 10.09
N ASN C 996 -73.74 26.69 10.32
CA ASN C 996 -74.31 28.02 10.48
C ASN C 996 -73.91 28.71 11.78
N LYS C 997 -73.50 27.95 12.80
CA LYS C 997 -73.11 28.51 14.08
C LYS C 997 -71.61 28.39 14.26
N THR C 998 -71.08 29.20 15.17
CA THR C 998 -69.64 29.24 15.41
C THR C 998 -69.17 28.01 16.16
N VAL C 999 -68.01 27.49 15.77
CA VAL C 999 -67.44 26.29 16.38
C VAL C 999 -66.06 26.59 16.95
N ILE C 1000 -65.86 27.80 17.45
CA ILE C 1000 -64.57 28.15 18.02
C ILE C 1000 -64.45 27.61 19.44
N THR C 1001 -65.55 27.63 20.20
CA THR C 1001 -65.64 27.25 21.62
C THR C 1001 -64.65 28.05 22.46
N THR C 1002 -64.90 29.35 22.50
CA THR C 1002 -64.16 30.26 23.36
C THR C 1002 -64.75 30.23 24.77
N PHE C 1003 -64.29 31.13 25.62
CA PHE C 1003 -64.61 31.06 27.04
C PHE C 1003 -65.20 32.39 27.51
N VAL C 1004 -65.82 32.35 28.68
CA VAL C 1004 -66.47 33.53 29.24
C VAL C 1004 -65.48 34.37 30.03
C1 NAG D . -33.75 48.92 17.85
C2 NAG D . -32.30 48.90 18.33
C3 NAG D . -32.22 49.44 19.75
C4 NAG D . -32.82 50.85 19.82
C5 NAG D . -34.23 50.86 19.24
C6 NAG D . -34.78 52.26 19.10
C7 NAG D . -30.55 47.28 17.69
C8 NAG D . -29.78 48.43 17.12
N2 NAG D . -31.74 47.56 18.25
O3 NAG D . -30.85 49.44 20.15
O4 NAG D . -32.89 51.27 21.18
O5 NAG D . -34.25 50.28 17.92
O6 NAG D . -36.02 52.41 19.77
O7 NAG D . -30.12 46.14 17.65
C1 NAG D . -31.86 52.24 21.46
C2 NAG D . -32.42 53.37 22.35
C3 NAG D . -31.31 54.33 22.75
C4 NAG D . -30.14 53.58 23.37
C5 NAG D . -29.66 52.48 22.43
C6 NAG D . -28.57 51.63 23.03
C7 NAG D . -34.71 54.30 22.19
C8 NAG D . -34.96 53.77 23.58
N2 NAG D . -33.50 54.08 21.67
O3 NAG D . -31.81 55.29 23.67
O4 NAG D . -29.07 54.48 23.64
O5 NAG D . -30.75 51.61 22.12
O6 NAG D . -29.02 50.97 24.21
O7 NAG D . -35.57 54.91 21.57
C1 NAG E . -9.10 3.24 -30.32
C2 NAG E . -10.62 3.33 -30.34
C3 NAG E . -11.15 2.92 -31.71
C4 NAG E . -10.48 3.72 -32.82
C5 NAG E . -8.96 3.66 -32.69
C6 NAG E . -8.23 4.56 -33.66
C7 NAG E . -11.83 2.97 -28.21
C8 NAG E . -11.94 4.45 -28.09
N2 NAG E . -11.20 2.50 -29.30
O3 NAG E . -12.56 3.09 -31.75
O4 NAG E . -10.86 3.21 -34.09
O5 NAG E . -8.56 4.06 -31.37
O6 NAG E . -7.31 3.82 -34.46
O7 NAG E . -12.29 2.21 -27.37
C1 NAG E . -11.74 4.11 -34.79
C2 NAG E . -11.80 3.67 -36.25
C3 NAG E . -12.74 4.58 -37.03
C4 NAG E . -14.12 4.61 -36.38
C5 NAG E . -13.99 5.01 -34.91
C6 NAG E . -15.31 4.92 -34.16
C7 NAG E . -9.83 2.52 -37.14
C8 NAG E . -8.48 2.69 -37.77
N2 NAG E . -10.48 3.65 -36.86
O3 NAG E . -12.86 4.11 -38.37
O4 NAG E . -14.95 5.55 -37.04
O5 NAG E . -13.07 4.13 -34.23
O6 NAG E . -16.41 4.78 -35.04
O7 NAG E . -10.30 1.42 -36.89
C1 NAG F . -12.84 -8.52 -33.64
C2 NAG F . -13.51 -7.55 -34.59
C3 NAG F . -14.77 -7.00 -33.94
C4 NAG F . -15.70 -8.14 -33.53
C5 NAG F . -14.96 -9.17 -32.68
C6 NAG F . -15.78 -10.41 -32.43
C7 NAG F . -12.38 -6.10 -36.24
C8 NAG F . -13.09 -6.88 -37.31
N2 NAG F . -12.62 -6.47 -34.97
O3 NAG F . -15.41 -6.11 -34.85
O4 NAG F . -16.80 -7.63 -32.77
O5 NAG F . -13.75 -9.59 -33.34
O6 NAG F . -16.64 -10.69 -33.52
O7 NAG F . -11.61 -5.19 -36.51
C1 NAG F . -18.01 -7.59 -33.54
C2 NAG F . -19.22 -7.82 -32.63
C3 NAG F . -20.52 -7.69 -33.43
C4 NAG F . -20.57 -6.36 -34.17
C5 NAG F . -19.32 -6.20 -35.03
C6 NAG F . -19.23 -4.85 -35.70
C7 NAG F . -19.31 -9.35 -30.68
C8 NAG F . -19.59 -8.14 -29.83
N2 NAG F . -19.15 -9.13 -31.99
O3 NAG F . -21.62 -7.79 -32.54
O4 NAG F . -21.71 -6.31 -35.00
O5 NAG F . -18.14 -6.33 -34.21
O6 NAG F . -19.24 -4.97 -37.11
O7 NAG F . -19.25 -10.47 -30.20
C1 NAG G . 11.91 -26.41 -57.95
C2 NAG G . 13.03 -27.45 -57.82
C3 NAG G . 13.75 -27.63 -59.16
C4 NAG G . 12.77 -27.97 -60.27
C5 NAG G . 11.65 -26.92 -60.31
C6 NAG G . 10.56 -27.24 -61.30
C7 NAG G . 14.34 -27.89 -55.77
C8 NAG G . 13.71 -29.27 -55.75
N2 NAG G . 13.97 -27.08 -56.78
O3 NAG G . 14.73 -28.65 -58.99
O4 NAG G . 13.39 -27.97 -61.55
O5 NAG G . 11.03 -26.79 -59.03
O6 NAG G . 10.85 -26.70 -62.58
O7 NAG G . 15.13 -27.54 -54.91
C1 NAG G . 13.78 -29.28 -62.00
C2 NAG G . 13.59 -29.45 -63.53
C3 NAG G . 14.16 -30.79 -63.99
C4 NAG G . 15.60 -30.97 -63.54
C5 NAG G . 15.68 -30.80 -62.02
C6 NAG G . 17.09 -30.86 -61.49
C7 NAG G . 11.73 -28.59 -64.91
C8 NAG G . 12.74 -27.82 -65.71
N2 NAG G . 12.19 -29.33 -63.89
O3 NAG G . 14.08 -30.88 -65.41
O4 NAG G . 16.08 -32.26 -63.89
O5 NAG G . 15.16 -29.51 -61.65
O6 NAG G . 17.80 -29.66 -61.79
O7 NAG G . 10.53 -28.54 -65.18
C1 NAG H . 56.11 -12.36 -15.55
C2 NAG H . 56.61 -13.39 -16.55
C3 NAG H . 56.85 -14.73 -15.84
C4 NAG H . 57.78 -14.57 -14.64
C5 NAG H . 57.24 -13.47 -13.72
C6 NAG H . 58.19 -13.07 -12.62
C7 NAG H . 55.85 -13.11 -18.88
C8 NAG H . 57.16 -12.40 -19.15
N2 NAG H . 55.66 -13.56 -17.63
O3 NAG H . 57.42 -15.66 -16.77
O4 NAG H . 57.86 -15.80 -13.92
O5 NAG H . 57.04 -12.26 -14.48
O6 NAG H . 59.23 -12.25 -13.15
O7 NAG H . 55.01 -13.27 -19.76
C1 NAG H . 59.21 -16.31 -13.77
C2 NAG H . 59.31 -16.95 -12.39
C3 NAG H . 60.73 -17.44 -12.15
C4 NAG H . 61.15 -18.42 -13.25
C5 NAG H . 60.94 -17.79 -14.64
C6 NAG H . 61.14 -18.78 -15.76
C7 NAG H . 57.88 -16.25 -10.49
C8 NAG H . 57.13 -17.54 -10.66
N2 NAG H . 58.91 -16.04 -11.33
O3 NAG H . 60.81 -18.06 -10.87
O4 NAG H . 62.53 -18.75 -13.09
O5 NAG H . 59.59 -17.29 -14.77
O6 NAG H . 60.29 -19.90 -15.62
O7 NAG H . 57.59 -15.44 -9.62
C1 NAG H . 62.73 -20.11 -12.61
C2 NAG H . 64.22 -20.43 -12.58
C3 NAG H . 64.46 -21.83 -12.03
C4 NAG H . 63.82 -21.96 -10.65
C5 NAG H . 62.33 -21.61 -10.74
C6 NAG H . 61.65 -21.61 -9.39
C7 NAG H . 65.93 -19.60 -14.18
C8 NAG H . 66.60 -18.91 -13.01
N2 NAG H . 64.82 -20.30 -13.91
O3 NAG H . 65.85 -22.09 -11.95
O4 NAG H . 63.96 -23.29 -10.16
O5 NAG H . 62.17 -20.30 -11.29
O6 NAG H . 60.28 -22.02 -9.50
O7 NAG H . 66.39 -19.53 -15.31
C1 NAG I . 29.07 37.42 -11.87
C2 NAG I . 29.93 37.90 -13.03
C3 NAG I . 31.28 38.39 -12.51
C4 NAG I . 31.12 39.42 -11.40
C5 NAG I . 30.18 38.88 -10.32
C6 NAG I . 29.84 39.89 -9.25
C7 NAG I . 30.25 37.08 -15.32
C8 NAG I . 30.43 35.87 -16.19
N2 NAG I . 30.12 36.84 -14.01
O3 NAG I . 32.04 38.95 -13.58
O4 NAG I . 32.40 39.69 -10.85
O5 NAG I . 28.93 38.47 -10.91
O6 NAG I . 29.46 41.15 -9.81
O7 NAG I . 30.22 38.22 -15.77
C1 NAG I . 32.78 41.09 -11.00
C2 NAG I . 33.65 41.44 -9.80
C3 NAG I . 34.04 42.91 -9.84
C4 NAG I . 34.68 43.26 -11.19
C5 NAG I . 33.83 42.77 -12.35
C6 NAG I . 34.51 42.93 -13.70
C7 NAG I . 33.33 40.13 -7.72
C8 NAG I . 34.51 39.30 -8.13
N2 NAG I . 32.97 41.13 -8.55
O3 NAG I . 34.92 43.19 -8.77
O4 NAG I . 34.79 44.68 -11.29
O5 NAG I . 33.50 41.38 -12.22
O6 NAG I . 35.40 41.85 -13.95
O7 NAG I . 32.72 39.91 -6.68
C1 NAG I . 36.14 45.14 -11.13
C2 NAG I . 36.28 46.50 -11.81
C3 NAG I . 37.68 47.06 -11.62
C4 NAG I . 38.03 47.12 -10.14
C5 NAG I . 37.85 45.74 -9.51
C6 NAG I . 38.07 45.74 -8.01
C7 NAG I . 35.09 47.21 -13.87
C8 NAG I . 34.43 48.28 -13.05
N2 NAG I . 35.96 46.41 -13.23
O3 NAG I . 37.76 48.36 -12.19
O4 NAG I . 39.38 47.53 -9.97
O5 NAG I . 36.51 45.27 -9.73
O6 NAG I . 36.87 46.09 -7.32
O7 NAG I . 34.86 47.08 -15.07
C1 NAG J . 17.47 -8.51 -61.68
C2 NAG J . 18.62 -8.10 -62.57
C3 NAG J . 18.46 -8.70 -63.97
C4 NAG J . 18.20 -10.20 -63.90
C5 NAG J . 17.08 -10.52 -62.90
C6 NAG J . 16.86 -12.00 -62.72
C7 NAG J . 19.88 -5.99 -62.72
C8 NAG J . 19.79 -4.50 -62.80
N2 NAG J . 18.72 -6.65 -62.66
O3 NAG J . 19.63 -8.44 -64.74
O4 NAG J . 17.79 -10.68 -65.18
O5 NAG J . 17.39 -9.95 -61.62
O6 NAG J . 18.10 -12.70 -62.71
O7 NAG J . 20.96 -6.57 -62.70
C1 NAG J . 18.84 -11.44 -65.81
C2 NAG J . 18.27 -12.32 -66.93
C3 NAG J . 19.39 -13.04 -67.68
C4 NAG J . 20.46 -12.05 -68.14
C5 NAG J . 20.93 -11.20 -66.97
C6 NAG J . 21.89 -10.11 -67.38
C7 NAG J . 16.28 -13.78 -67.07
C8 NAG J . 15.42 -14.77 -66.35
N2 NAG J . 17.32 -13.29 -66.38
O3 NAG J . 18.85 -13.72 -68.81
O4 NAG J . 21.55 -12.75 -68.70
O5 NAG J . 19.81 -10.55 -66.36
O6 NAG J . 21.38 -8.83 -67.03
O7 NAG J . 16.06 -13.44 -68.23
C1 NAG K . -47.00 10.59 39.11
C2 NAG K . -46.61 9.14 38.90
C3 NAG K . -47.86 8.28 38.88
C4 NAG K . -48.67 8.46 40.17
C5 NAG K . -48.94 9.94 40.42
C6 NAG K . -49.54 10.19 41.78
C7 NAG K . -44.70 8.27 37.61
C8 NAG K . -44.19 7.67 38.89
N2 NAG K . -45.84 8.96 37.68
O3 NAG K . -47.47 6.92 38.71
O4 NAG K . -49.91 7.77 40.09
O5 NAG K . -47.73 10.72 40.35
O6 NAG K . -50.65 11.09 41.70
O7 NAG K . -44.08 8.16 36.55
C1 NAG K . -49.86 6.57 40.88
C2 NAG K . -51.20 6.35 41.59
C3 NAG K . -51.20 5.01 42.33
C4 NAG K . -50.81 3.88 41.39
C5 NAG K . -49.49 4.18 40.72
C6 NAG K . -49.10 3.14 39.67
C7 NAG K . -52.62 8.13 42.55
C8 NAG K . -53.68 7.75 41.56
N2 NAG K . -51.48 7.44 42.51
O3 NAG K . -52.47 4.78 42.90
O4 NAG K . -50.71 2.66 42.12
O5 NAG K . -49.57 5.44 40.03
O6 NAG K . -50.13 2.97 38.72
O7 NAG K . -52.80 9.05 43.36
C1 NAG L . 18.02 22.36 13.63
C2 NAG L . 17.16 23.63 13.69
C3 NAG L . 18.03 24.86 13.78
C4 NAG L . 19.00 24.76 14.96
C5 NAG L . 19.78 23.44 14.88
C6 NAG L . 20.65 23.20 16.09
C7 NAG L . 14.94 23.57 12.56
C8 NAG L . 14.33 23.35 13.91
N2 NAG L . 16.28 23.69 12.53
O3 NAG L . 17.20 26.02 13.91
O4 NAG L . 19.90 25.85 14.93
O5 NAG L . 18.88 22.33 14.80
O6 NAG L . 21.53 22.11 15.87
O7 NAG L . 14.26 23.63 11.55
C1 NAG L . 19.64 26.78 16.01
C2 NAG L . 20.89 27.65 16.21
C3 NAG L . 20.64 28.64 17.32
C4 NAG L . 19.41 29.49 17.03
C5 NAG L . 18.20 28.58 16.76
C6 NAG L . 16.98 29.35 16.30
C7 NAG L . 22.94 26.48 15.56
C8 NAG L . 24.10 25.64 16.02
N2 NAG L . 22.06 26.83 16.50
O3 NAG L . 21.78 29.50 17.46
O4 NAG L . 19.13 30.34 18.12
O5 NAG L . 18.51 27.63 15.73
O6 NAG L . 17.11 30.75 16.55
O7 NAG L . 22.83 26.82 14.39
C1 NAG M . 22.21 29.32 3.77
C2 NAG M . 22.29 30.22 4.99
C3 NAG M . 20.94 30.88 5.24
C4 NAG M . 20.49 31.64 4.00
C5 NAG M . 20.54 30.74 2.76
C6 NAG M . 20.28 31.49 1.48
C7 NAG M . 23.74 29.86 6.97
C8 NAG M . 24.45 31.14 6.60
N2 NAG M . 22.73 29.48 6.16
O3 NAG M . 21.05 31.74 6.36
O4 NAG M . 19.15 32.09 4.18
O5 NAG M . 21.82 30.10 2.62
O6 NAG M . 20.79 32.81 1.56
O7 NAG M . 24.06 29.20 7.95
C1 NAG M . 19.07 33.51 4.40
C2 NAG M . 17.72 34.02 3.88
C3 NAG M . 17.56 35.51 4.20
C4 NAG M . 17.80 35.79 5.67
C5 NAG M . 19.15 35.24 6.08
C6 NAG M . 19.42 35.38 7.56
C7 NAG M . 16.71 32.91 1.92
C8 NAG M . 15.84 32.15 2.87
N2 NAG M . 17.58 33.78 2.45
O3 NAG M . 16.24 35.92 3.83
O4 NAG M . 17.76 37.19 5.91
O5 NAG M . 19.22 33.83 5.79
O6 NAG M . 19.46 34.12 8.22
O7 NAG M . 16.62 32.76 0.70
C1 NAG N . 60.05 23.88 -4.08
C2 NAG N . 60.85 23.06 -5.08
C3 NAG N . 62.31 22.99 -4.65
C4 NAG N . 62.88 24.39 -4.47
C5 NAG N . 61.98 25.23 -3.54
C6 NAG N . 62.39 26.68 -3.47
C7 NAG N . 59.96 21.16 -6.39
C8 NAG N . 60.16 21.99 -7.62
N2 NAG N . 60.30 21.72 -5.22
O3 NAG N . 63.04 22.29 -5.65
O4 NAG N . 64.17 24.29 -3.86
O5 NAG N . 60.62 25.20 -3.99
O6 NAG N . 63.66 26.83 -2.84
O7 NAG N . 59.49 20.02 -6.45
C1 NAG N . 65.25 24.62 -4.76
C2 NAG N . 66.54 24.07 -4.15
C3 NAG N . 67.73 24.37 -5.07
C4 NAG N . 67.46 23.83 -6.46
C5 NAG N . 66.14 24.38 -7.01
C6 NAG N . 65.76 23.78 -8.33
C7 NAG N . 66.65 23.92 -1.68
C8 NAG N . 66.24 22.48 -1.81
N2 NAG N . 66.78 24.61 -2.82
O3 NAG N . 68.91 23.78 -4.53
O4 NAG N . 68.52 24.21 -7.35
O5 NAG N . 65.07 24.07 -6.10
O6 NAG N . 66.86 23.79 -9.24
O7 NAG N . 66.86 24.44 -0.58
C1 NAG O . 46.06 -37.33 -5.49
C2 NAG O . 47.43 -37.07 -6.10
C3 NAG O . 47.41 -37.38 -7.60
C4 NAG O . 46.89 -38.79 -7.86
C5 NAG O . 45.54 -38.99 -7.17
C6 NAG O . 45.04 -40.40 -7.18
C7 NAG O . 48.81 -35.33 -5.02
C8 NAG O . 49.50 -36.43 -4.27
N2 NAG O . 47.85 -35.69 -5.88
O3 NAG O . 48.72 -37.25 -8.13
O4 NAG O . 46.75 -39.00 -9.27
O5 NAG O . 45.66 -38.66 -5.78
O6 NAG O . 45.71 -41.18 -6.20
O7 NAG O . 49.12 -34.15 -4.87
C1 NAG O . 47.50 -40.14 -9.78
C2 NAG O . 46.67 -40.82 -10.87
C3 NAG O . 47.39 -42.06 -11.37
C4 NAG O . 48.79 -41.69 -11.89
C5 NAG O . 49.57 -40.91 -10.82
C6 NAG O . 50.86 -40.35 -11.32
C7 NAG O . 44.20 -40.65 -10.88
C8 NAG O . 44.34 -39.64 -11.98
N2 NAG O . 45.34 -41.17 -10.39
O3 NAG O . 46.62 -42.67 -12.40
O4 NAG O . 49.50 -42.87 -12.21
O5 NAG O . 48.80 -39.79 -10.33
O6 NAG O . 50.65 -39.44 -12.41
O7 NAG O . 43.11 -40.98 -10.43
C1 NAG O . 49.64 -43.07 -13.64
C2 NAG O . 50.67 -44.17 -13.92
C3 NAG O . 50.79 -44.42 -15.42
C4 NAG O . 49.42 -44.76 -16.00
C5 NAG O . 48.42 -43.65 -15.67
C6 NAG O . 47.01 -43.97 -16.11
C7 NAG O . 52.70 -44.65 -12.58
C8 NAG O . 52.11 -46.00 -12.28
N2 NAG O . 51.97 -43.83 -13.36
O3 NAG O . 51.69 -45.49 -15.66
O4 NAG O . 49.51 -44.92 -17.41
O5 NAG O . 48.37 -43.43 -14.25
O6 NAG O . 46.91 -45.27 -16.67
O7 NAG O . 53.79 -44.31 -12.14
C1 NAG P . 13.56 -25.37 39.50
C2 NAG P . 14.79 -25.61 40.36
C3 NAG P . 14.93 -27.11 40.66
C4 NAG P . 13.65 -27.70 41.23
C5 NAG P . 12.44 -27.31 40.37
C6 NAG P . 11.11 -27.67 40.97
C7 NAG P . 17.00 -24.57 40.40
C8 NAG P . 18.17 -24.11 39.57
N2 NAG P . 15.99 -25.12 39.71
O3 NAG P . 16.01 -27.32 41.56
O4 NAG P . 13.79 -29.11 41.27
O5 NAG P . 12.42 -25.89 40.15
O6 NAG P . 10.55 -26.59 41.71
O7 NAG P . 17.00 -24.47 41.62
C1 NAG P . 13.62 -29.69 42.60
C2 NAG P . 12.97 -31.04 42.38
C3 NAG P . 12.66 -31.68 43.73
C4 NAG P . 13.92 -31.77 44.58
C5 NAG P . 14.63 -30.41 44.66
C6 NAG P . 15.98 -30.49 45.33
C7 NAG P . 11.60 -31.43 40.35
C8 NAG P . 12.78 -32.16 39.79
N2 NAG P . 11.75 -30.92 41.59
O3 NAG P . 12.11 -32.98 43.51
O4 NAG P . 13.57 -32.15 45.91
O5 NAG P . 14.84 -29.86 43.35
O6 NAG P . 17.04 -30.29 44.39
O7 NAG P . 10.55 -31.30 39.73
C1 NAG P . 13.86 -33.52 46.20
C2 NAG P . 14.26 -33.67 47.67
C3 NAG P . 14.47 -35.15 48.02
C4 NAG P . 13.25 -35.96 47.65
C5 NAG P . 12.92 -35.76 46.18
C6 NAG P . 11.66 -36.48 45.75
C7 NAG P . 15.58 -32.02 48.96
C8 NAG P . 14.38 -31.83 49.84
N2 NAG P . 15.46 -32.90 47.95
O3 NAG P . 14.73 -35.25 49.42
O4 NAG P . 13.50 -37.35 47.88
O5 NAG P . 12.71 -34.36 45.92
O6 NAG P . 11.71 -37.85 46.11
O7 NAG P . 16.63 -31.40 49.15
C1 NAG Q . 60.48 17.84 13.85
C2 NAG Q . 61.51 18.09 14.93
C3 NAG Q . 62.58 19.02 14.41
C4 NAG Q . 63.20 18.49 13.12
C5 NAG Q . 62.14 18.05 12.11
C6 NAG Q . 62.72 17.24 10.98
C7 NAG Q . 61.11 18.09 17.35
C8 NAG Q . 60.44 18.76 18.50
N2 NAG Q . 60.90 18.61 16.15
O3 NAG Q . 63.59 19.18 15.40
O4 NAG Q . 63.98 19.52 12.53
O5 NAG Q . 61.12 17.22 12.72
O6 NAG Q . 62.56 15.85 11.21
O7 NAG Q . 61.83 17.10 17.51
C1 NAG Q . 65.40 19.23 12.59
C2 NAG Q . 66.17 20.50 12.22
C3 NAG Q . 67.67 20.24 12.29
C4 NAG Q . 68.06 19.69 13.65
C5 NAG Q . 67.22 18.47 14.01
C6 NAG Q . 67.44 17.98 15.42
C7 NAG Q . 65.71 22.26 10.58
C8 NAG Q . 65.29 22.57 9.17
N2 NAG Q . 65.78 20.96 10.89
O3 NAG Q . 68.37 21.45 12.04
O4 NAG Q . 69.44 19.33 13.64
O5 NAG Q . 65.82 18.79 13.91
O6 NAG Q . 66.44 18.47 16.31
O7 NAG Q . 65.97 23.14 11.38
C1 NAG R . -59.22 18.07 -4.38
C2 NAG R . -58.46 18.07 -5.68
C3 NAG R . -58.83 19.30 -6.50
C4 NAG R . -60.35 19.36 -6.72
C5 NAG R . -61.06 19.29 -5.37
C6 NAG R . -62.56 19.21 -5.50
C7 NAG R . -56.18 17.20 -6.07
C8 NAG R . -56.78 16.24 -7.07
N2 NAG R . -57.02 18.04 -5.46
O3 NAG R . -58.14 19.24 -7.75
O4 NAG R . -60.70 20.58 -7.35
O5 NAG R . -60.64 18.12 -4.64
O6 NAG R . -62.95 18.14 -6.35
O7 NAG R . -54.97 17.20 -5.84
C1 NAG R . -61.02 20.34 -8.74
C2 NAG R . -62.23 21.18 -9.17
C3 NAG R . -62.50 21.02 -10.66
C4 NAG R . -61.24 21.32 -11.47
C5 NAG R . -60.09 20.45 -10.97
C6 NAG R . -58.78 20.76 -11.66
C7 NAG R . -64.21 21.66 -7.74
C8 NAG R . -63.82 23.11 -7.81
N2 NAG R . -63.42 20.80 -8.39
O3 NAG R . -63.54 21.89 -11.05
O4 NAG R . -61.47 21.05 -12.84
O5 NAG R . -59.89 20.68 -9.56
O6 NAG R . -58.48 22.15 -11.58
O7 NAG R . -65.19 21.27 -7.12
C1 NAG S . -7.90 -26.15 16.30
C2 NAG S . -8.77 -25.67 17.45
C3 NAG S . -8.75 -26.67 18.58
C4 NAG S . -9.13 -28.07 18.09
C5 NAG S . -8.27 -28.46 16.88
C6 NAG S . -8.69 -29.75 16.24
C7 NAG S . -9.07 -23.22 17.76
C8 NAG S . -10.40 -23.36 17.09
N2 NAG S . -8.35 -24.35 17.90
O3 NAG S . -9.62 -26.24 19.62
O4 NAG S . -8.93 -29.01 19.12
O5 NAG S . -8.34 -27.45 15.86
O6 NAG S . -7.70 -30.22 15.33
O7 NAG S . -8.65 -22.14 18.17
C1 NAG S . -10.18 -29.49 19.65
C2 NAG S . -9.92 -30.80 20.40
C3 NAG S . -11.23 -31.32 21.00
C4 NAG S . -11.85 -30.26 21.89
C5 NAG S . -12.04 -28.95 21.12
C6 NAG S . -12.52 -27.81 22.00
C7 NAG S . -8.01 -32.02 19.48
C8 NAG S . -7.57 -33.09 18.53
N2 NAG S . -9.33 -31.80 19.53
O3 NAG S . -10.97 -32.49 21.76
O4 NAG S . -13.12 -30.71 22.37
O5 NAG S . -10.79 -28.54 20.55
O6 NAG S . -13.05 -28.29 23.23
O7 NAG S . -7.22 -31.40 20.16
C1 NAG T . 0.02 -25.97 26.33
C2 NAG T . -1.19 -26.79 26.73
C3 NAG T . -2.29 -25.88 27.23
C4 NAG T . -1.79 -25.02 28.39
C5 NAG T . -0.50 -24.29 27.99
C6 NAG T . 0.15 -23.59 29.17
C7 NAG T . -1.86 -28.94 25.70
C8 NAG T . -1.54 -29.59 27.02
N2 NAG T . -1.65 -27.62 25.63
O3 NAG T . -3.40 -26.67 27.63
O4 NAG T . -2.76 -24.02 28.72
O5 NAG T . 0.47 -25.20 27.47
O6 NAG T . -0.07 -24.31 30.37
O7 NAG T . -2.25 -29.60 24.75
C1 NAG T . -3.45 -24.35 29.95
C2 NAG T . -3.98 -23.06 30.59
C3 NAG T . -4.80 -23.39 31.84
C4 NAG T . -5.89 -24.41 31.51
C5 NAG T . -5.28 -25.64 30.86
C6 NAG T . -6.30 -26.65 30.40
C7 NAG T . -2.63 -21.02 30.29
C8 NAG T . -3.53 -20.67 29.14
N2 NAG T . -2.89 -22.16 30.93
O3 NAG T . -5.40 -22.20 32.33
O4 NAG T . -6.56 -24.80 32.71
O5 NAG T . -4.54 -25.25 29.68
O6 NAG T . -7.04 -27.16 31.50
O7 NAG T . -1.69 -20.29 30.63
C1 NAG U . 28.10 -52.98 24.41
C2 NAG U . 29.56 -53.03 23.98
C3 NAG U . 30.01 -54.47 23.80
C4 NAG U . 29.74 -55.28 25.06
C5 NAG U . 28.29 -55.13 25.51
C6 NAG U . 28.01 -55.75 26.86
C7 NAG U . 30.70 -51.32 22.60
C8 NAG U . 31.57 -51.03 23.79
N2 NAG U . 29.77 -52.27 22.74
O3 NAG U . 31.39 -54.50 23.48
O4 NAG U . 29.97 -56.66 24.79
O5 NAG U . 27.94 -53.73 25.63
O6 NAG U . 28.12 -57.16 26.81
O7 NAG U . 30.84 -50.72 21.53
C1 NAG U . 31.16 -57.18 25.42
C2 NAG U . 31.55 -58.48 24.70
C3 NAG U . 32.82 -59.07 25.32
C4 NAG U . 33.94 -58.03 25.33
C5 NAG U . 33.47 -56.75 26.01
C6 NAG U . 34.49 -55.64 25.95
C7 NAG U . 29.71 -59.79 23.67
C8 NAG U . 30.04 -59.11 22.37
N2 NAG U . 30.46 -59.45 24.73
O3 NAG U . 33.22 -60.21 24.59
O4 NAG U . 35.07 -58.55 26.00
O5 NAG U . 32.28 -56.26 25.40
O6 NAG U . 35.76 -56.11 25.53
O7 NAG U . 28.81 -60.62 23.75
C1 NAG V . 40.34 -29.31 -32.50
C2 NAG V . 41.50 -30.22 -32.06
C3 NAG V . 42.77 -29.40 -31.82
C4 NAG V . 43.10 -28.53 -33.03
C5 NAG V . 41.88 -27.70 -33.43
C6 NAG V . 42.05 -26.97 -34.75
C7 NAG V . 40.86 -32.28 -30.86
C8 NAG V . 40.93 -33.00 -32.18
N2 NAG V . 41.14 -30.97 -30.87
O3 NAG V . 43.85 -30.27 -31.53
O4 NAG V . 44.20 -27.68 -32.71
O5 NAG V . 40.75 -28.56 -33.63
O6 NAG V . 42.71 -27.78 -35.71
O7 NAG V . 40.56 -32.87 -29.82
C1 NAG V . 45.36 -27.85 -33.59
C2 NAG V . 45.97 -26.47 -33.83
C3 NAG V . 47.14 -26.59 -34.81
C4 NAG V . 48.16 -27.59 -34.26
C5 NAG V . 47.51 -28.93 -33.93
C6 NAG V . 48.43 -29.87 -33.21
C7 NAG V . 44.60 -24.42 -33.67
C8 NAG V . 45.23 -24.18 -32.33
N2 NAG V . 44.99 -25.51 -34.33
O3 NAG V . 47.72 -25.31 -35.00
O4 NAG V . 49.19 -27.80 -35.23
O5 NAG V . 46.36 -28.75 -33.07
O6 NAG V . 48.83 -29.36 -31.95
O7 NAG V . 43.77 -23.65 -34.14
C1 NAG V . 50.43 -27.15 -34.89
C2 NAG V . 51.54 -27.61 -35.84
C3 NAG V . 52.85 -26.90 -35.52
C4 NAG V . 52.65 -25.38 -35.56
C5 NAG V . 51.52 -24.99 -34.59
C6 NAG V . 51.19 -23.51 -34.66
C7 NAG V . 51.75 -29.86 -36.86
C8 NAG V . 51.59 -29.20 -38.20
N2 NAG V . 51.73 -29.05 -35.78
O3 NAG V . 53.84 -27.28 -36.46
O4 NAG V . 53.85 -24.72 -35.18
O5 NAG V . 50.33 -25.70 -34.93
O6 NAG V . 50.59 -23.07 -33.45
O7 NAG V . 51.91 -31.07 -36.76
C1 NAG W . -16.14 -26.73 -37.55
C2 NAG W . -16.09 -28.16 -38.07
C3 NAG W . -15.78 -28.18 -39.56
C4 NAG W . -16.73 -27.28 -40.34
C5 NAG W . -16.78 -25.89 -39.71
C6 NAG W . -17.81 -24.97 -40.31
C7 NAG W . -15.24 -30.25 -37.09
C8 NAG W . -14.13 -30.90 -36.33
N2 NAG W . -15.11 -28.95 -37.34
O3 NAG W . -15.86 -29.51 -40.06
O4 NAG W . -16.27 -27.18 -41.69
O5 NAG W . -17.09 -25.99 -38.30
O6 NAG W . -19.09 -25.57 -40.35
O7 NAG W . -16.23 -30.88 -37.45
C1 NAG W . -17.24 -27.68 -42.64
C2 NAG W . -17.06 -26.85 -43.91
C3 NAG W . -18.10 -27.27 -44.95
C4 NAG W . -18.05 -28.77 -45.20
C5 NAG W . -18.11 -29.55 -43.88
C6 NAG W . -17.87 -31.03 -44.07
C7 NAG W . -16.14 -24.57 -43.70
C8 NAG W . -14.81 -25.14 -44.11
N2 NAG W . -17.16 -25.43 -43.62
O3 NAG W . -17.86 -26.55 -46.15
O4 NAG W . -19.18 -29.15 -45.98
O5 NAG W . -17.11 -29.08 -42.96
O6 NAG W . -16.49 -31.35 -44.00
O7 NAG W . -16.28 -23.38 -43.45
C1 NAG W . -18.85 -29.44 -47.35
C2 NAG W . -19.89 -30.40 -47.91
C3 NAG W . -19.62 -30.69 -49.39
C4 NAG W . -19.53 -29.38 -50.17
C5 NAG W . -18.49 -28.47 -49.54
C6 NAG W . -18.41 -27.12 -50.21
C7 NAG W . -21.05 -32.19 -46.65
C8 NAG W . -22.34 -31.45 -46.91
N2 NAG W . -19.93 -31.64 -47.15
O3 NAG W . -20.66 -31.51 -49.91
O4 NAG W . -19.18 -29.65 -51.52
O5 NAG W . -18.80 -28.25 -48.17
O6 NAG W . -19.12 -26.14 -49.44
O7 NAG W . -21.03 -33.24 -46.01
C1 NAG X . 15.96 -61.41 12.38
C2 NAG X . 16.17 -62.69 11.57
C3 NAG X . 16.57 -63.83 12.51
C4 NAG X . 17.73 -63.44 13.42
C5 NAG X . 17.46 -62.09 14.08
C6 NAG X . 18.64 -61.60 14.89
C7 NAG X . 15.01 -63.61 9.61
C8 NAG X . 13.69 -63.91 9.00
N2 NAG X . 14.98 -63.04 10.83
O3 NAG X . 16.92 -64.97 11.72
O4 NAG X . 17.88 -64.40 14.46
O5 NAG X . 17.17 -61.09 13.10
O6 NAG X . 19.86 -61.78 14.18
O7 NAG X . 16.07 -63.87 9.05
C1 NAG X . 19.01 -65.25 14.23
C2 NAG X . 19.53 -65.80 15.56
C3 NAG X . 20.68 -66.79 15.30
C4 NAG X . 20.25 -67.87 14.32
C5 NAG X . 19.70 -67.23 13.05
C6 NAG X . 19.12 -68.25 12.08
C7 NAG X . 19.91 -64.79 17.77
C8 NAG X . 20.41 -63.59 18.51
N2 NAG X . 19.98 -64.72 16.44
O3 NAG X . 21.07 -67.40 16.53
O4 NAG X . 21.37 -68.68 13.98
O5 NAG X . 18.63 -66.33 13.37
O6 NAG X . 17.73 -68.03 11.90
O7 NAG X . 19.48 -65.78 18.34
C1 NAG Y . -45.14 15.53 -21.39
C2 NAG Y . -46.35 15.52 -22.33
C3 NAG Y . -46.08 14.62 -23.54
C4 NAG Y . -44.79 15.02 -24.23
C5 NAG Y . -43.64 15.03 -23.23
C6 NAG Y . -42.34 15.53 -23.82
C7 NAG Y . -48.57 15.87 -21.30
C8 NAG Y . -48.45 17.32 -21.69
N2 NAG Y . -47.55 15.07 -21.63
O3 NAG Y . -47.17 14.74 -24.45
O4 NAG Y . -44.50 14.10 -25.28
O5 NAG Y . -43.96 15.89 -22.13
O6 NAG Y . -42.39 15.54 -25.24
O7 NAG Y . -49.55 15.45 -20.70
C1 NAG Z . -23.56 -24.13 -22.40
C2 NAG Z . -23.96 -24.66 -23.77
C3 NAG Z . -24.05 -26.18 -23.74
C4 NAG Z . -22.76 -26.79 -23.22
C5 NAG Z . -22.37 -26.16 -21.88
C6 NAG Z . -21.03 -26.63 -21.37
C7 NAG Z . -25.36 -23.33 -25.32
C8 NAG Z . -24.13 -23.11 -26.15
N2 NAG Z . -25.21 -24.06 -24.21
O3 NAG Z . -24.34 -26.66 -25.06
O4 NAG Z . -22.92 -28.19 -23.05
O5 NAG Z . -22.30 -24.74 -22.01
O6 NAG Z . -20.87 -28.02 -21.55
O7 NAG Z . -26.45 -22.85 -25.64
C1 NAG AA . -51.85 2.29 -19.20
C2 NAG AA . -53.25 2.02 -19.73
C3 NAG AA . -53.74 0.68 -19.18
C4 NAG AA . -52.76 -0.43 -19.53
C5 NAG AA . -51.34 -0.06 -19.07
C6 NAG AA . -50.29 -1.04 -19.52
C7 NAG AA . -54.97 3.70 -20.29
C8 NAG AA . -54.87 3.22 -21.72
N2 NAG AA . -54.18 3.08 -19.40
O3 NAG AA . -55.03 0.39 -19.73
O4 NAG AA . -53.15 -1.64 -18.90
O5 NAG AA . -50.96 1.23 -19.58
O6 NAG AA . -50.88 -2.28 -19.93
O7 NAG AA . -55.74 4.59 -19.97
C1 NAG BA . -40.49 33.11 -11.10
C2 NAG BA . -39.85 33.10 -12.50
C3 NAG BA . -40.44 34.22 -13.35
C4 NAG BA . -41.96 34.15 -13.38
C5 NAG BA . -42.51 34.15 -11.95
C6 NAG BA . -44.01 33.95 -11.91
C7 NAG BA . -37.55 32.22 -12.66
C8 NAG BA . -38.14 30.89 -13.05
N2 NAG BA . -38.41 33.22 -12.42
O3 NAG BA . -39.93 34.13 -14.67
O4 NAG BA . -42.49 35.27 -14.09
O5 NAG BA . -41.93 33.06 -11.21
O6 NAG BA . -44.33 32.65 -11.46
O7 NAG BA . -36.34 32.38 -12.56
C1 NAG CA . -41.33 50.48 -1.24
C2 NAG CA . -39.85 50.51 -1.61
C3 NAG CA . -39.17 51.69 -0.93
C4 NAG CA . -39.89 52.99 -1.27
C5 NAG CA . -41.38 52.88 -0.95
C6 NAG CA . -42.18 54.08 -1.41
C7 NAG CA . -38.47 48.51 -2.10
C8 NAG CA . -38.36 49.02 -3.51
N2 NAG CA . -39.20 49.26 -1.25
O3 NAG CA . -37.81 51.76 -1.34
O4 NAG CA . -39.32 54.07 -0.52
O5 NAG CA . -41.95 51.73 -1.61
O6 NAG CA . -42.80 53.81 -2.66
O7 NAG CA . -37.94 47.47 -1.74
C1 NAG DA . 26.26 -17.77 -45.50
C2 NAG DA . 27.76 -17.89 -45.77
C3 NAG DA . 28.00 -18.57 -47.12
C4 NAG DA . 27.28 -19.92 -47.19
C5 NAG DA . 25.79 -19.73 -46.87
C6 NAG DA . 25.04 -21.02 -46.78
C7 NAG DA . 29.49 -16.30 -45.04
C8 NAG DA . 30.09 -17.41 -44.23
N2 NAG DA . 28.39 -16.59 -45.75
O3 NAG DA . 29.40 -18.77 -47.30
O4 NAG DA . 27.41 -20.48 -48.49
O5 NAG DA . 25.65 -19.08 -45.59
O6 NAG DA . 25.74 -22.09 -47.40
O7 NAG DA . 29.99 -15.17 -45.04
C1 NAG EA . 19.06 -3.25 -39.60
C2 NAG EA . 19.66 -3.96 -38.38
C3 NAG EA . 20.71 -3.06 -37.70
C4 NAG EA . 21.75 -2.57 -38.70
C5 NAG EA . 21.07 -1.89 -39.88
C6 NAG EA . 22.04 -1.47 -40.95
C7 NAG EA . 18.38 -5.56 -36.98
C8 NAG EA . 19.29 -6.64 -37.49
N2 NAG EA . 18.61 -4.31 -37.43
O3 NAG EA . 21.34 -3.79 -36.65
O4 NAG EA . 22.63 -1.66 -38.07
O5 NAG EA . 20.13 -2.79 -40.48
O6 NAG EA . 23.11 -0.70 -40.43
O7 NAG EA . 17.47 -5.80 -36.19
C1 NAG FA . 12.60 9.18 -56.61
C2 NAG FA . 13.43 8.06 -57.25
C3 NAG FA . 13.68 8.36 -58.73
C4 NAG FA . 12.38 8.64 -59.46
C5 NAG FA . 11.60 9.75 -58.75
C6 NAG FA . 10.25 10.01 -59.37
C7 NAG FA . 14.97 6.79 -55.80
C8 NAG FA . 13.93 5.71 -55.73
N2 NAG FA . 14.68 7.87 -56.53
O3 NAG FA . 14.35 7.26 -59.33
O4 NAG FA . 12.66 9.04 -60.79
O5 NAG FA . 11.38 9.38 -57.38
O6 NAG FA . 10.36 10.27 -60.76
O7 NAG FA . 16.05 6.68 -55.20
C1 NAG GA . 10.12 18.56 -29.79
C2 NAG GA . 8.98 19.39 -30.39
C3 NAG GA . 8.90 19.18 -31.90
C4 NAG GA . 10.24 19.45 -32.56
C5 NAG GA . 11.32 18.58 -31.91
C6 NAG GA . 12.71 18.86 -32.44
C7 NAG GA . 6.86 19.99 -29.27
C8 NAG GA . 7.27 21.43 -29.40
N2 NAG GA . 7.72 19.08 -29.76
O3 NAG GA . 7.91 20.05 -32.44
O4 NAG GA . 10.18 19.19 -33.95
O5 NAG GA . 11.36 18.83 -30.50
O6 NAG GA . 12.77 20.09 -33.15
O7 NAG GA . 5.80 19.66 -28.74
C1 NAG HA . 51.81 11.54 -21.43
C2 NAG HA . 50.65 11.51 -22.42
C3 NAG HA . 50.72 12.74 -23.33
C4 NAG HA . 50.75 14.01 -22.50
C5 NAG HA . 51.90 13.95 -21.49
C6 NAG HA . 51.92 15.13 -20.54
C7 NAG HA . 49.61 9.51 -23.46
C8 NAG HA . 48.31 9.95 -22.84
N2 NAG HA . 50.68 10.29 -23.22
O3 NAG HA . 49.58 12.75 -24.18
O4 NAG HA . 50.95 15.14 -23.35
O5 NAG HA . 51.78 12.77 -20.69
O6 NAG HA . 52.81 14.91 -19.46
O7 NAG HA . 49.70 8.50 -24.15
C1 NAG IA . 51.13 1.57 -22.79
C2 NAG IA . 50.51 2.32 -23.98
C3 NAG IA . 50.87 1.63 -25.29
C4 NAG IA . 52.38 1.46 -25.41
C5 NAG IA . 52.91 0.71 -24.19
C6 NAG IA . 54.41 0.57 -24.18
C7 NAG IA . 48.38 3.56 -23.71
C8 NAG IA . 49.19 4.82 -23.71
N2 NAG IA . 49.07 2.41 -23.84
O3 NAG IA . 50.39 2.41 -26.38
O4 NAG IA . 52.70 0.72 -26.59
O5 NAG IA . 52.54 1.42 -23.00
O6 NAG IA . 54.92 0.43 -25.50
O7 NAG IA . 47.16 3.58 -23.61
C1 NAG JA . 5.62 36.52 -24.92
C2 NAG JA . 5.58 37.71 -23.97
C3 NAG JA . 4.64 38.79 -24.51
C4 NAG JA . 5.02 39.17 -25.94
C5 NAG JA . 5.06 37.92 -26.81
C6 NAG JA . 5.53 38.20 -28.23
C7 NAG JA . 5.78 37.68 -21.50
C8 NAG JA . 6.99 38.57 -21.65
N2 NAG JA . 5.17 37.31 -22.63
O3 NAG JA . 4.71 39.94 -23.68
O4 NAG JA . 4.08 40.09 -26.48
O5 NAG JA . 5.98 36.97 -26.26
O6 NAG JA . 4.62 37.66 -29.18
O7 NAG JA . 5.39 37.31 -20.40
C1 NAG KA . 22.98 2.25 -57.67
C2 NAG KA . 24.35 2.36 -58.33
C3 NAG KA . 24.68 3.81 -58.66
C4 NAG KA . 23.56 4.44 -59.48
C5 NAG KA . 22.21 4.25 -58.79
C6 NAG KA . 21.05 4.72 -59.62
C7 NAG KA . 26.07 0.66 -57.78
C8 NAG KA . 25.70 -0.04 -59.07
N2 NAG KA . 25.40 1.78 -57.49
O3 NAG KA . 25.90 3.88 -59.37
O4 NAG KA . 23.80 5.83 -59.65
O5 NAG KA . 21.99 2.86 -58.51
O6 NAG KA . 21.40 5.85 -60.41
O7 NAG KA . 26.94 0.22 -57.03
C1 NAG LA . -12.04 46.05 21.61
C2 NAG LA . -11.95 47.55 21.93
C3 NAG LA . -10.59 48.09 21.52
C4 NAG LA . -9.46 47.27 22.14
C5 NAG LA . -9.64 45.79 21.79
C6 NAG LA . -8.63 44.90 22.47
C7 NAG LA . -14.06 48.84 21.88
C8 NAG LA . -14.11 48.69 23.37
N2 NAG LA . -13.01 48.28 21.26
O3 NAG LA . -10.48 49.45 21.94
O4 NAG LA . -8.20 47.72 21.66
O5 NAG LA . -10.94 45.35 22.22
O6 NAG LA . -7.54 45.66 22.98
O7 NAG LA . -14.92 49.46 21.26
C1 NAG MA . 12.35 35.52 -14.91
C2 NAG MA . 13.36 36.66 -14.91
C3 NAG MA . 13.74 37.00 -16.35
C4 NAG MA . 14.23 35.75 -17.09
C5 NAG MA . 13.21 34.62 -16.96
C6 NAG MA . 13.70 33.31 -17.53
C7 NAG MA . 13.28 38.33 -13.09
C8 NAG MA . 14.44 37.59 -12.47
N2 NAG MA . 12.82 37.83 -14.25
O3 NAG MA . 14.75 38.00 -16.36
O4 NAG MA . 14.43 36.04 -18.47
O5 NAG MA . 12.91 34.37 -15.57
O6 NAG MA . 14.18 33.48 -18.87
O7 NAG MA . 12.79 39.31 -12.56
C1 NAG NA . -13.37 52.99 8.39
C2 NAG NA . -13.62 54.49 8.28
C3 NAG NA . -13.92 54.86 6.83
C4 NAG NA . -12.76 54.41 5.94
C5 NAG NA . -12.46 52.92 6.15
C6 NAG NA . -11.23 52.45 5.42
C7 NAG NA . -14.66 55.93 10.01
C8 NAG NA . -13.35 56.68 10.06
N2 NAG NA . -14.72 54.90 9.15
O3 NAG NA . -14.10 56.26 6.73
O4 NAG NA . -13.09 54.62 4.57
O5 NAG NA . -12.25 52.65 7.55
O6 NAG NA . -10.37 53.54 5.10
O7 NAG NA . -15.61 56.23 10.72
C1 NAG OA . -22.99 33.75 34.48
C2 NAG OA . -21.56 33.90 34.99
C3 NAG OA . -21.55 34.59 36.35
C4 NAG OA . -22.30 35.91 36.28
C5 NAG OA . -23.71 35.70 35.74
C6 NAG OA . -24.46 36.99 35.52
C7 NAG OA . -19.95 32.18 34.23
C8 NAG OA . -19.53 33.13 33.13
N2 NAG OA . -20.90 32.60 35.07
O3 NAG OA . -20.20 34.81 36.76
O4 NAG OA . -22.38 36.48 37.59
O5 NAG OA . -23.64 35.04 34.46
O6 NAG OA . -24.17 37.93 36.54
O7 NAG OA . -19.44 31.06 34.33
C1 NAG PA . -36.50 26.35 47.24
C2 NAG PA . -35.45 25.25 47.39
C3 NAG PA . -36.00 24.14 48.28
C4 NAG PA . -36.47 24.69 49.62
C5 NAG PA . -37.46 25.84 49.40
C6 NAG PA . -37.84 26.54 50.67
C7 NAG PA . -33.76 24.62 45.70
C8 NAG PA . -32.71 25.11 46.66
N2 NAG PA . -35.03 24.73 46.11
O3 NAG PA . -34.98 23.15 48.49
O4 NAG PA . -37.10 23.66 50.37
O5 NAG PA . -36.88 26.84 48.54
O6 NAG PA . -37.35 27.87 50.69
O7 NAG PA . -33.47 24.17 44.60
C1 NAG QA . 55.31 3.96 -0.28
C2 NAG QA . 56.36 2.85 -0.26
C3 NAG QA . 57.76 3.43 -0.42
C4 NAG QA . 57.85 4.32 -1.66
C5 NAG QA . 56.75 5.38 -1.62
C6 NAG QA . 56.68 6.22 -2.87
C7 NAG QA . 56.19 0.72 0.99
C8 NAG QA . 56.22 0.01 -0.33
N2 NAG QA . 56.27 2.06 0.96
O3 NAG QA . 58.71 2.37 -0.51
O4 NAG QA . 59.12 4.96 -1.71
O5 NAG QA . 55.47 4.75 -1.48
O6 NAG QA . 57.86 6.08 -3.66
O7 NAG QA . 56.12 0.11 2.05
C1 NAG RA . 42.41 4.44 11.15
C2 NAG RA . 42.20 3.28 10.18
C3 NAG RA . 41.80 2.02 10.95
C4 NAG RA . 42.79 1.72 12.08
C5 NAG RA . 43.00 2.96 12.96
C6 NAG RA . 44.07 2.78 14.00
C7 NAG RA . 41.37 3.37 7.85
C8 NAG RA . 42.68 2.74 7.43
N2 NAG RA . 41.21 3.59 9.17
O3 NAG RA . 41.73 0.91 10.06
O4 NAG RA . 42.31 0.66 12.89
O5 NAG RA . 43.39 4.09 12.15
O6 NAG RA . 43.95 1.51 14.64
O7 NAG RA . 40.51 3.67 7.04
C1 NAG SA . 48.57 16.22 28.72
C2 NAG SA . 49.84 16.06 27.88
C3 NAG SA . 51.07 16.53 28.67
C4 NAG SA . 50.86 17.94 29.21
C5 NAG SA . 49.56 18.02 30.01
C6 NAG SA . 49.24 19.42 30.47
C7 NAG SA . 49.88 14.29 26.15
C8 NAG SA . 49.54 15.36 25.14
N2 NAG SA . 50.01 14.70 27.42
O3 NAG SA . 52.22 16.50 27.85
O4 NAG SA . 51.95 18.30 30.05
O5 NAG SA . 48.46 17.59 29.19
O6 NAG SA . 47.83 19.62 30.54
O7 NAG SA . 50.03 13.13 25.83
C1 NAG TA . 23.27 3.07 27.98
C2 NAG TA . 22.92 4.18 28.98
C3 NAG TA . 24.16 5.02 29.30
C4 NAG TA . 25.30 4.14 29.77
C5 NAG TA . 25.59 3.07 28.73
C6 NAG TA . 26.65 2.08 29.15
C7 NAG TA . 20.76 5.36 29.17
C8 NAG TA . 20.65 4.83 30.57
N2 NAG TA . 21.85 5.03 28.47
O3 NAG TA . 23.84 5.98 30.31
O4 NAG TA . 26.47 4.91 30.00
O5 NAG TA . 24.40 2.31 28.47
O6 NAG TA . 26.89 2.14 30.55
O7 NAG TA . 19.88 6.08 28.69
C1 NAG UA . 41.14 -35.07 18.91
C2 NAG UA . 41.30 -33.59 19.22
C3 NAG UA . 41.66 -33.40 20.70
C4 NAG UA . 40.64 -34.09 21.59
C5 NAG UA . 40.49 -35.55 21.18
C6 NAG UA . 39.40 -36.28 21.94
C7 NAG UA . 42.16 -31.80 17.72
C8 NAG UA . 40.84 -31.10 17.88
N2 NAG UA . 42.31 -32.97 18.37
O3 NAG UA . 41.71 -32.02 21.01
O4 NAG UA . 41.05 -34.03 22.95
O5 NAG UA . 40.16 -35.64 19.78
O6 NAG UA . 39.07 -37.52 21.33
O7 NAG UA . 43.06 -31.33 17.03
C1 NAG VA . 44.87 -32.01 10.04
C2 NAG VA . 45.31 -31.06 11.16
C3 NAG VA . 46.77 -30.65 10.97
C4 NAG VA . 47.67 -31.86 10.80
C5 NAG VA . 47.15 -32.73 9.67
C6 NAG VA . 47.92 -34.02 9.51
C7 NAG VA . 43.54 -29.65 12.16
C8 NAG VA . 43.43 -30.68 13.25
N2 NAG VA . 44.44 -29.90 11.21
O3 NAG VA . 47.18 -29.87 12.08
O4 NAG VA . 49.00 -31.45 10.52
O5 NAG VA . 45.79 -33.11 9.95
O6 NAG VA . 47.12 -35.03 8.90
O7 NAG VA . 42.84 -28.65 12.15
C1 NAG WA . 11.57 1.18 43.02
C2 NAG WA . 10.42 0.53 43.80
C3 NAG WA . 10.02 1.41 44.99
C4 NAG WA . 11.23 1.72 45.85
C5 NAG WA . 12.34 2.35 45.00
C6 NAG WA . 13.61 2.60 45.77
C7 NAG WA . 8.58 -0.87 42.89
C8 NAG WA . 9.06 -1.97 43.79
N2 NAG WA . 9.28 0.29 42.94
O3 NAG WA . 9.03 0.74 45.76
O4 NAG WA . 10.85 2.64 46.88
O5 NAG WA . 12.67 1.46 43.93
O6 NAG WA . 14.00 3.96 45.68
O7 NAG WA . 7.62 -1.01 42.14
C1 NAG XA . 57.04 9.23 22.71
C2 NAG XA . 58.27 8.37 23.07
C3 NAG XA . 58.20 7.94 24.52
C4 NAG XA . 58.01 9.15 25.44
C5 NAG XA . 56.83 10.00 24.99
C6 NAG XA . 56.69 11.29 25.76
C7 NAG XA . 59.29 7.07 21.22
C8 NAG XA . 60.26 8.21 21.05
N2 NAG XA . 58.37 7.21 22.20
O3 NAG XA . 59.39 7.24 24.87
O4 NAG XA . 57.79 8.71 26.78
O5 NAG XA . 56.98 10.35 23.60
O6 NAG XA . 57.94 11.69 26.31
O7 NAG XA . 59.33 6.07 20.52
C1 NAG YA . -37.50 -9.10 35.32
C2 NAG YA . -38.16 -9.61 36.59
C3 NAG YA . -37.28 -10.67 37.27
C4 NAG YA . -36.92 -11.78 36.28
C5 NAG YA . -36.28 -11.17 35.02
C6 NAG YA . -36.00 -12.20 33.96
C7 NAG YA . -39.65 -8.05 37.80
C8 NAG YA . -40.81 -8.70 37.09
N2 NAG YA . -38.43 -8.53 37.52
O3 NAG YA . -37.98 -11.23 38.37
O4 NAG YA . -36.00 -12.68 36.88
O5 NAG YA . -37.17 -10.20 34.45
O6 NAG YA . -36.09 -13.53 34.46
O7 NAG YA . -39.83 -7.13 38.59
C1 NAG ZA . 7.54 -9.37 38.64
C2 NAG ZA . 7.71 -10.37 39.77
C3 NAG ZA . 8.97 -10.05 40.58
C4 NAG ZA . 10.20 -9.94 39.66
C5 NAG ZA . 9.91 -8.96 38.52
C6 NAG ZA . 11.03 -8.91 37.50
C7 NAG ZA . 5.68 -11.41 40.72
C8 NAG ZA . 5.97 -12.61 39.86
N2 NAG ZA . 6.54 -10.39 40.64
O3 NAG ZA . 9.18 -11.06 41.56
O4 NAG ZA . 11.31 -9.49 40.40
O5 NAG ZA . 8.72 -9.37 37.81
O6 NAG ZA . 11.16 -7.60 36.95
O7 NAG ZA . 4.70 -11.37 41.47
C1 NAG AB . -29.89 -2.58 46.47
C2 NAG AB . -30.42 -2.50 47.90
C3 NAG AB . -29.50 -1.61 48.73
C4 NAG AB . -28.08 -2.13 48.68
C5 NAG AB . -27.61 -2.28 47.23
C6 NAG AB . -26.25 -2.94 47.11
C7 NAG AB . -32.79 -2.63 48.58
C8 NAG AB . -32.44 -3.89 49.31
N2 NAG AB . -31.79 -2.02 47.93
O3 NAG AB . -29.97 -1.59 50.08
O4 NAG AB . -27.20 -1.23 49.36
O5 NAG AB . -28.54 -3.08 46.49
O6 NAG AB . -25.49 -2.78 48.29
O7 NAG AB . -33.93 -2.17 48.58
C1 NAG BB . -49.76 -4.10 19.14
C2 NAG BB . -49.44 -5.59 19.11
C3 NAG BB . -50.73 -6.40 19.27
C4 NAG BB . -51.51 -5.96 20.50
C5 NAG BB . -51.74 -4.45 20.47
C6 NAG BB . -52.39 -3.94 21.73
C7 NAG BB . -47.45 -6.26 17.81
C8 NAG BB . -46.67 -6.23 19.10
N2 NAG BB . -48.75 -5.96 17.89
O3 NAG BB . -50.41 -7.79 19.36
O4 NAG BB . -52.76 -6.63 20.56
O5 NAG BB . -50.49 -3.76 20.34
O6 NAG BB . -51.45 -3.22 22.53
O7 NAG BB . -46.92 -6.56 16.75
C1 NAG CB . -64.77 2.22 7.57
C2 NAG CB . -64.01 1.43 6.52
C3 NAG CB . -64.62 1.68 5.14
C4 NAG CB . -66.11 1.35 5.15
C5 NAG CB . -66.81 2.12 6.28
C6 NAG CB . -68.26 1.72 6.44
C7 NAG CB . -61.59 0.89 6.64
C8 NAG CB . -61.99 -0.55 6.78
N2 NAG CB . -62.59 1.78 6.51
O3 NAG CB . -63.94 0.88 4.18
O4 NAG CB . -66.69 1.73 3.91
O5 NAG CB . -66.17 1.84 7.54
O6 NAG CB . -68.91 1.59 5.18
O7 NAG CB . -60.42 1.24 6.62
C1 NAG DB . 28.65 -47.31 4.24
C2 NAG DB . 29.08 -47.93 2.91
C3 NAG DB . 29.81 -49.24 3.14
C4 NAG DB . 30.94 -49.07 4.15
C5 NAG DB . 30.41 -48.42 5.43
C6 NAG DB . 31.50 -48.11 6.43
C7 NAG DB . 27.67 -47.42 0.93
C8 NAG DB . 28.68 -46.37 0.56
N2 NAG DB . 27.92 -48.13 2.05
O3 NAG DB . 30.33 -49.71 1.89
O4 NAG DB . 31.51 -50.34 4.46
O5 NAG DB . 29.78 -47.17 5.11
O6 NAG DB . 30.95 -47.74 7.68
O7 NAG DB . 26.68 -47.63 0.25
C1 NAG EB . 12.52 -42.20 0.65
C2 NAG EB . 13.60 -41.49 -0.20
C3 NAG EB . 13.07 -41.27 -1.61
C4 NAG EB . 12.56 -42.57 -2.22
C5 NAG EB . 11.56 -43.25 -1.27
C6 NAG EB . 11.11 -44.61 -1.76
C7 NAG EB . 15.28 -39.84 0.54
C8 NAG EB . 16.34 -40.78 0.04
N2 NAG EB . 14.00 -40.23 0.40
O3 NAG EB . 14.10 -40.72 -2.43
O4 NAG EB . 11.93 -42.32 -3.46
O5 NAG EB . 12.15 -43.43 0.02
O6 NAG EB . 10.45 -44.52 -3.01
O7 NAG EB . 15.58 -38.76 1.05
C1 NAG FB . -1.51 -58.42 5.51
C2 NAG FB . -0.14 -58.99 5.87
C3 NAG FB . -0.21 -60.51 6.01
C4 NAG FB . -1.30 -60.91 7.00
C5 NAG FB . -2.64 -60.29 6.58
C6 NAG FB . -3.75 -60.55 7.58
C7 NAG FB . 1.87 -57.77 5.13
C8 NAG FB . 1.97 -57.19 6.51
N2 NAG FB . 0.87 -58.62 4.89
O3 NAG FB . 1.04 -61.01 6.46
O4 NAG FB . -1.44 -62.33 7.03
O5 NAG FB . -2.50 -58.86 6.48
O6 NAG FB . -4.59 -59.42 7.70
O7 NAG FB . 2.69 -57.48 4.26
C1 NAG GB . -10.54 -34.29 -6.78
C2 NAG GB . -11.86 -34.63 -6.07
C3 NAG GB . -11.76 -35.98 -5.35
C4 NAG GB . -11.32 -37.06 -6.32
C5 NAG GB . -10.00 -36.66 -6.98
C6 NAG GB . -9.54 -37.64 -8.03
C7 NAG GB . -13.44 -33.00 -5.09
C8 NAG GB . -14.47 -33.50 -6.09
N2 NAG GB . -12.24 -33.57 -5.14
O3 NAG GB . -13.03 -36.31 -4.80
O4 NAG GB . -11.15 -38.29 -5.64
O5 NAG GB . -10.15 -35.39 -7.63
O6 NAG GB . -10.61 -38.43 -8.52
O7 NAG GB . -13.71 -32.12 -4.29
C1 NAG HB . 17.81 -37.86 -39.05
C2 NAG HB . 17.22 -38.45 -37.76
C3 NAG HB . 16.21 -39.53 -38.10
C4 NAG HB . 15.14 -38.99 -39.05
C5 NAG HB . 15.80 -38.38 -40.28
C6 NAG HB . 14.81 -37.71 -41.21
C7 NAG HB . 18.37 -38.76 -35.58
C8 NAG HB . 17.32 -37.88 -34.97
N2 NAG HB . 18.27 -38.99 -36.90
O3 NAG HB . 15.60 -40.00 -36.91
O4 NAG HB . 14.28 -40.05 -39.46
O5 NAG HB . 16.74 -37.37 -39.88
O6 NAG HB . 15.47 -36.93 -42.20
O7 NAG HB . 19.27 -39.25 -34.91
C1 NAG IB . 25.85 -37.11 -33.01
C2 NAG IB . 24.88 -38.18 -32.49
C3 NAG IB . 25.64 -39.40 -32.00
C4 NAG IB . 26.59 -39.92 -33.07
C5 NAG IB . 27.51 -38.79 -33.53
C6 NAG IB . 28.43 -39.18 -34.66
C7 NAG IB . 22.72 -37.53 -31.47
C8 NAG IB . 22.06 -38.01 -32.74
N2 NAG IB . 24.05 -37.64 -31.41
O3 NAG IB . 24.72 -40.42 -31.65
O4 NAG IB . 27.37 -41.00 -32.57
O5 NAG IB . 26.73 -37.69 -33.99
O6 NAG IB . 29.24 -38.09 -35.06
O7 NAG IB . 22.07 -37.08 -30.53
C1 NAG JB . -28.07 -31.64 -14.01
C2 NAG JB . -29.07 -30.93 -14.92
C3 NAG JB . -30.50 -31.36 -14.57
C4 NAG JB . -30.64 -32.87 -14.60
C5 NAG JB . -29.58 -33.52 -13.69
C6 NAG JB . -29.59 -35.02 -13.77
C7 NAG JB . -28.90 -28.66 -15.90
C8 NAG JB . -28.98 -29.30 -17.25
N2 NAG JB . -28.94 -29.49 -14.84
O3 NAG JB . -31.41 -30.76 -15.47
O4 NAG JB . -31.94 -33.25 -14.16
O5 NAG JB . -28.28 -33.08 -14.09
O6 NAG JB . -28.46 -35.50 -14.50
O7 NAG JB . -28.79 -27.45 -15.77
C1 NAG KB . 9.85 -61.28 1.19
C2 NAG KB . 10.48 -62.33 0.26
C3 NAG KB . 9.41 -62.96 -0.62
C4 NAG KB . 8.26 -63.51 0.22
C5 NAG KB . 7.73 -62.42 1.17
C6 NAG KB . 6.70 -62.96 2.15
C7 NAG KB . 12.84 -61.99 -0.38
C8 NAG KB . 13.21 -62.93 0.74
N2 NAG KB . 11.54 -61.75 -0.55
O3 NAG KB . 9.99 -64.01 -1.39
O4 NAG KB . 7.20 -63.96 -0.61
O5 NAG KB . 8.80 -61.88 1.96
O6 NAG KB . 5.88 -63.95 1.55
O7 NAG KB . 13.69 -61.48 -1.10
#